data_9C7C
#
_entry.id   9C7C
#
_cell.length_a   1.00
_cell.length_b   1.00
_cell.length_c   1.00
_cell.angle_alpha   90.00
_cell.angle_beta   90.00
_cell.angle_gamma   90.00
#
_symmetry.space_group_name_H-M   'P 1'
#
loop_
_entity.id
_entity.type
_entity.pdbx_description
1 polymer 'Glutamate receptor ionotropic, NMDA 1,Green fluorescent protein'
2 polymer 'Glutamate receptor ionotropic, NMDA 2A,Green fluorescent protein chimera'
3 branched 2-acetamido-2-deoxy-beta-D-glucopyranose-(1-4)-2-acetamido-2-deoxy-beta-D-glucopyranose
4 non-polymer 4-cyclohexyl-N-[(8R)-2-cyclopropyl-7-hydroxy-5-methyl[1,2,4]triazolo[1,5-a]pyrimidin-6-yl]benzene-1-sulfonamide
5 non-polymer 2-acetamido-2-deoxy-beta-D-glucopyranose
6 non-polymer HEPTANE
7 non-polymer 'CHOLESTEROL HEMISUCCINATE'
8 non-polymer GLYCINE
9 non-polymer DODECANE
10 non-polymer 'GLUTAMIC ACID'
11 non-polymer DECANE
12 non-polymer HEXANE
#
loop_
_entity_poly.entity_id
_entity_poly.type
_entity_poly.pdbx_seq_one_letter_code
_entity_poly.pdbx_strand_id
1 'polypeptide(L)'
;MSTMHLLTFALLFSCSFARAACDPKIVNIGAVLSTRKHEQMFREAVNQANKRHGSWKIQLNATSVTHKPNAIQMALSVCE
DLISSQVYAILVSHPPTPNDHFTPTPVSYTAGFYRIPVLGLTTRMSIYSDKSIHLSFLRTVPPYSHQSSVWFEMMRVYNW
NHIILLVSDDHEGRAAQKRLETLLEERESKAEKVLQFDPGTKNVTALLMEARELEARVIILSASEDDAATVYRAAAMLNM
TGSGYVWLVGEREISGNALRYAPDGIIGLQLINGKNESAHISDAVGVVAQAVHELLEKENITDPPRGCVGNTNIWKTGPL
FKRVLMSSKYADGVTGRVEFNEDGDRKFANYSIMNLQNRKLVQVGIYNGTHVIPNDRKIIWPGGETEKPRGYQMSTRLKI
VTIHQEPFVYVKPTMSDGTCKEEFTVNGDPVKKVICTGPNDTSPGSPRHTVPQCCYGFCIDLLIKLARTMNFTYEVHLVA
DGKFGTQERVNNSNKKEWNGMMGELLSGQADMIVAPLTINNERAQYIEFSKPFKYQGLTILVKKEIPRSTLDSFMQPFQS
TLWLLVGLSVHVVAVMLYLLDRFSPFGRFKVNSEEEEEDALTLSSAMWFSWGVLLNSGIGEGAPRSFSARILGMVWAGFA
MIIVASYTANLAAFLVLDRPEERITGINDPRLRNPSDKFIYATVKQSSVDIYFRRQVELSTMYRHMEKHNYESAAEAIQA
VRDNKLHAFIWDSAVLEFEASQKCDLVTTGELFFRSGFGIGMRKDSPWKQNVSLSILKSHENGFMEDLDKTWVRYQECDS
RSNAPATLTFENMAGVFMLVAGGIVAGIFLIFIEIAYKRHKDARRKQLVPRGSAAAAVSKGEELFTGVVPILVELDGDVN
GHKFSVSGEGEGDATYGKLTLKFICTTGKLPVPWPTLVTTLTYGVQCFSRYPDHMKQHDFFKSAMPEGYVQERTIFFKDD
GNYKTRAEVKFEGDTLVNRIELKGIDFKEDGNILGHKLEYNYNSHNVYIMADKQKNGIKVNFKIRHNIEDGSVQLADHYQ
QNTPIGDGPVLLPDNHYLSTQSKLSKDPNEKRDHMVLLEFVTAAGITLGMDELYKSGLRSHHHHHHHH
;
A,C
2 'polypeptide(L)'
;MGRLGYWTLLVLPALLVWRDPAQNAAAEKGPPALNIAVLLGHSHDVTERELRNLWGPEQATGLPLDVNVVALLMNRTDPK
SLITHVCDLMSGARIHGLVFGDDTDQEAVAQMLDFISSQTFIPILGIHGGASMIMADKDPTSTFFQFGASIQQQATVMLK
IMQDYDWHVFSLVTTIFPGYRDFISFIKTTVDNSFVGWDMQNVITLDTSFEDAKTQVQLKKIHSSVILLYCSKDEAVLIL
SEARSLGLTGYDFFWIVPSLVSGNTELIPKEFPSGLISVSYDDWDYSLEARVRDGLGILTTAASSMLEKFSYIPEAKASC
YGQAEKPETPLHTLHQFMVNVTWDGKDLSFTEEGYQVHPRLVVIVLNKDREWEKVGKWENQTLSLRHAVWPRYKSFSDCE
PDDNHLSIVTLEEAPFVIVEDIDPLTETCVRNTVPCRKFVKINNSTNEGMNVKKCCKGFCIDILKKLSRTVKFTYDLYLV
TNGKHGKKVNNVWNGMIGEVVYQRAVMAVGSLTINEERSEVVDFSVPFVETGISVMVSRSNGTVSPSAFLEPFSASVWVM
MFVMLLIVSAIAVFVFEYFSPVGYNRNLAKGKAPHGPSFTIGKAIWLLWGLVFNNSVPVQNPKGTTSKIMVSVWAFFAVI
FLASYTANLAAFIQEEFVDQVTGLSDKKFQRPHDYSPPFRFGTVPNGSTERNIRNNYPYMHQYMTRFNQRGVEDALVSLK
TGKLDAFIYDAAVLNYKAGRDEGCKLVTIGSGYIFATTGYGIALQKGSPWKRQIDLALLQFVGDGEMEELETLWLTGICH
NEKNEVMSSQLDIDNMAGVFYMLAAAMALSLITFIWEHLFYWKLRFCFTGVCSDRPGLLFSISRGLVPRGSAAAAVSKGE
ELFTGVVPILVELDGDVNGHKFSVSGEGEGDATYGKLTLKFICTTGKLPVPWPTLVTTLTYGVQCFSRYPDHMKQHDFFK
SAMPEGYVQERTIFFKDDGNYKTRAEVKFEGDTLVNRIELKGIDFKEDGNILGHKLEYNYNSHNVYIMADKQKNGIKVNF
KIRHNIEDGSVQLADHYQQNTPIGDGPVLLPDNHYLSTQSKLSKDPNEKRDHMVLLEFVTAAGITLGMDELYKSGLRSWS
HPQFEK
;
B,D
#
# COMPACT_ATOMS: atom_id res chain seq x y z
N LYS A 25 19.70 36.51 -56.87
CA LYS A 25 18.58 37.12 -57.58
C LYS A 25 17.99 36.14 -58.58
N ILE A 26 18.71 35.05 -58.85
CA ILE A 26 18.26 34.02 -59.76
C ILE A 26 18.12 32.71 -58.98
N VAL A 27 16.93 32.12 -59.02
CA VAL A 27 16.68 30.83 -58.41
C VAL A 27 16.21 29.88 -59.51
N ASN A 28 16.89 28.76 -59.65
CA ASN A 28 16.61 27.80 -60.71
C ASN A 28 15.82 26.62 -60.16
N ILE A 29 14.77 26.23 -60.89
CA ILE A 29 13.92 25.11 -60.52
C ILE A 29 13.95 24.10 -61.66
N GLY A 30 14.29 22.87 -61.35
CA GLY A 30 14.38 21.81 -62.35
C GLY A 30 13.15 20.94 -62.34
N ALA A 31 12.88 20.29 -63.48
CA ALA A 31 11.71 19.44 -63.59
C ALA A 31 11.94 18.41 -64.67
N VAL A 32 11.79 17.14 -64.31
CA VAL A 32 11.74 16.04 -65.27
C VAL A 32 10.27 15.74 -65.53
N LEU A 33 9.84 15.86 -66.78
CA LEU A 33 8.42 15.80 -67.10
C LEU A 33 8.12 14.77 -68.17
N SER A 34 6.88 14.77 -68.65
CA SER A 34 6.44 13.75 -69.61
C SER A 34 6.97 14.04 -71.01
N THR A 35 6.59 15.17 -71.59
CA THR A 35 6.96 15.48 -72.96
C THR A 35 7.20 16.98 -73.09
N ARG A 36 7.46 17.44 -74.31
CA ARG A 36 7.87 18.82 -74.54
C ARG A 36 6.77 19.80 -74.17
N LYS A 37 5.52 19.49 -74.50
CA LYS A 37 4.44 20.42 -74.21
C LYS A 37 4.28 20.63 -72.71
N HIS A 38 4.45 19.58 -71.92
CA HIS A 38 4.39 19.73 -70.48
C HIS A 38 5.52 20.61 -69.97
N GLU A 39 6.70 20.52 -70.59
CA GLU A 39 7.79 21.44 -70.25
C GLU A 39 7.42 22.88 -70.58
N GLN A 40 6.75 23.09 -71.72
CA GLN A 40 6.32 24.44 -72.08
C GLN A 40 5.33 24.99 -71.07
N MET A 41 4.37 24.16 -70.63
CA MET A 41 3.44 24.61 -69.60
C MET A 41 4.13 24.82 -68.26
N PHE A 42 5.16 24.04 -67.95
CA PHE A 42 5.94 24.28 -66.74
C PHE A 42 6.63 25.63 -66.80
N ARG A 43 7.21 25.97 -67.96
CA ARG A 43 7.82 27.28 -68.13
C ARG A 43 6.78 28.39 -68.01
N GLU A 44 5.60 28.19 -68.59
CA GLU A 44 4.54 29.19 -68.48
C GLU A 44 4.10 29.37 -67.02
N ALA A 45 4.01 28.27 -66.27
CA ALA A 45 3.66 28.36 -64.86
C ALA A 45 4.73 29.11 -64.08
N VAL A 46 6.00 28.87 -64.39
CA VAL A 46 7.08 29.61 -63.74
C VAL A 46 6.96 31.09 -64.06
N ASN A 47 6.66 31.43 -65.31
CA ASN A 47 6.47 32.83 -65.68
C ASN A 47 5.30 33.44 -64.91
N GLN A 48 4.20 32.70 -64.77
CA GLN A 48 3.06 33.21 -64.02
C GLN A 48 3.40 33.42 -62.56
N ALA A 49 4.17 32.50 -61.97
CA ALA A 49 4.60 32.65 -60.58
C ALA A 49 5.49 33.88 -60.42
N ASN A 50 6.40 34.10 -61.38
CA ASN A 50 7.25 35.28 -61.33
C ASN A 50 6.41 36.55 -61.44
N LYS A 51 5.40 36.55 -62.32
CA LYS A 51 4.55 37.72 -62.47
C LYS A 51 3.75 38.01 -61.20
N ARG A 52 3.20 36.96 -60.58
CA ARG A 52 2.36 37.18 -59.40
C ARG A 52 3.18 37.50 -58.15
N HIS A 53 4.44 37.04 -58.10
CA HIS A 53 5.29 37.33 -56.95
C HIS A 53 6.27 38.47 -57.18
N GLY A 54 6.59 38.78 -58.44
CA GLY A 54 7.54 39.84 -58.73
C GLY A 54 8.96 39.33 -58.88
N SER A 55 9.52 39.51 -60.07
CA SER A 55 10.85 39.01 -60.37
C SER A 55 11.95 40.05 -60.17
N TRP A 56 11.63 41.18 -59.54
CA TRP A 56 12.64 42.23 -59.36
C TRP A 56 13.74 41.78 -58.41
N LYS A 57 13.40 41.08 -57.34
CA LYS A 57 14.35 40.75 -56.28
C LYS A 57 14.75 39.29 -56.27
N ILE A 58 13.92 38.38 -56.79
CA ILE A 58 14.37 37.07 -57.28
C ILE A 58 13.67 36.74 -58.58
N GLN A 59 14.41 36.21 -59.55
CA GLN A 59 13.85 35.74 -60.81
C GLN A 59 13.95 34.23 -60.87
N LEU A 60 12.84 33.58 -61.18
CA LEU A 60 12.78 32.12 -61.24
C LEU A 60 13.09 31.65 -62.65
N ASN A 61 14.10 30.80 -62.78
CA ASN A 61 14.45 30.16 -64.04
C ASN A 61 13.95 28.73 -64.01
N ALA A 62 13.51 28.23 -65.16
CA ALA A 62 12.95 26.89 -65.28
C ALA A 62 13.83 26.03 -66.16
N THR A 63 14.24 24.88 -65.64
CA THR A 63 15.01 23.89 -66.39
C THR A 63 14.16 22.63 -66.54
N SER A 64 14.10 22.10 -67.76
CA SER A 64 13.21 20.98 -68.04
C SER A 64 13.97 19.86 -68.73
N VAL A 65 13.68 18.62 -68.33
CA VAL A 65 14.26 17.42 -68.91
C VAL A 65 13.12 16.44 -69.16
N THR A 66 13.34 15.53 -70.12
CA THR A 66 12.38 14.50 -70.46
C THR A 66 12.81 13.18 -69.85
N HIS A 67 11.84 12.36 -69.45
CA HIS A 67 12.13 11.08 -68.82
C HIS A 67 12.90 10.17 -69.77
N LYS A 68 14.05 9.70 -69.32
CA LYS A 68 14.88 8.78 -70.08
C LYS A 68 14.31 7.37 -69.99
N PRO A 69 14.63 6.50 -70.96
CA PRO A 69 14.09 5.13 -70.91
C PRO A 69 14.57 4.34 -69.71
N ASN A 70 15.88 4.22 -69.51
CA ASN A 70 16.42 3.42 -68.42
C ASN A 70 16.73 4.29 -67.21
N ALA A 71 16.76 3.65 -66.04
CA ALA A 71 16.86 4.39 -64.78
C ALA A 71 18.25 4.99 -64.59
N ILE A 72 19.30 4.25 -64.96
CA ILE A 72 20.66 4.74 -64.77
C ILE A 72 20.89 5.99 -65.60
N GLN A 73 20.40 6.00 -66.84
CA GLN A 73 20.53 7.19 -67.67
C GLN A 73 19.73 8.35 -67.10
N MET A 74 18.57 8.07 -66.49
CA MET A 74 17.83 9.13 -65.82
C MET A 74 18.61 9.73 -64.66
N ALA A 75 19.26 8.88 -63.86
CA ALA A 75 20.05 9.39 -62.75
C ALA A 75 21.22 10.24 -63.27
N LEU A 76 21.90 9.75 -64.31
CA LEU A 76 23.00 10.53 -64.87
C LEU A 76 22.51 11.85 -65.47
N SER A 77 21.33 11.83 -66.10
CA SER A 77 20.80 13.02 -66.73
C SER A 77 20.35 14.05 -65.70
N VAL A 78 19.75 13.59 -64.59
CA VAL A 78 19.38 14.55 -63.55
C VAL A 78 20.63 15.06 -62.84
N CYS A 79 21.70 14.26 -62.81
CA CYS A 79 22.95 14.75 -62.24
C CYS A 79 23.58 15.83 -63.11
N GLU A 80 23.68 15.59 -64.41
CA GLU A 80 24.41 16.47 -65.30
C GLU A 80 23.54 17.51 -66.01
N ASP A 81 22.24 17.54 -65.73
CA ASP A 81 21.34 18.49 -66.36
C ASP A 81 20.66 19.41 -65.35
N LEU A 82 20.06 18.85 -64.30
CA LEU A 82 19.39 19.66 -63.29
C LEU A 82 20.35 20.08 -62.18
N ILE A 83 21.07 19.13 -61.60
CA ILE A 83 22.00 19.46 -60.53
C ILE A 83 23.11 20.37 -61.03
N SER A 84 23.52 20.21 -62.29
CA SER A 84 24.57 21.03 -62.87
C SER A 84 24.19 22.49 -62.95
N SER A 85 22.90 22.84 -62.82
CA SER A 85 22.45 24.21 -62.87
C SER A 85 22.01 24.73 -61.50
N GLN A 86 22.34 24.01 -60.42
CA GLN A 86 22.01 24.42 -59.05
C GLN A 86 20.51 24.63 -58.88
N VAL A 87 19.77 23.56 -59.09
CA VAL A 87 18.31 23.62 -59.00
C VAL A 87 17.89 23.61 -57.54
N TYR A 88 17.04 24.55 -57.16
CA TYR A 88 16.58 24.63 -55.77
C TYR A 88 15.56 23.54 -55.45
N ALA A 89 14.75 23.15 -56.43
CA ALA A 89 13.78 22.07 -56.24
C ALA A 89 13.52 21.41 -57.57
N ILE A 90 13.15 20.13 -57.52
CA ILE A 90 12.95 19.30 -58.71
C ILE A 90 11.52 18.79 -58.71
N LEU A 91 10.85 18.93 -59.84
CA LEU A 91 9.48 18.47 -60.04
C LEU A 91 9.51 17.23 -60.93
N VAL A 92 8.97 16.12 -60.44
CA VAL A 92 9.02 14.84 -61.14
C VAL A 92 7.61 14.37 -61.44
N SER A 93 7.42 13.87 -62.66
CA SER A 93 6.14 13.33 -63.09
C SER A 93 6.37 12.01 -63.82
N HIS A 94 5.33 11.19 -63.86
CA HIS A 94 5.44 9.89 -64.51
C HIS A 94 5.53 10.06 -66.03
N PRO A 95 6.25 9.19 -66.72
CA PRO A 95 6.43 9.34 -68.16
C PRO A 95 5.13 9.10 -68.91
N PRO A 96 4.99 9.66 -70.11
CA PRO A 96 3.76 9.43 -70.89
C PRO A 96 3.61 7.99 -71.34
N THR A 97 4.69 7.22 -71.37
CA THR A 97 4.60 5.82 -71.73
C THR A 97 3.73 5.09 -70.70
N PRO A 98 2.90 4.14 -71.12
CA PRO A 98 1.98 3.49 -70.17
C PRO A 98 2.66 2.86 -68.96
N ASN A 99 3.91 2.41 -69.09
CA ASN A 99 4.62 1.88 -67.94
C ASN A 99 4.91 3.01 -66.95
N ASP A 100 4.54 2.79 -65.69
CA ASP A 100 4.66 3.82 -64.66
C ASP A 100 5.17 3.21 -63.35
N HIS A 101 6.20 2.37 -63.45
CA HIS A 101 6.68 1.60 -62.31
C HIS A 101 7.93 2.26 -61.73
N PHE A 102 7.74 3.01 -60.64
CA PHE A 102 8.84 3.56 -59.85
C PHE A 102 9.82 4.37 -60.71
N THR A 103 9.26 5.18 -61.59
CA THR A 103 10.08 6.06 -62.43
C THR A 103 10.72 7.22 -61.67
N PRO A 104 10.09 7.80 -60.64
CA PRO A 104 10.75 8.89 -59.90
C PRO A 104 11.81 8.42 -58.91
N THR A 105 12.07 7.12 -58.80
CA THR A 105 13.07 6.64 -57.84
C THR A 105 14.48 7.15 -58.15
N PRO A 106 15.00 7.08 -59.37
CA PRO A 106 16.37 7.57 -59.59
C PRO A 106 16.56 9.04 -59.29
N VAL A 107 15.65 9.89 -59.77
CA VAL A 107 15.77 11.32 -59.51
C VAL A 107 15.57 11.61 -58.02
N SER A 108 14.68 10.87 -57.36
CA SER A 108 14.49 11.06 -55.93
C SER A 108 15.76 10.74 -55.17
N TYR A 109 16.41 9.62 -55.50
CA TYR A 109 17.65 9.25 -54.84
C TYR A 109 18.74 10.28 -55.10
N THR A 110 18.89 10.70 -56.35
CA THR A 110 19.95 11.64 -56.71
C THR A 110 19.77 12.97 -55.99
N ALA A 111 18.57 13.56 -56.08
CA ALA A 111 18.34 14.84 -55.45
C ALA A 111 18.15 14.74 -53.94
N GLY A 112 18.00 13.54 -53.39
CA GLY A 112 18.03 13.36 -51.96
C GLY A 112 19.40 13.10 -51.41
N PHE A 113 20.36 12.76 -52.28
CA PHE A 113 21.75 12.71 -51.84
C PHE A 113 22.20 14.07 -51.33
N TYR A 114 21.81 15.14 -52.01
CA TYR A 114 22.10 16.51 -51.60
C TYR A 114 20.95 17.16 -50.85
N ARG A 115 19.93 16.38 -50.50
CA ARG A 115 18.75 16.86 -49.78
C ARG A 115 18.00 17.95 -50.54
N ILE A 116 18.18 18.00 -51.86
CA ILE A 116 17.45 18.93 -52.70
C ILE A 116 15.99 18.49 -52.75
N PRO A 117 15.04 19.34 -52.37
CA PRO A 117 13.64 18.90 -52.32
C PRO A 117 13.13 18.45 -53.68
N VAL A 118 12.30 17.42 -53.67
CA VAL A 118 11.72 16.83 -54.87
C VAL A 118 10.20 16.84 -54.70
N LEU A 119 9.49 17.16 -55.77
CA LEU A 119 8.04 17.12 -55.79
C LEU A 119 7.58 16.06 -56.78
N GLY A 120 6.79 15.11 -56.30
CA GLY A 120 6.17 14.12 -57.17
C GLY A 120 4.80 14.61 -57.59
N LEU A 121 4.55 14.57 -58.89
CA LEU A 121 3.33 15.14 -59.43
C LEU A 121 2.30 14.08 -59.83
N THR A 122 2.73 12.85 -60.12
CA THR A 122 1.79 11.81 -60.52
C THR A 122 2.11 10.47 -59.87
N THR A 123 2.96 10.44 -58.85
CA THR A 123 3.40 9.20 -58.23
C THR A 123 2.54 8.93 -56.99
N ARG A 124 1.69 7.92 -57.08
CA ARG A 124 0.79 7.56 -55.99
C ARG A 124 1.31 6.39 -55.16
N MET A 125 2.52 5.91 -55.44
CA MET A 125 3.07 4.79 -54.69
C MET A 125 3.38 5.21 -53.26
N SER A 126 3.28 4.26 -52.33
CA SER A 126 3.44 4.56 -50.92
C SER A 126 4.88 4.50 -50.44
N ILE A 127 5.78 3.86 -51.20
CA ILE A 127 7.17 3.76 -50.80
C ILE A 127 7.81 5.12 -50.63
N TYR A 128 7.33 6.13 -51.35
CA TYR A 128 7.86 7.48 -51.26
C TYR A 128 7.43 8.20 -50.00
N SER A 129 6.54 7.62 -49.21
CA SER A 129 6.14 8.22 -47.94
C SER A 129 7.11 7.92 -46.81
N ASP A 130 8.13 7.09 -47.06
CA ASP A 130 9.13 6.74 -46.06
C ASP A 130 10.28 7.74 -46.15
N LYS A 131 10.32 8.69 -45.22
CA LYS A 131 11.34 9.72 -45.26
C LYS A 131 12.72 9.21 -44.86
N SER A 132 12.82 8.00 -44.32
CA SER A 132 14.12 7.43 -44.04
C SER A 132 14.79 6.85 -45.29
N ILE A 133 14.03 6.66 -46.36
CA ILE A 133 14.55 6.16 -47.63
C ILE A 133 14.58 7.27 -48.68
N HIS A 134 13.44 7.90 -48.92
CA HIS A 134 13.35 9.07 -49.79
C HIS A 134 13.41 10.31 -48.90
N LEU A 135 14.59 10.92 -48.83
CA LEU A 135 14.85 11.91 -47.79
C LEU A 135 14.16 13.23 -48.07
N SER A 136 13.98 13.59 -49.35
CA SER A 136 13.48 14.91 -49.71
C SER A 136 12.42 14.80 -50.80
N PHE A 137 11.44 13.94 -50.60
CA PHE A 137 10.40 13.68 -51.60
C PHE A 137 9.02 14.05 -51.04
N LEU A 138 8.59 15.28 -51.29
CA LEU A 138 7.22 15.68 -51.07
C LEU A 138 6.42 15.41 -52.35
N ARG A 139 5.10 15.47 -52.25
CA ARG A 139 4.28 15.29 -53.44
C ARG A 139 2.90 15.89 -53.21
N THR A 140 2.30 16.37 -54.28
CA THR A 140 0.97 16.96 -54.25
C THR A 140 -0.13 15.92 -54.40
N VAL A 141 0.21 14.67 -54.60
CA VAL A 141 -0.75 13.58 -54.78
C VAL A 141 -0.63 12.64 -53.59
N PRO A 142 -1.71 12.39 -52.85
CA PRO A 142 -1.61 11.46 -51.73
C PRO A 142 -1.31 10.06 -52.24
N PRO A 143 -0.62 9.25 -51.45
CA PRO A 143 -0.28 7.90 -51.90
C PRO A 143 -1.50 6.99 -51.89
N TYR A 144 -1.32 5.79 -52.46
CA TYR A 144 -2.42 4.84 -52.54
C TYR A 144 -2.90 4.43 -51.16
N SER A 145 -1.98 4.29 -50.20
CA SER A 145 -2.37 3.87 -48.86
C SER A 145 -3.33 4.88 -48.22
N HIS A 146 -3.24 6.15 -48.60
CA HIS A 146 -4.15 7.16 -48.07
C HIS A 146 -5.59 6.88 -48.46
N GLN A 147 -5.82 6.11 -49.53
CA GLN A 147 -7.18 5.69 -49.87
C GLN A 147 -7.83 4.96 -48.70
N SER A 148 -7.03 4.29 -47.88
CA SER A 148 -7.57 3.62 -46.70
C SER A 148 -8.42 4.58 -45.86
N SER A 149 -7.98 5.83 -45.74
CA SER A 149 -8.76 6.81 -44.99
C SER A 149 -10.20 6.87 -45.48
N VAL A 150 -10.39 6.95 -46.80
CA VAL A 150 -11.73 7.00 -47.36
C VAL A 150 -12.55 5.80 -46.86
N TRP A 151 -11.94 4.62 -46.92
CA TRP A 151 -12.65 3.41 -46.51
C TRP A 151 -13.10 3.54 -45.06
N PHE A 152 -12.25 4.08 -44.19
CA PHE A 152 -12.63 4.25 -42.80
C PHE A 152 -13.86 5.13 -42.68
N GLU A 153 -13.93 6.19 -43.49
CA GLU A 153 -15.14 7.01 -43.49
C GLU A 153 -16.34 6.19 -43.94
N MET A 154 -16.17 5.38 -44.98
CA MET A 154 -17.22 4.48 -45.40
C MET A 154 -17.39 3.29 -44.46
N MET A 155 -16.53 3.17 -43.45
CA MET A 155 -16.77 2.27 -42.33
C MET A 155 -17.77 2.86 -41.34
N ARG A 156 -18.00 4.16 -41.38
CA ARG A 156 -18.83 4.86 -40.40
C ARG A 156 -20.15 5.36 -40.96
N VAL A 157 -20.14 5.92 -42.18
CA VAL A 157 -21.39 6.37 -42.77
C VAL A 157 -22.32 5.20 -43.02
N TYR A 158 -21.79 4.10 -43.56
CA TYR A 158 -22.58 2.93 -43.85
C TYR A 158 -22.57 1.91 -42.72
N ASN A 159 -21.81 2.16 -41.66
CA ASN A 159 -21.81 1.34 -40.44
C ASN A 159 -21.47 -0.13 -40.75
N TRP A 160 -20.24 -0.33 -41.23
CA TRP A 160 -19.70 -1.65 -41.49
C TRP A 160 -18.56 -1.89 -40.50
N ASN A 161 -18.86 -2.61 -39.42
CA ASN A 161 -17.88 -2.85 -38.37
C ASN A 161 -17.16 -4.19 -38.50
N HIS A 162 -17.56 -5.03 -39.46
CA HIS A 162 -16.93 -6.34 -39.68
C HIS A 162 -16.44 -6.40 -41.11
N ILE A 163 -15.12 -6.36 -41.30
CA ILE A 163 -14.52 -6.30 -42.63
C ILE A 163 -13.45 -7.36 -42.77
N ILE A 164 -13.09 -7.62 -44.02
CA ILE A 164 -11.97 -8.48 -44.37
C ILE A 164 -11.11 -7.76 -45.39
N LEU A 165 -9.80 -7.73 -45.15
CA LEU A 165 -8.88 -6.91 -45.92
C LEU A 165 -7.96 -7.81 -46.74
N LEU A 166 -8.10 -7.77 -48.06
CA LEU A 166 -7.23 -8.50 -48.97
C LEU A 166 -6.15 -7.55 -49.46
N VAL A 167 -4.90 -7.82 -49.10
CA VAL A 167 -3.78 -6.96 -49.46
C VAL A 167 -2.68 -7.80 -50.09
N SER A 168 -1.80 -7.12 -50.80
CA SER A 168 -0.59 -7.73 -51.32
C SER A 168 0.47 -7.72 -50.22
N ASP A 169 1.71 -8.04 -50.56
CA ASP A 169 2.81 -7.96 -49.62
C ASP A 169 4.04 -7.34 -50.28
N ASP A 170 3.84 -6.26 -51.02
CA ASP A 170 4.91 -5.56 -51.72
C ASP A 170 5.04 -4.13 -51.22
N HIS A 171 4.87 -3.94 -49.91
CA HIS A 171 4.99 -2.65 -49.23
C HIS A 171 3.89 -1.68 -49.63
N GLU A 172 3.06 -2.06 -50.61
CA GLU A 172 1.91 -1.25 -50.96
C GLU A 172 0.67 -1.76 -50.23
N GLY A 173 0.34 -3.04 -50.42
CA GLY A 173 -0.69 -3.65 -49.60
C GLY A 173 -0.35 -3.61 -48.12
N ARG A 174 0.93 -3.80 -47.80
CA ARG A 174 1.35 -3.71 -46.40
C ARG A 174 1.13 -2.32 -45.84
N ALA A 175 1.48 -1.28 -46.62
CA ALA A 175 1.27 0.08 -46.15
C ALA A 175 -0.21 0.38 -45.99
N ALA A 176 -1.04 -0.07 -46.94
CA ALA A 176 -2.47 0.16 -46.83
C ALA A 176 -3.05 -0.54 -45.61
N GLN A 177 -2.63 -1.78 -45.35
CA GLN A 177 -3.07 -2.50 -44.17
C GLN A 177 -2.65 -1.78 -42.89
N LYS A 178 -1.40 -1.32 -42.84
CA LYS A 178 -0.92 -0.62 -41.66
C LYS A 178 -1.71 0.66 -41.41
N ARG A 179 -1.97 1.43 -42.47
CA ARG A 179 -2.77 2.64 -42.32
C ARG A 179 -4.18 2.34 -41.86
N LEU A 180 -4.81 1.28 -42.41
CA LEU A 180 -6.16 0.94 -42.01
C LEU A 180 -6.22 0.51 -40.55
N GLU A 181 -5.26 -0.31 -40.11
CA GLU A 181 -5.24 -0.67 -38.69
C GLU A 181 -5.02 0.58 -37.84
N THR A 182 -4.04 1.41 -38.20
CA THR A 182 -3.75 2.63 -37.45
C THR A 182 -5.00 3.49 -37.30
N LEU A 183 -5.83 3.54 -38.34
CA LEU A 183 -7.13 4.19 -38.19
C LEU A 183 -8.06 3.40 -37.28
N LEU A 184 -7.92 2.08 -37.23
CA LEU A 184 -8.89 1.26 -36.53
C LEU A 184 -8.71 1.25 -35.00
N GLU A 185 -7.47 1.27 -34.49
CA GLU A 185 -7.35 1.03 -33.05
C GLU A 185 -8.03 2.12 -32.23
N GLU A 186 -8.32 3.28 -32.82
CA GLU A 186 -9.04 4.32 -32.09
C GLU A 186 -10.43 3.83 -31.70
N ARG A 187 -11.00 2.93 -32.48
CA ARG A 187 -12.29 2.33 -32.18
C ARG A 187 -12.16 1.11 -31.27
N GLU A 188 -10.95 0.75 -30.87
CA GLU A 188 -10.68 -0.46 -30.10
C GLU A 188 -11.20 -1.69 -30.84
N SER A 189 -11.09 -1.66 -32.17
CA SER A 189 -11.55 -2.75 -33.02
C SER A 189 -10.53 -2.98 -34.12
N LYS A 190 -10.56 -4.20 -34.66
CA LYS A 190 -9.62 -4.61 -35.70
C LYS A 190 -10.38 -5.32 -36.81
N ALA A 191 -9.75 -5.39 -37.98
CA ALA A 191 -10.32 -6.14 -39.09
C ALA A 191 -10.44 -7.61 -38.73
N GLU A 192 -11.56 -8.22 -39.13
CA GLU A 192 -11.80 -9.61 -38.76
C GLU A 192 -10.75 -10.54 -39.36
N LYS A 193 -10.36 -10.31 -40.61
CA LYS A 193 -9.36 -11.14 -41.25
C LYS A 193 -8.55 -10.28 -42.22
N VAL A 194 -7.25 -10.52 -42.25
CA VAL A 194 -6.34 -9.87 -43.18
C VAL A 194 -5.64 -10.96 -43.98
N LEU A 195 -5.88 -10.99 -45.28
CA LEU A 195 -5.34 -12.01 -46.16
C LEU A 195 -4.32 -11.37 -47.09
N GLN A 196 -3.09 -11.87 -47.05
CA GLN A 196 -2.00 -11.37 -47.88
C GLN A 196 -1.68 -12.41 -48.96
N PHE A 197 -1.55 -11.95 -50.20
CA PHE A 197 -1.18 -12.81 -51.31
C PHE A 197 0.01 -12.20 -52.05
N ASP A 198 0.81 -13.06 -52.65
CA ASP A 198 1.99 -12.60 -53.37
C ASP A 198 1.59 -11.83 -54.61
N PRO A 199 2.45 -10.94 -55.10
CA PRO A 199 2.13 -10.22 -56.35
C PRO A 199 1.89 -11.13 -57.54
N GLY A 200 2.52 -12.30 -57.57
CA GLY A 200 2.27 -13.26 -58.63
C GLY A 200 0.83 -13.76 -58.62
N THR A 201 0.47 -14.46 -57.56
CA THR A 201 -0.92 -14.87 -57.27
C THR A 201 -1.64 -15.43 -58.50
N LYS A 202 -0.96 -16.35 -59.19
CA LYS A 202 -1.60 -17.06 -60.30
C LYS A 202 -2.82 -17.83 -59.81
N ASN A 203 -2.72 -18.46 -58.65
CA ASN A 203 -3.85 -19.13 -58.00
C ASN A 203 -4.07 -18.49 -56.64
N VAL A 204 -5.30 -18.06 -56.38
CA VAL A 204 -5.64 -17.36 -55.15
C VAL A 204 -6.89 -17.98 -54.54
N THR A 205 -7.24 -19.18 -55.01
CA THR A 205 -8.48 -19.81 -54.60
C THR A 205 -8.51 -20.11 -53.10
N ALA A 206 -7.37 -20.53 -52.54
CA ALA A 206 -7.33 -20.86 -51.12
C ALA A 206 -7.62 -19.64 -50.26
N LEU A 207 -7.05 -18.48 -50.61
CA LEU A 207 -7.31 -17.27 -49.85
C LEU A 207 -8.79 -16.90 -49.89
N LEU A 208 -9.42 -17.04 -51.06
CA LEU A 208 -10.83 -16.69 -51.17
C LEU A 208 -11.72 -17.70 -50.46
N MET A 209 -11.32 -18.97 -50.41
CA MET A 209 -12.07 -19.94 -49.61
C MET A 209 -11.99 -19.57 -48.12
N GLU A 210 -10.80 -19.21 -47.66
CA GLU A 210 -10.65 -18.75 -46.27
C GLU A 210 -11.49 -17.49 -46.03
N ALA A 211 -11.60 -16.63 -47.05
CA ALA A 211 -12.47 -15.47 -46.95
C ALA A 211 -13.93 -15.89 -46.82
N ARG A 212 -14.36 -16.87 -47.61
CA ARG A 212 -15.74 -17.32 -47.57
C ARG A 212 -16.09 -17.91 -46.21
N GLU A 213 -15.16 -18.65 -45.61
CA GLU A 213 -15.43 -19.22 -44.29
C GLU A 213 -15.69 -18.16 -43.23
N LEU A 214 -15.25 -16.93 -43.46
CA LEU A 214 -15.55 -15.84 -42.54
C LEU A 214 -16.97 -15.33 -42.74
N GLU A 215 -17.44 -14.52 -41.80
CA GLU A 215 -18.79 -13.97 -41.86
C GLU A 215 -18.84 -12.57 -42.45
N ALA A 216 -17.75 -11.81 -42.36
CA ALA A 216 -17.73 -10.46 -42.91
C ALA A 216 -17.87 -10.49 -44.42
N ARG A 217 -18.67 -9.57 -44.96
CA ARG A 217 -18.98 -9.55 -46.38
C ARG A 217 -18.45 -8.34 -47.13
N VAL A 218 -17.88 -7.35 -46.44
CA VAL A 218 -17.29 -6.19 -47.11
C VAL A 218 -15.82 -6.52 -47.38
N ILE A 219 -15.55 -6.98 -48.59
CA ILE A 219 -14.20 -7.39 -48.98
C ILE A 219 -13.46 -6.16 -49.48
N ILE A 220 -12.50 -5.67 -48.70
CA ILE A 220 -11.68 -4.54 -49.08
C ILE A 220 -10.42 -5.07 -49.76
N LEU A 221 -10.23 -4.70 -51.02
CA LEU A 221 -9.12 -5.20 -51.82
C LEU A 221 -8.16 -4.06 -52.13
N SER A 222 -6.86 -4.32 -51.97
CA SER A 222 -5.82 -3.34 -52.28
C SER A 222 -4.71 -4.08 -53.04
N ALA A 223 -4.78 -4.05 -54.36
CA ALA A 223 -3.83 -4.78 -55.18
C ALA A 223 -3.71 -4.10 -56.54
N SER A 224 -2.67 -4.49 -57.27
CA SER A 224 -2.43 -3.93 -58.60
C SER A 224 -3.54 -4.35 -59.56
N GLU A 225 -3.47 -3.82 -60.79
CA GLU A 225 -4.52 -4.08 -61.77
C GLU A 225 -4.62 -5.57 -62.09
N ASP A 226 -3.49 -6.22 -62.37
CA ASP A 226 -3.51 -7.64 -62.71
C ASP A 226 -3.97 -8.49 -61.54
N ASP A 227 -3.46 -8.19 -60.33
CA ASP A 227 -3.89 -8.93 -59.16
C ASP A 227 -5.36 -8.69 -58.86
N ALA A 228 -5.83 -7.45 -59.06
CA ALA A 228 -7.25 -7.18 -58.87
C ALA A 228 -8.11 -7.98 -59.84
N ALA A 229 -7.67 -8.07 -61.10
CA ALA A 229 -8.41 -8.87 -62.08
C ALA A 229 -8.41 -10.34 -61.69
N THR A 230 -7.27 -10.85 -61.23
CA THR A 230 -7.19 -12.25 -60.81
C THR A 230 -8.14 -12.53 -59.65
N VAL A 231 -8.13 -11.64 -58.64
CA VAL A 231 -9.00 -11.82 -57.49
C VAL A 231 -10.47 -11.72 -57.91
N TYR A 232 -10.77 -10.79 -58.82
CA TYR A 232 -12.16 -10.64 -59.29
C TYR A 232 -12.63 -11.90 -60.00
N ARG A 233 -11.79 -12.46 -60.88
CA ARG A 233 -12.17 -13.67 -61.59
C ARG A 233 -12.34 -14.85 -60.62
N ALA A 234 -11.42 -14.98 -59.66
CA ALA A 234 -11.52 -16.08 -58.70
C ALA A 234 -12.78 -15.93 -57.84
N ALA A 235 -13.12 -14.70 -57.44
CA ALA A 235 -14.31 -14.48 -56.65
C ALA A 235 -15.58 -14.78 -57.46
N ALA A 236 -15.59 -14.39 -58.73
CA ALA A 236 -16.71 -14.76 -59.58
C ALA A 236 -16.81 -16.28 -59.74
N MET A 237 -15.67 -16.97 -59.73
CA MET A 237 -15.69 -18.43 -59.80
C MET A 237 -16.29 -19.03 -58.53
N LEU A 238 -16.18 -18.33 -57.39
CA LEU A 238 -16.66 -18.83 -56.12
C LEU A 238 -17.99 -18.20 -55.71
N ASN A 239 -18.68 -17.55 -56.66
CA ASN A 239 -19.96 -16.88 -56.38
C ASN A 239 -19.82 -15.87 -55.24
N MET A 240 -18.69 -15.16 -55.23
CA MET A 240 -18.43 -14.14 -54.22
C MET A 240 -18.84 -12.75 -54.66
N THR A 241 -19.39 -12.59 -55.86
CA THR A 241 -19.88 -11.32 -56.35
C THR A 241 -21.39 -11.19 -56.19
N GLY A 242 -21.99 -12.01 -55.31
CA GLY A 242 -23.43 -12.04 -55.16
C GLY A 242 -24.01 -10.82 -54.48
N SER A 243 -25.22 -10.97 -53.93
CA SER A 243 -25.92 -9.83 -53.34
C SER A 243 -25.31 -9.45 -51.99
N GLY A 244 -24.98 -10.43 -51.16
CA GLY A 244 -24.58 -10.13 -49.80
C GLY A 244 -23.21 -9.48 -49.66
N TYR A 245 -22.39 -9.54 -50.71
CA TYR A 245 -21.02 -9.05 -50.63
C TYR A 245 -20.94 -7.59 -51.05
N VAL A 246 -19.94 -6.90 -50.51
CA VAL A 246 -19.60 -5.52 -50.88
C VAL A 246 -18.10 -5.46 -51.11
N TRP A 247 -17.70 -4.83 -52.21
CA TRP A 247 -16.29 -4.74 -52.57
C TRP A 247 -15.85 -3.28 -52.47
N LEU A 248 -14.98 -2.99 -51.51
CA LEU A 248 -14.39 -1.67 -51.35
C LEU A 248 -12.98 -1.72 -51.89
N VAL A 249 -12.74 -1.04 -53.02
CA VAL A 249 -11.44 -1.08 -53.67
C VAL A 249 -11.00 0.35 -53.98
N GLY A 250 -9.72 0.49 -54.33
CA GLY A 250 -9.14 1.78 -54.64
C GLY A 250 -9.18 2.09 -56.11
N GLU A 251 -8.42 3.12 -56.49
CA GLU A 251 -8.39 3.56 -57.88
C GLU A 251 -7.67 2.55 -58.76
N ARG A 252 -6.59 1.94 -58.24
CA ARG A 252 -5.79 1.05 -59.06
C ARG A 252 -6.51 -0.25 -59.40
N GLU A 253 -7.58 -0.59 -58.67
CA GLU A 253 -8.30 -1.83 -58.90
C GLU A 253 -9.49 -1.69 -59.82
N ILE A 254 -9.76 -0.48 -60.34
CA ILE A 254 -10.88 -0.25 -61.24
C ILE A 254 -10.41 0.33 -62.57
N SER A 255 -9.16 0.11 -62.93
CA SER A 255 -8.60 0.62 -64.17
C SER A 255 -7.98 -0.52 -64.95
N GLY A 256 -7.94 -0.35 -66.27
CA GLY A 256 -7.32 -1.38 -67.11
C GLY A 256 -8.09 -2.68 -67.07
N ASN A 257 -7.34 -3.79 -67.00
CA ASN A 257 -7.95 -5.11 -67.05
C ASN A 257 -8.96 -5.31 -65.93
N ALA A 258 -8.60 -4.88 -64.71
CA ALA A 258 -9.50 -5.04 -63.58
C ALA A 258 -10.83 -4.32 -63.78
N LEU A 259 -10.89 -3.36 -64.71
CA LEU A 259 -12.15 -2.70 -64.98
C LEU A 259 -13.13 -3.64 -65.68
N ARG A 260 -12.64 -4.49 -66.58
CA ARG A 260 -13.54 -5.31 -67.38
C ARG A 260 -13.92 -6.63 -66.69
N TYR A 261 -13.10 -7.11 -65.76
CA TYR A 261 -13.43 -8.30 -64.98
C TYR A 261 -14.03 -7.95 -63.64
N ALA A 262 -14.40 -6.69 -63.43
CA ALA A 262 -14.88 -6.25 -62.14
C ALA A 262 -16.30 -6.74 -61.87
N PRO A 263 -16.68 -6.86 -60.60
CA PRO A 263 -18.08 -7.14 -60.26
C PRO A 263 -18.98 -5.95 -60.59
N ASP A 264 -20.27 -6.08 -60.33
CA ASP A 264 -21.23 -5.04 -60.67
C ASP A 264 -21.54 -4.12 -59.49
N GLY A 265 -20.79 -4.20 -58.41
CA GLY A 265 -21.08 -3.36 -57.25
C GLY A 265 -19.87 -2.83 -56.52
N ILE A 266 -18.74 -2.68 -57.21
CA ILE A 266 -17.54 -2.19 -56.57
C ILE A 266 -17.74 -0.74 -56.15
N ILE A 267 -16.96 -0.31 -55.15
CA ILE A 267 -17.04 1.05 -54.65
C ILE A 267 -15.69 1.74 -54.91
N GLY A 268 -15.06 1.40 -56.03
CA GLY A 268 -13.75 1.93 -56.37
C GLY A 268 -13.66 3.43 -56.40
N LEU A 269 -12.64 3.98 -55.72
CA LEU A 269 -12.46 5.41 -55.62
C LEU A 269 -11.72 5.95 -56.83
N GLN A 270 -11.68 7.28 -56.92
CA GLN A 270 -10.88 7.97 -57.92
C GLN A 270 -10.43 9.30 -57.31
N LEU A 271 -9.36 9.86 -57.90
CA LEU A 271 -8.80 11.11 -57.43
C LEU A 271 -9.08 12.21 -58.45
N ILE A 272 -9.63 13.33 -57.98
CA ILE A 272 -9.88 14.46 -58.86
C ILE A 272 -8.56 15.05 -59.31
N ASN A 273 -8.39 15.20 -60.63
CA ASN A 273 -7.15 15.68 -61.23
C ASN A 273 -5.97 14.80 -60.84
N GLY A 274 -6.23 13.50 -60.64
CA GLY A 274 -5.15 12.59 -60.28
C GLY A 274 -4.14 12.40 -61.39
N LYS A 275 -4.61 12.26 -62.63
CA LYS A 275 -3.75 12.15 -63.78
C LYS A 275 -3.59 13.47 -64.53
N ASN A 276 -4.15 14.55 -64.00
CA ASN A 276 -4.04 15.87 -64.62
C ASN A 276 -2.66 16.43 -64.33
N GLU A 277 -1.75 16.29 -65.29
CA GLU A 277 -0.40 16.82 -65.12
C GLU A 277 -0.38 18.34 -65.14
N SER A 278 -1.32 18.96 -65.86
CA SER A 278 -1.34 20.41 -65.97
C SER A 278 -1.58 21.08 -64.62
N ALA A 279 -2.65 20.65 -63.93
CA ALA A 279 -2.98 21.26 -62.65
C ALA A 279 -1.90 21.00 -61.62
N HIS A 280 -1.33 19.79 -61.62
CA HIS A 280 -0.27 19.48 -60.66
C HIS A 280 0.99 20.29 -60.94
N ILE A 281 1.35 20.47 -62.21
CA ILE A 281 2.51 21.30 -62.54
C ILE A 281 2.29 22.72 -62.07
N SER A 282 1.10 23.28 -62.34
CA SER A 282 0.83 24.65 -61.93
C SER A 282 0.86 24.79 -60.42
N ASP A 283 0.23 23.85 -59.71
CA ASP A 283 0.17 23.93 -58.25
C ASP A 283 1.56 23.78 -57.63
N ALA A 284 2.35 22.83 -58.14
CA ALA A 284 3.71 22.65 -57.62
C ALA A 284 4.56 23.87 -57.89
N VAL A 285 4.43 24.47 -59.07
CA VAL A 285 5.19 25.69 -59.36
C VAL A 285 4.79 26.80 -58.39
N GLY A 286 3.49 26.96 -58.16
CA GLY A 286 3.05 27.98 -57.22
C GLY A 286 3.59 27.78 -55.82
N VAL A 287 3.49 26.55 -55.31
CA VAL A 287 3.93 26.29 -53.95
C VAL A 287 5.45 26.40 -53.83
N VAL A 288 6.18 25.98 -54.85
CA VAL A 288 7.64 26.12 -54.82
C VAL A 288 8.04 27.59 -54.87
N ALA A 289 7.36 28.38 -55.68
CA ALA A 289 7.66 29.81 -55.73
C ALA A 289 7.38 30.47 -54.38
N GLN A 290 6.25 30.12 -53.75
CA GLN A 290 5.94 30.67 -52.45
C GLN A 290 7.00 30.27 -51.42
N ALA A 291 7.42 29.00 -51.45
CA ALA A 291 8.43 28.53 -50.50
C ALA A 291 9.77 29.21 -50.73
N VAL A 292 10.15 29.42 -51.99
CA VAL A 292 11.42 30.10 -52.28
C VAL A 292 11.37 31.54 -51.79
N HIS A 293 10.27 32.24 -52.07
CA HIS A 293 10.13 33.62 -51.62
C HIS A 293 10.11 33.73 -50.11
N GLU A 294 9.57 32.72 -49.43
CA GLU A 294 9.61 32.72 -47.97
C GLU A 294 10.99 32.35 -47.43
N LEU A 295 11.73 31.50 -48.14
CA LEU A 295 13.04 31.08 -47.67
C LEU A 295 14.08 32.17 -47.82
N LEU A 296 14.07 32.88 -48.96
CA LEU A 296 15.14 33.84 -49.23
C LEU A 296 15.09 35.06 -48.31
N GLU A 297 13.99 35.27 -47.60
CA GLU A 297 13.96 36.38 -46.65
C GLU A 297 14.87 36.10 -45.45
N LYS A 298 15.08 34.82 -45.15
CA LYS A 298 16.01 34.44 -44.09
C LYS A 298 17.45 34.52 -44.61
N GLU A 299 18.39 34.44 -43.67
CA GLU A 299 19.81 34.50 -43.96
C GLU A 299 20.41 33.09 -43.88
N ASN A 300 21.73 33.00 -44.04
CA ASN A 300 22.44 31.73 -44.04
C ASN A 300 21.92 30.79 -45.13
N ILE A 301 21.71 31.36 -46.31
CA ILE A 301 21.23 30.60 -47.46
C ILE A 301 22.44 30.15 -48.28
N THR A 302 22.48 28.87 -48.62
CA THR A 302 23.60 28.28 -49.34
C THR A 302 23.17 27.94 -50.76
N ASP A 303 24.00 28.33 -51.73
CA ASP A 303 23.76 27.96 -53.11
C ASP A 303 23.82 26.44 -53.26
N PRO A 304 22.83 25.80 -53.86
CA PRO A 304 22.88 24.35 -54.03
C PRO A 304 24.10 23.96 -54.83
N PRO A 305 24.67 22.78 -54.55
CA PRO A 305 25.89 22.36 -55.25
C PRO A 305 25.67 22.25 -56.75
N ARG A 306 26.70 22.63 -57.51
CA ARG A 306 26.65 22.60 -58.96
C ARG A 306 27.27 21.29 -59.46
N GLY A 307 26.45 20.45 -60.09
CA GLY A 307 26.93 19.20 -60.62
C GLY A 307 27.07 18.11 -59.58
N CYS A 308 26.71 16.88 -59.95
CA CYS A 308 26.85 15.76 -59.02
C CYS A 308 28.32 15.48 -58.72
N VAL A 309 29.14 15.36 -59.76
CA VAL A 309 30.54 15.01 -59.57
C VAL A 309 31.30 16.21 -59.00
N GLY A 310 32.18 15.93 -58.04
CA GLY A 310 33.01 16.96 -57.45
C GLY A 310 32.44 17.62 -56.22
N ASN A 311 31.22 17.30 -55.82
CA ASN A 311 30.60 17.88 -54.64
C ASN A 311 29.93 16.77 -53.84
N THR A 312 30.41 16.55 -52.62
CA THR A 312 29.88 15.52 -51.74
C THR A 312 29.03 16.05 -50.60
N ASN A 313 29.32 17.25 -50.11
CA ASN A 313 28.53 17.82 -49.02
C ASN A 313 27.10 18.06 -49.47
N ILE A 314 26.17 17.88 -48.54
CA ILE A 314 24.75 18.08 -48.82
C ILE A 314 24.47 19.57 -48.87
N TRP A 315 23.31 19.94 -49.40
CA TRP A 315 22.87 21.32 -49.35
C TRP A 315 22.61 21.73 -47.91
N LYS A 316 23.29 22.79 -47.46
CA LYS A 316 23.25 23.15 -46.05
C LYS A 316 21.85 23.50 -45.59
N THR A 317 21.13 24.29 -46.39
CA THR A 317 19.78 24.69 -46.06
C THR A 317 18.72 23.82 -46.73
N GLY A 318 19.12 22.69 -47.30
CA GLY A 318 18.20 21.79 -47.94
C GLY A 318 17.13 21.25 -47.01
N PRO A 319 17.51 20.77 -45.83
CA PRO A 319 16.49 20.42 -44.84
C PRO A 319 15.59 21.59 -44.46
N LEU A 320 16.16 22.80 -44.34
CA LEU A 320 15.34 23.97 -44.05
C LEU A 320 14.36 24.26 -45.18
N PHE A 321 14.81 24.14 -46.43
CA PHE A 321 13.91 24.34 -47.56
C PHE A 321 12.80 23.30 -47.56
N LYS A 322 13.14 22.04 -47.29
CA LYS A 322 12.10 21.01 -47.23
C LYS A 322 11.11 21.31 -46.11
N ARG A 323 11.61 21.76 -44.96
CA ARG A 323 10.71 22.07 -43.85
C ARG A 323 9.78 23.23 -44.19
N VAL A 324 10.31 24.26 -44.87
CA VAL A 324 9.45 25.40 -45.22
C VAL A 324 8.45 25.00 -46.30
N LEU A 325 8.81 24.04 -47.17
CA LEU A 325 7.83 23.47 -48.08
C LEU A 325 6.76 22.70 -47.33
N MET A 326 7.15 21.99 -46.27
CA MET A 326 6.21 21.20 -45.49
C MET A 326 5.16 22.09 -44.84
N SER A 327 5.57 23.23 -44.31
CA SER A 327 4.68 24.15 -43.62
C SER A 327 3.97 25.12 -44.56
N SER A 328 4.19 24.99 -45.87
CA SER A 328 3.54 25.87 -46.83
C SER A 328 2.03 25.68 -46.83
N LYS A 329 1.30 26.77 -47.02
CA LYS A 329 -0.16 26.76 -47.08
C LYS A 329 -0.57 27.47 -48.37
N TYR A 330 -0.63 26.72 -49.45
CA TYR A 330 -1.04 27.24 -50.75
C TYR A 330 -2.56 27.20 -50.81
N ALA A 331 -3.20 28.22 -50.23
CA ALA A 331 -4.66 28.23 -50.12
C ALA A 331 -5.32 28.24 -51.49
N ASP A 332 -4.92 29.19 -52.35
CA ASP A 332 -5.48 29.25 -53.69
C ASP A 332 -4.66 28.37 -54.63
N GLY A 333 -5.33 27.54 -55.40
CA GLY A 333 -4.64 26.63 -56.29
C GLY A 333 -5.61 25.99 -57.26
N VAL A 334 -5.04 25.46 -58.35
CA VAL A 334 -5.87 24.82 -59.38
C VAL A 334 -6.56 23.59 -58.82
N THR A 335 -5.82 22.76 -58.08
CA THR A 335 -6.40 21.55 -57.48
C THR A 335 -7.07 21.82 -56.15
N GLY A 336 -6.97 23.04 -55.62
CA GLY A 336 -7.57 23.39 -54.36
C GLY A 336 -6.53 23.70 -53.30
N ARG A 337 -6.94 23.52 -52.04
CA ARG A 337 -6.05 23.74 -50.92
C ARG A 337 -4.89 22.74 -50.95
N VAL A 338 -3.70 23.22 -50.61
CA VAL A 338 -2.48 22.40 -50.66
C VAL A 338 -1.87 22.39 -49.27
N GLU A 339 -1.76 21.20 -48.69
CA GLU A 339 -1.11 21.02 -47.40
C GLU A 339 -0.36 19.70 -47.42
N PHE A 340 0.73 19.64 -46.64
CA PHE A 340 1.55 18.45 -46.54
C PHE A 340 1.59 17.99 -45.09
N ASN A 341 1.27 16.73 -44.86
CA ASN A 341 1.38 16.17 -43.52
C ASN A 341 2.85 15.95 -43.18
N GLU A 342 3.10 15.35 -42.00
CA GLU A 342 4.46 15.16 -41.55
C GLU A 342 5.25 14.22 -42.44
N ASP A 343 4.58 13.44 -43.29
CA ASP A 343 5.24 12.50 -44.18
C ASP A 343 5.53 13.10 -45.55
N GLY A 344 5.16 14.35 -45.80
CA GLY A 344 5.42 14.99 -47.07
C GLY A 344 4.41 14.71 -48.16
N ASP A 345 3.32 14.02 -47.84
CA ASP A 345 2.27 13.73 -48.81
C ASP A 345 1.17 14.78 -48.72
N ARG A 346 0.34 14.85 -49.77
CA ARG A 346 -0.76 15.79 -49.79
C ARG A 346 -1.73 15.50 -48.65
N LYS A 347 -2.13 16.53 -47.92
CA LYS A 347 -2.92 16.34 -46.72
C LYS A 347 -4.38 16.05 -47.05
N PHE A 348 -5.06 16.99 -47.68
CA PHE A 348 -6.47 16.87 -48.02
C PHE A 348 -6.62 16.78 -49.53
N ALA A 349 -7.17 15.66 -49.99
CA ALA A 349 -7.40 15.44 -51.42
C ALA A 349 -8.84 15.02 -51.63
N ASN A 350 -9.34 15.27 -52.83
CA ASN A 350 -10.74 15.02 -53.18
C ASN A 350 -10.85 13.68 -53.87
N TYR A 351 -11.62 12.76 -53.27
CA TYR A 351 -11.85 11.44 -53.83
C TYR A 351 -13.29 11.35 -54.32
N SER A 352 -13.47 10.90 -55.55
CA SER A 352 -14.79 10.72 -56.14
C SER A 352 -15.13 9.24 -56.09
N ILE A 353 -15.99 8.86 -55.16
CA ILE A 353 -16.42 7.47 -55.05
C ILE A 353 -17.25 7.13 -56.27
N MET A 354 -16.84 6.09 -57.01
CA MET A 354 -17.54 5.67 -58.20
C MET A 354 -17.90 4.19 -58.09
N ASN A 355 -19.10 3.85 -58.56
CA ASN A 355 -19.62 2.50 -58.52
C ASN A 355 -19.83 1.99 -59.93
N LEU A 356 -19.65 0.70 -60.12
CA LEU A 356 -19.89 0.07 -61.41
C LEU A 356 -21.36 -0.31 -61.54
N GLN A 357 -21.96 0.05 -62.68
CA GLN A 357 -23.36 -0.25 -62.95
C GLN A 357 -23.48 -0.56 -64.43
N ASN A 358 -23.93 -1.77 -64.76
CA ASN A 358 -24.10 -2.22 -66.15
C ASN A 358 -22.81 -2.01 -66.96
N ARG A 359 -21.68 -2.26 -66.31
CA ARG A 359 -20.35 -2.16 -66.89
C ARG A 359 -19.96 -0.73 -67.22
N LYS A 360 -20.53 0.25 -66.52
CA LYS A 360 -20.16 1.65 -66.65
C LYS A 360 -19.88 2.20 -65.26
N LEU A 361 -18.78 2.93 -65.11
CA LEU A 361 -18.38 3.49 -63.82
C LEU A 361 -19.04 4.86 -63.67
N VAL A 362 -19.96 4.97 -62.72
CA VAL A 362 -20.73 6.19 -62.50
C VAL A 362 -20.45 6.73 -61.11
N GLN A 363 -20.34 8.05 -61.01
CA GLN A 363 -19.97 8.69 -59.76
C GLN A 363 -21.13 8.66 -58.77
N VAL A 364 -20.82 8.42 -57.50
CA VAL A 364 -21.86 8.19 -56.49
C VAL A 364 -21.68 9.13 -55.31
N GLY A 365 -20.51 9.77 -55.22
CA GLY A 365 -20.29 10.68 -54.11
C GLY A 365 -18.92 11.31 -54.21
N ILE A 366 -18.68 12.28 -53.32
CA ILE A 366 -17.42 13.00 -53.25
C ILE A 366 -16.86 12.86 -51.84
N TYR A 367 -15.62 12.44 -51.73
CA TYR A 367 -14.92 12.45 -50.44
C TYR A 367 -14.10 13.73 -50.39
N ASN A 368 -14.59 14.72 -49.64
CA ASN A 368 -13.92 16.00 -49.51
C ASN A 368 -13.26 16.06 -48.15
N GLY A 369 -11.95 16.37 -48.14
CA GLY A 369 -11.25 16.55 -46.87
C GLY A 369 -11.35 15.37 -45.95
N THR A 370 -12.14 15.51 -44.89
CA THR A 370 -12.31 14.45 -43.90
C THR A 370 -13.77 13.99 -43.77
N HIS A 371 -14.56 14.16 -44.83
CA HIS A 371 -15.95 13.71 -44.79
C HIS A 371 -16.40 13.36 -46.20
N VAL A 372 -17.37 12.44 -46.28
CA VAL A 372 -17.91 11.98 -47.54
C VAL A 372 -19.33 12.52 -47.70
N ILE A 373 -19.64 13.02 -48.89
CA ILE A 373 -20.99 13.47 -49.22
C ILE A 373 -21.50 12.65 -50.40
N PRO A 374 -22.52 11.82 -50.21
CA PRO A 374 -23.11 11.11 -51.34
C PRO A 374 -24.03 12.02 -52.13
N ASN A 375 -23.90 11.98 -53.45
CA ASN A 375 -24.68 12.82 -54.32
C ASN A 375 -26.04 12.17 -54.59
N ASP A 376 -26.81 12.77 -55.51
CA ASP A 376 -28.17 12.31 -55.78
C ASP A 376 -28.21 10.97 -56.50
N ARG A 377 -27.08 10.48 -57.00
CA ARG A 377 -27.07 9.21 -57.71
C ARG A 377 -27.40 8.06 -56.77
N LYS A 378 -28.22 7.13 -57.25
CA LYS A 378 -28.60 5.97 -56.45
C LYS A 378 -27.51 4.92 -56.51
N ILE A 379 -27.05 4.48 -55.35
CA ILE A 379 -25.97 3.51 -55.26
C ILE A 379 -26.52 2.11 -55.55
N ILE A 380 -25.76 1.33 -56.31
CA ILE A 380 -26.14 -0.03 -56.68
C ILE A 380 -25.09 -0.98 -56.14
N TRP A 381 -25.54 -1.95 -55.35
CA TRP A 381 -24.68 -2.92 -54.69
C TRP A 381 -24.51 -4.16 -55.55
N PRO A 382 -23.50 -5.00 -55.25
CA PRO A 382 -23.30 -6.21 -56.04
C PRO A 382 -24.53 -7.10 -56.00
N GLY A 383 -24.79 -7.77 -57.13
CA GLY A 383 -25.98 -8.56 -57.29
C GLY A 383 -27.18 -7.82 -57.80
N GLY A 384 -27.08 -6.49 -57.95
CA GLY A 384 -28.16 -5.68 -58.47
C GLY A 384 -29.15 -5.18 -57.45
N GLU A 385 -29.05 -5.62 -56.20
CA GLU A 385 -30.00 -5.20 -55.17
C GLU A 385 -29.69 -3.77 -54.73
N THR A 386 -30.72 -2.92 -54.75
CA THR A 386 -30.53 -1.53 -54.38
C THR A 386 -30.43 -1.35 -52.87
N GLU A 387 -31.11 -2.20 -52.09
CA GLU A 387 -31.04 -2.10 -50.64
C GLU A 387 -29.61 -2.35 -50.16
N LYS A 388 -29.17 -1.51 -49.23
CA LYS A 388 -27.80 -1.61 -48.73
C LYS A 388 -27.63 -2.86 -47.89
N PRO A 389 -26.78 -3.80 -48.27
CA PRO A 389 -26.60 -5.01 -47.46
C PRO A 389 -25.92 -4.70 -46.14
N ARG A 390 -26.19 -5.54 -45.14
CA ARG A 390 -25.57 -5.39 -43.85
C ARG A 390 -24.08 -5.74 -43.93
N GLY A 391 -23.35 -5.39 -42.88
CA GLY A 391 -21.91 -5.64 -42.87
C GLY A 391 -21.58 -7.13 -42.97
N TYR A 392 -22.33 -7.97 -42.27
CA TYR A 392 -22.06 -9.40 -42.25
C TYR A 392 -23.35 -10.12 -41.86
N GLN A 393 -23.25 -11.43 -41.70
CA GLN A 393 -24.33 -12.26 -41.21
C GLN A 393 -23.81 -13.16 -40.09
N MET A 394 -24.64 -13.38 -39.09
CA MET A 394 -24.23 -14.20 -37.96
C MET A 394 -24.21 -15.68 -38.36
N SER A 395 -23.15 -16.37 -37.97
CA SER A 395 -23.02 -17.81 -38.23
C SER A 395 -23.90 -18.54 -37.23
N THR A 396 -25.05 -19.05 -37.70
CA THR A 396 -25.96 -19.74 -36.80
C THR A 396 -25.35 -21.02 -36.25
N ARG A 397 -24.63 -21.77 -37.08
CA ARG A 397 -23.93 -22.95 -36.61
C ARG A 397 -22.69 -22.52 -35.83
N LEU A 398 -22.49 -23.13 -34.67
CA LEU A 398 -21.36 -22.79 -33.80
C LEU A 398 -20.55 -24.04 -33.50
N LYS A 399 -19.24 -23.86 -33.38
CA LYS A 399 -18.32 -24.95 -33.04
C LYS A 399 -17.92 -24.79 -31.58
N ILE A 400 -18.42 -25.68 -30.73
CA ILE A 400 -18.21 -25.61 -29.29
C ILE A 400 -17.10 -26.57 -28.91
N VAL A 401 -16.09 -26.05 -28.20
CA VAL A 401 -15.01 -26.86 -27.66
C VAL A 401 -15.31 -27.14 -26.20
N THR A 402 -14.96 -28.34 -25.73
CA THR A 402 -15.30 -28.73 -24.37
C THR A 402 -14.25 -29.68 -23.81
N ILE A 403 -13.78 -29.39 -22.60
CA ILE A 403 -12.89 -30.29 -21.89
C ILE A 403 -13.70 -31.38 -21.20
N HIS A 404 -13.02 -32.47 -20.85
CA HIS A 404 -13.63 -33.55 -20.07
C HIS A 404 -13.39 -33.27 -18.59
N GLN A 405 -14.42 -32.78 -17.91
CA GLN A 405 -14.39 -32.59 -16.47
C GLN A 405 -15.53 -33.39 -15.87
N GLU A 406 -15.24 -34.12 -14.79
CA GLU A 406 -16.18 -35.14 -14.33
C GLU A 406 -17.54 -34.57 -13.93
N PRO A 407 -17.65 -33.70 -12.92
CA PRO A 407 -19.00 -33.26 -12.50
C PRO A 407 -19.75 -32.49 -13.57
N PHE A 408 -19.05 -31.92 -14.54
CA PHE A 408 -19.65 -31.03 -15.52
C PHE A 408 -19.89 -31.70 -16.87
N VAL A 409 -18.85 -32.28 -17.47
CA VAL A 409 -18.92 -32.84 -18.81
C VAL A 409 -18.39 -34.27 -18.76
N TYR A 410 -19.29 -35.24 -18.61
CA TYR A 410 -18.94 -36.64 -18.80
C TYR A 410 -18.84 -36.93 -20.29
N VAL A 411 -17.73 -37.54 -20.70
CA VAL A 411 -17.56 -38.07 -22.05
C VAL A 411 -17.62 -39.58 -21.95
N LYS A 412 -18.45 -40.20 -22.78
CA LYS A 412 -18.52 -41.64 -22.74
C LYS A 412 -18.63 -42.20 -24.14
N PRO A 413 -18.01 -43.34 -24.41
CA PRO A 413 -18.09 -43.94 -25.73
C PRO A 413 -19.52 -44.31 -26.07
N THR A 414 -19.89 -44.14 -27.34
CA THR A 414 -21.18 -44.58 -27.81
C THR A 414 -21.11 -46.04 -28.25
N MET A 415 -22.18 -46.51 -28.90
CA MET A 415 -22.28 -47.89 -29.33
C MET A 415 -21.88 -48.01 -30.80
N SER A 416 -22.25 -49.14 -31.42
CA SER A 416 -21.89 -49.39 -32.81
C SER A 416 -22.54 -48.37 -33.75
N ASP A 417 -23.80 -48.03 -33.50
CA ASP A 417 -24.53 -47.13 -34.41
C ASP A 417 -24.27 -45.65 -34.15
N GLY A 418 -23.64 -45.31 -33.03
CA GLY A 418 -23.23 -43.94 -32.77
C GLY A 418 -24.11 -43.17 -31.81
N THR A 419 -25.29 -43.70 -31.45
CA THR A 419 -26.17 -43.04 -30.49
C THR A 419 -26.11 -43.78 -29.15
N CYS A 420 -25.45 -43.18 -28.16
CA CYS A 420 -25.17 -43.88 -26.92
C CYS A 420 -26.45 -44.18 -26.14
N LYS A 421 -26.33 -45.00 -25.10
CA LYS A 421 -27.47 -45.40 -24.29
C LYS A 421 -28.19 -44.20 -23.70
N GLU A 422 -29.52 -44.25 -23.74
CA GLU A 422 -30.36 -43.29 -23.05
C GLU A 422 -30.36 -43.61 -21.55
N GLU A 423 -30.16 -42.58 -20.74
CA GLU A 423 -30.07 -42.74 -19.30
C GLU A 423 -31.19 -41.95 -18.62
N PHE A 424 -31.31 -42.16 -17.31
CA PHE A 424 -32.26 -41.43 -16.50
C PHE A 424 -31.67 -41.20 -15.12
N THR A 425 -32.04 -40.08 -14.50
CA THR A 425 -31.56 -39.75 -13.17
C THR A 425 -32.44 -40.44 -12.13
N VAL A 426 -32.28 -40.03 -10.87
CA VAL A 426 -33.05 -40.64 -9.79
C VAL A 426 -34.54 -40.34 -9.97
N ASN A 427 -34.87 -39.15 -10.47
CA ASN A 427 -36.27 -38.76 -10.65
C ASN A 427 -36.87 -39.28 -11.95
N GLY A 428 -36.09 -39.95 -12.79
CA GLY A 428 -36.62 -40.53 -14.00
C GLY A 428 -36.89 -39.54 -15.10
N ASP A 429 -35.85 -38.87 -15.58
CA ASP A 429 -35.96 -37.93 -16.67
C ASP A 429 -34.90 -38.24 -17.73
N PRO A 430 -35.20 -37.97 -19.00
CA PRO A 430 -34.23 -38.28 -20.06
C PRO A 430 -33.01 -37.37 -19.96
N VAL A 431 -31.84 -37.97 -19.75
CA VAL A 431 -30.61 -37.21 -19.70
C VAL A 431 -30.24 -36.76 -21.11
N LYS A 432 -30.04 -35.46 -21.29
CA LYS A 432 -29.74 -34.91 -22.60
C LYS A 432 -28.26 -35.09 -22.90
N LYS A 433 -27.96 -35.78 -24.00
CA LYS A 433 -26.59 -36.04 -24.42
C LYS A 433 -26.41 -35.57 -25.85
N VAL A 434 -25.18 -35.17 -26.18
CA VAL A 434 -24.85 -34.70 -27.52
C VAL A 434 -23.69 -35.52 -28.05
N ILE A 435 -23.55 -35.55 -29.37
CA ILE A 435 -22.48 -36.29 -30.03
C ILE A 435 -21.29 -35.36 -30.14
N CYS A 436 -20.19 -35.69 -29.45
CA CYS A 436 -19.00 -34.86 -29.42
C CYS A 436 -17.81 -35.67 -29.90
N THR A 437 -17.09 -35.14 -30.88
CA THR A 437 -15.97 -35.85 -31.50
C THR A 437 -14.69 -35.42 -30.80
N GLY A 438 -14.05 -36.35 -30.09
CA GLY A 438 -12.88 -36.03 -29.32
C GLY A 438 -11.72 -36.97 -29.54
N PRO A 439 -10.54 -36.61 -29.04
CA PRO A 439 -9.38 -37.49 -29.18
C PRO A 439 -9.59 -38.82 -28.49
N ASN A 440 -8.99 -39.86 -29.07
CA ASN A 440 -9.22 -41.22 -28.58
C ASN A 440 -8.33 -41.54 -27.39
N ASP A 441 -7.03 -41.34 -27.53
CA ASP A 441 -6.06 -41.68 -26.49
C ASP A 441 -5.65 -40.42 -25.73
N THR A 442 -5.83 -40.43 -24.41
CA THR A 442 -5.41 -39.31 -23.60
C THR A 442 -3.90 -39.27 -23.38
N SER A 443 -3.24 -40.43 -23.42
CA SER A 443 -1.81 -40.47 -23.18
C SER A 443 -1.06 -39.78 -24.31
N PRO A 444 -0.09 -38.92 -24.00
CA PRO A 444 0.70 -38.27 -25.05
C PRO A 444 1.57 -39.28 -25.80
N GLY A 445 1.91 -38.92 -27.02
CA GLY A 445 2.72 -39.79 -27.86
C GLY A 445 1.94 -40.90 -28.54
N SER A 446 0.63 -40.76 -28.68
CA SER A 446 -0.21 -41.74 -29.32
C SER A 446 -1.04 -41.07 -30.42
N PRO A 447 -1.43 -41.82 -31.45
CA PRO A 447 -2.24 -41.22 -32.51
C PRO A 447 -3.63 -40.84 -32.04
N ARG A 448 -3.87 -39.54 -31.90
CA ARG A 448 -5.13 -39.04 -31.35
C ARG A 448 -6.19 -39.04 -32.45
N HIS A 449 -6.84 -40.19 -32.62
CA HIS A 449 -7.95 -40.29 -33.56
C HIS A 449 -9.16 -39.56 -33.01
N THR A 450 -9.88 -38.86 -33.88
CA THR A 450 -11.08 -38.12 -33.49
C THR A 450 -12.26 -39.08 -33.52
N VAL A 451 -12.46 -39.77 -32.40
CA VAL A 451 -13.57 -40.72 -32.28
C VAL A 451 -14.78 -39.96 -31.75
N PRO A 452 -15.97 -40.17 -32.31
CA PRO A 452 -17.18 -39.52 -31.78
C PRO A 452 -17.70 -40.25 -30.56
N GLN A 453 -17.47 -39.65 -29.38
CA GLN A 453 -18.10 -40.10 -28.15
C GLN A 453 -19.36 -39.27 -27.95
N CYS A 454 -19.98 -39.38 -26.78
CA CYS A 454 -21.11 -38.54 -26.46
C CYS A 454 -20.91 -37.89 -25.10
N CYS A 455 -21.25 -36.60 -25.03
CA CYS A 455 -21.03 -35.73 -23.90
C CYS A 455 -22.35 -35.44 -23.21
N TYR A 456 -22.33 -35.39 -21.88
CA TYR A 456 -23.51 -35.02 -21.13
C TYR A 456 -23.10 -34.48 -19.78
N GLY A 457 -23.95 -33.63 -19.21
CA GLY A 457 -23.73 -33.15 -17.87
C GLY A 457 -24.14 -31.71 -17.72
N PHE A 458 -23.51 -31.05 -16.73
CA PHE A 458 -23.85 -29.66 -16.40
C PHE A 458 -23.66 -28.75 -17.61
N CYS A 459 -22.44 -28.68 -18.12
CA CYS A 459 -22.15 -27.73 -19.20
C CYS A 459 -22.92 -28.07 -20.47
N ILE A 460 -23.11 -29.36 -20.76
CA ILE A 460 -23.87 -29.74 -21.94
C ILE A 460 -25.34 -29.32 -21.80
N ASP A 461 -25.90 -29.51 -20.61
CA ASP A 461 -27.28 -29.07 -20.38
C ASP A 461 -27.39 -27.56 -20.50
N LEU A 462 -26.41 -26.83 -19.97
CA LEU A 462 -26.42 -25.37 -20.10
C LEU A 462 -26.31 -24.95 -21.56
N LEU A 463 -25.46 -25.65 -22.32
CA LEU A 463 -25.32 -25.34 -23.74
C LEU A 463 -26.62 -25.59 -24.50
N ILE A 464 -27.31 -26.69 -24.18
CA ILE A 464 -28.59 -26.97 -24.83
C ILE A 464 -29.61 -25.89 -24.47
N LYS A 465 -29.63 -25.46 -23.21
CA LYS A 465 -30.53 -24.37 -22.82
C LYS A 465 -30.20 -23.10 -23.58
N LEU A 466 -28.91 -22.78 -23.73
CA LEU A 466 -28.51 -21.59 -24.46
C LEU A 466 -28.94 -21.68 -25.93
N ALA A 467 -28.75 -22.85 -26.55
CA ALA A 467 -29.19 -23.01 -27.92
C ALA A 467 -30.70 -22.89 -28.05
N ARG A 468 -31.43 -23.30 -27.02
CA ARG A 468 -32.89 -23.18 -27.06
C ARG A 468 -33.32 -21.72 -26.96
N THR A 469 -32.78 -20.98 -25.98
CA THR A 469 -33.26 -19.62 -25.74
C THR A 469 -32.92 -18.69 -26.91
N MET A 470 -31.71 -18.80 -27.44
CA MET A 470 -31.33 -18.12 -28.69
C MET A 470 -31.04 -19.21 -29.71
N ASN A 471 -31.90 -19.32 -30.72
CA ASN A 471 -31.88 -20.52 -31.56
C ASN A 471 -30.68 -20.49 -32.48
N PHE A 472 -29.62 -21.17 -32.06
CA PHE A 472 -28.45 -21.42 -32.90
C PHE A 472 -28.09 -22.90 -32.76
N THR A 473 -27.47 -23.44 -33.81
CA THR A 473 -27.08 -24.84 -33.84
C THR A 473 -25.63 -24.99 -33.40
N TYR A 474 -25.38 -26.00 -32.59
CA TYR A 474 -24.06 -26.25 -32.03
C TYR A 474 -23.49 -27.55 -32.57
N GLU A 475 -22.17 -27.69 -32.45
CA GLU A 475 -21.47 -28.91 -32.85
C GLU A 475 -20.29 -29.09 -31.91
N VAL A 476 -20.51 -29.86 -30.85
CA VAL A 476 -19.52 -30.01 -29.79
C VAL A 476 -18.37 -30.88 -30.28
N HIS A 477 -17.16 -30.50 -29.89
CA HIS A 477 -15.99 -31.33 -30.13
C HIS A 477 -14.99 -31.11 -29.00
N LEU A 478 -14.42 -32.20 -28.50
CA LEU A 478 -13.47 -32.09 -27.41
C LEU A 478 -12.18 -31.41 -27.88
N VAL A 479 -11.52 -30.74 -26.93
CA VAL A 479 -10.25 -30.11 -27.22
C VAL A 479 -9.21 -31.19 -27.54
N ALA A 480 -8.27 -30.85 -28.44
CA ALA A 480 -7.31 -31.84 -28.92
C ALA A 480 -6.43 -32.36 -27.80
N ASP A 481 -5.81 -31.46 -27.05
CA ASP A 481 -5.00 -31.83 -25.90
C ASP A 481 -5.75 -31.56 -24.61
N GLY A 482 -5.48 -32.38 -23.59
CA GLY A 482 -6.25 -32.33 -22.36
C GLY A 482 -6.07 -31.08 -21.53
N LYS A 483 -5.13 -30.21 -21.89
CA LYS A 483 -4.88 -29.01 -21.10
C LYS A 483 -6.03 -28.03 -21.22
N PHE A 484 -6.33 -27.36 -20.10
CA PHE A 484 -7.36 -26.32 -20.11
C PHE A 484 -6.94 -25.15 -20.99
N GLY A 485 -5.70 -24.69 -20.84
CA GLY A 485 -5.16 -23.66 -21.69
C GLY A 485 -4.47 -22.55 -20.94
N THR A 486 -3.18 -22.35 -21.22
CA THR A 486 -2.41 -21.27 -20.65
C THR A 486 -1.50 -20.70 -21.74
N GLN A 487 -1.07 -19.45 -21.54
CA GLN A 487 -0.13 -18.83 -22.46
C GLN A 487 1.25 -19.38 -22.17
N GLU A 488 1.76 -20.22 -23.06
CA GLU A 488 3.04 -20.88 -22.88
C GLU A 488 4.05 -20.40 -23.90
N ARG A 489 5.33 -20.46 -23.53
CA ARG A 489 6.42 -20.10 -24.41
C ARG A 489 6.85 -21.34 -25.19
N VAL A 490 6.48 -21.39 -26.46
CA VAL A 490 6.95 -22.47 -27.32
C VAL A 490 8.46 -22.39 -27.43
N ASN A 491 9.10 -23.54 -27.68
CA ASN A 491 10.56 -23.55 -27.77
C ASN A 491 11.07 -22.72 -28.93
N ASN A 492 10.20 -22.38 -29.89
CA ASN A 492 10.50 -21.31 -30.84
C ASN A 492 10.44 -19.99 -30.09
N SER A 493 11.58 -19.36 -29.92
CA SER A 493 11.69 -18.22 -29.02
C SER A 493 10.96 -16.99 -29.57
N ASN A 494 10.79 -16.01 -28.69
CA ASN A 494 10.16 -14.73 -29.02
C ASN A 494 8.72 -14.92 -29.53
N LYS A 495 7.98 -15.81 -28.87
CA LYS A 495 6.57 -15.98 -29.18
C LYS A 495 5.88 -16.72 -28.06
N LYS A 496 4.81 -16.14 -27.54
CA LYS A 496 3.92 -16.79 -26.58
C LYS A 496 2.67 -17.25 -27.31
N GLU A 497 2.22 -18.47 -27.01
CA GLU A 497 1.09 -19.07 -27.70
C GLU A 497 0.07 -19.56 -26.70
N TRP A 498 -1.21 -19.38 -27.02
CA TRP A 498 -2.30 -19.97 -26.28
C TRP A 498 -2.61 -21.34 -26.85
N ASN A 499 -2.83 -22.31 -25.98
CA ASN A 499 -3.11 -23.68 -26.39
C ASN A 499 -4.28 -24.19 -25.57
N GLY A 500 -4.56 -25.49 -25.70
CA GLY A 500 -5.73 -26.04 -25.04
C GLY A 500 -7.01 -25.45 -25.61
N MET A 501 -8.01 -25.34 -24.75
CA MET A 501 -9.28 -24.75 -25.17
C MET A 501 -9.10 -23.28 -25.53
N MET A 502 -8.25 -22.57 -24.79
CA MET A 502 -7.96 -21.18 -25.11
C MET A 502 -7.39 -21.05 -26.52
N GLY A 503 -6.42 -21.92 -26.85
CA GLY A 503 -5.84 -21.88 -28.18
C GLY A 503 -6.84 -22.27 -29.26
N GLU A 504 -7.68 -23.27 -28.98
CA GLU A 504 -8.67 -23.69 -29.96
C GLU A 504 -9.70 -22.61 -30.20
N LEU A 505 -9.98 -21.78 -29.20
CA LEU A 505 -10.91 -20.67 -29.40
C LEU A 505 -10.26 -19.50 -30.11
N LEU A 506 -9.01 -19.18 -29.74
CA LEU A 506 -8.34 -18.03 -30.34
C LEU A 506 -7.93 -18.28 -31.78
N SER A 507 -7.61 -19.52 -32.13
CA SER A 507 -7.17 -19.85 -33.48
C SER A 507 -8.31 -20.05 -34.45
N GLY A 508 -9.56 -19.91 -34.01
CA GLY A 508 -10.71 -20.05 -34.88
C GLY A 508 -11.25 -21.45 -35.03
N GLN A 509 -10.56 -22.46 -34.47
CA GLN A 509 -11.07 -23.82 -34.53
C GLN A 509 -12.37 -23.97 -33.77
N ALA A 510 -12.52 -23.21 -32.69
CA ALA A 510 -13.74 -23.22 -31.89
C ALA A 510 -14.48 -21.90 -32.04
N ASP A 511 -15.65 -21.82 -31.44
CA ASP A 511 -16.47 -20.61 -31.43
C ASP A 511 -16.93 -20.19 -30.04
N MET A 512 -17.01 -21.12 -29.09
CA MET A 512 -17.46 -20.82 -27.74
C MET A 512 -17.00 -21.95 -26.82
N ILE A 513 -16.43 -21.58 -25.69
CA ILE A 513 -15.86 -22.54 -24.75
C ILE A 513 -16.93 -22.79 -23.69
N VAL A 514 -17.75 -23.82 -23.91
CA VAL A 514 -18.75 -24.24 -22.91
C VAL A 514 -18.09 -25.32 -22.08
N ALA A 515 -17.44 -24.90 -21.00
CA ALA A 515 -16.68 -25.79 -20.13
C ALA A 515 -16.36 -25.06 -18.83
N PRO A 516 -15.95 -25.76 -17.78
CA PRO A 516 -15.56 -25.06 -16.54
C PRO A 516 -14.29 -24.25 -16.72
N LEU A 517 -14.38 -23.14 -17.45
CA LEU A 517 -13.24 -22.27 -17.71
C LEU A 517 -13.21 -21.18 -16.65
N THR A 518 -12.16 -21.18 -15.82
CA THR A 518 -12.03 -20.17 -14.78
C THR A 518 -11.83 -18.79 -15.38
N ILE A 519 -12.47 -17.80 -14.79
CA ILE A 519 -12.36 -16.42 -15.23
C ILE A 519 -11.19 -15.78 -14.49
N ASN A 520 -10.12 -15.45 -15.22
CA ASN A 520 -8.96 -14.80 -14.64
C ASN A 520 -8.50 -13.70 -15.58
N ASN A 521 -7.58 -12.87 -15.07
CA ASN A 521 -7.12 -11.71 -15.83
C ASN A 521 -6.37 -12.11 -17.09
N GLU A 522 -5.55 -13.15 -17.01
CA GLU A 522 -4.70 -13.51 -18.15
C GLU A 522 -5.53 -13.92 -19.36
N ARG A 523 -6.58 -14.72 -19.15
CA ARG A 523 -7.43 -15.11 -20.27
C ARG A 523 -8.35 -13.99 -20.72
N ALA A 524 -8.73 -13.09 -19.80
CA ALA A 524 -9.69 -12.05 -20.14
C ALA A 524 -9.12 -11.00 -21.08
N GLN A 525 -7.79 -10.89 -21.17
CA GLN A 525 -7.21 -9.89 -22.06
C GLN A 525 -7.41 -10.27 -23.52
N TYR A 526 -7.50 -11.56 -23.83
CA TYR A 526 -7.60 -12.03 -25.21
C TYR A 526 -9.00 -12.45 -25.60
N ILE A 527 -9.79 -12.99 -24.67
CA ILE A 527 -11.17 -13.37 -24.93
C ILE A 527 -12.05 -12.74 -23.86
N GLU A 528 -13.33 -12.62 -24.17
CA GLU A 528 -14.30 -12.06 -23.23
C GLU A 528 -15.15 -13.18 -22.64
N PHE A 529 -15.21 -13.21 -21.32
CA PHE A 529 -16.02 -14.17 -20.60
C PHE A 529 -17.43 -13.61 -20.38
N SER A 530 -18.39 -14.53 -20.32
CA SER A 530 -19.73 -14.16 -19.91
C SER A 530 -19.77 -14.00 -18.39
N LYS A 531 -20.94 -13.63 -17.87
CA LYS A 531 -21.10 -13.62 -16.42
C LYS A 531 -20.98 -15.05 -15.90
N PRO A 532 -20.38 -15.24 -14.73
CA PRO A 532 -20.14 -16.61 -14.24
C PRO A 532 -21.44 -17.38 -14.10
N PHE A 533 -21.41 -18.63 -14.55
CA PHE A 533 -22.53 -19.55 -14.35
C PHE A 533 -22.32 -20.49 -13.19
N LYS A 534 -21.19 -20.39 -12.50
CA LYS A 534 -20.92 -21.22 -11.33
C LYS A 534 -19.79 -20.57 -10.55
N TYR A 535 -20.06 -20.19 -9.30
CA TYR A 535 -19.06 -19.56 -8.45
C TYR A 535 -18.38 -20.61 -7.58
N GLN A 536 -17.06 -20.60 -7.58
CA GLN A 536 -16.30 -21.61 -6.87
C GLN A 536 -14.94 -21.02 -6.50
N GLY A 537 -14.01 -21.87 -6.11
CA GLY A 537 -12.66 -21.42 -5.80
C GLY A 537 -11.73 -22.60 -5.66
N LEU A 538 -10.44 -22.29 -5.56
CA LEU A 538 -9.45 -23.36 -5.41
C LEU A 538 -9.49 -23.94 -4.01
N THR A 539 -9.21 -25.23 -3.91
CA THR A 539 -9.23 -25.94 -2.65
C THR A 539 -8.39 -27.21 -2.80
N ILE A 540 -8.13 -27.84 -1.66
CA ILE A 540 -7.20 -28.97 -1.56
C ILE A 540 -8.01 -30.24 -1.30
N LEU A 541 -7.80 -31.25 -2.14
CA LEU A 541 -8.38 -32.57 -1.96
C LEU A 541 -7.29 -33.53 -1.53
N VAL A 542 -7.54 -34.30 -0.47
CA VAL A 542 -6.56 -35.23 0.08
C VAL A 542 -7.26 -36.55 0.34
N LYS A 543 -6.47 -37.56 0.69
CA LYS A 543 -6.99 -38.88 1.00
C LYS A 543 -7.42 -38.93 2.47
N LYS A 544 -8.69 -39.23 2.70
CA LYS A 544 -9.20 -39.38 4.06
C LYS A 544 -8.68 -40.68 4.64
N GLU A 545 -7.87 -40.61 5.70
CA GLU A 545 -7.26 -41.80 6.26
C GLU A 545 -8.36 -42.64 6.91
N ILE A 546 -8.55 -43.86 6.43
CA ILE A 546 -9.46 -44.76 7.15
C ILE A 546 -8.72 -45.33 8.36
N PRO A 547 -9.24 -45.16 9.58
CA PRO A 547 -8.53 -45.69 10.75
C PRO A 547 -8.46 -47.20 10.71
N ARG A 548 -7.35 -47.72 11.24
CA ARG A 548 -7.12 -49.15 11.35
C ARG A 548 -7.15 -49.54 12.82
N SER A 549 -7.90 -50.59 13.14
CA SER A 549 -8.10 -51.03 14.52
C SER A 549 -7.17 -52.20 14.80
N THR A 550 -6.12 -51.94 15.59
CA THR A 550 -5.25 -53.02 16.03
C THR A 550 -5.96 -53.88 17.07
N LEU A 551 -5.54 -55.14 17.17
CA LEU A 551 -6.20 -56.05 18.09
C LEU A 551 -5.81 -55.76 19.53
N ASP A 552 -4.62 -55.20 19.75
CA ASP A 552 -4.14 -54.83 21.07
C ASP A 552 -4.53 -53.39 21.44
N SER A 553 -5.61 -52.87 20.85
CA SER A 553 -6.00 -51.49 21.10
C SER A 553 -6.35 -51.26 22.57
N PHE A 554 -7.06 -52.21 23.19
CA PHE A 554 -7.47 -52.00 24.57
C PHE A 554 -6.32 -52.23 25.55
N MET A 555 -5.34 -53.07 25.19
CA MET A 555 -4.10 -53.13 25.97
C MET A 555 -3.16 -51.98 25.68
N GLN A 556 -3.43 -51.20 24.63
CA GLN A 556 -2.53 -50.10 24.29
C GLN A 556 -2.41 -49.04 25.38
N PRO A 557 -3.47 -48.63 26.09
CA PRO A 557 -3.30 -47.56 27.09
C PRO A 557 -2.23 -47.83 28.14
N PHE A 558 -2.00 -49.09 28.50
CA PHE A 558 -0.97 -49.45 29.46
C PHE A 558 0.19 -50.11 28.73
N GLN A 559 1.41 -49.63 29.01
CA GLN A 559 2.60 -50.27 28.47
C GLN A 559 2.73 -51.68 29.00
N SER A 560 3.30 -52.57 28.19
CA SER A 560 3.32 -54.00 28.52
C SER A 560 3.96 -54.25 29.88
N THR A 561 4.98 -53.46 30.24
CA THR A 561 5.57 -53.61 31.57
C THR A 561 4.56 -53.26 32.66
N LEU A 562 3.67 -52.29 32.40
CA LEU A 562 2.63 -51.97 33.38
C LEU A 562 1.64 -53.12 33.51
N TRP A 563 1.29 -53.77 32.39
CA TRP A 563 0.40 -54.93 32.46
C TRP A 563 1.04 -56.04 33.27
N LEU A 564 2.31 -56.32 33.01
CA LEU A 564 3.00 -57.36 33.79
C LEU A 564 3.07 -57.00 35.26
N LEU A 565 3.35 -55.72 35.57
CA LEU A 565 3.46 -55.31 36.96
C LEU A 565 2.13 -55.40 37.68
N VAL A 566 1.03 -55.00 37.03
CA VAL A 566 -0.27 -55.08 37.69
C VAL A 566 -0.70 -56.54 37.85
N GLY A 567 -0.37 -57.40 36.87
CA GLY A 567 -0.65 -58.81 37.02
C GLY A 567 0.09 -59.43 38.18
N LEU A 568 1.37 -59.07 38.35
CA LEU A 568 2.14 -59.56 39.49
C LEU A 568 1.60 -58.99 40.80
N SER A 569 1.18 -57.73 40.78
CA SER A 569 0.67 -57.08 41.98
C SER A 569 -0.60 -57.74 42.47
N VAL A 570 -1.49 -58.08 41.55
CA VAL A 570 -2.75 -58.74 41.92
C VAL A 570 -2.45 -59.99 42.73
N HIS A 571 -1.53 -60.82 42.25
CA HIS A 571 -1.24 -62.09 42.89
C HIS A 571 -0.44 -61.94 44.17
N VAL A 572 0.50 -61.00 44.23
CA VAL A 572 1.23 -60.83 45.50
C VAL A 572 0.29 -60.34 46.58
N VAL A 573 -0.61 -59.41 46.25
CA VAL A 573 -1.60 -58.97 47.21
C VAL A 573 -2.54 -60.11 47.59
N ALA A 574 -2.94 -60.92 46.61
CA ALA A 574 -3.85 -62.03 46.89
C ALA A 574 -3.23 -63.03 47.86
N VAL A 575 -1.98 -63.42 47.63
CA VAL A 575 -1.34 -64.36 48.54
C VAL A 575 -1.08 -63.73 49.90
N MET A 576 -0.79 -62.43 49.93
CA MET A 576 -0.50 -61.82 51.22
C MET A 576 -1.77 -61.63 52.05
N LEU A 577 -2.93 -61.48 51.41
CA LEU A 577 -4.19 -61.50 52.17
C LEU A 577 -4.31 -62.76 53.01
N TYR A 578 -4.15 -63.93 52.39
CA TYR A 578 -4.34 -65.15 53.16
C TYR A 578 -3.15 -65.45 54.06
N LEU A 579 -1.95 -64.96 53.71
CA LEU A 579 -0.83 -65.06 54.64
C LEU A 579 -1.11 -64.28 55.92
N LEU A 580 -1.69 -63.09 55.80
CA LEU A 580 -2.06 -62.30 56.97
C LEU A 580 -3.23 -62.94 57.71
N ASP A 581 -4.20 -63.47 56.98
CA ASP A 581 -5.44 -63.96 57.60
C ASP A 581 -5.23 -65.28 58.33
N ARG A 582 -4.46 -66.20 57.74
CA ARG A 582 -4.30 -67.52 58.33
C ARG A 582 -3.58 -67.46 59.67
N PHE A 583 -2.43 -66.78 59.71
CA PHE A 583 -1.64 -66.72 60.94
C PHE A 583 -2.11 -65.57 61.82
N SER A 584 -3.42 -65.50 62.08
CA SER A 584 -3.99 -64.40 62.84
C SER A 584 -4.50 -64.92 64.17
N PRO A 585 -3.97 -64.45 65.30
CA PRO A 585 -4.48 -64.90 66.60
C PRO A 585 -5.94 -64.59 66.83
N PHE A 586 -6.43 -63.47 66.29
CA PHE A 586 -7.83 -63.09 66.46
C PHE A 586 -8.75 -64.01 65.67
N LEU A 601 -10.02 -66.59 55.24
CA LEU A 601 -9.61 -66.48 53.84
C LEU A 601 -8.70 -67.64 53.45
N THR A 602 -9.16 -68.47 52.53
CA THR A 602 -8.34 -69.54 51.98
C THR A 602 -7.62 -69.02 50.74
N LEU A 603 -6.87 -69.90 50.07
CA LEU A 603 -6.17 -69.51 48.85
C LEU A 603 -7.15 -69.05 47.78
N SER A 604 -8.16 -69.89 47.49
CA SER A 604 -9.12 -69.55 46.45
C SER A 604 -9.90 -68.31 46.81
N SER A 605 -10.33 -68.18 48.07
CA SER A 605 -11.12 -67.02 48.48
C SER A 605 -10.31 -65.74 48.36
N ALA A 606 -9.05 -65.76 48.80
CA ALA A 606 -8.21 -64.57 48.70
C ALA A 606 -7.95 -64.19 47.25
N MET A 607 -7.61 -65.18 46.42
CA MET A 607 -7.36 -64.89 45.02
C MET A 607 -8.59 -64.32 44.34
N TRP A 608 -9.76 -64.90 44.62
CA TRP A 608 -11.00 -64.42 44.01
C TRP A 608 -11.36 -63.04 44.52
N PHE A 609 -11.15 -62.77 45.80
CA PHE A 609 -11.39 -61.43 46.32
C PHE A 609 -10.53 -60.40 45.59
N SER A 610 -9.24 -60.68 45.49
CA SER A 610 -8.34 -59.72 44.84
C SER A 610 -8.73 -59.49 43.37
N TRP A 611 -8.96 -60.58 42.64
CA TRP A 611 -9.27 -60.45 41.22
C TRP A 611 -10.62 -59.77 41.00
N GLY A 612 -11.63 -60.13 41.79
CA GLY A 612 -12.94 -59.52 41.64
C GLY A 612 -12.94 -58.06 42.01
N VAL A 613 -12.19 -57.68 43.04
CA VAL A 613 -12.07 -56.28 43.39
C VAL A 613 -11.38 -55.51 42.28
N LEU A 614 -10.35 -56.10 41.67
CA LEU A 614 -9.68 -55.42 40.55
C LEU A 614 -10.64 -55.25 39.38
N LEU A 615 -11.37 -56.30 39.02
CA LEU A 615 -12.23 -56.28 37.84
C LEU A 615 -13.65 -55.79 38.12
N ASN A 616 -14.00 -55.57 39.39
CA ASN A 616 -15.34 -55.14 39.78
C ASN A 616 -16.39 -56.13 39.29
N SER A 617 -16.31 -57.36 39.80
CA SER A 617 -17.22 -58.43 39.42
C SER A 617 -17.98 -59.03 40.59
N GLY A 618 -17.44 -58.98 41.81
CA GLY A 618 -18.14 -59.56 42.95
C GLY A 618 -18.16 -61.06 42.98
N ILE A 619 -17.22 -61.72 42.27
CA ILE A 619 -17.20 -63.18 42.22
C ILE A 619 -16.94 -63.75 43.60
N GLY A 620 -15.97 -63.20 44.31
CA GLY A 620 -15.63 -63.71 45.62
C GLY A 620 -16.23 -62.90 46.75
N GLU A 621 -17.28 -63.44 47.37
CA GLU A 621 -17.91 -62.77 48.50
C GLU A 621 -17.27 -63.21 49.82
N GLY A 622 -15.94 -63.15 49.86
CA GLY A 622 -15.20 -63.47 51.06
C GLY A 622 -14.35 -62.32 51.52
N ALA A 623 -14.73 -61.72 52.63
CA ALA A 623 -13.95 -60.59 53.11
C ALA A 623 -12.90 -61.05 54.12
N PRO A 624 -11.79 -60.34 54.20
CA PRO A 624 -10.76 -60.70 55.19
C PRO A 624 -11.28 -60.56 56.61
N ARG A 625 -10.71 -61.36 57.50
CA ARG A 625 -11.11 -61.35 58.91
C ARG A 625 -10.15 -60.60 59.81
N SER A 626 -8.85 -60.64 59.52
CA SER A 626 -7.88 -59.98 60.37
C SER A 626 -7.78 -58.51 60.03
N PHE A 627 -7.47 -57.69 61.05
CA PHE A 627 -7.48 -56.24 60.90
C PHE A 627 -6.49 -55.78 59.84
N SER A 628 -5.22 -56.21 59.96
CA SER A 628 -4.21 -55.82 58.98
C SER A 628 -4.64 -56.21 57.57
N ALA A 629 -5.25 -57.39 57.44
CA ALA A 629 -5.82 -57.77 56.15
C ALA A 629 -6.92 -56.80 55.73
N ARG A 630 -7.66 -56.23 56.68
CA ARG A 630 -8.68 -55.27 56.32
C ARG A 630 -8.07 -54.02 55.69
N ILE A 631 -7.06 -53.43 56.35
CA ILE A 631 -6.44 -52.24 55.75
C ILE A 631 -5.82 -52.58 54.41
N LEU A 632 -5.11 -53.72 54.34
CA LEU A 632 -4.44 -54.10 53.11
C LEU A 632 -5.44 -54.28 51.97
N GLY A 633 -6.53 -54.99 52.23
CA GLY A 633 -7.52 -55.23 51.19
C GLY A 633 -8.23 -53.97 50.75
N MET A 634 -8.56 -53.07 51.69
CA MET A 634 -9.24 -51.85 51.30
C MET A 634 -8.32 -50.93 50.50
N VAL A 635 -7.05 -50.82 50.89
CA VAL A 635 -6.17 -49.99 50.09
C VAL A 635 -5.91 -50.63 48.73
N TRP A 636 -5.89 -51.97 48.67
CA TRP A 636 -5.82 -52.64 47.37
C TRP A 636 -7.03 -52.31 46.53
N ALA A 637 -8.22 -52.24 47.15
CA ALA A 637 -9.41 -51.84 46.42
C ALA A 637 -9.28 -50.43 45.88
N GLY A 638 -8.75 -49.51 46.69
CA GLY A 638 -8.54 -48.15 46.22
C GLY A 638 -7.56 -48.09 45.06
N PHE A 639 -6.45 -48.83 45.16
CA PHE A 639 -5.47 -48.87 44.08
C PHE A 639 -6.07 -49.45 42.81
N ALA A 640 -6.88 -50.51 42.95
CA ALA A 640 -7.55 -51.08 41.79
C ALA A 640 -8.50 -50.08 41.15
N MET A 641 -9.23 -49.32 41.98
CA MET A 641 -10.11 -48.30 41.46
C MET A 641 -9.33 -47.25 40.67
N ILE A 642 -8.20 -46.79 41.21
CA ILE A 642 -7.43 -45.76 40.52
C ILE A 642 -6.85 -46.29 39.22
N ILE A 643 -6.37 -47.54 39.24
CA ILE A 643 -5.85 -48.14 38.00
C ILE A 643 -6.94 -48.25 36.95
N VAL A 644 -8.13 -48.71 37.36
CA VAL A 644 -9.24 -48.86 36.43
C VAL A 644 -9.65 -47.50 35.87
N ALA A 645 -9.70 -46.48 36.73
CA ALA A 645 -10.08 -45.14 36.27
C ALA A 645 -9.06 -44.59 35.29
N SER A 646 -7.77 -44.77 35.57
CA SER A 646 -6.74 -44.27 34.66
C SER A 646 -6.78 -45.01 33.33
N TYR A 647 -7.07 -46.31 33.36
CA TYR A 647 -7.24 -47.07 32.13
C TYR A 647 -8.45 -46.57 31.34
N THR A 648 -9.56 -46.33 32.02
CA THR A 648 -10.78 -45.87 31.38
C THR A 648 -10.61 -44.49 30.75
N ALA A 649 -9.87 -43.61 31.43
CA ALA A 649 -9.76 -42.23 30.96
C ALA A 649 -9.11 -42.12 29.59
N ASN A 650 -8.43 -43.16 29.13
CA ASN A 650 -7.80 -43.14 27.82
C ASN A 650 -8.14 -44.37 26.97
N LEU A 651 -8.98 -45.28 27.45
CA LEU A 651 -9.37 -46.43 26.64
C LEU A 651 -10.03 -45.99 25.34
N ALA A 652 -10.96 -45.04 25.42
CA ALA A 652 -11.64 -44.57 24.21
C ALA A 652 -10.68 -43.88 23.28
N ALA A 653 -9.77 -43.06 23.81
CA ALA A 653 -8.79 -42.37 22.97
C ALA A 653 -7.89 -43.35 22.25
N PHE A 654 -7.45 -44.41 22.93
CA PHE A 654 -6.57 -45.39 22.31
C PHE A 654 -7.33 -46.42 21.48
N LEU A 655 -8.66 -46.47 21.59
CA LEU A 655 -9.43 -47.38 20.77
C LEU A 655 -9.51 -46.91 19.32
N VAL A 656 -9.58 -45.61 19.10
CA VAL A 656 -9.59 -45.02 17.76
C VAL A 656 -8.32 -44.20 17.60
N LEU A 657 -7.43 -44.65 16.73
CA LEU A 657 -6.14 -44.01 16.54
C LEU A 657 -6.21 -43.04 15.36
N ASP A 658 -6.90 -41.93 15.60
CA ASP A 658 -7.07 -40.87 14.60
C ASP A 658 -6.42 -39.59 15.10
N ARG A 659 -5.59 -38.98 14.25
CA ARG A 659 -4.95 -37.71 14.54
C ARG A 659 -5.10 -36.79 13.34
N PRO A 660 -5.14 -35.46 13.56
CA PRO A 660 -5.26 -34.50 12.46
C PRO A 660 -3.92 -34.16 11.81
N GLU A 661 -3.13 -35.19 11.51
CA GLU A 661 -1.85 -34.96 10.84
C GLU A 661 -2.07 -34.58 9.38
N GLU A 662 -2.97 -35.27 8.69
CA GLU A 662 -3.25 -34.97 7.29
C GLU A 662 -4.15 -33.76 7.12
N ARG A 663 -4.81 -33.29 8.19
CA ARG A 663 -5.65 -32.12 8.09
C ARG A 663 -4.83 -30.90 7.67
N ILE A 664 -5.33 -30.18 6.68
CA ILE A 664 -4.62 -29.06 6.07
C ILE A 664 -5.42 -27.79 6.32
N THR A 665 -4.76 -26.77 6.86
CA THR A 665 -5.41 -25.49 7.15
C THR A 665 -5.18 -24.53 5.99
N GLY A 666 -5.76 -24.91 4.84
CA GLY A 666 -5.62 -24.09 3.65
C GLY A 666 -4.21 -24.14 3.09
N ILE A 667 -3.83 -23.07 2.39
CA ILE A 667 -2.49 -22.98 1.81
C ILE A 667 -1.49 -22.35 2.76
N ASN A 668 -1.93 -21.84 3.91
CA ASN A 668 -1.02 -21.23 4.86
C ASN A 668 -0.35 -22.24 5.78
N ASP A 669 -0.76 -23.50 5.73
CA ASP A 669 -0.14 -24.51 6.58
C ASP A 669 1.30 -24.77 6.12
N PRO A 670 2.21 -25.09 7.06
CA PRO A 670 3.61 -25.28 6.68
C PRO A 670 3.84 -26.41 5.70
N ARG A 671 3.06 -27.50 5.79
CA ARG A 671 3.28 -28.64 4.92
C ARG A 671 3.08 -28.29 3.45
N LEU A 672 2.24 -27.31 3.15
CA LEU A 672 2.16 -26.76 1.80
C LEU A 672 3.22 -25.70 1.57
N ARG A 673 3.49 -24.87 2.58
CA ARG A 673 4.47 -23.81 2.42
C ARG A 673 5.88 -24.36 2.30
N ASN A 674 6.22 -25.38 3.08
CA ASN A 674 7.56 -25.94 3.08
C ASN A 674 7.57 -27.23 2.28
N PRO A 675 8.17 -27.27 1.10
CA PRO A 675 8.21 -28.52 0.33
C PRO A 675 9.03 -29.59 1.02
N SER A 676 8.65 -30.84 0.78
CA SER A 676 9.37 -31.99 1.32
C SER A 676 9.26 -33.13 0.32
N ASP A 677 10.17 -34.10 0.46
CA ASP A 677 10.18 -35.24 -0.46
C ASP A 677 8.91 -36.09 -0.30
N LYS A 678 8.47 -36.32 0.93
CA LYS A 678 7.32 -37.19 1.16
C LYS A 678 6.02 -36.52 0.76
N PHE A 679 5.85 -35.25 1.12
CA PHE A 679 4.59 -34.53 0.86
C PHE A 679 4.55 -34.10 -0.59
N ILE A 680 4.06 -34.98 -1.45
CA ILE A 680 3.95 -34.71 -2.88
C ILE A 680 2.56 -34.13 -3.12
N TYR A 681 2.51 -32.83 -3.40
CA TYR A 681 1.28 -32.12 -3.71
C TYR A 681 1.36 -31.56 -5.12
N ALA A 682 0.23 -31.53 -5.82
CA ALA A 682 0.24 -31.19 -7.24
C ALA A 682 -1.10 -30.59 -7.65
N THR A 683 -1.18 -30.24 -8.94
CA THR A 683 -2.39 -29.74 -9.58
C THR A 683 -2.45 -30.35 -10.97
N VAL A 684 -3.39 -29.85 -11.78
CA VAL A 684 -3.41 -30.18 -13.20
C VAL A 684 -2.40 -29.28 -13.91
N LYS A 685 -1.50 -29.89 -14.69
CA LYS A 685 -0.53 -29.11 -15.44
C LYS A 685 -1.23 -28.23 -16.46
N GLN A 686 -0.75 -27.00 -16.59
CA GLN A 686 -1.19 -26.07 -17.62
C GLN A 686 -2.70 -25.81 -17.51
N SER A 687 -3.07 -25.16 -16.40
CA SER A 687 -4.45 -24.80 -16.15
C SER A 687 -4.48 -23.49 -15.39
N SER A 688 -5.69 -23.09 -14.97
CA SER A 688 -5.87 -21.79 -14.32
C SER A 688 -5.16 -21.74 -12.97
N VAL A 689 -5.20 -22.84 -12.21
CA VAL A 689 -4.53 -22.84 -10.91
C VAL A 689 -3.01 -22.72 -11.10
N ASP A 690 -2.48 -23.30 -12.17
CA ASP A 690 -1.06 -23.12 -12.48
C ASP A 690 -0.74 -21.66 -12.76
N ILE A 691 -1.62 -20.98 -13.51
CA ILE A 691 -1.43 -19.56 -13.77
C ILE A 691 -1.46 -18.77 -12.46
N TYR A 692 -2.41 -19.11 -11.57
CA TYR A 692 -2.51 -18.41 -10.30
C TYR A 692 -1.26 -18.60 -9.46
N PHE A 693 -0.72 -19.81 -9.42
CA PHE A 693 0.48 -20.06 -8.63
C PHE A 693 1.70 -19.39 -9.23
N ARG A 694 1.82 -19.39 -10.56
CA ARG A 694 2.94 -18.72 -11.21
C ARG A 694 2.88 -17.21 -10.99
N ARG A 695 1.68 -16.63 -11.09
CA ARG A 695 1.54 -15.18 -10.95
C ARG A 695 1.90 -14.70 -9.56
N GLN A 696 1.58 -15.49 -8.54
CA GLN A 696 1.84 -15.11 -7.16
C GLN A 696 3.34 -15.11 -6.91
N VAL A 697 3.93 -13.91 -6.86
CA VAL A 697 5.37 -13.79 -6.65
C VAL A 697 5.74 -14.27 -5.25
N GLU A 698 4.89 -14.02 -4.26
CA GLU A 698 5.17 -14.48 -2.90
C GLU A 698 5.11 -16.00 -2.79
N LEU A 699 4.21 -16.63 -3.54
CA LEU A 699 3.99 -18.07 -3.46
C LEU A 699 4.84 -18.86 -4.45
N SER A 700 5.83 -18.21 -5.09
CA SER A 700 6.68 -18.89 -6.04
C SER A 700 7.48 -20.03 -5.39
N THR A 701 7.71 -19.95 -4.08
CA THR A 701 8.35 -21.07 -3.39
C THR A 701 7.51 -22.33 -3.51
N MET A 702 6.18 -22.19 -3.44
CA MET A 702 5.30 -23.31 -3.77
C MET A 702 5.46 -23.73 -5.21
N TYR A 703 5.60 -22.77 -6.13
CA TYR A 703 5.58 -23.07 -7.55
C TYR A 703 6.72 -24.02 -7.92
N ARG A 704 7.89 -23.85 -7.29
CA ARG A 704 9.02 -24.72 -7.57
C ARG A 704 8.64 -26.18 -7.35
N HIS A 705 7.79 -26.44 -6.34
CA HIS A 705 7.31 -27.80 -6.14
C HIS A 705 6.26 -28.18 -7.18
N MET A 706 5.36 -27.24 -7.52
CA MET A 706 4.24 -27.58 -8.40
C MET A 706 4.76 -28.09 -9.75
N GLU A 707 5.74 -27.40 -10.33
CA GLU A 707 6.26 -27.81 -11.63
C GLU A 707 6.94 -29.17 -11.57
N LYS A 708 7.39 -29.61 -10.39
CA LYS A 708 8.04 -30.92 -10.32
C LYS A 708 7.05 -32.04 -10.56
N HIS A 709 5.87 -31.96 -9.95
CA HIS A 709 4.84 -32.98 -10.09
C HIS A 709 3.55 -32.33 -10.57
N ASN A 710 3.09 -32.73 -11.75
CA ASN A 710 1.85 -32.24 -12.30
C ASN A 710 1.23 -33.34 -13.15
N TYR A 711 -0.06 -33.23 -13.41
CA TYR A 711 -0.81 -34.29 -14.06
C TYR A 711 -1.50 -33.78 -15.31
N GLU A 712 -1.69 -34.69 -16.27
CA GLU A 712 -2.26 -34.31 -17.55
C GLU A 712 -3.70 -33.83 -17.41
N SER A 713 -4.48 -34.49 -16.56
CA SER A 713 -5.90 -34.18 -16.40
C SER A 713 -6.30 -34.33 -14.94
N ALA A 714 -7.50 -33.84 -14.63
CA ALA A 714 -8.00 -33.91 -13.25
C ALA A 714 -8.25 -35.34 -12.83
N ALA A 715 -8.75 -36.18 -13.73
CA ALA A 715 -9.05 -37.56 -13.38
C ALA A 715 -7.79 -38.30 -12.93
N GLU A 716 -6.67 -38.10 -13.66
CA GLU A 716 -5.43 -38.76 -13.27
C GLU A 716 -4.96 -38.28 -11.90
N ALA A 717 -5.08 -36.98 -11.63
CA ALA A 717 -4.64 -36.45 -10.35
C ALA A 717 -5.48 -37.00 -9.20
N ILE A 718 -6.81 -37.06 -9.37
CA ILE A 718 -7.64 -37.59 -8.29
C ILE A 718 -7.42 -39.09 -8.13
N GLN A 719 -7.16 -39.81 -9.21
CA GLN A 719 -6.83 -41.23 -9.08
C GLN A 719 -5.51 -41.41 -8.33
N ALA A 720 -4.52 -40.57 -8.62
CA ALA A 720 -3.25 -40.66 -7.91
C ALA A 720 -3.42 -40.34 -6.43
N VAL A 721 -4.26 -39.36 -6.10
CA VAL A 721 -4.53 -39.06 -4.70
C VAL A 721 -5.22 -40.24 -4.04
N ARG A 722 -6.15 -40.87 -4.75
CA ARG A 722 -6.86 -42.04 -4.22
C ARG A 722 -5.88 -43.19 -3.94
N ASP A 723 -4.95 -43.44 -4.86
CA ASP A 723 -3.99 -44.52 -4.71
C ASP A 723 -2.80 -44.14 -3.86
N ASN A 724 -2.91 -43.07 -3.07
CA ASN A 724 -1.90 -42.60 -2.14
C ASN A 724 -0.59 -42.21 -2.83
N LYS A 725 -0.56 -42.12 -4.15
CA LYS A 725 0.62 -41.59 -4.82
C LYS A 725 0.79 -40.11 -4.54
N LEU A 726 -0.30 -39.38 -4.39
CA LEU A 726 -0.29 -37.95 -4.15
C LEU A 726 -0.72 -37.66 -2.71
N HIS A 727 -0.22 -36.55 -2.17
CA HIS A 727 -0.59 -36.12 -0.84
C HIS A 727 -1.62 -34.99 -0.83
N ALA A 728 -1.69 -34.21 -1.91
CA ALA A 728 -2.67 -33.13 -1.99
C ALA A 728 -2.86 -32.75 -3.46
N PHE A 729 -4.10 -32.42 -3.81
CA PHE A 729 -4.45 -31.99 -5.15
C PHE A 729 -5.15 -30.64 -5.07
N ILE A 730 -4.62 -29.64 -5.77
CA ILE A 730 -5.17 -28.29 -5.76
C ILE A 730 -6.07 -28.17 -6.99
N TRP A 731 -7.36 -27.90 -6.77
CA TRP A 731 -8.29 -27.85 -7.90
C TRP A 731 -9.55 -27.09 -7.48
N ASP A 732 -10.46 -26.92 -8.44
CA ASP A 732 -11.64 -26.10 -8.23
C ASP A 732 -12.54 -26.70 -7.17
N SER A 733 -13.28 -25.81 -6.49
CA SER A 733 -14.15 -26.25 -5.40
C SER A 733 -15.25 -27.19 -5.91
N ALA A 734 -15.84 -26.88 -7.06
CA ALA A 734 -16.95 -27.67 -7.55
C ALA A 734 -16.52 -29.11 -7.84
N VAL A 735 -15.45 -29.27 -8.63
CA VAL A 735 -15.02 -30.61 -9.04
C VAL A 735 -14.56 -31.41 -7.83
N LEU A 736 -13.76 -30.80 -6.96
CA LEU A 736 -13.26 -31.51 -5.80
C LEU A 736 -14.38 -31.88 -4.84
N GLU A 737 -15.33 -30.97 -4.63
CA GLU A 737 -16.46 -31.27 -3.76
C GLU A 737 -17.31 -32.40 -4.31
N PHE A 738 -17.56 -32.41 -5.62
CA PHE A 738 -18.33 -33.50 -6.22
C PHE A 738 -17.58 -34.82 -6.10
N GLU A 739 -16.26 -34.80 -6.32
CA GLU A 739 -15.48 -36.03 -6.21
C GLU A 739 -15.50 -36.54 -4.77
N ALA A 740 -15.40 -35.64 -3.79
CA ALA A 740 -15.49 -36.06 -2.40
C ALA A 740 -16.86 -36.66 -2.10
N SER A 741 -17.91 -36.08 -2.67
CA SER A 741 -19.25 -36.60 -2.44
C SER A 741 -19.42 -38.00 -3.04
N GLN A 742 -18.90 -38.22 -4.25
CA GLN A 742 -19.10 -39.51 -4.90
C GLN A 742 -18.00 -40.50 -4.53
N LYS A 743 -16.76 -40.17 -4.83
CA LYS A 743 -15.66 -41.01 -4.37
C LYS A 743 -15.42 -40.75 -2.88
N CYS A 744 -15.98 -41.61 -2.04
CA CYS A 744 -16.24 -41.27 -0.64
C CYS A 744 -15.01 -41.33 0.25
N ASP A 745 -13.87 -41.83 -0.23
CA ASP A 745 -12.69 -42.01 0.61
C ASP A 745 -11.71 -40.86 0.53
N LEU A 746 -12.08 -39.75 -0.13
CA LEU A 746 -11.25 -38.56 -0.20
C LEU A 746 -12.01 -37.40 0.44
N VAL A 747 -11.27 -36.47 1.03
CA VAL A 747 -11.86 -35.35 1.75
C VAL A 747 -11.25 -34.04 1.24
N THR A 748 -12.09 -33.02 1.11
CA THR A 748 -11.65 -31.68 0.75
C THR A 748 -11.32 -30.92 2.04
N THR A 749 -10.04 -30.67 2.27
CA THR A 749 -9.58 -30.14 3.54
C THR A 749 -9.16 -28.67 3.48
N GLY A 750 -8.77 -28.17 2.32
CA GLY A 750 -8.23 -26.83 2.26
C GLY A 750 -9.28 -25.76 2.45
N GLU A 751 -8.88 -24.66 3.09
CA GLU A 751 -9.74 -23.49 3.18
C GLU A 751 -9.89 -22.86 1.81
N LEU A 752 -11.12 -22.44 1.50
CA LEU A 752 -11.41 -21.90 0.17
C LEU A 752 -10.60 -20.65 -0.10
N PHE A 753 -10.02 -20.57 -1.30
CA PHE A 753 -9.21 -19.43 -1.69
C PHE A 753 -9.28 -19.25 -3.19
N PHE A 754 -8.93 -18.05 -3.65
CA PHE A 754 -9.06 -17.65 -5.05
C PHE A 754 -10.48 -17.88 -5.55
N ARG A 755 -11.41 -17.16 -4.95
CA ARG A 755 -12.81 -17.26 -5.36
C ARG A 755 -12.98 -16.65 -6.74
N SER A 756 -13.52 -17.43 -7.67
CA SER A 756 -13.75 -17.00 -9.04
C SER A 756 -15.00 -17.71 -9.55
N GLY A 757 -15.20 -17.69 -10.85
CA GLY A 757 -16.37 -18.32 -11.43
C GLY A 757 -16.07 -18.86 -12.82
N PHE A 758 -16.77 -19.92 -13.18
CA PHE A 758 -16.67 -20.48 -14.51
C PHE A 758 -17.43 -19.60 -15.51
N GLY A 759 -16.79 -19.29 -16.61
CA GLY A 759 -17.41 -18.44 -17.62
C GLY A 759 -17.39 -19.11 -18.98
N ILE A 760 -18.43 -18.82 -19.75
CA ILE A 760 -18.58 -19.36 -21.10
C ILE A 760 -17.85 -18.39 -22.03
N GLY A 761 -16.56 -18.65 -22.23
CA GLY A 761 -15.73 -17.72 -23.00
C GLY A 761 -16.04 -17.79 -24.48
N MET A 762 -15.99 -16.63 -25.12
CA MET A 762 -16.14 -16.53 -26.57
C MET A 762 -15.02 -15.70 -27.16
N ARG A 763 -15.09 -15.40 -28.45
CA ARG A 763 -14.07 -14.57 -29.07
C ARG A 763 -14.18 -13.14 -28.57
N LYS A 764 -13.14 -12.35 -28.85
CA LYS A 764 -13.09 -10.98 -28.33
C LYS A 764 -14.26 -10.15 -28.85
N ASP A 765 -14.60 -10.29 -30.12
CA ASP A 765 -15.75 -9.61 -30.71
C ASP A 765 -16.78 -10.65 -31.20
N SER A 766 -17.59 -11.12 -30.27
CA SER A 766 -18.61 -12.12 -30.55
C SER A 766 -19.98 -11.49 -30.39
N PRO A 767 -20.88 -11.66 -31.36
CA PRO A 767 -22.22 -11.06 -31.23
C PRO A 767 -23.02 -11.62 -30.08
N TRP A 768 -22.69 -12.81 -29.59
CA TRP A 768 -23.50 -13.47 -28.57
C TRP A 768 -23.15 -13.06 -27.15
N LYS A 769 -22.10 -12.25 -26.96
CA LYS A 769 -21.61 -11.98 -25.60
C LYS A 769 -22.70 -11.39 -24.72
N GLN A 770 -23.35 -10.32 -25.19
CA GLN A 770 -24.40 -9.71 -24.39
C GLN A 770 -25.57 -10.66 -24.19
N ASN A 771 -25.98 -11.37 -25.24
CA ASN A 771 -27.14 -12.24 -25.11
C ASN A 771 -26.84 -13.47 -24.28
N VAL A 772 -25.64 -14.04 -24.42
CA VAL A 772 -25.31 -15.20 -23.60
C VAL A 772 -25.16 -14.80 -22.14
N SER A 773 -24.61 -13.61 -21.88
CA SER A 773 -24.51 -13.14 -20.51
C SER A 773 -25.89 -12.90 -19.91
N LEU A 774 -26.79 -12.30 -20.68
CA LEU A 774 -28.16 -12.08 -20.22
C LEU A 774 -28.87 -13.40 -19.96
N SER A 775 -28.66 -14.39 -20.84
CA SER A 775 -29.29 -15.69 -20.63
C SER A 775 -28.76 -16.37 -19.38
N ILE A 776 -27.45 -16.29 -19.13
CA ILE A 776 -26.90 -16.87 -17.92
C ILE A 776 -27.46 -16.18 -16.68
N LEU A 777 -27.56 -14.85 -16.71
CA LEU A 777 -28.12 -14.12 -15.58
C LEU A 777 -29.58 -14.49 -15.35
N LYS A 778 -30.35 -14.63 -16.43
CA LYS A 778 -31.74 -15.01 -16.32
C LYS A 778 -31.89 -16.41 -15.74
N SER A 779 -31.05 -17.35 -16.18
CA SER A 779 -31.08 -18.69 -15.63
C SER A 779 -30.71 -18.69 -14.16
N HIS A 780 -29.75 -17.85 -13.77
CA HIS A 780 -29.40 -17.73 -12.36
C HIS A 780 -30.59 -17.21 -11.55
N GLU A 781 -31.28 -16.20 -12.08
CA GLU A 781 -32.32 -15.53 -11.30
C GLU A 781 -33.49 -16.46 -11.01
N ASN A 782 -33.93 -17.24 -12.00
CA ASN A 782 -34.97 -18.22 -11.76
C ASN A 782 -34.33 -19.53 -11.31
N GLY A 783 -35.12 -20.59 -11.24
CA GLY A 783 -34.61 -21.86 -10.73
C GLY A 783 -34.09 -22.79 -11.81
N PHE A 784 -33.03 -22.39 -12.51
CA PHE A 784 -32.39 -23.25 -13.49
C PHE A 784 -31.01 -23.71 -13.06
N MET A 785 -30.12 -22.78 -12.71
CA MET A 785 -28.82 -23.18 -12.20
C MET A 785 -28.95 -24.00 -10.93
N GLU A 786 -29.96 -23.68 -10.11
CA GLU A 786 -30.24 -24.51 -8.93
C GLU A 786 -30.64 -25.92 -9.35
N ASP A 787 -31.44 -26.05 -10.41
CA ASP A 787 -31.81 -27.37 -10.91
C ASP A 787 -30.58 -28.13 -11.39
N LEU A 788 -29.69 -27.46 -12.11
CA LEU A 788 -28.48 -28.13 -12.59
C LEU A 788 -27.60 -28.58 -11.43
N ASP A 789 -27.46 -27.73 -10.40
CA ASP A 789 -26.71 -28.13 -9.22
C ASP A 789 -27.35 -29.33 -8.55
N LYS A 790 -28.68 -29.32 -8.43
CA LYS A 790 -29.36 -30.44 -7.77
C LYS A 790 -29.18 -31.74 -8.54
N THR A 791 -29.28 -31.68 -9.87
CA THR A 791 -29.23 -32.90 -10.67
C THR A 791 -27.82 -33.32 -11.07
N TRP A 792 -26.80 -32.51 -10.80
CA TRP A 792 -25.46 -32.87 -11.26
C TRP A 792 -24.40 -32.78 -10.15
N VAL A 793 -24.62 -31.93 -9.16
CA VAL A 793 -23.61 -31.65 -8.13
C VAL A 793 -24.13 -31.97 -6.74
N ARG A 794 -25.35 -31.55 -6.43
CA ARG A 794 -25.85 -31.66 -5.05
C ARG A 794 -26.02 -33.10 -4.60
N TYR A 795 -26.36 -34.01 -5.52
CA TYR A 795 -26.60 -35.38 -5.13
C TYR A 795 -25.31 -36.03 -4.62
N GLN A 796 -25.46 -36.94 -3.66
CA GLN A 796 -24.33 -37.63 -3.08
C GLN A 796 -24.78 -38.97 -2.53
N GLU A 797 -23.82 -39.85 -2.27
CA GLU A 797 -24.09 -41.14 -1.67
C GLU A 797 -23.62 -41.23 -0.22
N CYS A 798 -22.47 -40.63 0.09
CA CYS A 798 -22.03 -40.49 1.47
C CYS A 798 -21.11 -39.29 1.57
N ASP A 799 -21.12 -38.63 2.71
CA ASP A 799 -20.26 -37.49 2.95
C ASP A 799 -19.33 -37.66 4.14
N SER A 800 -19.75 -38.38 5.19
CA SER A 800 -18.96 -38.57 6.40
C SER A 800 -18.58 -37.24 7.04
N ARG A 801 -19.49 -36.26 6.95
CA ARG A 801 -19.28 -34.94 7.52
C ARG A 801 -20.03 -34.86 8.84
N SER A 802 -19.28 -34.99 9.94
CA SER A 802 -19.88 -34.92 11.28
C SER A 802 -18.77 -34.61 12.27
N ASN A 803 -18.92 -33.52 13.02
CA ASN A 803 -17.92 -33.13 14.01
C ASN A 803 -18.09 -33.84 15.34
N ALA A 804 -19.12 -34.68 15.48
CA ALA A 804 -19.31 -35.44 16.69
C ALA A 804 -18.22 -36.51 16.82
N PRO A 805 -17.95 -36.98 18.03
CA PRO A 805 -16.95 -38.05 18.19
C PRO A 805 -17.35 -39.29 17.41
N ALA A 806 -16.33 -39.99 16.90
CA ALA A 806 -16.57 -41.12 16.01
C ALA A 806 -17.36 -42.21 16.70
N THR A 807 -18.38 -42.71 16.02
CA THR A 807 -19.17 -43.82 16.54
C THR A 807 -18.35 -45.12 16.48
N LEU A 808 -18.39 -45.88 17.56
CA LEU A 808 -17.69 -47.16 17.60
C LEU A 808 -18.33 -48.13 16.63
N THR A 809 -17.50 -48.87 15.90
CA THR A 809 -17.95 -49.79 14.87
C THR A 809 -17.48 -51.21 15.19
N PHE A 810 -18.02 -52.16 14.44
CA PHE A 810 -17.67 -53.57 14.66
C PHE A 810 -16.19 -53.81 14.40
N GLU A 811 -15.68 -53.29 13.29
CA GLU A 811 -14.26 -53.48 12.98
C GLU A 811 -13.36 -52.73 13.96
N ASN A 812 -13.89 -51.73 14.67
CA ASN A 812 -13.07 -50.93 15.57
C ASN A 812 -12.72 -51.70 16.84
N MET A 813 -13.65 -52.50 17.37
CA MET A 813 -13.46 -53.19 18.64
C MET A 813 -13.57 -54.70 18.48
N ALA A 814 -13.10 -55.23 17.34
CA ALA A 814 -13.07 -56.67 17.16
C ALA A 814 -12.13 -57.34 18.17
N GLY A 815 -11.17 -56.60 18.71
CA GLY A 815 -10.25 -57.17 19.67
C GLY A 815 -10.94 -57.64 20.93
N VAL A 816 -11.93 -56.88 21.41
CA VAL A 816 -12.65 -57.26 22.62
C VAL A 816 -13.39 -58.58 22.41
N PHE A 817 -14.08 -58.71 21.28
CA PHE A 817 -14.82 -59.92 21.00
C PHE A 817 -13.88 -61.11 20.81
N MET A 818 -12.73 -60.89 20.16
CA MET A 818 -11.78 -61.99 20.03
C MET A 818 -11.16 -62.35 21.38
N LEU A 819 -10.99 -61.39 22.28
CA LEU A 819 -10.52 -61.71 23.63
C LEU A 819 -11.56 -62.55 24.37
N VAL A 820 -12.84 -62.22 24.22
CA VAL A 820 -13.88 -63.03 24.84
C VAL A 820 -13.91 -64.44 24.25
N ALA A 821 -13.72 -64.54 22.92
CA ALA A 821 -13.65 -65.86 22.29
C ALA A 821 -12.44 -66.65 22.79
N GLY A 822 -11.30 -65.98 22.99
CA GLY A 822 -10.15 -66.63 23.57
C GLY A 822 -10.42 -67.10 24.98
N GLY A 823 -11.17 -66.31 25.75
CA GLY A 823 -11.61 -66.78 27.05
C GLY A 823 -12.47 -68.02 26.96
N ILE A 824 -13.36 -68.07 25.97
CA ILE A 824 -14.17 -69.26 25.74
C ILE A 824 -13.28 -70.48 25.47
N VAL A 825 -12.34 -70.33 24.54
CA VAL A 825 -11.52 -71.46 24.11
C VAL A 825 -10.44 -71.81 25.12
N ALA A 826 -10.16 -70.94 26.09
CA ALA A 826 -9.30 -71.29 27.20
C ALA A 826 -10.08 -71.98 28.31
N GLY A 827 -11.31 -71.52 28.58
CA GLY A 827 -12.13 -72.19 29.58
C GLY A 827 -12.56 -73.58 29.15
N ILE A 828 -12.71 -73.80 27.84
CA ILE A 828 -13.07 -75.13 27.37
C ILE A 828 -11.97 -76.14 27.71
N PHE A 829 -10.71 -75.69 27.76
CA PHE A 829 -9.63 -76.53 28.26
C PHE A 829 -9.57 -76.53 29.78
N LEU A 830 -9.90 -75.40 30.40
CA LEU A 830 -9.86 -75.31 31.85
C LEU A 830 -10.85 -76.27 32.51
N ILE A 831 -11.94 -76.60 31.81
CA ILE A 831 -12.85 -77.63 32.33
C ILE A 831 -12.09 -78.95 32.50
N PHE A 832 -11.33 -79.34 31.49
CA PHE A 832 -10.56 -80.59 31.57
C PHE A 832 -9.44 -80.49 32.59
N ILE A 833 -8.80 -79.32 32.70
CA ILE A 833 -7.81 -79.13 33.76
C ILE A 833 -8.46 -79.31 35.13
N GLU A 834 -9.66 -78.77 35.31
CA GLU A 834 -10.35 -78.87 36.59
C GLU A 834 -10.74 -80.31 36.91
N ILE A 835 -11.27 -81.06 35.94
CA ILE A 835 -11.64 -82.44 36.22
C ILE A 835 -10.38 -83.28 36.51
N ALA A 836 -9.29 -82.99 35.79
CA ALA A 836 -8.03 -83.67 36.08
C ALA A 836 -7.54 -83.36 37.48
N TYR A 837 -7.67 -82.10 37.92
CA TYR A 837 -7.32 -81.74 39.29
C TYR A 837 -8.20 -82.47 40.29
N LYS A 838 -9.49 -82.62 39.96
CA LYS A 838 -10.39 -83.37 40.83
C LYS A 838 -9.99 -84.84 40.92
N ARG A 839 -9.42 -85.39 39.84
CA ARG A 839 -8.99 -86.78 39.87
C ARG A 839 -7.93 -87.00 40.93
N HIS A 840 -6.99 -86.07 41.05
CA HIS A 840 -5.93 -86.17 42.06
C HIS A 840 -6.43 -85.73 43.42
N PRO B 32 35.67 -21.84 -64.24
CA PRO B 32 34.75 -20.91 -63.57
C PRO B 32 35.47 -19.74 -62.91
N ALA B 33 35.54 -18.61 -63.63
CA ALA B 33 36.22 -17.42 -63.13
C ALA B 33 35.19 -16.50 -62.48
N LEU B 34 35.41 -16.16 -61.21
CA LEU B 34 34.53 -15.27 -60.46
C LEU B 34 35.24 -13.92 -60.32
N ASN B 35 34.58 -12.86 -60.77
CA ASN B 35 35.12 -11.51 -60.69
C ASN B 35 34.42 -10.75 -59.57
N ILE B 36 35.19 -10.21 -58.63
CA ILE B 36 34.68 -9.42 -57.52
C ILE B 36 35.50 -8.15 -57.43
N ALA B 37 34.81 -7.02 -57.23
CA ALA B 37 35.46 -5.73 -57.09
C ALA B 37 35.28 -5.23 -55.67
N VAL B 38 36.29 -4.50 -55.18
CA VAL B 38 36.26 -3.90 -53.86
C VAL B 38 36.54 -2.41 -54.03
N LEU B 39 35.64 -1.59 -53.49
CA LEU B 39 35.75 -0.14 -53.58
C LEU B 39 35.90 0.44 -52.18
N LEU B 40 36.86 1.35 -52.01
CA LEU B 40 37.11 1.98 -50.73
C LEU B 40 37.52 3.43 -50.97
N GLY B 41 37.44 4.22 -49.90
CA GLY B 41 37.85 5.61 -49.97
C GLY B 41 39.32 5.80 -49.66
N HIS B 42 39.87 6.92 -50.14
CA HIS B 42 41.27 7.22 -49.90
C HIS B 42 41.57 7.50 -48.43
N SER B 43 40.55 7.83 -47.63
CA SER B 43 40.78 8.08 -46.21
C SER B 43 41.30 6.84 -45.50
N HIS B 44 40.86 5.66 -45.93
CA HIS B 44 41.37 4.42 -45.37
C HIS B 44 42.82 4.22 -45.75
N ASP B 45 43.65 3.83 -44.79
CA ASP B 45 45.08 3.63 -45.05
C ASP B 45 45.33 2.24 -45.62
N VAL B 46 44.61 1.89 -46.68
CA VAL B 46 44.75 0.60 -47.35
C VAL B 46 45.05 0.85 -48.82
N THR B 47 46.08 0.18 -49.33
CA THR B 47 46.44 0.27 -50.74
C THR B 47 45.88 -0.92 -51.51
N GLU B 48 45.87 -0.78 -52.84
CA GLU B 48 45.32 -1.84 -53.68
C GLU B 48 46.14 -3.13 -53.57
N ARG B 49 47.44 -3.01 -53.31
CA ARG B 49 48.28 -4.20 -53.25
C ARG B 49 47.84 -5.13 -52.11
N GLU B 50 47.73 -4.59 -50.90
CA GLU B 50 47.29 -5.43 -49.78
C GLU B 50 45.82 -5.80 -49.90
N LEU B 51 45.03 -4.95 -50.56
CA LEU B 51 43.64 -5.29 -50.82
C LEU B 51 43.53 -6.54 -51.66
N ARG B 52 44.37 -6.66 -52.70
CA ARG B 52 44.40 -7.89 -53.48
C ARG B 52 45.01 -9.03 -52.69
N ASN B 53 46.07 -8.75 -51.91
CA ASN B 53 46.73 -9.78 -51.14
C ASN B 53 45.84 -10.39 -50.07
N LEU B 54 44.78 -9.68 -49.67
CA LEU B 54 43.83 -10.25 -48.72
C LEU B 54 43.23 -11.55 -49.24
N TRP B 55 43.16 -11.72 -50.56
CA TRP B 55 42.70 -12.95 -51.17
C TRP B 55 43.85 -13.73 -51.80
N GLY B 56 45.05 -13.57 -51.27
CA GLY B 56 46.23 -14.20 -51.82
C GLY B 56 46.20 -15.72 -51.71
N PRO B 57 46.31 -16.24 -50.49
CA PRO B 57 46.27 -17.70 -50.31
C PRO B 57 44.85 -18.23 -50.52
N GLU B 58 44.73 -19.24 -51.37
CA GLU B 58 43.45 -19.86 -51.64
C GLU B 58 43.03 -20.75 -50.48
N GLN B 59 41.75 -20.67 -50.11
CA GLN B 59 41.23 -21.47 -49.01
C GLN B 59 41.11 -22.95 -49.36
N ALA B 60 41.19 -23.30 -50.65
CA ALA B 60 41.12 -24.68 -51.11
C ALA B 60 39.82 -25.36 -50.73
N THR B 61 38.77 -24.58 -50.48
CA THR B 61 37.45 -25.13 -50.16
C THR B 61 36.34 -24.62 -51.06
N GLY B 62 36.61 -23.63 -51.91
CA GLY B 62 35.59 -23.07 -52.78
C GLY B 62 35.78 -23.52 -54.21
N LEU B 63 34.67 -23.88 -54.86
CA LEU B 63 34.72 -24.28 -56.26
C LEU B 63 35.24 -23.18 -57.18
N PRO B 64 34.78 -21.92 -57.09
CA PRO B 64 35.37 -20.88 -57.94
C PRO B 64 36.77 -20.49 -57.48
N LEU B 65 37.75 -21.34 -57.81
CA LEU B 65 39.12 -21.08 -57.37
C LEU B 65 39.67 -19.80 -57.97
N ASP B 66 39.38 -19.54 -59.25
CA ASP B 66 39.88 -18.35 -59.94
C ASP B 66 39.01 -17.16 -59.55
N VAL B 67 39.50 -16.36 -58.60
CA VAL B 67 38.83 -15.14 -58.16
C VAL B 67 39.82 -14.01 -58.25
N ASN B 68 39.51 -12.99 -59.04
CA ASN B 68 40.38 -11.82 -59.23
C ASN B 68 39.71 -10.64 -58.54
N VAL B 69 40.17 -10.33 -57.33
CA VAL B 69 39.64 -9.19 -56.58
C VAL B 69 40.12 -7.91 -57.25
N VAL B 70 39.20 -7.19 -57.89
CA VAL B 70 39.55 -5.96 -58.57
C VAL B 70 39.50 -4.81 -57.58
N ALA B 71 40.62 -4.57 -56.90
CA ALA B 71 40.69 -3.49 -55.92
C ALA B 71 40.73 -2.14 -56.62
N LEU B 72 39.96 -1.19 -56.11
CA LEU B 72 39.95 0.16 -56.67
C LEU B 72 39.55 1.14 -55.58
N LEU B 73 40.12 2.33 -55.63
CA LEU B 73 39.81 3.41 -54.70
C LEU B 73 39.14 4.56 -55.43
N MET B 74 38.24 5.23 -54.74
CA MET B 74 37.52 6.38 -55.28
C MET B 74 37.81 7.62 -54.46
N ASN B 75 38.05 8.74 -55.14
CA ASN B 75 38.38 9.97 -54.42
C ASN B 75 37.22 10.44 -53.54
N ARG B 76 36.00 10.37 -54.05
CA ARG B 76 34.81 10.73 -53.30
C ARG B 76 33.62 10.01 -53.90
N THR B 77 32.54 9.95 -53.13
CA THR B 77 31.32 9.24 -53.52
C THR B 77 30.25 10.26 -53.88
N ASP B 78 29.98 10.38 -55.17
CA ASP B 78 28.91 11.22 -55.70
C ASP B 78 28.04 10.39 -56.61
N PRO B 79 26.74 10.72 -56.71
CA PRO B 79 25.84 9.87 -57.52
C PRO B 79 26.33 9.61 -58.93
N LYS B 80 26.66 10.66 -59.69
CA LYS B 80 27.18 10.45 -61.04
C LYS B 80 28.50 9.70 -61.01
N SER B 81 29.41 10.10 -60.11
CA SER B 81 30.72 9.45 -60.04
C SER B 81 30.58 7.99 -59.62
N LEU B 82 29.76 7.72 -58.60
CA LEU B 82 29.58 6.35 -58.14
C LEU B 82 28.94 5.48 -59.22
N ILE B 83 27.93 6.01 -59.90
CA ILE B 83 27.26 5.26 -60.96
C ILE B 83 28.23 4.95 -62.09
N THR B 84 29.01 5.95 -62.50
CA THR B 84 29.98 5.74 -63.57
C THR B 84 31.03 4.71 -63.17
N HIS B 85 31.53 4.79 -61.94
CA HIS B 85 32.54 3.84 -61.49
C HIS B 85 32.00 2.42 -61.48
N VAL B 86 30.81 2.23 -60.92
CA VAL B 86 30.24 0.88 -60.84
C VAL B 86 29.92 0.35 -62.24
N CYS B 87 29.38 1.19 -63.11
CA CYS B 87 29.07 0.74 -64.47
C CYS B 87 30.34 0.39 -65.24
N ASP B 88 31.40 1.19 -65.10
CA ASP B 88 32.66 0.86 -65.74
C ASP B 88 33.21 -0.46 -65.22
N LEU B 89 33.13 -0.67 -63.90
CA LEU B 89 33.62 -1.93 -63.34
C LEU B 89 32.83 -3.12 -63.87
N MET B 90 31.51 -2.97 -64.00
CA MET B 90 30.69 -4.09 -64.45
C MET B 90 30.88 -4.35 -65.94
N SER B 91 31.02 -3.30 -66.75
CA SER B 91 31.21 -3.48 -68.18
C SER B 91 32.58 -4.08 -68.48
N GLY B 92 33.63 -3.52 -67.88
CA GLY B 92 34.98 -3.97 -68.16
C GLY B 92 35.36 -5.26 -67.46
N ALA B 93 35.38 -5.23 -66.14
CA ALA B 93 35.83 -6.38 -65.36
C ALA B 93 34.81 -7.50 -65.30
N ARG B 94 33.57 -7.26 -65.70
CA ARG B 94 32.50 -8.25 -65.64
C ARG B 94 32.36 -8.82 -64.22
N ILE B 95 32.20 -7.91 -63.27
CA ILE B 95 32.19 -8.29 -61.86
C ILE B 95 30.89 -9.01 -61.51
N HIS B 96 31.01 -10.10 -60.76
CA HIS B 96 29.86 -10.84 -60.24
C HIS B 96 29.49 -10.40 -58.83
N GLY B 97 30.10 -9.34 -58.32
CA GLY B 97 29.78 -8.85 -57.00
C GLY B 97 30.42 -7.49 -56.78
N LEU B 98 30.22 -6.97 -55.57
CA LEU B 98 30.82 -5.70 -55.19
C LEU B 98 30.86 -5.63 -53.66
N VAL B 99 31.97 -5.12 -53.13
CA VAL B 99 32.21 -5.12 -51.69
C VAL B 99 32.43 -3.65 -51.31
N PHE B 100 31.65 -2.78 -51.95
CA PHE B 100 31.75 -1.33 -51.74
C PHE B 100 31.83 -0.97 -50.27
N GLY B 101 32.73 -0.04 -49.95
CA GLY B 101 32.86 0.51 -48.62
C GLY B 101 33.22 1.98 -48.69
N ASP B 102 32.59 2.80 -47.85
CA ASP B 102 32.75 4.25 -47.92
C ASP B 102 33.55 4.75 -46.72
N ASP B 103 33.80 6.07 -46.70
CA ASP B 103 34.50 6.71 -45.61
C ASP B 103 33.73 7.89 -45.02
N THR B 104 32.47 8.09 -45.42
CA THR B 104 31.65 9.17 -44.92
C THR B 104 30.40 8.61 -44.25
N ASP B 105 29.66 9.50 -43.60
CA ASP B 105 28.42 9.14 -42.92
C ASP B 105 27.19 9.62 -43.68
N GLN B 106 27.28 9.67 -45.01
CA GLN B 106 26.16 10.07 -45.85
C GLN B 106 25.14 8.93 -45.90
N GLU B 107 23.94 9.16 -45.36
CA GLU B 107 22.92 8.12 -45.40
C GLU B 107 22.15 8.19 -46.70
N ALA B 108 22.86 8.33 -47.82
CA ALA B 108 22.26 8.27 -49.14
C ALA B 108 23.06 7.42 -50.12
N VAL B 109 24.31 7.08 -49.81
CA VAL B 109 25.07 6.18 -50.66
C VAL B 109 24.51 4.77 -50.56
N ALA B 110 23.93 4.40 -49.42
CA ALA B 110 23.30 3.09 -49.30
C ALA B 110 22.13 2.95 -50.27
N GLN B 111 21.30 4.00 -50.37
CA GLN B 111 20.17 3.95 -51.30
C GLN B 111 20.63 3.94 -52.75
N MET B 112 21.68 4.71 -53.07
CA MET B 112 22.21 4.69 -54.43
C MET B 112 22.76 3.31 -54.77
N LEU B 113 23.43 2.67 -53.82
CA LEU B 113 23.93 1.32 -54.03
C LEU B 113 22.78 0.33 -54.24
N ASP B 114 21.72 0.46 -53.45
CA ASP B 114 20.55 -0.40 -53.63
C ASP B 114 19.94 -0.20 -55.01
N PHE B 115 19.84 1.05 -55.45
CA PHE B 115 19.30 1.34 -56.79
C PHE B 115 20.18 0.76 -57.88
N ILE B 116 21.51 0.87 -57.72
CA ILE B 116 22.42 0.32 -58.71
C ILE B 116 22.32 -1.20 -58.76
N SER B 117 22.22 -1.84 -57.59
CA SER B 117 22.05 -3.29 -57.55
C SER B 117 20.74 -3.70 -58.21
N SER B 118 19.69 -2.91 -58.03
CA SER B 118 18.42 -3.18 -58.71
C SER B 118 18.58 -3.09 -60.23
N GLN B 119 19.27 -2.06 -60.70
CA GLN B 119 19.36 -1.80 -62.14
C GLN B 119 20.47 -2.59 -62.83
N THR B 120 21.32 -3.30 -62.08
CA THR B 120 22.43 -4.03 -62.68
C THR B 120 22.58 -5.46 -62.19
N PHE B 121 21.81 -5.88 -61.18
CA PHE B 121 21.85 -7.25 -60.67
C PHE B 121 23.23 -7.64 -60.16
N ILE B 122 24.00 -6.68 -59.66
CA ILE B 122 25.30 -6.94 -59.07
C ILE B 122 25.12 -7.12 -57.57
N PRO B 123 25.45 -8.28 -57.01
CA PRO B 123 25.36 -8.44 -55.56
C PRO B 123 26.35 -7.53 -54.84
N ILE B 124 25.83 -6.52 -54.13
CA ILE B 124 26.65 -5.50 -53.48
C ILE B 124 26.63 -5.75 -51.98
N LEU B 125 27.78 -5.55 -51.34
CA LEU B 125 27.91 -5.63 -49.89
C LEU B 125 28.27 -4.25 -49.34
N GLY B 126 27.48 -3.77 -48.40
CA GLY B 126 27.78 -2.52 -47.73
C GLY B 126 28.72 -2.74 -46.57
N ILE B 127 29.98 -2.33 -46.73
CA ILE B 127 31.02 -2.69 -45.79
C ILE B 127 31.15 -1.66 -44.67
N HIS B 128 31.48 -0.43 -45.03
CA HIS B 128 31.82 0.61 -44.06
C HIS B 128 30.70 1.64 -43.99
N GLY B 129 30.92 2.64 -43.13
CA GLY B 129 29.94 3.68 -42.87
C GLY B 129 29.39 4.34 -44.12
N GLY B 130 28.16 4.81 -44.05
CA GLY B 130 27.48 5.30 -45.22
C GLY B 130 26.73 4.18 -45.91
N ALA B 131 27.48 3.24 -46.50
CA ALA B 131 26.88 2.06 -47.10
C ALA B 131 26.46 1.02 -46.08
N SER B 132 26.87 1.18 -44.82
CA SER B 132 26.51 0.25 -43.77
C SER B 132 25.30 0.68 -42.96
N MET B 133 24.89 1.94 -43.07
CA MET B 133 23.72 2.42 -42.35
C MET B 133 22.48 1.78 -42.97
N ILE B 134 21.91 0.81 -42.27
CA ILE B 134 20.91 -0.08 -42.86
C ILE B 134 19.65 0.71 -43.18
N MET B 135 19.23 0.69 -44.45
CA MET B 135 17.95 1.24 -44.84
C MET B 135 16.84 0.26 -44.53
N ALA B 136 15.62 0.79 -44.35
CA ALA B 136 14.52 0.01 -43.80
C ALA B 136 14.25 -1.23 -44.64
N ASP B 137 13.82 -1.04 -45.89
CA ASP B 137 13.54 -2.16 -46.78
C ASP B 137 14.01 -1.82 -48.18
N LYS B 138 14.79 -2.71 -48.77
CA LYS B 138 15.34 -2.49 -50.10
C LYS B 138 14.30 -2.83 -51.17
N ASP B 139 14.64 -2.51 -52.41
CA ASP B 139 13.84 -2.93 -53.54
C ASP B 139 13.84 -4.45 -53.60
N PRO B 140 12.66 -5.09 -53.66
CA PRO B 140 12.64 -6.57 -53.64
C PRO B 140 13.39 -7.22 -54.78
N THR B 141 13.66 -6.50 -55.87
CA THR B 141 14.38 -7.04 -57.01
C THR B 141 15.89 -6.82 -56.90
N SER B 142 16.37 -6.32 -55.77
CA SER B 142 17.78 -5.99 -55.61
C SER B 142 18.51 -7.06 -54.83
N THR B 143 19.83 -7.14 -55.04
CA THR B 143 20.71 -8.07 -54.34
C THR B 143 21.74 -7.30 -53.51
N PHE B 144 21.31 -6.23 -52.85
CA PHE B 144 22.21 -5.38 -52.08
C PHE B 144 22.03 -5.70 -50.60
N PHE B 145 23.07 -6.24 -49.98
CA PHE B 145 23.06 -6.61 -48.58
C PHE B 145 23.99 -5.68 -47.80
N GLN B 146 23.72 -5.51 -46.52
CA GLN B 146 24.41 -4.53 -45.71
C GLN B 146 25.01 -5.16 -44.48
N PHE B 147 26.17 -4.64 -44.07
CA PHE B 147 26.77 -4.98 -42.79
C PHE B 147 26.27 -3.99 -41.76
N GLY B 148 25.46 -4.47 -40.82
CA GLY B 148 24.91 -3.60 -39.80
C GLY B 148 23.80 -4.31 -39.06
N ALA B 149 23.12 -3.54 -38.21
CA ALA B 149 22.02 -4.05 -37.40
C ALA B 149 20.80 -3.17 -37.61
N SER B 150 19.66 -3.82 -37.84
CA SER B 150 18.42 -3.08 -37.98
C SER B 150 17.99 -2.53 -36.63
N ILE B 151 16.93 -1.72 -36.65
CA ILE B 151 16.42 -1.13 -35.42
C ILE B 151 15.88 -2.22 -34.49
N GLN B 152 15.39 -3.31 -35.05
CA GLN B 152 14.90 -4.41 -34.22
C GLN B 152 16.03 -5.07 -33.44
N GLN B 153 17.17 -5.31 -34.09
CA GLN B 153 18.30 -5.93 -33.41
C GLN B 153 18.87 -5.00 -32.34
N GLN B 154 18.94 -3.70 -32.64
CA GLN B 154 19.38 -2.75 -31.63
C GLN B 154 18.43 -2.70 -30.45
N ALA B 155 17.13 -2.78 -30.72
CA ALA B 155 16.16 -2.84 -29.62
C ALA B 155 16.34 -4.10 -28.79
N THR B 156 16.64 -5.22 -29.45
CA THR B 156 16.90 -6.46 -28.71
C THR B 156 18.12 -6.32 -27.81
N VAL B 157 19.19 -5.71 -28.33
CA VAL B 157 20.40 -5.53 -27.52
C VAL B 157 20.11 -4.60 -26.34
N MET B 158 19.36 -3.52 -26.58
CA MET B 158 19.02 -2.59 -25.52
C MET B 158 18.19 -3.26 -24.43
N LEU B 159 17.22 -4.09 -24.84
CA LEU B 159 16.43 -4.83 -23.87
C LEU B 159 17.30 -5.82 -23.09
N LYS B 160 18.28 -6.43 -23.76
CA LYS B 160 19.19 -7.32 -23.07
C LYS B 160 20.01 -6.57 -22.02
N ILE B 161 20.47 -5.36 -22.37
CA ILE B 161 21.22 -4.55 -21.39
C ILE B 161 20.34 -4.24 -20.20
N MET B 162 19.09 -3.86 -20.45
CA MET B 162 18.18 -3.54 -19.35
C MET B 162 17.94 -4.76 -18.48
N GLN B 163 17.78 -5.94 -19.10
CA GLN B 163 17.56 -7.16 -18.34
C GLN B 163 18.76 -7.51 -17.48
N ASP B 164 19.97 -7.37 -18.03
CA ASP B 164 21.16 -7.77 -17.29
C ASP B 164 21.38 -6.94 -16.04
N TYR B 165 21.11 -5.63 -16.12
CA TYR B 165 21.36 -4.73 -15.01
C TYR B 165 20.13 -4.51 -14.13
N ASP B 166 19.15 -5.41 -14.20
CA ASP B 166 17.95 -5.34 -13.35
C ASP B 166 17.18 -4.04 -13.55
N TRP B 167 17.18 -3.55 -14.79
CA TRP B 167 16.40 -2.36 -15.15
C TRP B 167 15.08 -2.77 -15.77
N HIS B 168 14.23 -3.38 -14.94
CA HIS B 168 12.99 -3.95 -15.45
C HIS B 168 11.94 -2.89 -15.71
N VAL B 169 11.95 -1.80 -14.97
CA VAL B 169 10.97 -0.72 -15.14
C VAL B 169 11.58 0.36 -16.03
N PHE B 170 10.84 0.75 -17.06
CA PHE B 170 11.37 1.70 -18.04
C PHE B 170 10.22 2.40 -18.75
N SER B 171 10.56 3.50 -19.42
CA SER B 171 9.61 4.31 -20.16
C SER B 171 10.15 4.57 -21.55
N LEU B 172 9.29 4.50 -22.56
CA LEU B 172 9.68 4.66 -23.94
C LEU B 172 9.35 6.07 -24.42
N VAL B 173 10.33 6.77 -24.97
CA VAL B 173 10.17 8.13 -25.45
C VAL B 173 10.64 8.18 -26.90
N THR B 174 9.70 8.35 -27.82
CA THR B 174 10.01 8.39 -29.24
C THR B 174 9.65 9.75 -29.82
N THR B 175 9.76 9.87 -31.14
CA THR B 175 9.42 11.09 -31.86
C THR B 175 8.76 10.67 -33.17
N ILE B 176 8.61 11.61 -34.09
CA ILE B 176 8.03 11.33 -35.39
C ILE B 176 9.11 11.03 -36.43
N PHE B 177 10.32 10.73 -35.99
CA PHE B 177 11.34 10.30 -36.92
C PHE B 177 10.93 8.97 -37.56
N PRO B 178 11.20 8.79 -38.84
CA PRO B 178 10.74 7.57 -39.52
C PRO B 178 11.28 6.31 -38.86
N GLY B 179 10.43 5.28 -38.82
CA GLY B 179 10.78 4.04 -38.17
C GLY B 179 10.44 3.96 -36.70
N TYR B 180 9.84 5.02 -36.13
CA TYR B 180 9.48 4.97 -34.71
C TYR B 180 8.34 4.01 -34.45
N ARG B 181 7.41 3.87 -35.40
CA ARG B 181 6.31 2.93 -35.23
C ARG B 181 6.82 1.50 -35.13
N ASP B 182 7.77 1.13 -35.99
CA ASP B 182 8.36 -0.20 -35.93
C ASP B 182 9.09 -0.43 -34.62
N PHE B 183 9.83 0.58 -34.16
CA PHE B 183 10.53 0.47 -32.88
C PHE B 183 9.55 0.24 -31.73
N ILE B 184 8.48 1.03 -31.68
CA ILE B 184 7.49 0.89 -30.62
C ILE B 184 6.82 -0.48 -30.69
N SER B 185 6.44 -0.92 -31.89
CA SER B 185 5.79 -2.21 -32.05
C SER B 185 6.71 -3.34 -31.61
N PHE B 186 7.97 -3.29 -32.00
CA PHE B 186 8.90 -4.35 -31.61
C PHE B 186 9.13 -4.37 -30.11
N ILE B 187 9.26 -3.19 -29.49
CA ILE B 187 9.44 -3.16 -28.03
C ILE B 187 8.21 -3.73 -27.35
N LYS B 188 7.02 -3.36 -27.81
CA LYS B 188 5.79 -3.87 -27.22
C LYS B 188 5.71 -5.39 -27.34
N THR B 189 6.00 -5.92 -28.54
CA THR B 189 5.91 -7.36 -28.73
C THR B 189 6.94 -8.11 -27.89
N THR B 190 8.17 -7.60 -27.83
CA THR B 190 9.20 -8.25 -27.04
C THR B 190 8.86 -8.21 -25.56
N VAL B 191 8.30 -7.10 -25.08
CA VAL B 191 7.89 -7.03 -23.67
C VAL B 191 6.76 -8.01 -23.39
N ASP B 192 5.79 -8.10 -24.30
CA ASP B 192 4.67 -9.01 -24.11
C ASP B 192 5.12 -10.47 -24.09
N ASN B 193 6.02 -10.84 -25.01
CA ASN B 193 6.44 -12.23 -25.15
C ASN B 193 7.57 -12.61 -24.19
N SER B 194 8.14 -11.66 -23.47
CA SER B 194 9.20 -11.99 -22.53
C SER B 194 8.61 -12.44 -21.20
N PHE B 195 9.33 -13.35 -20.53
CA PHE B 195 8.95 -13.85 -19.22
C PHE B 195 9.76 -13.22 -18.10
N VAL B 196 10.49 -12.13 -18.40
CA VAL B 196 11.36 -11.50 -17.42
C VAL B 196 10.60 -10.55 -16.50
N GLY B 197 9.31 -10.34 -16.73
CA GLY B 197 8.54 -9.43 -15.92
C GLY B 197 8.87 -7.97 -16.20
N TRP B 198 8.83 -7.60 -17.48
CA TRP B 198 9.05 -6.21 -17.86
C TRP B 198 7.95 -5.32 -17.29
N ASP B 199 8.32 -4.09 -16.94
CA ASP B 199 7.38 -3.09 -16.45
C ASP B 199 7.52 -1.87 -17.36
N MET B 200 6.77 -1.86 -18.46
CA MET B 200 6.86 -0.81 -19.46
C MET B 200 5.81 0.25 -19.11
N GLN B 201 6.26 1.31 -18.41
CA GLN B 201 5.32 2.21 -17.77
C GLN B 201 4.45 2.95 -18.77
N ASN B 202 5.06 3.58 -19.77
CA ASN B 202 4.27 4.38 -20.70
C ASN B 202 5.03 4.58 -22.00
N VAL B 203 4.27 4.89 -23.04
CA VAL B 203 4.80 5.23 -24.36
C VAL B 203 4.56 6.72 -24.56
N ILE B 204 5.61 7.47 -24.82
CA ILE B 204 5.52 8.91 -25.04
C ILE B 204 6.04 9.21 -26.43
N THR B 205 5.21 9.87 -27.24
CA THR B 205 5.58 10.27 -28.59
C THR B 205 5.50 11.79 -28.66
N LEU B 206 6.62 12.43 -28.99
CA LEU B 206 6.72 13.89 -28.98
C LEU B 206 6.43 14.41 -30.37
N ASP B 207 5.14 14.41 -30.73
CA ASP B 207 4.72 14.85 -32.05
C ASP B 207 4.81 16.36 -32.23
N THR B 208 4.54 17.14 -31.18
CA THR B 208 4.62 18.59 -31.26
C THR B 208 6.06 19.04 -31.04
N SER B 209 6.25 20.35 -30.86
CA SER B 209 7.57 20.88 -30.55
C SER B 209 7.99 20.45 -29.15
N PHE B 210 9.28 20.63 -28.87
CA PHE B 210 9.88 20.17 -27.62
C PHE B 210 9.93 21.25 -26.55
N GLU B 211 9.19 22.35 -26.72
CA GLU B 211 9.19 23.42 -25.75
C GLU B 211 7.81 23.94 -25.39
N ASP B 212 6.75 23.50 -26.06
CA ASP B 212 5.42 24.04 -25.85
C ASP B 212 4.80 23.42 -24.59
N ALA B 213 3.49 23.63 -24.40
CA ALA B 213 2.81 23.07 -23.25
C ALA B 213 2.83 21.54 -23.29
N LYS B 214 2.60 20.96 -24.45
CA LYS B 214 2.81 19.54 -24.63
C LYS B 214 4.29 19.22 -24.56
N THR B 215 4.60 17.92 -24.45
CA THR B 215 5.96 17.43 -24.24
C THR B 215 6.57 17.96 -22.94
N GLN B 216 5.79 18.63 -22.12
CA GLN B 216 6.15 18.96 -20.74
C GLN B 216 5.31 18.20 -19.75
N VAL B 217 3.98 18.17 -19.95
CA VAL B 217 3.15 17.27 -19.16
C VAL B 217 3.41 15.82 -19.56
N GLN B 218 3.79 15.59 -20.81
CA GLN B 218 4.13 14.23 -21.24
C GLN B 218 5.47 13.79 -20.66
N LEU B 219 6.48 14.66 -20.73
CA LEU B 219 7.78 14.29 -20.20
C LEU B 219 7.78 14.18 -18.68
N LYS B 220 6.93 14.96 -18.00
CA LYS B 220 6.82 14.84 -16.55
C LYS B 220 6.24 13.51 -16.12
N LYS B 221 5.57 12.79 -17.02
CA LYS B 221 4.97 11.51 -16.68
C LYS B 221 6.02 10.42 -16.44
N ILE B 222 7.29 10.68 -16.77
CA ILE B 222 8.33 9.68 -16.60
C ILE B 222 8.72 9.63 -15.13
N HIS B 223 8.36 8.53 -14.46
CA HIS B 223 8.79 8.29 -13.10
C HIS B 223 9.77 7.14 -12.99
N SER B 224 10.03 6.43 -14.08
CA SER B 224 10.97 5.31 -14.08
C SER B 224 12.40 5.81 -14.12
N SER B 225 13.32 4.92 -13.80
CA SER B 225 14.74 5.24 -13.79
C SER B 225 15.42 4.93 -15.13
N VAL B 226 14.73 4.30 -16.07
CA VAL B 226 15.29 3.93 -17.36
C VAL B 226 14.39 4.48 -18.45
N ILE B 227 14.97 5.18 -19.42
CA ILE B 227 14.23 5.82 -20.49
C ILE B 227 14.84 5.37 -21.81
N LEU B 228 14.05 4.64 -22.61
CA LEU B 228 14.48 4.20 -23.93
C LEU B 228 14.07 5.25 -24.94
N LEU B 229 15.04 5.99 -25.45
CA LEU B 229 14.77 7.09 -26.37
C LEU B 229 14.95 6.63 -27.82
N TYR B 230 14.16 7.21 -28.72
CA TYR B 230 14.30 6.96 -30.15
C TYR B 230 13.99 8.25 -30.89
N CYS B 231 15.00 8.79 -31.58
CA CYS B 231 14.84 10.01 -32.37
C CYS B 231 16.11 10.17 -33.19
N SER B 232 16.19 11.28 -33.92
CA SER B 232 17.44 11.62 -34.59
C SER B 232 18.39 12.26 -33.59
N LYS B 233 19.63 12.47 -34.03
CA LYS B 233 20.61 13.13 -33.16
C LYS B 233 20.18 14.57 -32.86
N ASP B 234 19.69 15.28 -33.87
CA ASP B 234 19.27 16.66 -33.67
C ASP B 234 18.09 16.75 -32.69
N GLU B 235 17.11 15.86 -32.83
CA GLU B 235 16.02 15.84 -31.87
C GLU B 235 16.48 15.31 -30.52
N ALA B 236 17.46 14.40 -30.50
CA ALA B 236 17.97 13.89 -29.24
C ALA B 236 18.60 14.99 -28.42
N VAL B 237 19.32 15.91 -29.07
CA VAL B 237 19.93 17.03 -28.36
C VAL B 237 18.86 17.84 -27.62
N LEU B 238 17.79 18.21 -28.34
CA LEU B 238 16.74 19.01 -27.74
C LEU B 238 16.02 18.25 -26.62
N ILE B 239 15.71 16.97 -26.87
CA ILE B 239 14.97 16.20 -25.87
C ILE B 239 15.80 16.02 -24.61
N LEU B 240 17.10 15.72 -24.76
CA LEU B 240 17.95 15.54 -23.60
C LEU B 240 18.18 16.86 -22.86
N SER B 241 18.28 17.98 -23.58
CA SER B 241 18.37 19.27 -22.90
C SER B 241 17.12 19.57 -22.10
N GLU B 242 15.94 19.29 -22.68
CA GLU B 242 14.69 19.49 -21.95
C GLU B 242 14.61 18.59 -20.73
N ALA B 243 15.03 17.33 -20.87
CA ALA B 243 15.01 16.40 -19.75
C ALA B 243 15.95 16.86 -18.64
N ARG B 244 17.15 17.33 -19.01
CA ARG B 244 18.06 17.87 -18.01
C ARG B 244 17.45 19.07 -17.30
N SER B 245 16.82 19.96 -18.04
CA SER B 245 16.09 21.06 -17.42
C SER B 245 14.90 20.58 -16.61
N LEU B 246 14.41 19.37 -16.87
CA LEU B 246 13.27 18.81 -16.16
C LEU B 246 13.69 17.92 -15.01
N GLY B 247 14.99 17.79 -14.75
CA GLY B 247 15.45 16.91 -13.69
C GLY B 247 15.36 15.45 -14.00
N LEU B 248 15.32 15.08 -15.28
CA LEU B 248 15.22 13.69 -15.70
C LEU B 248 16.56 13.05 -16.00
N THR B 249 17.66 13.78 -15.82
CA THR B 249 18.99 13.24 -16.07
C THR B 249 19.83 13.40 -14.80
N GLY B 250 20.60 12.36 -14.48
CA GLY B 250 21.42 12.40 -13.29
C GLY B 250 22.00 11.03 -13.01
N TYR B 251 22.39 10.82 -11.76
CA TYR B 251 22.94 9.52 -11.35
C TYR B 251 21.89 8.42 -11.45
N ASP B 252 20.64 8.73 -11.11
CA ASP B 252 19.60 7.72 -10.97
C ASP B 252 18.83 7.45 -12.26
N PHE B 253 19.12 8.17 -13.34
CA PHE B 253 18.42 7.99 -14.61
C PHE B 253 19.39 7.51 -15.67
N PHE B 254 19.02 6.43 -16.36
CA PHE B 254 19.86 5.81 -17.38
C PHE B 254 19.16 5.93 -18.73
N TRP B 255 19.69 6.79 -19.59
CA TRP B 255 19.13 7.00 -20.92
C TRP B 255 19.79 6.03 -21.89
N ILE B 256 19.00 5.12 -22.45
CA ILE B 256 19.48 4.12 -23.39
C ILE B 256 18.94 4.46 -24.76
N VAL B 257 19.83 4.52 -25.75
CA VAL B 257 19.48 5.02 -27.09
C VAL B 257 20.07 4.09 -28.12
N PRO B 258 19.44 4.02 -29.30
CA PRO B 258 19.97 3.19 -30.38
C PRO B 258 21.15 3.84 -31.08
N SER B 259 21.63 3.23 -32.15
CA SER B 259 22.74 3.80 -32.91
C SER B 259 22.33 5.04 -33.69
N LEU B 260 21.04 5.36 -33.75
CA LEU B 260 20.58 6.49 -34.53
C LEU B 260 21.11 7.81 -33.98
N VAL B 261 21.09 7.98 -32.66
CA VAL B 261 21.49 9.25 -32.06
C VAL B 261 22.97 9.30 -31.73
N SER B 262 23.63 8.15 -31.60
CA SER B 262 25.05 8.10 -31.25
C SER B 262 25.92 7.84 -32.47
N GLY B 263 25.40 8.07 -33.67
CA GLY B 263 26.20 7.92 -34.86
C GLY B 263 27.31 8.96 -34.93
N ASN B 264 28.39 8.60 -35.62
CA ASN B 264 29.58 9.44 -35.73
C ASN B 264 30.11 9.78 -34.34
N THR B 265 30.56 8.74 -33.64
CA THR B 265 31.00 8.84 -32.26
C THR B 265 32.12 9.86 -32.07
N GLU B 266 32.71 10.38 -33.14
CA GLU B 266 33.69 11.46 -33.02
C GLU B 266 33.05 12.81 -32.77
N LEU B 267 31.74 12.94 -32.94
CA LEU B 267 31.02 14.19 -32.72
C LEU B 267 30.05 13.99 -31.56
N ILE B 268 30.35 14.60 -30.43
CA ILE B 268 29.53 14.45 -29.23
C ILE B 268 28.98 15.80 -28.81
N PRO B 269 27.66 16.01 -28.89
CA PRO B 269 27.10 17.29 -28.44
C PRO B 269 27.29 17.48 -26.96
N LYS B 270 27.35 18.75 -26.54
CA LYS B 270 27.49 19.07 -25.13
C LYS B 270 26.23 18.75 -24.33
N GLU B 271 25.11 18.47 -24.99
CA GLU B 271 23.86 18.16 -24.31
C GLU B 271 23.67 16.68 -24.05
N PHE B 272 24.63 15.84 -24.43
CA PHE B 272 24.54 14.42 -24.15
C PHE B 272 25.05 14.13 -22.74
N PRO B 273 24.22 13.62 -21.84
CA PRO B 273 24.69 13.30 -20.50
C PRO B 273 25.71 12.16 -20.53
N SER B 274 26.67 12.22 -19.63
CA SER B 274 27.59 11.11 -19.46
C SER B 274 26.84 9.90 -18.92
N GLY B 275 27.28 8.72 -19.32
CA GLY B 275 26.53 7.52 -19.03
C GLY B 275 25.40 7.24 -19.99
N LEU B 276 25.36 7.92 -21.14
CA LEU B 276 24.34 7.70 -22.15
C LEU B 276 24.58 6.37 -22.86
N ILE B 277 23.93 5.31 -22.39
CA ILE B 277 24.15 3.99 -22.96
C ILE B 277 23.60 3.95 -24.38
N SER B 278 24.38 3.40 -25.30
CA SER B 278 23.97 3.27 -26.69
C SER B 278 24.53 1.99 -27.26
N VAL B 279 23.92 1.52 -28.35
CA VAL B 279 24.36 0.33 -29.05
C VAL B 279 24.70 0.72 -30.48
N SER B 280 25.79 0.16 -31.01
CA SER B 280 26.20 0.54 -32.36
C SER B 280 27.10 -0.54 -32.93
N TYR B 281 27.21 -0.53 -34.26
CA TYR B 281 28.13 -1.44 -34.93
C TYR B 281 29.56 -1.05 -34.59
N ASP B 282 30.39 -2.04 -34.29
CA ASP B 282 31.73 -1.77 -33.78
C ASP B 282 32.65 -1.30 -34.90
N ASP B 283 33.22 -0.11 -34.74
CA ASP B 283 34.22 0.41 -35.65
C ASP B 283 35.61 0.42 -35.04
N TRP B 284 35.78 -0.13 -33.83
CA TRP B 284 37.07 -0.17 -33.16
C TRP B 284 37.82 -1.48 -33.43
N ASP B 285 37.21 -2.61 -33.05
CA ASP B 285 37.88 -3.89 -33.13
C ASP B 285 37.65 -4.62 -34.44
N TYR B 286 36.57 -4.30 -35.15
CA TYR B 286 36.23 -4.96 -36.41
C TYR B 286 36.84 -4.13 -37.52
N SER B 287 38.10 -4.45 -37.85
CA SER B 287 38.88 -3.61 -38.75
C SER B 287 38.37 -3.71 -40.19
N LEU B 288 38.74 -2.70 -40.99
CA LEU B 288 38.28 -2.65 -42.37
C LEU B 288 38.84 -3.81 -43.20
N GLU B 289 40.08 -4.22 -42.92
CA GLU B 289 40.64 -5.37 -43.62
C GLU B 289 39.84 -6.62 -43.31
N ALA B 290 39.46 -6.83 -42.04
CA ALA B 290 38.60 -7.94 -41.69
C ALA B 290 37.23 -7.81 -42.35
N ARG B 291 36.73 -6.59 -42.48
CA ARG B 291 35.46 -6.37 -43.16
C ARG B 291 35.53 -6.82 -44.60
N VAL B 292 36.58 -6.42 -45.30
CA VAL B 292 36.73 -6.78 -46.72
C VAL B 292 36.93 -8.28 -46.86
N ARG B 293 37.70 -8.88 -45.97
CA ARG B 293 37.88 -10.33 -46.00
C ARG B 293 36.56 -11.05 -45.79
N ASP B 294 35.75 -10.58 -44.85
CA ASP B 294 34.44 -11.19 -44.60
C ASP B 294 33.52 -11.02 -45.80
N GLY B 295 33.53 -9.85 -46.43
CA GLY B 295 32.68 -9.64 -47.60
C GLY B 295 33.08 -10.53 -48.75
N LEU B 296 34.38 -10.63 -49.01
CA LEU B 296 34.86 -11.52 -50.06
C LEU B 296 34.51 -12.98 -49.74
N GLY B 297 34.63 -13.36 -48.47
CA GLY B 297 34.26 -14.71 -48.08
C GLY B 297 32.79 -14.99 -48.28
N ILE B 298 31.94 -14.03 -47.95
CA ILE B 298 30.49 -14.21 -48.13
C ILE B 298 30.17 -14.37 -49.61
N LEU B 299 30.72 -13.49 -50.44
CA LEU B 299 30.45 -13.57 -51.88
C LEU B 299 30.98 -14.88 -52.46
N THR B 300 32.18 -15.29 -52.06
CA THR B 300 32.76 -16.51 -52.59
C THR B 300 31.99 -17.74 -52.13
N THR B 301 31.54 -17.76 -50.88
CA THR B 301 30.73 -18.88 -50.39
C THR B 301 29.40 -18.95 -51.12
N ALA B 302 28.76 -17.81 -51.36
CA ALA B 302 27.52 -17.81 -52.12
C ALA B 302 27.75 -18.31 -53.54
N ALA B 303 28.84 -17.87 -54.17
CA ALA B 303 29.14 -18.33 -55.53
C ALA B 303 29.43 -19.83 -55.55
N SER B 304 30.14 -20.33 -54.53
CA SER B 304 30.44 -21.76 -54.46
C SER B 304 29.17 -22.59 -54.27
N SER B 305 28.27 -22.13 -53.40
CA SER B 305 27.01 -22.85 -53.20
C SER B 305 26.18 -22.83 -54.48
N MET B 306 26.18 -21.69 -55.18
CA MET B 306 25.50 -21.61 -56.47
C MET B 306 26.10 -22.56 -57.49
N LEU B 307 27.43 -22.62 -57.56
CA LEU B 307 28.10 -23.52 -58.50
C LEU B 307 27.78 -24.97 -58.18
N GLU B 308 27.71 -25.32 -56.90
CA GLU B 308 27.29 -26.66 -56.52
C GLU B 308 25.86 -26.93 -56.96
N LYS B 309 24.95 -25.98 -56.72
CA LYS B 309 23.56 -26.18 -57.10
C LYS B 309 23.34 -26.01 -58.60
N PHE B 310 23.95 -25.01 -59.21
CA PHE B 310 23.78 -24.73 -60.63
C PHE B 310 25.14 -24.78 -61.32
N SER B 311 25.19 -25.43 -62.48
CA SER B 311 26.47 -25.73 -63.11
C SER B 311 27.24 -24.48 -63.50
N TYR B 312 26.55 -23.42 -63.90
CA TYR B 312 27.20 -22.22 -64.43
C TYR B 312 26.80 -21.00 -63.61
N ILE B 313 27.72 -20.04 -63.52
CA ILE B 313 27.46 -18.78 -62.84
C ILE B 313 26.84 -17.81 -63.85
N PRO B 314 25.85 -17.00 -63.45
CA PRO B 314 25.31 -15.99 -64.37
C PRO B 314 26.34 -14.89 -64.60
N GLU B 315 26.73 -14.73 -65.86
CA GLU B 315 27.75 -13.73 -66.17
C GLU B 315 27.20 -12.33 -65.95
N ALA B 316 28.13 -11.39 -65.76
CA ALA B 316 27.74 -10.01 -65.51
C ALA B 316 27.02 -9.43 -66.72
N LYS B 317 26.19 -8.42 -66.45
CA LYS B 317 25.40 -7.80 -67.50
C LYS B 317 26.30 -7.10 -68.51
N ALA B 318 25.76 -6.87 -69.72
CA ALA B 318 26.54 -6.25 -70.77
C ALA B 318 26.95 -4.84 -70.40
N SER B 319 25.98 -3.94 -70.21
CA SER B 319 26.28 -2.57 -69.86
C SER B 319 25.05 -1.94 -69.22
N CYS B 320 25.29 -0.90 -68.43
CA CYS B 320 24.18 -0.15 -67.84
C CYS B 320 23.34 0.53 -68.91
N TYR B 321 24.01 1.09 -69.91
CA TYR B 321 23.33 1.86 -70.96
C TYR B 321 22.64 0.91 -71.93
N GLY B 322 21.70 1.47 -72.70
CA GLY B 322 20.94 0.67 -73.63
C GLY B 322 19.97 -0.30 -72.98
N GLN B 323 19.53 0.00 -71.75
CA GLN B 323 18.62 -0.85 -71.02
C GLN B 323 17.16 -0.61 -71.36
N ALA B 324 16.89 0.10 -72.46
CA ALA B 324 15.51 0.32 -72.90
C ALA B 324 14.88 -0.93 -73.47
N GLU B 325 15.67 -1.95 -73.79
CA GLU B 325 15.15 -3.18 -74.38
C GLU B 325 15.89 -4.36 -73.77
N LYS B 326 15.56 -5.57 -74.27
CA LYS B 326 16.06 -6.87 -73.86
C LYS B 326 16.34 -6.95 -72.35
N PRO B 327 15.30 -6.86 -71.50
CA PRO B 327 15.53 -6.99 -70.06
C PRO B 327 15.85 -8.42 -69.66
N GLU B 328 17.11 -8.68 -69.33
CA GLU B 328 17.58 -10.02 -69.00
C GLU B 328 17.64 -10.15 -67.49
N THR B 329 16.64 -10.82 -66.92
CA THR B 329 16.60 -11.09 -65.49
C THR B 329 16.76 -12.58 -65.27
N PRO B 330 17.94 -13.05 -64.86
CA PRO B 330 18.13 -14.50 -64.68
C PRO B 330 17.21 -15.05 -63.59
N LEU B 331 16.72 -16.26 -63.81
CA LEU B 331 15.87 -16.92 -62.84
C LEU B 331 16.64 -17.46 -61.65
N HIS B 332 17.97 -17.49 -61.73
CA HIS B 332 18.82 -17.91 -60.62
C HIS B 332 19.66 -16.72 -60.17
N THR B 333 19.60 -16.41 -58.88
CA THR B 333 20.29 -15.26 -58.32
C THR B 333 20.90 -15.66 -56.98
N LEU B 334 21.33 -14.67 -56.21
CA LEU B 334 22.06 -14.89 -54.96
C LEU B 334 21.24 -14.49 -53.74
N HIS B 335 19.92 -14.62 -53.81
CA HIS B 335 19.09 -14.27 -52.66
C HIS B 335 19.05 -15.41 -51.65
N GLN B 336 18.54 -16.58 -52.06
CA GLN B 336 18.38 -17.70 -51.14
C GLN B 336 19.71 -18.31 -50.73
N PHE B 337 20.78 -18.04 -51.47
CA PHE B 337 22.08 -18.62 -51.13
C PHE B 337 22.78 -17.88 -50.01
N MET B 338 22.58 -16.57 -49.88
CA MET B 338 23.13 -15.83 -48.76
C MET B 338 22.30 -15.95 -47.50
N VAL B 339 21.15 -16.62 -47.57
CA VAL B 339 20.35 -16.86 -46.37
C VAL B 339 21.09 -17.80 -45.41
N ASN B 340 21.82 -18.77 -45.95
CA ASN B 340 22.56 -19.75 -45.15
C ASN B 340 23.98 -19.85 -45.69
N VAL B 341 24.91 -19.14 -45.07
CA VAL B 341 26.33 -19.22 -45.40
C VAL B 341 27.13 -19.41 -44.12
N THR B 342 28.35 -19.91 -44.28
CA THR B 342 29.27 -20.06 -43.16
C THR B 342 30.69 -19.84 -43.69
N TRP B 343 31.53 -19.21 -42.88
CA TRP B 343 32.86 -18.84 -43.30
C TRP B 343 33.76 -18.67 -42.08
N ASP B 344 34.98 -19.20 -42.18
CA ASP B 344 35.97 -19.08 -41.11
C ASP B 344 35.44 -19.61 -39.78
N GLY B 345 34.58 -20.62 -39.83
CA GLY B 345 33.97 -21.15 -38.62
C GLY B 345 33.13 -20.14 -37.88
N LYS B 346 32.45 -19.25 -38.60
CA LYS B 346 31.57 -18.27 -37.99
C LYS B 346 30.36 -18.07 -38.90
N ASP B 347 29.27 -17.61 -38.30
CA ASP B 347 28.01 -17.44 -39.02
C ASP B 347 27.96 -16.05 -39.64
N LEU B 348 27.95 -16.00 -40.97
CA LEU B 348 27.82 -14.74 -41.70
C LEU B 348 26.53 -14.70 -42.52
N SER B 349 25.56 -15.54 -42.17
CA SER B 349 24.33 -15.63 -42.93
C SER B 349 23.52 -14.34 -42.77
N PHE B 350 22.69 -14.07 -43.78
CA PHE B 350 21.81 -12.92 -43.79
C PHE B 350 20.36 -13.37 -43.60
N THR B 351 19.48 -12.39 -43.42
CA THR B 351 18.05 -12.66 -43.31
C THR B 351 17.39 -12.48 -44.67
N GLU B 352 16.10 -12.76 -44.73
CA GLU B 352 15.36 -12.61 -45.99
C GLU B 352 15.27 -11.16 -46.43
N GLU B 353 15.43 -10.21 -45.51
CA GLU B 353 15.35 -8.79 -45.86
C GLU B 353 16.69 -8.19 -46.23
N GLY B 354 17.79 -8.72 -45.70
CA GLY B 354 19.10 -8.17 -45.96
C GLY B 354 19.82 -7.76 -44.69
N TYR B 355 19.42 -8.34 -43.57
CA TYR B 355 20.00 -8.05 -42.27
C TYR B 355 20.95 -9.17 -41.87
N GLN B 356 22.04 -8.82 -41.22
CA GLN B 356 22.96 -9.84 -40.71
C GLN B 356 22.28 -10.62 -39.60
N VAL B 357 22.38 -11.95 -39.68
CA VAL B 357 21.78 -12.80 -38.64
C VAL B 357 22.54 -12.64 -37.33
N HIS B 358 23.85 -12.49 -37.39
CA HIS B 358 24.70 -12.33 -36.22
C HIS B 358 25.52 -11.07 -36.37
N PRO B 359 24.91 -9.90 -36.17
CA PRO B 359 25.67 -8.65 -36.27
C PRO B 359 26.64 -8.50 -35.10
N ARG B 360 27.71 -7.76 -35.33
CA ARG B 360 28.75 -7.53 -34.33
C ARG B 360 28.49 -6.16 -33.72
N LEU B 361 27.61 -6.13 -32.71
CA LEU B 361 27.22 -4.90 -32.05
C LEU B 361 27.99 -4.73 -30.75
N VAL B 362 28.21 -3.49 -30.36
CA VAL B 362 28.85 -3.16 -29.10
C VAL B 362 27.97 -2.16 -28.35
N VAL B 363 28.12 -2.15 -27.03
CA VAL B 363 27.39 -1.27 -26.14
C VAL B 363 28.39 -0.28 -25.58
N ILE B 364 28.17 1.00 -25.85
CA ILE B 364 29.11 2.06 -25.55
C ILE B 364 28.44 3.10 -24.67
N VAL B 365 29.24 3.77 -23.84
CA VAL B 365 28.76 4.81 -22.95
C VAL B 365 29.70 6.01 -23.02
N LEU B 366 29.19 7.16 -22.59
CA LEU B 366 29.99 8.37 -22.46
C LEU B 366 30.64 8.38 -21.08
N ASN B 367 31.95 8.15 -21.03
CA ASN B 367 32.66 8.21 -19.77
C ASN B 367 32.77 9.66 -19.30
N LYS B 368 33.41 9.85 -18.14
CA LYS B 368 33.54 11.18 -17.57
C LYS B 368 34.40 12.10 -18.42
N ASP B 369 35.15 11.57 -19.38
CA ASP B 369 35.97 12.36 -20.28
C ASP B 369 35.24 12.70 -21.58
N ARG B 370 33.96 12.39 -21.68
CA ARG B 370 33.14 12.65 -22.86
C ARG B 370 33.72 11.96 -24.10
N GLU B 371 33.83 10.63 -24.00
CA GLU B 371 34.27 9.79 -25.10
C GLU B 371 33.42 8.54 -25.13
N TRP B 372 33.03 8.12 -26.33
CA TRP B 372 32.22 6.92 -26.44
C TRP B 372 33.06 5.69 -26.15
N GLU B 373 33.08 5.26 -24.90
CA GLU B 373 33.89 4.12 -24.47
C GLU B 373 33.07 2.86 -24.55
N LYS B 374 33.62 1.85 -25.25
CA LYS B 374 32.93 0.57 -25.39
C LYS B 374 32.86 -0.13 -24.04
N VAL B 375 31.69 -0.66 -23.73
CA VAL B 375 31.46 -1.31 -22.43
C VAL B 375 31.17 -2.79 -22.64
N GLY B 376 30.21 -3.10 -23.50
CA GLY B 376 29.78 -4.47 -23.71
C GLY B 376 29.83 -4.87 -25.17
N LYS B 377 29.63 -6.17 -25.41
CA LYS B 377 29.59 -6.70 -26.76
C LYS B 377 28.40 -7.64 -26.89
N TRP B 378 27.90 -7.79 -28.12
CA TRP B 378 26.78 -8.67 -28.42
C TRP B 378 27.24 -9.67 -29.46
N GLU B 379 27.68 -10.83 -29.00
CA GLU B 379 28.21 -11.88 -29.88
C GLU B 379 27.39 -13.15 -29.71
N ASN B 380 27.04 -13.77 -30.83
CA ASN B 380 26.31 -15.04 -30.84
C ASN B 380 25.07 -14.97 -29.95
N GLN B 381 24.26 -13.93 -30.17
CA GLN B 381 23.01 -13.71 -29.45
C GLN B 381 23.20 -13.66 -27.94
N THR B 382 24.40 -13.33 -27.48
CA THR B 382 24.69 -13.21 -26.06
C THR B 382 25.41 -11.89 -25.79
N LEU B 383 24.99 -11.21 -24.74
CA LEU B 383 25.58 -9.94 -24.35
C LEU B 383 26.59 -10.17 -23.22
N SER B 384 27.83 -9.77 -23.47
CA SER B 384 28.90 -9.85 -22.48
C SER B 384 29.26 -8.44 -22.05
N LEU B 385 29.13 -8.16 -20.76
CA LEU B 385 29.33 -6.82 -20.21
C LEU B 385 30.64 -6.78 -19.43
N ARG B 386 31.45 -5.77 -19.70
CA ARG B 386 32.70 -5.60 -18.96
C ARG B 386 32.43 -5.30 -17.49
N HIS B 387 31.46 -4.43 -17.21
CA HIS B 387 31.14 -4.03 -15.84
C HIS B 387 29.98 -4.89 -15.34
N ALA B 388 30.28 -5.81 -14.42
CA ALA B 388 29.23 -6.65 -13.86
C ALA B 388 28.20 -5.82 -13.10
N VAL B 389 28.66 -4.88 -12.28
CA VAL B 389 27.80 -3.93 -11.60
C VAL B 389 27.93 -2.59 -12.30
N TRP B 390 26.79 -1.95 -12.57
CA TRP B 390 26.81 -0.73 -13.36
C TRP B 390 27.50 0.39 -12.62
N PRO B 391 28.58 0.97 -13.16
CA PRO B 391 29.23 2.10 -12.48
C PRO B 391 28.40 3.37 -12.66
N ARG B 392 28.10 4.02 -11.55
CA ARG B 392 27.30 5.25 -11.60
C ARG B 392 28.10 6.35 -12.25
N TYR B 393 27.59 6.88 -13.36
CA TYR B 393 28.28 7.90 -14.15
C TYR B 393 27.71 9.27 -13.80
N LYS B 394 28.61 10.22 -13.54
CA LYS B 394 28.19 11.59 -13.26
C LYS B 394 27.68 12.22 -14.55
N SER B 395 26.40 12.59 -14.56
CA SER B 395 25.76 13.06 -15.79
C SER B 395 26.46 14.28 -16.35
N PHE B 396 26.56 15.34 -15.56
CA PHE B 396 27.20 16.57 -15.97
C PHE B 396 28.13 17.06 -14.87
N SER B 397 28.87 18.13 -15.16
CA SER B 397 29.80 18.67 -14.19
C SER B 397 29.09 19.36 -13.03
N ASP B 398 27.87 19.85 -13.27
CA ASP B 398 27.11 20.56 -12.25
C ASP B 398 26.10 19.66 -11.53
N CYS B 399 26.14 18.35 -11.78
CA CYS B 399 25.22 17.44 -11.13
C CYS B 399 25.56 17.30 -9.65
N GLU B 400 24.53 17.04 -8.85
CA GLU B 400 24.72 16.85 -7.42
C GLU B 400 25.50 15.57 -7.14
N PRO B 401 26.27 15.53 -6.05
CA PRO B 401 27.04 14.32 -5.75
C PRO B 401 26.13 13.14 -5.44
N ASP B 402 26.65 11.95 -5.71
CA ASP B 402 25.90 10.72 -5.52
C ASP B 402 25.77 10.43 -4.03
N ASP B 403 24.59 10.64 -3.48
CA ASP B 403 24.34 10.38 -2.07
C ASP B 403 23.21 9.39 -1.82
N ASN B 404 22.24 9.28 -2.73
CA ASN B 404 21.12 8.38 -2.54
C ASN B 404 21.47 6.93 -2.86
N HIS B 405 22.65 6.66 -3.42
CA HIS B 405 23.10 5.30 -3.68
C HIS B 405 24.13 4.91 -2.64
N LEU B 406 23.85 3.83 -1.91
CA LEU B 406 24.69 3.39 -0.80
C LEU B 406 25.10 1.95 -1.00
N SER B 407 26.32 1.62 -0.60
CA SER B 407 26.80 0.25 -0.60
C SER B 407 26.42 -0.40 0.72
N ILE B 408 25.64 -1.48 0.65
CA ILE B 408 25.06 -2.10 1.83
C ILE B 408 25.61 -3.52 1.95
N VAL B 409 26.11 -3.86 3.14
CA VAL B 409 26.74 -5.12 3.38
C VAL B 409 25.79 -5.99 4.19
N THR B 410 25.96 -7.30 4.10
CA THR B 410 25.07 -8.22 4.80
C THR B 410 25.73 -9.58 4.97
N LEU B 411 25.07 -10.43 5.76
CA LEU B 411 25.35 -11.86 5.85
C LEU B 411 24.10 -12.67 5.62
N GLU B 412 24.31 -13.89 5.14
CA GLU B 412 23.27 -14.91 5.06
C GLU B 412 23.01 -15.45 6.47
N GLU B 413 21.82 -15.18 6.99
CA GLU B 413 21.34 -15.80 8.21
C GLU B 413 20.05 -16.55 7.89
N ALA B 414 19.78 -17.58 8.70
CA ALA B 414 18.73 -18.53 8.33
C ALA B 414 17.36 -17.90 8.15
N PRO B 415 16.82 -17.11 9.09
CA PRO B 415 15.48 -16.56 8.87
C PRO B 415 15.47 -15.14 8.34
N PHE B 416 16.63 -14.48 8.32
CA PHE B 416 16.68 -13.05 8.04
C PHE B 416 17.19 -12.72 6.66
N VAL B 417 18.31 -13.30 6.24
CA VAL B 417 18.87 -13.07 4.91
C VAL B 417 19.16 -14.45 4.31
N ILE B 418 18.23 -14.96 3.53
CA ILE B 418 18.42 -16.22 2.81
C ILE B 418 18.99 -15.92 1.43
N VAL B 419 20.10 -16.56 1.10
CA VAL B 419 20.81 -16.34 -0.15
C VAL B 419 20.68 -17.58 -1.02
N GLU B 420 20.31 -17.38 -2.28
CA GLU B 420 20.13 -18.46 -3.24
C GLU B 420 20.71 -18.02 -4.57
N ASP B 421 20.71 -18.93 -5.53
CA ASP B 421 21.32 -18.68 -6.83
C ASP B 421 20.30 -18.11 -7.82
N ILE B 422 20.81 -17.72 -8.98
CA ILE B 422 19.97 -17.12 -10.02
C ILE B 422 19.02 -18.18 -10.57
N ASP B 423 17.85 -17.74 -11.00
CA ASP B 423 16.90 -18.65 -11.65
C ASP B 423 17.48 -19.08 -12.99
N PRO B 424 17.73 -20.38 -13.19
CA PRO B 424 18.35 -20.82 -14.46
C PRO B 424 17.50 -20.53 -15.69
N LEU B 425 16.18 -20.60 -15.57
CA LEU B 425 15.29 -20.44 -16.72
C LEU B 425 14.94 -18.99 -17.01
N THR B 426 15.46 -18.05 -16.23
CA THR B 426 15.22 -16.63 -16.45
C THR B 426 16.48 -15.78 -16.44
N GLU B 427 17.57 -16.27 -15.83
CA GLU B 427 18.84 -15.55 -15.72
C GLU B 427 18.72 -14.26 -14.91
N THR B 428 17.62 -14.10 -14.17
CA THR B 428 17.44 -12.97 -13.27
C THR B 428 17.06 -13.46 -11.87
N CYS B 429 16.80 -12.53 -10.96
CA CYS B 429 16.39 -12.86 -9.62
C CYS B 429 14.89 -13.01 -9.52
N VAL B 430 14.44 -13.81 -8.55
CA VAL B 430 13.02 -13.96 -8.32
C VAL B 430 12.43 -12.60 -7.93
N ARG B 431 11.13 -12.43 -8.19
CA ARG B 431 10.50 -11.12 -8.04
C ARG B 431 10.59 -10.61 -6.61
N ASN B 432 10.36 -11.49 -5.62
CA ASN B 432 10.41 -11.07 -4.23
C ASN B 432 11.82 -10.88 -3.70
N THR B 433 12.81 -11.51 -4.32
CA THR B 433 14.19 -11.40 -3.85
C THR B 433 14.83 -10.13 -4.40
N VAL B 434 16.06 -9.85 -3.96
CA VAL B 434 16.82 -8.72 -4.48
C VAL B 434 18.20 -9.20 -4.91
N PRO B 435 18.82 -8.59 -5.91
CA PRO B 435 20.16 -9.02 -6.31
C PRO B 435 21.20 -8.58 -5.30
N CYS B 436 22.21 -9.42 -5.11
CA CYS B 436 23.34 -9.11 -4.25
C CYS B 436 24.54 -9.91 -4.71
N ARG B 437 25.69 -9.23 -4.78
CA ARG B 437 26.89 -9.82 -5.36
C ARG B 437 27.77 -10.40 -4.27
N LYS B 438 28.21 -11.63 -4.46
CA LYS B 438 29.11 -12.31 -3.55
C LYS B 438 30.45 -12.52 -4.23
N PHE B 439 31.53 -12.28 -3.48
CA PHE B 439 32.89 -12.36 -4.00
C PHE B 439 33.40 -13.79 -3.80
N VAL B 440 33.13 -14.64 -4.78
CA VAL B 440 33.57 -16.03 -4.72
C VAL B 440 35.02 -16.12 -5.20
N LYS B 441 35.80 -16.94 -4.51
CA LYS B 441 37.24 -17.07 -4.74
C LYS B 441 37.53 -18.34 -5.51
N ILE B 442 38.42 -18.23 -6.51
CA ILE B 442 38.77 -19.39 -7.33
C ILE B 442 39.46 -20.46 -6.48
N ASN B 443 40.50 -20.06 -5.73
CA ASN B 443 41.19 -21.00 -4.87
C ASN B 443 41.96 -20.23 -3.81
N ASN B 444 42.46 -20.97 -2.82
CA ASN B 444 43.13 -20.36 -1.67
C ASN B 444 44.36 -19.57 -2.08
N SER B 445 45.14 -20.11 -3.03
CA SER B 445 46.40 -19.48 -3.41
C SER B 445 46.17 -18.10 -4.03
N THR B 446 45.17 -17.98 -4.91
CA THR B 446 44.94 -16.73 -5.61
C THR B 446 44.16 -15.74 -4.75
N ASN B 447 44.15 -14.48 -5.19
CA ASN B 447 43.40 -13.44 -4.52
C ASN B 447 42.27 -12.86 -5.36
N GLU B 448 42.26 -13.09 -6.67
CA GLU B 448 41.20 -12.61 -7.53
C GLU B 448 39.94 -13.44 -7.33
N GLY B 449 38.78 -12.81 -7.56
CA GLY B 449 37.52 -13.47 -7.41
C GLY B 449 36.49 -12.92 -8.37
N MET B 450 35.28 -13.46 -8.30
CA MET B 450 34.18 -13.05 -9.16
C MET B 450 33.00 -12.61 -8.31
N ASN B 451 32.33 -11.55 -8.76
CA ASN B 451 31.12 -11.05 -8.08
C ASN B 451 29.91 -11.74 -8.70
N VAL B 452 29.61 -12.92 -8.18
CA VAL B 452 28.44 -13.66 -8.66
C VAL B 452 27.19 -13.02 -8.09
N LYS B 453 26.20 -12.77 -8.97
CA LYS B 453 25.01 -12.00 -8.59
C LYS B 453 23.94 -12.94 -8.07
N LYS B 454 24.07 -13.32 -6.81
CA LYS B 454 23.07 -14.18 -6.18
C LYS B 454 21.83 -13.36 -5.84
N CYS B 455 20.79 -14.05 -5.36
CA CYS B 455 19.53 -13.42 -4.99
C CYS B 455 19.29 -13.66 -3.51
N CYS B 456 19.07 -12.59 -2.76
CA CYS B 456 18.88 -12.68 -1.32
C CYS B 456 17.52 -12.10 -0.94
N LYS B 457 16.90 -12.71 0.05
CA LYS B 457 15.57 -12.32 0.53
C LYS B 457 15.54 -12.49 2.04
N GLY B 458 14.38 -12.29 2.64
CA GLY B 458 14.18 -12.57 4.04
C GLY B 458 13.71 -11.36 4.82
N PHE B 459 13.73 -11.50 6.15
CA PHE B 459 13.20 -10.46 7.03
C PHE B 459 14.00 -9.18 6.92
N CYS B 460 15.32 -9.26 7.07
CA CYS B 460 16.14 -8.07 6.97
C CYS B 460 16.13 -7.51 5.55
N ILE B 461 16.02 -8.38 4.54
CA ILE B 461 16.07 -7.92 3.16
C ILE B 461 14.83 -7.10 2.82
N ASP B 462 13.64 -7.59 3.18
CA ASP B 462 12.46 -6.78 2.87
C ASP B 462 12.27 -5.64 3.84
N ILE B 463 12.86 -5.72 5.04
CA ILE B 463 13.00 -4.52 5.86
C ILE B 463 13.79 -3.46 5.11
N LEU B 464 14.89 -3.87 4.47
CA LEU B 464 15.68 -2.95 3.67
C LEU B 464 14.89 -2.45 2.47
N LYS B 465 14.08 -3.31 1.87
CA LYS B 465 13.25 -2.89 0.74
C LYS B 465 12.27 -1.79 1.15
N LYS B 466 11.61 -1.97 2.29
CA LYS B 466 10.72 -0.94 2.79
C LYS B 466 11.47 0.32 3.19
N LEU B 467 12.68 0.17 3.75
CA LEU B 467 13.49 1.34 4.06
C LEU B 467 13.84 2.13 2.80
N SER B 468 14.18 1.42 1.73
CA SER B 468 14.47 2.09 0.46
C SER B 468 13.23 2.76 -0.09
N ARG B 469 12.08 2.12 0.05
CA ARG B 469 10.84 2.72 -0.44
C ARG B 469 10.49 3.99 0.34
N THR B 470 10.70 3.98 1.65
CA THR B 470 10.29 5.11 2.48
C THR B 470 11.32 6.24 2.44
N VAL B 471 12.57 5.94 2.83
CA VAL B 471 13.62 6.95 2.84
C VAL B 471 14.01 7.38 1.44
N LYS B 472 13.57 6.63 0.41
CA LYS B 472 13.84 6.96 -0.99
C LYS B 472 15.34 6.98 -1.28
N PHE B 473 15.96 5.81 -1.14
CA PHE B 473 17.36 5.63 -1.50
C PHE B 473 17.50 4.36 -2.32
N THR B 474 18.56 4.32 -3.13
CA THR B 474 18.93 3.13 -3.89
C THR B 474 20.15 2.48 -3.25
N TYR B 475 20.37 1.22 -3.59
CA TYR B 475 21.44 0.46 -2.95
C TYR B 475 21.94 -0.61 -3.89
N ASP B 476 23.16 -1.09 -3.61
CA ASP B 476 23.75 -2.25 -4.28
C ASP B 476 24.22 -3.21 -3.18
N LEU B 477 23.30 -4.08 -2.76
CA LEU B 477 23.58 -4.99 -1.66
C LEU B 477 24.68 -5.96 -2.04
N TYR B 478 25.51 -6.32 -1.06
CA TYR B 478 26.57 -7.30 -1.29
C TYR B 478 26.91 -7.99 0.01
N LEU B 479 27.21 -9.28 -0.09
CA LEU B 479 27.53 -10.09 1.08
C LEU B 479 28.98 -9.89 1.49
N VAL B 480 29.21 -9.93 2.80
CA VAL B 480 30.56 -9.84 3.35
C VAL B 480 31.20 -11.21 3.33
N THR B 481 32.53 -11.23 3.17
CA THR B 481 33.29 -12.47 3.11
C THR B 481 34.41 -12.57 4.12
N ASN B 482 34.86 -11.45 4.69
CA ASN B 482 36.01 -11.49 5.59
C ASN B 482 35.67 -12.23 6.88
N GLY B 483 34.53 -11.89 7.49
CA GLY B 483 34.11 -12.46 8.76
C GLY B 483 32.61 -12.56 8.80
N LYS B 484 32.10 -13.10 9.91
CA LYS B 484 30.66 -13.35 10.00
C LYS B 484 29.87 -12.10 10.36
N HIS B 485 30.02 -11.61 11.58
CA HIS B 485 29.18 -10.52 12.05
C HIS B 485 30.01 -9.34 12.51
N GLY B 486 31.23 -9.60 12.95
CA GLY B 486 32.12 -8.55 13.38
C GLY B 486 32.85 -8.91 14.64
N LYS B 487 34.18 -8.83 14.61
CA LYS B 487 35.00 -9.18 15.75
C LYS B 487 36.28 -8.35 15.69
N LYS B 488 36.76 -7.95 16.85
CA LYS B 488 37.94 -7.09 16.95
C LYS B 488 39.15 -7.99 17.21
N VAL B 489 39.80 -8.42 16.12
CA VAL B 489 41.02 -9.21 16.20
C VAL B 489 42.20 -8.29 15.92
N ASN B 490 43.13 -8.24 16.87
CA ASN B 490 44.31 -7.38 16.76
C ASN B 490 43.92 -5.92 16.52
N ASN B 491 42.88 -5.48 17.22
CA ASN B 491 42.35 -4.12 17.12
C ASN B 491 41.88 -3.79 15.70
N VAL B 492 41.46 -4.82 14.96
CA VAL B 492 40.92 -4.66 13.61
C VAL B 492 39.58 -5.37 13.56
N TRP B 493 38.56 -4.68 13.08
CA TRP B 493 37.23 -5.25 13.00
C TRP B 493 37.07 -6.05 11.71
N ASN B 494 36.54 -7.26 11.82
CA ASN B 494 36.20 -8.06 10.65
C ASN B 494 34.72 -8.39 10.66
N GLY B 495 34.18 -8.58 9.46
CA GLY B 495 32.75 -8.82 9.30
C GLY B 495 32.01 -7.60 8.82
N MET B 496 30.70 -7.61 9.04
CA MET B 496 29.85 -6.50 8.62
C MET B 496 30.25 -5.21 9.36
N ILE B 497 30.54 -5.32 10.65
CA ILE B 497 31.05 -4.17 11.39
C ILE B 497 32.37 -3.70 10.79
N GLY B 498 33.20 -4.65 10.36
CA GLY B 498 34.44 -4.27 9.72
C GLY B 498 34.22 -3.51 8.42
N GLU B 499 33.23 -3.93 7.64
CA GLU B 499 32.92 -3.21 6.40
C GLU B 499 32.40 -1.81 6.69
N VAL B 500 31.55 -1.67 7.70
CA VAL B 500 30.98 -0.36 8.00
C VAL B 500 32.04 0.58 8.56
N VAL B 501 32.91 0.08 9.44
CA VAL B 501 33.91 0.93 10.08
C VAL B 501 34.86 1.51 9.04
N TYR B 502 35.35 0.68 8.12
CA TYR B 502 36.33 1.10 7.14
C TYR B 502 35.69 1.68 5.89
N GLN B 503 34.45 2.15 5.99
CA GLN B 503 33.78 2.92 4.94
C GLN B 503 33.62 2.15 3.64
N ARG B 504 33.67 0.82 3.70
CA ARG B 504 33.35 0.01 2.54
C ARG B 504 31.86 -0.25 2.41
N ALA B 505 31.06 0.14 3.40
CA ALA B 505 29.62 -0.07 3.37
C ALA B 505 28.96 0.96 4.26
N VAL B 506 27.99 1.69 3.71
CA VAL B 506 27.29 2.70 4.51
C VAL B 506 26.39 2.03 5.54
N MET B 507 25.74 0.93 5.17
CA MET B 507 24.78 0.25 6.01
C MET B 507 25.17 -1.20 6.16
N ALA B 508 24.69 -1.83 7.23
CA ALA B 508 24.91 -3.26 7.47
C ALA B 508 23.59 -3.86 7.95
N VAL B 509 22.77 -4.26 7.01
CA VAL B 509 21.49 -4.88 7.33
C VAL B 509 21.69 -6.38 7.50
N GLY B 510 21.06 -6.96 8.50
CA GLY B 510 21.19 -8.36 8.78
C GLY B 510 20.96 -8.62 10.25
N SER B 511 21.36 -9.82 10.68
CA SER B 511 21.23 -10.23 12.09
C SER B 511 22.41 -9.67 12.88
N LEU B 512 22.40 -8.34 13.05
CA LEU B 512 23.48 -7.62 13.68
C LEU B 512 23.03 -7.19 15.08
N THR B 513 23.61 -7.82 16.10
CA THR B 513 23.25 -7.53 17.48
C THR B 513 23.91 -6.25 17.95
N ILE B 514 23.22 -5.52 18.82
CA ILE B 514 23.72 -4.27 19.38
C ILE B 514 24.37 -4.56 20.73
N ASN B 515 25.61 -4.12 20.90
CA ASN B 515 26.27 -4.18 22.20
C ASN B 515 27.12 -2.92 22.34
N GLU B 516 27.91 -2.86 23.42
CA GLU B 516 28.60 -1.63 23.76
C GLU B 516 29.75 -1.34 22.80
N GLU B 517 30.56 -2.35 22.48
CA GLU B 517 31.76 -2.10 21.66
C GLU B 517 31.39 -1.73 20.23
N ARG B 518 30.46 -2.48 19.63
CA ARG B 518 30.03 -2.15 18.27
C ARG B 518 29.41 -0.76 18.23
N SER B 519 28.50 -0.46 19.17
CA SER B 519 27.89 0.86 19.21
C SER B 519 28.91 1.95 19.52
N GLU B 520 30.06 1.58 20.08
CA GLU B 520 31.16 2.53 20.21
C GLU B 520 31.88 2.75 18.89
N VAL B 521 31.96 1.72 18.06
CA VAL B 521 32.74 1.83 16.82
C VAL B 521 31.84 2.16 15.63
N VAL B 522 30.56 1.79 15.69
CA VAL B 522 29.60 2.16 14.65
C VAL B 522 28.43 2.88 15.30
N ASP B 523 27.43 3.24 14.49
CA ASP B 523 26.29 4.02 14.95
C ASP B 523 25.01 3.28 14.59
N PHE B 524 24.49 2.51 15.54
CA PHE B 524 23.34 1.65 15.28
C PHE B 524 22.06 2.45 15.17
N SER B 525 21.03 1.80 14.66
CA SER B 525 19.69 2.37 14.55
C SER B 525 18.81 1.82 15.67
N VAL B 526 17.52 2.12 15.60
CA VAL B 526 16.57 1.61 16.59
C VAL B 526 16.45 0.10 16.44
N PRO B 527 16.50 -0.68 17.51
CA PRO B 527 16.36 -2.14 17.38
C PRO B 527 14.98 -2.52 16.88
N PHE B 528 14.94 -3.15 15.70
CA PHE B 528 13.68 -3.50 15.06
C PHE B 528 13.23 -4.92 15.35
N VAL B 529 13.96 -5.66 16.17
CA VAL B 529 13.52 -6.98 16.60
C VAL B 529 14.30 -7.36 17.86
N GLU B 530 13.60 -7.97 18.81
CA GLU B 530 14.19 -8.29 20.10
C GLU B 530 14.99 -9.59 20.02
N THR B 531 16.22 -9.56 20.54
CA THR B 531 17.08 -10.73 20.58
C THR B 531 17.75 -10.77 21.95
N GLY B 532 18.81 -11.55 22.06
CA GLY B 532 19.56 -11.67 23.29
C GLY B 532 20.01 -13.09 23.55
N ILE B 533 20.88 -13.29 24.54
CA ILE B 533 21.38 -14.61 24.84
C ILE B 533 20.24 -15.52 25.26
N SER B 534 20.26 -16.76 24.78
CA SER B 534 19.25 -17.73 25.13
C SER B 534 19.82 -19.12 24.95
N VAL B 535 19.29 -20.08 25.70
CA VAL B 535 19.77 -21.45 25.74
C VAL B 535 18.71 -22.36 25.15
N MET B 536 19.09 -23.15 24.16
CA MET B 536 18.20 -24.12 23.54
C MET B 536 18.70 -25.52 23.84
N VAL B 537 17.80 -26.38 24.33
CA VAL B 537 18.15 -27.74 24.69
C VAL B 537 17.13 -28.69 24.06
N SER B 538 17.56 -29.93 23.87
CA SER B 538 16.63 -30.96 23.43
C SER B 538 15.59 -31.20 24.49
N ARG B 539 14.33 -31.34 24.07
CA ARG B 539 13.24 -31.48 25.00
C ARG B 539 13.41 -32.73 25.85
N SER B 540 13.29 -32.57 27.16
CA SER B 540 13.48 -33.69 28.08
C SER B 540 12.31 -34.67 27.97
N ASN B 541 12.60 -35.93 28.29
CA ASN B 541 11.55 -36.95 28.30
C ASN B 541 10.51 -36.63 29.37
N GLY B 542 10.94 -36.15 30.52
CA GLY B 542 10.03 -35.76 31.58
C GLY B 542 9.50 -36.94 32.36
N THR B 543 8.65 -36.61 33.34
CA THR B 543 8.04 -37.61 34.20
C THR B 543 6.77 -37.02 34.78
N VAL B 544 6.01 -37.87 35.47
CA VAL B 544 4.80 -37.47 36.17
C VAL B 544 5.04 -37.61 37.66
N SER B 545 4.72 -36.57 38.41
CA SER B 545 4.97 -36.59 39.84
C SER B 545 4.12 -37.68 40.50
N PRO B 546 4.64 -38.36 41.52
CA PRO B 546 3.84 -39.39 42.20
C PRO B 546 2.60 -38.83 42.88
N SER B 547 2.55 -37.53 43.14
CA SER B 547 1.40 -36.89 43.76
C SER B 547 0.41 -36.34 42.76
N ALA B 548 0.53 -36.72 41.49
CA ALA B 548 -0.36 -36.17 40.46
C ALA B 548 -1.80 -36.61 40.68
N PHE B 549 -2.01 -37.87 41.08
CA PHE B 549 -3.36 -38.39 41.21
C PHE B 549 -4.04 -38.01 42.52
N LEU B 550 -3.30 -37.49 43.50
CA LEU B 550 -3.92 -36.89 44.67
C LEU B 550 -4.36 -35.45 44.42
N GLU B 551 -3.86 -34.83 43.36
CA GLU B 551 -4.10 -33.43 43.01
C GLU B 551 -5.53 -33.10 42.60
N PRO B 552 -6.35 -34.03 42.09
CA PRO B 552 -7.74 -33.67 41.78
C PRO B 552 -8.50 -33.03 42.94
N PHE B 553 -8.20 -33.41 44.17
CA PHE B 553 -8.74 -32.73 45.35
C PHE B 553 -7.60 -32.19 46.18
N SER B 554 -7.85 -31.07 46.86
CA SER B 554 -6.86 -30.53 47.77
C SER B 554 -6.72 -31.42 49.00
N ALA B 555 -5.61 -31.23 49.71
CA ALA B 555 -5.33 -32.07 50.88
C ALA B 555 -6.42 -31.90 51.94
N SER B 556 -6.88 -30.66 52.16
CA SER B 556 -7.92 -30.42 53.14
C SER B 556 -9.21 -31.15 52.77
N VAL B 557 -9.60 -31.08 51.49
CA VAL B 557 -10.81 -31.78 51.05
C VAL B 557 -10.65 -33.29 51.21
N TRP B 558 -9.48 -33.81 50.84
CA TRP B 558 -9.22 -35.24 50.99
C TRP B 558 -9.40 -35.67 52.44
N VAL B 559 -8.74 -34.97 53.37
CA VAL B 559 -8.75 -35.39 54.76
C VAL B 559 -10.14 -35.19 55.37
N MET B 560 -10.85 -34.12 55.00
CA MET B 560 -12.17 -33.90 55.57
C MET B 560 -13.19 -34.89 55.02
N MET B 561 -12.99 -35.35 53.79
CA MET B 561 -13.90 -36.35 53.23
C MET B 561 -13.64 -37.72 53.83
N PHE B 562 -12.37 -38.10 53.98
CA PHE B 562 -12.01 -39.46 54.31
C PHE B 562 -11.60 -39.66 55.76
N VAL B 563 -11.65 -38.62 56.60
CA VAL B 563 -11.37 -38.78 58.02
C VAL B 563 -12.56 -38.31 58.83
N MET B 564 -12.94 -37.04 58.67
CA MET B 564 -14.05 -36.50 59.44
C MET B 564 -15.38 -37.04 58.93
N LEU B 565 -15.68 -36.81 57.66
CA LEU B 565 -16.99 -37.15 57.12
C LEU B 565 -17.22 -38.66 57.15
N LEU B 566 -16.21 -39.46 56.77
CA LEU B 566 -16.39 -40.90 56.74
C LEU B 566 -16.62 -41.47 58.13
N ILE B 567 -15.83 -41.03 59.12
CA ILE B 567 -16.01 -41.52 60.48
C ILE B 567 -17.36 -41.10 61.03
N VAL B 568 -17.76 -39.85 60.76
CA VAL B 568 -19.06 -39.38 61.24
C VAL B 568 -20.19 -40.22 60.64
N SER B 569 -20.11 -40.49 59.34
CA SER B 569 -21.14 -41.27 58.67
C SER B 569 -21.19 -42.70 59.20
N ALA B 570 -20.02 -43.32 59.38
CA ALA B 570 -19.98 -44.68 59.90
C ALA B 570 -20.55 -44.76 61.30
N ILE B 571 -20.20 -43.79 62.16
CA ILE B 571 -20.74 -43.75 63.51
C ILE B 571 -22.26 -43.57 63.46
N ALA B 572 -22.75 -42.70 62.59
CA ALA B 572 -24.19 -42.50 62.46
C ALA B 572 -24.89 -43.79 62.04
N VAL B 573 -24.31 -44.49 61.06
CA VAL B 573 -24.92 -45.75 60.62
C VAL B 573 -24.93 -46.76 61.76
N PHE B 574 -23.84 -46.85 62.52
CA PHE B 574 -23.77 -47.82 63.59
C PHE B 574 -24.80 -47.53 64.67
N VAL B 575 -24.93 -46.27 65.09
CA VAL B 575 -25.89 -45.96 66.14
C VAL B 575 -27.32 -46.07 65.63
N PHE B 576 -27.56 -45.80 64.35
CA PHE B 576 -28.89 -46.04 63.79
C PHE B 576 -29.22 -47.53 63.80
N GLU B 577 -28.23 -48.37 63.49
CA GLU B 577 -28.44 -49.81 63.57
C GLU B 577 -28.69 -50.25 65.00
N TYR B 578 -28.02 -49.63 65.98
CA TYR B 578 -28.21 -50.00 67.37
C TYR B 578 -29.63 -49.73 67.83
N PHE B 579 -30.20 -48.59 67.45
CA PHE B 579 -31.55 -48.24 67.85
C PHE B 579 -32.59 -48.90 66.95
N PHE B 599 -23.19 -55.91 64.12
CA PHE B 599 -22.77 -54.85 63.21
C PHE B 599 -21.78 -53.90 63.89
N THR B 600 -20.52 -54.31 63.93
CA THR B 600 -19.48 -53.52 64.59
C THR B 600 -19.25 -52.22 63.83
N ILE B 601 -18.78 -51.20 64.57
CA ILE B 601 -18.43 -49.93 63.95
C ILE B 601 -17.35 -50.13 62.89
N GLY B 602 -16.43 -51.07 63.12
CA GLY B 602 -15.45 -51.39 62.10
C GLY B 602 -16.09 -51.91 60.83
N LYS B 603 -17.15 -52.70 60.95
CA LYS B 603 -17.87 -53.18 59.77
C LYS B 603 -18.57 -52.03 59.06
N ALA B 604 -19.11 -51.07 59.81
CA ALA B 604 -19.69 -49.89 59.19
C ALA B 604 -18.64 -49.09 58.43
N ILE B 605 -17.44 -48.95 59.01
CA ILE B 605 -16.35 -48.25 58.34
C ILE B 605 -15.96 -48.99 57.06
N TRP B 606 -15.90 -50.32 57.13
CA TRP B 606 -15.55 -51.12 55.96
C TRP B 606 -16.58 -50.96 54.86
N LEU B 607 -17.87 -50.99 55.21
CA LEU B 607 -18.92 -50.79 54.23
C LEU B 607 -18.84 -49.40 53.61
N LEU B 608 -18.58 -48.40 54.45
CA LEU B 608 -18.49 -47.02 53.96
C LEU B 608 -17.34 -46.89 52.98
N TRP B 609 -16.19 -47.46 53.32
CA TRP B 609 -15.02 -47.43 52.45
C TRP B 609 -15.29 -48.15 51.14
N GLY B 610 -15.90 -49.33 51.19
CA GLY B 610 -16.22 -50.05 49.98
C GLY B 610 -17.19 -49.29 49.09
N LEU B 611 -18.12 -48.57 49.70
CA LEU B 611 -19.06 -47.77 48.90
C LEU B 611 -18.40 -46.55 48.29
N VAL B 612 -17.34 -46.02 48.94
CA VAL B 612 -16.66 -44.85 48.39
C VAL B 612 -16.19 -45.11 46.97
N PHE B 613 -15.53 -46.25 46.76
CA PHE B 613 -15.16 -46.72 45.42
C PHE B 613 -15.74 -48.12 45.25
N ASN B 614 -16.92 -48.20 44.65
CA ASN B 614 -17.63 -49.47 44.56
C ASN B 614 -16.97 -50.40 43.56
N ASN B 615 -16.05 -51.23 44.04
CA ASN B 615 -15.42 -52.27 43.24
C ASN B 615 -15.95 -53.65 43.60
N SER B 616 -17.23 -53.72 43.96
CA SER B 616 -17.86 -54.97 44.39
C SER B 616 -17.12 -55.58 45.57
N VAL B 617 -16.63 -54.73 46.47
CA VAL B 617 -15.98 -55.16 47.69
C VAL B 617 -17.02 -55.81 48.59
N PRO B 618 -16.83 -57.04 49.04
CA PRO B 618 -17.82 -57.69 49.90
C PRO B 618 -18.04 -56.89 51.18
N VAL B 619 -19.31 -56.72 51.55
CA VAL B 619 -19.71 -55.91 52.69
C VAL B 619 -20.93 -56.54 53.32
N GLN B 620 -21.29 -56.06 54.52
CA GLN B 620 -22.51 -56.46 55.21
C GLN B 620 -23.41 -55.23 55.32
N ASN B 621 -24.54 -55.27 54.61
CA ASN B 621 -25.44 -54.13 54.62
C ASN B 621 -26.17 -54.03 55.96
N PRO B 622 -26.50 -52.82 56.39
CA PRO B 622 -27.30 -52.67 57.61
C PRO B 622 -28.75 -53.10 57.38
N LYS B 623 -29.42 -53.41 58.49
CA LYS B 623 -30.79 -53.90 58.43
C LYS B 623 -31.84 -52.83 58.70
N GLY B 624 -31.50 -51.79 59.47
CA GLY B 624 -32.47 -50.76 59.78
C GLY B 624 -32.84 -49.92 58.57
N THR B 625 -34.02 -49.32 58.64
CA THR B 625 -34.50 -48.48 57.54
C THR B 625 -33.73 -47.17 57.47
N THR B 626 -33.55 -46.51 58.60
CA THR B 626 -32.80 -45.26 58.60
C THR B 626 -31.34 -45.47 58.25
N SER B 627 -30.75 -46.58 58.70
CA SER B 627 -29.39 -46.91 58.29
C SER B 627 -29.31 -47.12 56.78
N LYS B 628 -30.31 -47.78 56.20
CA LYS B 628 -30.34 -47.94 54.75
C LYS B 628 -30.47 -46.61 54.04
N ILE B 629 -31.28 -45.70 54.58
CA ILE B 629 -31.40 -44.37 53.98
C ILE B 629 -30.07 -43.64 54.02
N MET B 630 -29.38 -43.72 55.15
CA MET B 630 -28.08 -43.07 55.27
C MET B 630 -27.07 -43.69 54.30
N VAL B 631 -27.09 -45.01 54.15
CA VAL B 631 -26.23 -45.65 53.18
C VAL B 631 -26.55 -45.16 51.77
N SER B 632 -27.84 -44.97 51.48
CA SER B 632 -28.24 -44.48 50.17
C SER B 632 -27.69 -43.09 49.89
N VAL B 633 -27.85 -42.17 50.85
CA VAL B 633 -27.38 -40.81 50.63
C VAL B 633 -25.86 -40.78 50.56
N TRP B 634 -25.18 -41.61 51.35
CA TRP B 634 -23.73 -41.66 51.26
C TRP B 634 -23.28 -42.23 49.91
N ALA B 635 -24.01 -43.21 49.37
CA ALA B 635 -23.64 -43.74 48.07
C ALA B 635 -23.89 -42.73 46.96
N PHE B 636 -24.91 -41.89 47.11
CA PHE B 636 -25.06 -40.76 46.20
C PHE B 636 -23.86 -39.82 46.29
N PHE B 637 -23.42 -39.53 47.52
CA PHE B 637 -22.19 -38.74 47.68
C PHE B 637 -21.01 -39.45 47.02
N ALA B 638 -20.99 -40.78 47.09
CA ALA B 638 -19.87 -41.54 46.55
C ALA B 638 -19.84 -41.49 45.02
N VAL B 639 -21.00 -41.57 44.38
CA VAL B 639 -21.02 -41.46 42.92
C VAL B 639 -20.65 -40.04 42.50
N ILE B 640 -21.07 -39.03 43.28
CA ILE B 640 -20.63 -37.67 43.01
C ILE B 640 -19.11 -37.56 43.14
N PHE B 641 -18.55 -38.18 44.18
CA PHE B 641 -17.11 -38.16 44.40
C PHE B 641 -16.36 -38.82 43.25
N LEU B 642 -16.85 -39.99 42.81
CA LEU B 642 -16.22 -40.68 41.69
C LEU B 642 -16.27 -39.84 40.42
N ALA B 643 -17.43 -39.21 40.17
CA ALA B 643 -17.56 -38.35 39.00
C ALA B 643 -16.54 -37.21 39.04
N SER B 644 -16.45 -36.52 40.18
CA SER B 644 -15.54 -35.39 40.28
C SER B 644 -14.08 -35.82 40.24
N TYR B 645 -13.77 -37.01 40.79
CA TYR B 645 -12.39 -37.46 40.82
C TYR B 645 -11.91 -37.91 39.45
N THR B 646 -12.73 -38.67 38.73
CA THR B 646 -12.33 -39.20 37.44
C THR B 646 -12.71 -38.31 36.28
N ALA B 647 -13.35 -37.16 36.54
CA ALA B 647 -13.70 -36.25 35.45
C ALA B 647 -12.45 -35.69 34.79
N ASN B 648 -11.45 -35.31 35.58
CA ASN B 648 -10.23 -34.72 35.06
C ASN B 648 -8.99 -35.52 35.44
N LEU B 649 -9.15 -36.81 35.74
CA LEU B 649 -8.00 -37.61 36.14
C LEU B 649 -6.97 -37.72 35.03
N ALA B 650 -7.42 -37.90 33.79
CA ALA B 650 -6.49 -38.06 32.68
C ALA B 650 -5.59 -36.83 32.51
N ALA B 651 -6.18 -35.64 32.62
CA ALA B 651 -5.39 -34.42 32.47
C ALA B 651 -4.40 -34.25 33.61
N PHE B 652 -4.75 -34.70 34.81
CA PHE B 652 -3.87 -34.51 35.96
C PHE B 652 -2.62 -35.38 35.86
N ILE B 653 -2.78 -36.65 35.49
CA ILE B 653 -1.62 -37.53 35.28
C ILE B 653 -1.23 -37.37 33.81
N GLN B 654 -0.47 -36.32 33.53
CA GLN B 654 -0.03 -35.99 32.19
C GLN B 654 1.47 -35.78 32.18
N GLU B 655 2.13 -36.29 31.14
CA GLU B 655 3.57 -36.18 31.04
C GLU B 655 3.97 -34.71 30.91
N GLU B 656 4.75 -34.22 31.86
CA GLU B 656 5.23 -32.85 31.86
C GLU B 656 6.74 -32.84 31.61
N PHE B 657 7.18 -31.85 30.83
CA PHE B 657 8.58 -31.75 30.42
C PHE B 657 9.24 -30.67 31.27
N VAL B 658 9.82 -31.09 32.40
CA VAL B 658 10.50 -30.16 33.28
C VAL B 658 11.84 -29.76 32.65
N ASP B 659 12.14 -28.46 32.69
CA ASP B 659 13.39 -27.97 32.12
C ASP B 659 14.55 -28.39 33.00
N GLN B 660 15.59 -28.97 32.38
CA GLN B 660 16.74 -29.44 33.14
C GLN B 660 17.64 -28.30 33.58
N VAL B 661 17.51 -27.12 32.97
CA VAL B 661 18.34 -25.96 33.32
C VAL B 661 17.41 -24.79 33.62
N THR B 662 17.65 -24.13 34.75
CA THR B 662 16.83 -22.97 35.11
C THR B 662 17.19 -21.75 34.27
N GLY B 663 18.48 -21.52 34.06
CA GLY B 663 18.89 -20.34 33.32
C GLY B 663 20.38 -20.37 33.06
N LEU B 664 20.87 -19.28 32.48
CA LEU B 664 22.29 -19.15 32.20
C LEU B 664 23.13 -19.04 33.47
N SER B 665 22.51 -18.79 34.62
CA SER B 665 23.19 -18.74 35.89
C SER B 665 23.04 -20.02 36.68
N ASP B 666 22.57 -21.10 36.06
CA ASP B 666 22.40 -22.37 36.74
C ASP B 666 23.76 -22.93 37.16
N LYS B 667 23.73 -23.76 38.19
CA LYS B 667 24.97 -24.36 38.68
C LYS B 667 25.59 -25.30 37.66
N LYS B 668 24.79 -25.87 36.76
CA LYS B 668 25.33 -26.71 35.71
C LYS B 668 26.24 -25.91 34.79
N PHE B 669 25.84 -24.69 34.44
CA PHE B 669 26.65 -23.86 33.57
C PHE B 669 27.89 -23.34 34.28
N GLN B 670 27.72 -22.85 35.51
CA GLN B 670 28.85 -22.23 36.21
C GLN B 670 29.86 -23.27 36.66
N ARG B 671 29.40 -24.40 37.20
CA ARG B 671 30.28 -25.45 37.72
C ARG B 671 29.84 -26.75 37.07
N PRO B 672 30.30 -27.04 35.84
CA PRO B 672 29.83 -28.23 35.13
C PRO B 672 30.53 -29.52 35.51
N HIS B 673 31.66 -29.45 36.23
CA HIS B 673 32.44 -30.66 36.49
C HIS B 673 31.79 -31.54 37.54
N ASP B 674 31.11 -30.96 38.53
CA ASP B 674 30.56 -31.74 39.63
C ASP B 674 29.27 -32.44 39.23
N TYR B 675 29.31 -33.19 38.13
CA TYR B 675 28.19 -34.02 37.70
C TYR B 675 28.76 -35.29 37.08
N SER B 676 27.99 -36.37 37.16
CA SER B 676 28.47 -37.64 36.64
C SER B 676 28.80 -37.58 35.14
N PRO B 677 27.99 -37.00 34.27
CA PRO B 677 28.49 -36.62 32.95
C PRO B 677 28.89 -35.15 32.94
N PRO B 678 30.02 -34.81 32.30
CA PRO B 678 30.37 -33.39 32.15
C PRO B 678 29.38 -32.71 31.23
N PHE B 679 28.71 -31.68 31.74
CA PHE B 679 27.70 -30.98 30.94
C PHE B 679 28.34 -30.38 29.70
N ARG B 680 27.70 -30.62 28.56
CA ARG B 680 28.26 -30.25 27.26
C ARG B 680 27.41 -29.13 26.67
N PHE B 681 27.89 -27.89 26.78
CA PHE B 681 27.24 -26.73 26.21
C PHE B 681 28.25 -25.92 25.43
N GLY B 682 27.79 -25.32 24.33
CA GLY B 682 28.70 -24.56 23.48
C GLY B 682 27.95 -23.51 22.69
N THR B 683 28.73 -22.62 22.06
CA THR B 683 28.20 -21.54 21.26
C THR B 683 29.09 -21.35 20.04
N VAL B 684 28.51 -20.73 19.02
CA VAL B 684 29.27 -20.39 17.81
C VAL B 684 30.18 -19.21 18.15
N PRO B 685 31.49 -19.32 17.94
CA PRO B 685 32.39 -18.22 18.30
C PRO B 685 32.31 -17.07 17.31
N ASN B 686 33.05 -16.00 17.59
CA ASN B 686 33.06 -14.79 16.74
C ASN B 686 31.67 -14.19 16.63
N GLY B 687 31.12 -13.78 17.77
CA GLY B 687 29.80 -13.20 17.80
C GLY B 687 29.62 -12.35 19.04
N SER B 688 28.41 -11.82 19.19
CA SER B 688 28.10 -11.02 20.37
C SER B 688 27.95 -11.91 21.61
N THR B 689 27.40 -13.11 21.45
CA THR B 689 27.22 -14.00 22.59
C THR B 689 28.55 -14.43 23.18
N GLU B 690 29.53 -14.74 22.32
CA GLU B 690 30.85 -15.11 22.83
C GLU B 690 31.49 -13.97 23.60
N ARG B 691 31.40 -12.74 23.08
CA ARG B 691 31.95 -11.59 23.78
C ARG B 691 31.26 -11.37 25.11
N ASN B 692 29.92 -11.49 25.13
CA ASN B 692 29.18 -11.30 26.36
C ASN B 692 29.55 -12.34 27.41
N ILE B 693 29.71 -13.60 26.99
CA ILE B 693 30.08 -14.64 27.95
C ILE B 693 31.51 -14.46 28.42
N ARG B 694 32.40 -14.03 27.52
CA ARG B 694 33.78 -13.73 27.93
C ARG B 694 33.81 -12.64 28.99
N ASN B 695 33.01 -11.59 28.80
CA ASN B 695 33.00 -10.50 29.76
C ASN B 695 32.35 -10.92 31.08
N ASN B 696 31.30 -11.73 31.01
CA ASN B 696 30.53 -12.04 32.21
C ASN B 696 31.13 -13.21 32.99
N TYR B 697 31.34 -14.35 32.33
CA TYR B 697 31.77 -15.58 32.99
C TYR B 697 33.01 -16.10 32.29
N PRO B 698 34.19 -15.58 32.62
CA PRO B 698 35.43 -16.06 31.97
C PRO B 698 35.67 -17.56 32.17
N TYR B 699 35.41 -18.08 33.36
CA TYR B 699 35.61 -19.51 33.61
C TYR B 699 34.67 -20.36 32.77
N MET B 700 33.39 -19.94 32.70
CA MET B 700 32.44 -20.67 31.88
C MET B 700 32.83 -20.62 30.41
N HIS B 701 33.32 -19.47 29.94
CA HIS B 701 33.77 -19.37 28.56
C HIS B 701 34.95 -20.29 28.29
N GLN B 702 35.92 -20.32 29.21
CA GLN B 702 37.10 -21.15 28.98
C GLN B 702 36.76 -22.63 29.06
N TYR B 703 35.72 -23.00 29.81
CA TYR B 703 35.25 -24.37 29.77
C TYR B 703 34.54 -24.67 28.46
N MET B 704 33.74 -23.71 27.97
CA MET B 704 32.91 -23.93 26.80
C MET B 704 33.70 -23.90 25.50
N THR B 705 34.90 -23.30 25.50
CA THR B 705 35.65 -23.13 24.26
C THR B 705 35.93 -24.45 23.56
N ARG B 706 35.93 -25.56 24.30
CA ARG B 706 36.14 -26.86 23.67
C ARG B 706 34.87 -27.45 23.09
N PHE B 707 33.73 -26.77 23.22
CA PHE B 707 32.48 -27.23 22.64
C PHE B 707 31.96 -26.29 21.56
N ASN B 708 32.84 -25.48 20.97
CA ASN B 708 32.41 -24.53 19.96
C ASN B 708 31.91 -25.25 18.71
N GLN B 709 30.85 -24.73 18.13
CA GLN B 709 30.25 -25.29 16.91
C GLN B 709 30.70 -24.50 15.69
N ARG B 710 30.58 -25.14 14.53
CA ARG B 710 30.93 -24.47 13.28
C ARG B 710 29.87 -23.44 12.90
N GLY B 711 28.60 -23.77 13.10
CA GLY B 711 27.52 -22.87 12.78
C GLY B 711 26.30 -23.18 13.61
N VAL B 712 25.15 -22.70 13.13
CA VAL B 712 23.90 -22.95 13.83
C VAL B 712 23.26 -24.25 13.36
N GLU B 713 23.35 -24.57 12.07
CA GLU B 713 22.82 -25.84 11.58
C GLU B 713 23.62 -27.02 12.13
N ASP B 714 24.95 -26.89 12.16
CA ASP B 714 25.77 -27.93 12.75
C ASP B 714 25.47 -28.08 14.24
N ALA B 715 25.29 -26.95 14.93
CA ALA B 715 24.93 -27.02 16.34
C ALA B 715 23.59 -27.72 16.55
N LEU B 716 22.62 -27.44 15.67
CA LEU B 716 21.32 -28.08 15.80
C LEU B 716 21.41 -29.59 15.56
N VAL B 717 22.16 -30.01 14.53
CA VAL B 717 22.24 -31.44 14.25
C VAL B 717 23.05 -32.15 15.33
N SER B 718 24.01 -31.45 15.95
CA SER B 718 24.72 -32.05 17.08
C SER B 718 23.86 -32.08 18.34
N LEU B 719 22.93 -31.14 18.47
CA LEU B 719 22.02 -31.09 19.61
C LEU B 719 20.93 -32.14 19.52
N LYS B 720 20.49 -32.46 18.30
CA LYS B 720 19.47 -33.50 18.14
C LYS B 720 19.97 -34.84 18.65
N THR B 721 21.24 -35.16 18.37
CA THR B 721 21.87 -36.35 18.92
C THR B 721 22.43 -36.01 20.30
N GLY B 722 23.21 -36.91 20.87
CA GLY B 722 23.76 -36.72 22.20
C GLY B 722 25.10 -36.01 22.25
N LYS B 723 25.59 -35.50 21.12
CA LYS B 723 26.91 -34.88 21.12
C LYS B 723 26.93 -33.56 21.89
N LEU B 724 25.78 -32.89 21.97
CA LEU B 724 25.66 -31.63 22.70
C LEU B 724 24.39 -31.64 23.54
N ASP B 725 24.39 -30.85 24.61
CA ASP B 725 23.26 -30.75 25.51
C ASP B 725 22.57 -29.40 25.48
N ALA B 726 23.33 -28.31 25.50
CA ALA B 726 22.76 -26.97 25.49
C ALA B 726 23.50 -26.12 24.46
N PHE B 727 22.75 -25.33 23.69
CA PHE B 727 23.30 -24.44 22.70
C PHE B 727 22.95 -23.01 23.09
N ILE B 728 23.98 -22.17 23.20
CA ILE B 728 23.81 -20.79 23.65
C ILE B 728 23.94 -19.87 22.43
N TYR B 729 22.88 -19.14 22.13
CA TYR B 729 22.87 -18.33 20.92
C TYR B 729 21.86 -17.21 21.11
N ASP B 730 21.83 -16.28 20.15
CA ASP B 730 20.89 -15.18 20.24
C ASP B 730 19.45 -15.68 20.14
N ALA B 731 18.54 -14.92 20.77
CA ALA B 731 17.19 -15.43 21.00
C ALA B 731 16.38 -15.52 19.72
N ALA B 732 16.56 -14.61 18.77
CA ALA B 732 15.73 -14.62 17.58
C ALA B 732 15.97 -15.87 16.73
N VAL B 733 17.24 -16.18 16.48
CA VAL B 733 17.55 -17.36 15.66
C VAL B 733 17.12 -18.63 16.37
N LEU B 734 17.35 -18.71 17.68
CA LEU B 734 16.94 -19.91 18.42
C LEU B 734 15.43 -20.08 18.41
N ASN B 735 14.70 -18.98 18.58
CA ASN B 735 13.23 -19.06 18.52
C ASN B 735 12.77 -19.52 17.14
N TYR B 736 13.39 -18.99 16.08
CA TYR B 736 13.02 -19.42 14.74
C TYR B 736 13.31 -20.90 14.52
N LYS B 737 14.47 -21.36 15.00
CA LYS B 737 14.82 -22.77 14.85
C LYS B 737 13.86 -23.67 15.62
N ALA B 738 13.48 -23.26 16.83
CA ALA B 738 12.51 -24.03 17.60
C ALA B 738 11.16 -24.06 16.88
N GLY B 739 10.76 -22.93 16.29
CA GLY B 739 9.51 -22.91 15.55
C GLY B 739 9.52 -23.81 14.33
N ARG B 740 10.62 -23.81 13.59
CA ARG B 740 10.75 -24.62 12.39
C ARG B 740 11.28 -26.02 12.66
N ASP B 741 11.53 -26.36 13.92
CA ASP B 741 12.08 -27.67 14.24
C ASP B 741 11.09 -28.78 13.89
N GLU B 742 11.63 -29.92 13.47
CA GLU B 742 10.82 -31.08 13.12
C GLU B 742 10.65 -31.96 14.35
N GLY B 743 9.41 -32.22 14.72
CA GLY B 743 9.11 -33.02 15.89
C GLY B 743 9.08 -32.26 17.19
N CYS B 744 9.42 -30.96 17.18
CA CYS B 744 9.39 -30.13 18.38
C CYS B 744 10.24 -30.72 19.50
N LYS B 745 11.38 -31.28 19.14
CA LYS B 745 12.28 -31.89 20.11
C LYS B 745 13.25 -30.89 20.74
N LEU B 746 13.31 -29.67 20.22
CA LEU B 746 14.22 -28.64 20.72
C LEU B 746 13.40 -27.47 21.25
N VAL B 747 13.72 -27.01 22.46
CA VAL B 747 13.01 -25.90 23.08
C VAL B 747 14.02 -25.00 23.77
N THR B 748 13.71 -23.71 23.80
CA THR B 748 14.51 -22.76 24.55
C THR B 748 14.10 -22.79 26.01
N ILE B 749 15.08 -22.90 26.91
CA ILE B 749 14.77 -23.03 28.32
C ILE B 749 14.14 -21.75 28.84
N GLY B 750 13.41 -21.88 29.95
CA GLY B 750 12.76 -20.74 30.57
C GLY B 750 11.53 -20.25 29.85
N SER B 751 11.02 -21.01 28.88
CA SER B 751 9.85 -20.62 28.09
C SER B 751 10.07 -19.25 27.44
N GLY B 752 11.24 -19.09 26.81
CA GLY B 752 11.59 -17.83 26.20
C GLY B 752 12.44 -16.95 27.11
N TYR B 753 13.48 -17.54 27.70
CA TYR B 753 14.37 -16.82 28.59
C TYR B 753 15.44 -16.11 27.76
N ILE B 754 15.53 -14.79 27.92
CA ILE B 754 16.49 -13.96 27.20
C ILE B 754 17.32 -13.21 28.24
N PHE B 755 18.64 -13.24 28.08
CA PHE B 755 19.55 -12.70 29.10
C PHE B 755 20.02 -11.29 28.77
N ALA B 756 20.71 -11.11 27.63
CA ALA B 756 21.22 -9.80 27.28
C ALA B 756 20.14 -8.87 26.75
N THR B 757 19.02 -9.43 26.28
CA THR B 757 17.84 -8.70 25.80
C THR B 757 18.20 -7.42 25.05
N THR B 758 19.09 -7.56 24.08
CA THR B 758 19.38 -6.49 23.14
C THR B 758 18.49 -6.69 21.90
N GLY B 759 18.80 -5.97 20.82
CA GLY B 759 18.03 -6.11 19.60
C GLY B 759 18.90 -5.91 18.37
N TYR B 760 18.43 -6.47 17.26
CA TYR B 760 19.11 -6.28 15.98
C TYR B 760 19.00 -4.83 15.53
N GLY B 761 20.09 -4.30 14.99
CA GLY B 761 20.13 -2.92 14.54
C GLY B 761 20.71 -2.82 13.14
N ILE B 762 20.52 -1.65 12.55
CA ILE B 762 21.05 -1.32 11.24
C ILE B 762 22.32 -0.51 11.47
N ALA B 763 23.47 -1.14 11.31
CA ALA B 763 24.73 -0.46 11.56
C ALA B 763 24.93 0.66 10.56
N LEU B 764 25.54 1.75 11.03
CA LEU B 764 25.83 2.92 10.22
C LEU B 764 27.16 3.49 10.63
N GLN B 765 27.78 4.23 9.72
CA GLN B 765 29.03 4.90 10.05
C GLN B 765 28.79 5.94 11.13
N LYS B 766 29.84 6.26 11.88
CA LYS B 766 29.72 7.24 12.95
C LYS B 766 29.28 8.58 12.39
N GLY B 767 28.26 9.17 13.01
CA GLY B 767 27.73 10.44 12.55
C GLY B 767 27.16 10.39 11.16
N SER B 768 26.62 9.25 10.75
CA SER B 768 26.04 9.14 9.42
C SER B 768 24.77 9.99 9.32
N PRO B 769 24.54 10.65 8.18
CA PRO B 769 23.32 11.46 8.03
C PRO B 769 22.06 10.63 7.88
N TRP B 770 22.18 9.31 7.69
CA TRP B 770 21.03 8.45 7.50
C TRP B 770 20.44 7.93 8.80
N LYS B 771 21.06 8.20 9.95
CA LYS B 771 20.59 7.62 11.19
C LYS B 771 19.19 8.12 11.55
N ARG B 772 18.96 9.43 11.43
CA ARG B 772 17.67 9.98 11.84
C ARG B 772 16.54 9.45 10.98
N GLN B 773 16.72 9.48 9.66
CA GLN B 773 15.67 9.01 8.76
C GLN B 773 15.39 7.52 8.95
N ILE B 774 16.45 6.72 9.10
CA ILE B 774 16.27 5.28 9.28
C ILE B 774 15.58 4.98 10.60
N ASP B 775 15.96 5.69 11.67
CA ASP B 775 15.30 5.49 12.96
C ASP B 775 13.83 5.84 12.88
N LEU B 776 13.51 6.98 12.27
CA LEU B 776 12.10 7.38 12.16
C LEU B 776 11.32 6.40 11.31
N ALA B 777 11.93 5.91 10.22
CA ALA B 777 11.23 4.93 9.37
C ALA B 777 10.98 3.62 10.11
N LEU B 778 11.97 3.15 10.87
CA LEU B 778 11.79 1.91 11.62
C LEU B 778 10.71 2.07 12.68
N LEU B 779 10.71 3.21 13.38
CA LEU B 779 9.68 3.45 14.39
C LEU B 779 8.30 3.55 13.76
N GLN B 780 8.21 4.17 12.57
CA GLN B 780 6.94 4.23 11.86
C GLN B 780 6.47 2.84 11.46
N PHE B 781 7.39 1.99 11.00
CA PHE B 781 7.03 0.63 10.64
C PHE B 781 6.50 -0.13 11.86
N VAL B 782 7.16 0.03 13.01
CA VAL B 782 6.70 -0.61 14.22
C VAL B 782 5.31 -0.10 14.60
N GLY B 783 5.11 1.22 14.53
CA GLY B 783 3.84 1.78 14.93
C GLY B 783 2.69 1.38 14.02
N ASP B 784 2.96 1.25 12.72
CA ASP B 784 1.92 0.90 11.76
C ASP B 784 1.58 -0.60 11.76
N GLY B 785 2.30 -1.41 12.52
CA GLY B 785 2.03 -2.82 12.59
C GLY B 785 2.62 -3.64 11.47
N GLU B 786 3.42 -3.04 10.59
CA GLU B 786 4.05 -3.79 9.50
C GLU B 786 5.07 -4.79 10.03
N MET B 787 5.73 -4.46 11.14
CA MET B 787 6.71 -5.38 11.73
C MET B 787 6.04 -6.67 12.19
N GLU B 788 4.82 -6.56 12.73
CA GLU B 788 4.10 -7.76 13.16
C GLU B 788 3.83 -8.68 11.98
N GLU B 789 3.39 -8.12 10.85
CA GLU B 789 3.11 -8.96 9.69
C GLU B 789 4.38 -9.52 9.08
N LEU B 790 5.48 -8.77 9.10
CA LEU B 790 6.74 -9.31 8.62
C LEU B 790 7.21 -10.47 9.50
N GLU B 791 7.10 -10.33 10.81
CA GLU B 791 7.57 -11.37 11.71
C GLU B 791 6.63 -12.58 11.71
N THR B 792 5.36 -12.40 11.38
CA THR B 792 4.48 -13.54 11.20
C THR B 792 4.56 -14.13 9.80
N LEU B 793 5.23 -13.44 8.87
CA LEU B 793 5.46 -14.00 7.54
C LEU B 793 6.78 -14.76 7.46
N TRP B 794 7.78 -14.35 8.23
CA TRP B 794 9.11 -14.94 8.18
C TRP B 794 9.49 -15.68 9.46
N LEU B 795 9.39 -15.01 10.61
CA LEU B 795 9.84 -15.58 11.88
C LEU B 795 8.82 -16.50 12.52
N THR B 796 7.63 -16.65 11.94
CA THR B 796 6.64 -17.54 12.52
C THR B 796 7.11 -18.98 12.44
N GLY B 797 6.62 -19.79 13.38
CA GLY B 797 7.06 -21.17 13.46
C GLY B 797 5.93 -22.17 13.39
N ILE B 798 6.25 -23.44 13.65
CA ILE B 798 5.29 -24.53 13.62
C ILE B 798 4.94 -24.99 15.03
N CYS B 799 5.96 -25.30 15.83
CA CYS B 799 5.75 -25.72 17.21
C CYS B 799 5.18 -24.61 18.08
N HIS B 800 5.22 -23.36 17.62
CA HIS B 800 4.58 -22.28 18.34
C HIS B 800 3.07 -22.46 18.35
N ASN B 801 2.46 -22.18 19.50
CA ASN B 801 1.00 -22.29 19.67
C ASN B 801 0.52 -23.70 19.32
N GLU B 802 1.27 -24.70 19.74
CA GLU B 802 0.92 -26.10 19.46
C GLU B 802 0.65 -26.86 20.76
N SER B 808 -2.88 -38.65 23.62
CA SER B 808 -2.77 -40.08 23.34
C SER B 808 -1.39 -40.60 23.70
N SER B 809 -1.11 -40.67 25.00
CA SER B 809 0.18 -41.12 25.51
C SER B 809 -0.03 -42.30 26.44
N GLN B 810 0.83 -43.30 26.33
CA GLN B 810 0.76 -44.46 27.20
C GLN B 810 1.17 -44.10 28.63
N LEU B 811 0.81 -44.97 29.56
CA LEU B 811 1.17 -44.83 30.96
C LEU B 811 2.18 -45.90 31.32
N ASP B 812 3.38 -45.48 31.72
CA ASP B 812 4.42 -46.39 32.15
C ASP B 812 4.41 -46.48 33.67
N ILE B 813 5.43 -47.11 34.26
CA ILE B 813 5.46 -47.30 35.70
C ILE B 813 5.64 -45.97 36.43
N ASP B 814 6.44 -45.06 35.86
CA ASP B 814 6.69 -43.78 36.52
C ASP B 814 5.41 -42.96 36.65
N ASN B 815 4.53 -43.04 35.64
CA ASN B 815 3.25 -42.36 35.75
C ASN B 815 2.41 -42.94 36.88
N MET B 816 2.45 -44.26 37.06
CA MET B 816 1.76 -44.95 38.13
C MET B 816 2.61 -45.13 39.36
N ALA B 817 3.64 -44.30 39.55
CA ALA B 817 4.50 -44.45 40.72
C ALA B 817 3.74 -44.19 42.00
N GLY B 818 2.84 -43.20 42.00
CA GLY B 818 2.15 -42.84 43.22
C GLY B 818 1.23 -43.92 43.77
N VAL B 819 0.44 -44.55 42.88
CA VAL B 819 -0.49 -45.56 43.33
C VAL B 819 0.26 -46.80 43.83
N PHE B 820 1.34 -47.17 43.16
CA PHE B 820 2.14 -48.30 43.60
C PHE B 820 2.86 -47.99 44.91
N TYR B 821 3.28 -46.74 45.10
CA TYR B 821 3.84 -46.35 46.40
C TYR B 821 2.80 -46.43 47.49
N MET B 822 1.56 -46.03 47.19
CA MET B 822 0.47 -46.17 48.16
C MET B 822 0.24 -47.64 48.51
N LEU B 823 0.26 -48.51 47.51
CA LEU B 823 0.07 -49.93 47.76
C LEU B 823 1.22 -50.50 48.61
N ALA B 824 2.46 -50.06 48.33
CA ALA B 824 3.59 -50.49 49.14
C ALA B 824 3.46 -50.02 50.58
N ALA B 825 3.03 -48.77 50.77
CA ALA B 825 2.79 -48.27 52.12
C ALA B 825 1.69 -49.07 52.81
N ALA B 826 0.68 -49.50 52.05
CA ALA B 826 -0.35 -50.37 52.61
C ALA B 826 0.23 -51.70 53.05
N MET B 827 1.11 -52.29 52.24
CA MET B 827 1.74 -53.54 52.65
C MET B 827 2.55 -53.37 53.92
N ALA B 828 3.31 -52.28 54.01
CA ALA B 828 4.11 -52.03 55.21
C ALA B 828 3.24 -51.82 56.43
N LEU B 829 2.16 -51.04 56.28
CA LEU B 829 1.26 -50.80 57.40
C LEU B 829 0.57 -52.09 57.82
N SER B 830 0.20 -52.93 56.86
CA SER B 830 -0.40 -54.21 57.21
C SER B 830 0.57 -55.09 57.98
N LEU B 831 1.84 -55.12 57.56
CA LEU B 831 2.82 -55.93 58.28
C LEU B 831 3.06 -55.41 59.69
N ILE B 832 3.19 -54.09 59.85
CA ILE B 832 3.44 -53.55 61.19
C ILE B 832 2.20 -53.74 62.08
N THR B 833 1.00 -53.65 61.51
CA THR B 833 -0.20 -53.95 62.30
C THR B 833 -0.29 -55.42 62.62
N PHE B 834 0.20 -56.29 61.74
CA PHE B 834 0.31 -57.71 62.06
C PHE B 834 1.18 -57.92 63.29
N ILE B 835 2.34 -57.28 63.31
CA ILE B 835 3.24 -57.40 64.47
C ILE B 835 2.58 -56.83 65.71
N TRP B 836 1.92 -55.67 65.57
CA TRP B 836 1.26 -55.04 66.71
C TRP B 836 0.17 -55.93 67.29
N GLU B 837 -0.65 -56.54 66.43
CA GLU B 837 -1.71 -57.41 66.92
C GLU B 837 -1.16 -58.70 67.51
N HIS B 838 -0.06 -59.22 66.94
CA HIS B 838 0.59 -60.37 67.56
C HIS B 838 1.07 -60.04 68.97
N LEU B 839 1.69 -58.87 69.13
CA LEU B 839 2.13 -58.46 70.47
C LEU B 839 0.95 -58.25 71.41
N PHE B 840 -0.14 -57.67 70.90
CA PHE B 840 -1.32 -57.44 71.72
C PHE B 840 -1.92 -58.75 72.21
N TYR B 841 -2.01 -59.75 71.32
CA TYR B 841 -2.50 -61.06 71.74
C TYR B 841 -1.53 -61.72 72.70
N TRP B 842 -0.23 -61.53 72.48
CA TRP B 842 0.76 -62.10 73.39
C TRP B 842 0.64 -61.51 74.79
N LYS B 843 0.39 -60.20 74.88
CA LYS B 843 0.22 -59.53 76.16
C LYS B 843 -1.24 -59.54 76.60
N LYS C 25 16.04 70.21 -20.24
CA LYS C 25 17.39 69.66 -20.14
C LYS C 25 17.87 69.63 -18.69
N ILE C 26 17.60 70.72 -17.97
CA ILE C 26 18.03 70.81 -16.57
C ILE C 26 17.29 69.78 -15.74
N VAL C 27 18.03 69.09 -14.87
CA VAL C 27 17.49 68.04 -14.02
C VAL C 27 17.67 68.47 -12.57
N ASN C 28 16.57 68.49 -11.82
CA ASN C 28 16.61 68.92 -10.43
C ASN C 28 16.82 67.72 -9.51
N ILE C 29 17.62 67.94 -8.48
CA ILE C 29 17.86 66.95 -7.42
C ILE C 29 17.71 67.64 -6.08
N GLY C 30 16.85 67.10 -5.22
CA GLY C 30 16.56 67.72 -3.94
C GLY C 30 17.31 67.08 -2.80
N ALA C 31 17.61 67.88 -1.78
CA ALA C 31 18.35 67.40 -0.61
C ALA C 31 17.81 68.08 0.64
N VAL C 32 17.26 67.28 1.54
CA VAL C 32 16.89 67.75 2.88
C VAL C 32 18.08 67.46 3.78
N LEU C 33 18.76 68.51 4.23
CA LEU C 33 20.03 68.36 4.92
C LEU C 33 19.99 69.05 6.27
N SER C 34 20.95 68.68 7.12
CA SER C 34 20.93 69.10 8.51
C SER C 34 21.26 70.57 8.67
N THR C 35 22.31 71.04 8.01
CA THR C 35 22.81 72.40 8.21
C THR C 35 23.07 73.08 6.87
N ARG C 36 23.23 74.40 6.94
CA ARG C 36 23.45 75.18 5.73
C ARG C 36 24.74 74.80 5.03
N LYS C 37 25.81 74.59 5.79
CA LYS C 37 27.09 74.22 5.17
C LYS C 37 27.01 72.85 4.52
N HIS C 38 26.17 71.96 5.06
CA HIS C 38 25.94 70.67 4.40
C HIS C 38 25.26 70.88 3.06
N GLU C 39 24.31 71.82 2.99
CA GLU C 39 23.69 72.14 1.71
C GLU C 39 24.71 72.73 0.73
N GLN C 40 25.61 73.57 1.24
CA GLN C 40 26.64 74.15 0.38
C GLN C 40 27.55 73.07 -0.19
N MET C 41 27.99 72.13 0.66
CA MET C 41 28.85 71.07 0.15
C MET C 41 28.08 70.10 -0.75
N PHE C 42 26.78 69.96 -0.54
CA PHE C 42 25.95 69.19 -1.47
C PHE C 42 25.91 69.86 -2.84
N ARG C 43 25.77 71.19 -2.87
CA ARG C 43 25.83 71.90 -4.13
C ARG C 43 27.18 71.75 -4.80
N GLU C 44 28.26 71.81 -4.00
CA GLU C 44 29.60 71.61 -4.56
C GLU C 44 29.75 70.21 -5.15
N ALA C 45 29.24 69.20 -4.45
CA ALA C 45 29.29 67.83 -4.97
C ALA C 45 28.48 67.69 -6.25
N VAL C 46 27.33 68.34 -6.31
CA VAL C 46 26.51 68.31 -7.52
C VAL C 46 27.28 68.96 -8.68
N ASN C 47 27.93 70.08 -8.43
CA ASN C 47 28.72 70.73 -9.47
C ASN C 47 29.87 69.84 -9.94
N GLN C 48 30.54 69.17 -9.00
CA GLN C 48 31.63 68.27 -9.36
C GLN C 48 31.14 67.10 -10.20
N ALA C 49 30.00 66.52 -9.81
CA ALA C 49 29.44 65.41 -10.59
C ALA C 49 29.01 65.88 -11.97
N ASN C 50 28.44 67.08 -12.07
CA ASN C 50 28.07 67.63 -13.37
C ASN C 50 29.28 67.83 -14.25
N LYS C 51 30.38 68.35 -13.68
CA LYS C 51 31.61 68.51 -14.44
C LYS C 51 32.15 67.16 -14.89
N ARG C 52 32.14 66.17 -14.01
CA ARG C 52 32.69 64.86 -14.35
C ARG C 52 31.89 64.20 -15.47
N HIS C 53 30.56 64.21 -15.35
CA HIS C 53 29.74 63.54 -16.35
C HIS C 53 29.59 64.39 -17.61
N GLY C 54 29.55 65.71 -17.46
CA GLY C 54 29.36 66.58 -18.61
C GLY C 54 27.98 67.20 -18.64
N SER C 55 27.91 68.52 -18.55
CA SER C 55 26.65 69.24 -18.50
C SER C 55 26.15 69.65 -19.88
N TRP C 56 26.80 69.21 -20.95
CA TRP C 56 26.35 69.57 -22.29
C TRP C 56 24.98 69.00 -22.60
N LYS C 57 24.69 67.77 -22.16
CA LYS C 57 23.41 67.13 -22.44
C LYS C 57 22.38 67.43 -21.36
N ILE C 58 22.73 67.21 -20.10
CA ILE C 58 21.83 67.47 -18.98
C ILE C 58 22.60 68.19 -17.88
N GLN C 59 21.99 69.23 -17.32
CA GLN C 59 22.57 69.99 -16.22
C GLN C 59 21.84 69.65 -14.94
N LEU C 60 22.59 69.31 -13.90
CA LEU C 60 22.02 68.84 -12.64
C LEU C 60 21.84 70.03 -11.71
N ASN C 61 20.62 70.51 -11.62
CA ASN C 61 20.28 71.53 -10.62
C ASN C 61 20.24 70.89 -9.24
N ALA C 62 20.47 71.71 -8.22
CA ALA C 62 20.56 71.21 -6.85
C ALA C 62 19.77 72.14 -5.93
N THR C 63 18.66 71.66 -5.41
CA THR C 63 17.85 72.39 -4.44
C THR C 63 17.94 71.72 -3.08
N SER C 64 17.98 72.53 -2.02
CA SER C 64 18.21 72.02 -0.68
C SER C 64 17.27 72.69 0.31
N VAL C 65 16.93 71.94 1.35
CA VAL C 65 16.03 72.40 2.41
C VAL C 65 16.59 71.92 3.75
N THR C 66 16.66 72.82 4.72
CA THR C 66 17.05 72.44 6.07
C THR C 66 15.90 71.74 6.78
N HIS C 67 16.25 70.87 7.72
CA HIS C 67 15.24 70.13 8.46
C HIS C 67 14.39 71.07 9.31
N LYS C 68 13.13 70.67 9.54
CA LYS C 68 12.22 71.44 10.37
C LYS C 68 11.79 70.63 11.57
N PRO C 69 11.66 71.27 12.75
CA PRO C 69 11.35 70.50 13.97
C PRO C 69 10.04 69.75 13.91
N ASN C 70 9.02 70.29 13.24
CA ASN C 70 7.71 69.64 13.18
C ASN C 70 7.65 68.73 11.96
N ALA C 71 7.19 67.50 12.16
CA ALA C 71 7.10 66.54 11.06
C ALA C 71 6.09 66.99 10.02
N ILE C 72 4.96 67.54 10.45
CA ILE C 72 3.97 68.05 9.50
C ILE C 72 4.54 69.22 8.72
N GLN C 73 5.27 70.12 9.40
CA GLN C 73 5.93 71.22 8.71
C GLN C 73 6.93 70.70 7.69
N MET C 74 7.65 69.62 8.01
CA MET C 74 8.61 69.07 7.07
C MET C 74 7.91 68.44 5.86
N ALA C 75 6.81 67.74 6.09
CA ALA C 75 6.06 67.14 5.00
C ALA C 75 5.39 68.20 4.13
N LEU C 76 5.09 69.38 4.68
CA LEU C 76 4.62 70.48 3.86
C LEU C 76 5.77 71.13 3.10
N SER C 77 6.94 71.23 3.73
CA SER C 77 8.08 71.90 3.10
C SER C 77 8.62 71.08 1.93
N VAL C 78 8.59 69.75 2.03
CA VAL C 78 9.05 68.94 0.91
C VAL C 78 8.13 69.11 -0.29
N CYS C 79 6.83 69.29 -0.05
CA CYS C 79 5.90 69.57 -1.15
C CYS C 79 6.12 70.97 -1.72
N GLU C 80 6.26 71.96 -0.84
CA GLU C 80 6.33 73.34 -1.31
C GLU C 80 7.65 73.67 -1.99
N ASP C 81 8.74 73.03 -1.58
CA ASP C 81 10.07 73.40 -2.03
C ASP C 81 10.70 72.36 -2.96
N LEU C 82 10.70 71.08 -2.57
CA LEU C 82 11.34 70.06 -3.38
C LEU C 82 10.42 69.54 -4.48
N ILE C 83 9.21 69.13 -4.12
CA ILE C 83 8.30 68.57 -5.11
C ILE C 83 7.90 69.63 -6.14
N SER C 84 7.61 70.85 -5.68
CA SER C 84 7.25 71.92 -6.59
C SER C 84 8.38 72.30 -7.53
N SER C 85 9.61 71.90 -7.22
CA SER C 85 10.75 72.15 -8.08
C SER C 85 10.99 71.02 -9.08
N GLN C 86 10.12 70.01 -9.11
CA GLN C 86 10.19 68.92 -10.07
C GLN C 86 11.51 68.16 -9.95
N VAL C 87 11.77 67.65 -8.75
CA VAL C 87 13.01 66.95 -8.48
C VAL C 87 12.92 65.51 -8.96
N TYR C 88 14.08 64.88 -9.14
CA TYR C 88 14.16 63.49 -9.55
C TYR C 88 14.49 62.55 -8.41
N ALA C 89 15.19 63.01 -7.39
CA ALA C 89 15.50 62.21 -6.22
C ALA C 89 15.71 63.15 -5.04
N ILE C 90 15.52 62.61 -3.84
CA ILE C 90 15.65 63.38 -2.60
C ILE C 90 16.66 62.69 -1.70
N LEU C 91 17.65 63.45 -1.25
CA LEU C 91 18.67 62.97 -0.33
C LEU C 91 18.35 63.51 1.05
N VAL C 92 17.99 62.63 1.99
CA VAL C 92 17.55 63.04 3.31
C VAL C 92 18.53 62.51 4.35
N SER C 93 18.83 63.35 5.35
CA SER C 93 19.76 63.00 6.41
C SER C 93 19.21 63.46 7.75
N HIS C 94 19.84 62.98 8.83
CA HIS C 94 19.40 63.30 10.17
C HIS C 94 19.69 64.76 10.52
N PRO C 95 18.90 65.36 11.40
CA PRO C 95 19.16 66.75 11.81
C PRO C 95 20.34 66.83 12.76
N PRO C 96 20.91 68.02 12.95
CA PRO C 96 22.05 68.13 13.89
C PRO C 96 21.69 67.76 15.31
N THR C 97 20.45 67.98 15.73
CA THR C 97 20.05 67.62 17.09
C THR C 97 20.17 66.12 17.29
N PRO C 98 20.71 65.66 18.42
CA PRO C 98 20.95 64.22 18.59
C PRO C 98 19.71 63.35 18.50
N ASN C 99 18.52 63.91 18.67
CA ASN C 99 17.31 63.11 18.53
C ASN C 99 17.19 62.57 17.11
N ASP C 100 16.86 61.29 16.99
CA ASP C 100 16.86 60.61 15.70
C ASP C 100 15.63 59.72 15.55
N HIS C 101 14.48 60.14 16.10
CA HIS C 101 13.28 59.30 16.14
C HIS C 101 12.61 59.32 14.77
N PHE C 102 13.22 58.59 13.83
CA PHE C 102 12.69 58.40 12.48
C PHE C 102 12.40 59.74 11.80
N THR C 103 13.45 60.54 11.66
CA THR C 103 13.34 61.87 11.06
C THR C 103 12.96 61.83 9.57
N PRO C 104 13.53 60.96 8.74
CA PRO C 104 13.14 60.94 7.32
C PRO C 104 11.80 60.30 7.04
N THR C 105 11.00 59.96 8.06
CA THR C 105 9.68 59.40 7.79
C THR C 105 8.77 60.33 7.01
N PRO C 106 8.66 61.63 7.32
CA PRO C 106 7.85 62.52 6.46
C PRO C 106 8.27 62.46 4.99
N VAL C 107 9.54 62.77 4.72
CA VAL C 107 10.00 62.83 3.34
C VAL C 107 9.75 61.52 2.63
N SER C 108 10.22 60.42 3.23
CA SER C 108 10.07 59.10 2.61
C SER C 108 8.61 58.75 2.37
N TYR C 109 7.69 59.38 3.10
CA TYR C 109 6.27 59.19 2.82
C TYR C 109 5.82 60.10 1.69
N THR C 110 6.12 61.39 1.79
CA THR C 110 5.61 62.34 0.82
C THR C 110 6.18 62.06 -0.56
N ALA C 111 7.49 61.99 -0.68
CA ALA C 111 8.12 61.59 -1.93
C ALA C 111 7.82 60.13 -2.27
N GLY C 112 7.33 59.35 -1.32
CA GLY C 112 6.87 58.01 -1.62
C GLY C 112 5.49 57.98 -2.26
N PHE C 113 4.74 59.08 -2.16
CA PHE C 113 3.45 59.15 -2.83
C PHE C 113 3.61 59.08 -4.34
N TYR C 114 4.61 59.77 -4.88
CA TYR C 114 4.87 59.82 -6.31
C TYR C 114 5.95 58.84 -6.74
N ARG C 115 6.38 57.96 -5.84
CA ARG C 115 7.42 56.97 -6.13
C ARG C 115 8.74 57.62 -6.53
N ILE C 116 8.95 58.87 -6.10
CA ILE C 116 10.22 59.55 -6.32
C ILE C 116 11.27 58.94 -5.40
N PRO C 117 12.39 58.46 -5.94
CA PRO C 117 13.39 57.80 -5.09
C PRO C 117 13.92 58.74 -4.02
N VAL C 118 14.18 58.18 -2.84
CA VAL C 118 14.71 58.93 -1.70
C VAL C 118 15.98 58.24 -1.23
N LEU C 119 17.04 59.01 -1.08
CA LEU C 119 18.32 58.49 -0.63
C LEU C 119 18.51 58.86 0.84
N GLY C 120 18.68 57.84 1.68
CA GLY C 120 18.94 58.07 3.09
C GLY C 120 20.42 58.11 3.38
N LEU C 121 20.90 59.25 3.86
CA LEU C 121 22.35 59.41 4.06
C LEU C 121 22.81 58.72 5.34
N THR C 122 22.25 59.11 6.48
CA THR C 122 22.71 58.61 7.77
C THR C 122 21.55 58.15 8.64
N THR C 123 20.58 57.45 8.03
CA THR C 123 19.45 56.88 8.75
C THR C 123 19.60 55.36 8.75
N ARG C 124 19.95 54.81 9.91
CA ARG C 124 20.25 53.40 10.03
C ARG C 124 19.14 52.59 10.68
N MET C 125 17.93 53.15 10.77
CA MET C 125 16.83 52.41 11.34
C MET C 125 16.39 51.30 10.38
N SER C 126 15.85 50.23 10.95
CA SER C 126 15.49 49.06 10.17
C SER C 126 14.06 49.10 9.62
N ILE C 127 13.27 50.10 10.00
CA ILE C 127 11.92 50.20 9.45
C ILE C 127 11.96 50.54 7.97
N TYR C 128 12.90 51.38 7.56
CA TYR C 128 12.97 51.83 6.17
C TYR C 128 13.33 50.72 5.19
N SER C 129 13.81 49.58 5.69
CA SER C 129 14.07 48.44 4.82
C SER C 129 12.81 47.74 4.35
N ASP C 130 11.66 48.11 4.92
CA ASP C 130 10.38 47.51 4.53
C ASP C 130 9.86 48.27 3.32
N LYS C 131 10.06 47.70 2.13
CA LYS C 131 9.63 48.34 0.90
C LYS C 131 8.11 48.39 0.77
N SER C 132 7.37 47.65 1.59
CA SER C 132 5.92 47.73 1.56
C SER C 132 5.39 49.00 2.20
N ILE C 133 6.22 49.68 3.00
CA ILE C 133 5.82 50.91 3.67
C ILE C 133 6.46 52.10 2.99
N HIS C 134 7.79 52.13 2.99
CA HIS C 134 8.55 53.17 2.30
C HIS C 134 8.79 52.69 0.88
N LEU C 135 7.89 53.08 -0.02
CA LEU C 135 7.86 52.51 -1.36
C LEU C 135 9.12 52.84 -2.14
N SER C 136 9.60 54.08 -2.03
CA SER C 136 10.78 54.54 -2.76
C SER C 136 11.76 55.13 -1.75
N PHE C 137 12.65 54.29 -1.22
CA PHE C 137 13.63 54.73 -0.25
C PHE C 137 14.89 53.91 -0.37
N LEU C 138 16.01 54.56 -0.65
CA LEU C 138 17.31 53.94 -0.67
C LEU C 138 18.20 54.60 0.38
N ARG C 139 19.29 53.93 0.72
CA ARG C 139 20.21 54.53 1.67
C ARG C 139 21.62 53.99 1.44
N THR C 140 22.61 54.81 1.76
CA THR C 140 24.01 54.46 1.62
C THR C 140 24.60 53.90 2.91
N VAL C 141 23.80 53.70 3.94
CA VAL C 141 24.25 53.08 5.18
C VAL C 141 23.38 51.88 5.49
N PRO C 142 23.94 50.73 5.85
CA PRO C 142 23.09 49.59 6.19
C PRO C 142 22.33 49.85 7.47
N PRO C 143 21.15 49.26 7.62
CA PRO C 143 20.38 49.44 8.86
C PRO C 143 21.03 48.69 10.00
N TYR C 144 20.50 48.95 11.20
CA TYR C 144 21.05 48.34 12.41
C TYR C 144 20.86 46.82 12.44
N SER C 145 20.01 46.26 11.59
CA SER C 145 19.80 44.82 11.57
C SER C 145 20.95 44.09 10.89
N HIS C 146 21.54 44.66 9.85
CA HIS C 146 22.65 44.02 9.15
C HIS C 146 23.87 43.79 10.04
N GLN C 147 23.95 44.48 11.18
CA GLN C 147 25.00 44.18 12.14
C GLN C 147 25.00 42.71 12.52
N SER C 148 23.82 42.09 12.54
CA SER C 148 23.73 40.67 12.87
C SER C 148 24.63 39.84 11.97
N SER C 149 24.72 40.20 10.70
CA SER C 149 25.62 39.49 9.79
C SER C 149 27.02 39.42 10.37
N VAL C 150 27.54 40.55 10.84
CA VAL C 150 28.86 40.59 11.45
C VAL C 150 28.95 39.57 12.57
N TRP C 151 27.94 39.57 13.45
CA TRP C 151 27.94 38.63 14.57
C TRP C 151 28.06 37.20 14.07
N PHE C 152 27.31 36.86 13.01
CA PHE C 152 27.39 35.51 12.46
C PHE C 152 28.81 35.18 12.06
N GLU C 153 29.49 36.11 11.39
CA GLU C 153 30.88 35.86 11.00
C GLU C 153 31.74 35.61 12.22
N MET C 154 31.53 36.38 13.29
CA MET C 154 32.29 36.13 14.51
C MET C 154 32.03 34.72 15.02
N MET C 155 30.77 34.28 14.96
CA MET C 155 30.46 32.91 15.36
C MET C 155 31.19 31.89 14.49
N ARG C 156 31.40 32.21 13.22
CA ARG C 156 32.18 31.34 12.36
C ARG C 156 33.67 31.45 12.64
N VAL C 157 34.14 32.58 13.16
CA VAL C 157 35.56 32.77 13.36
C VAL C 157 36.00 32.18 14.69
N TYR C 158 35.27 32.47 15.76
CA TYR C 158 35.61 32.01 17.09
C TYR C 158 34.87 30.75 17.49
N ASN C 159 34.09 30.15 16.59
CA ASN C 159 33.41 28.87 16.81
C ASN C 159 32.50 28.94 18.04
N TRP C 160 31.50 29.81 17.94
CA TRP C 160 30.44 29.92 18.94
C TRP C 160 29.15 29.40 18.34
N ASN C 161 28.62 28.33 18.92
CA ASN C 161 27.40 27.71 18.41
C ASN C 161 26.19 27.91 19.31
N HIS C 162 26.39 28.24 20.58
CA HIS C 162 25.30 28.46 21.52
C HIS C 162 25.33 29.93 21.93
N ILE C 163 24.22 30.63 21.67
CA ILE C 163 24.12 32.07 21.90
C ILE C 163 22.78 32.37 22.57
N ILE C 164 22.68 33.59 23.09
CA ILE C 164 21.45 34.10 23.70
C ILE C 164 21.18 35.47 23.10
N LEU C 165 20.00 35.65 22.54
CA LEU C 165 19.59 36.94 22.00
C LEU C 165 18.82 37.73 23.06
N LEU C 166 19.06 39.03 23.11
CA LEU C 166 18.38 39.95 24.01
C LEU C 166 17.77 41.09 23.23
N VAL C 167 17.09 40.76 22.13
CA VAL C 167 16.52 41.78 21.26
C VAL C 167 15.35 42.47 21.97
N SER C 168 15.12 43.72 21.61
CA SER C 168 13.98 44.46 22.13
C SER C 168 12.71 44.04 21.38
N ASP C 169 11.57 44.45 21.93
CA ASP C 169 10.28 44.05 21.39
C ASP C 169 9.77 44.96 20.28
N ASP C 170 10.50 46.02 19.95
CA ASP C 170 10.06 46.94 18.91
C ASP C 170 10.38 46.36 17.53
N HIS C 171 10.24 47.18 16.49
CA HIS C 171 10.52 46.70 15.15
C HIS C 171 12.00 46.44 14.92
N GLU C 172 12.87 47.24 15.53
CA GLU C 172 14.30 47.07 15.33
C GLU C 172 14.78 45.73 15.89
N GLY C 173 14.39 45.43 17.12
CA GLY C 173 14.79 44.16 17.71
C GLY C 173 14.25 42.97 16.96
N ARG C 174 12.99 43.04 16.54
CA ARG C 174 12.40 41.95 15.78
C ARG C 174 13.09 41.77 14.43
N ALA C 175 13.45 42.88 13.77
CA ALA C 175 14.16 42.77 12.50
C ALA C 175 15.54 42.14 12.68
N ALA C 176 16.27 42.56 13.71
CA ALA C 176 17.57 41.97 13.98
C ALA C 176 17.45 40.49 14.29
N GLN C 177 16.46 40.12 15.10
CA GLN C 177 16.22 38.71 15.40
C GLN C 177 15.90 37.92 14.14
N LYS C 178 15.02 38.44 13.29
CA LYS C 178 14.65 37.73 12.08
C LYS C 178 15.84 37.53 11.16
N ARG C 179 16.65 38.58 11.00
CA ARG C 179 17.82 38.45 10.14
C ARG C 179 18.81 37.43 10.71
N LEU C 180 19.04 37.46 12.03
CA LEU C 180 19.99 36.52 12.62
C LEU C 180 19.50 35.08 12.50
N GLU C 181 18.20 34.84 12.73
CA GLU C 181 17.68 33.49 12.59
C GLU C 181 17.70 33.04 11.13
N THR C 182 17.45 33.94 10.19
CA THR C 182 17.57 33.58 8.79
C THR C 182 19.00 33.17 8.46
N LEU C 183 19.98 33.88 9.00
CA LEU C 183 21.37 33.49 8.79
C LEU C 183 21.67 32.15 9.43
N LEU C 184 21.13 31.90 10.63
CA LEU C 184 21.41 30.66 11.34
C LEU C 184 20.75 29.46 10.68
N GLU C 185 19.63 29.65 9.99
CA GLU C 185 18.96 28.52 9.35
C GLU C 185 19.83 27.88 8.28
N GLU C 186 20.72 28.65 7.66
CA GLU C 186 21.66 28.06 6.71
C GLU C 186 22.63 27.12 7.41
N ARG C 187 22.92 27.37 8.68
CA ARG C 187 23.79 26.51 9.48
C ARG C 187 23.03 25.36 10.13
N GLU C 188 21.71 25.28 9.93
CA GLU C 188 20.87 24.27 10.59
C GLU C 188 21.03 24.31 12.11
N SER C 189 21.12 25.52 12.66
CA SER C 189 21.24 25.71 14.09
C SER C 189 20.38 26.90 14.50
N LYS C 190 20.06 26.95 15.79
CA LYS C 190 19.20 27.98 16.33
C LYS C 190 19.78 28.53 17.62
N ALA C 191 19.43 29.78 17.92
CA ALA C 191 19.83 30.39 19.18
C ALA C 191 19.16 29.65 20.34
N GLU C 192 19.89 29.56 21.45
CA GLU C 192 19.36 28.83 22.61
C GLU C 192 18.07 29.45 23.12
N LYS C 193 18.07 30.77 23.32
CA LYS C 193 16.87 31.48 23.73
C LYS C 193 16.89 32.88 23.14
N VAL C 194 15.72 33.35 22.74
CA VAL C 194 15.57 34.71 22.22
C VAL C 194 14.71 35.51 23.20
N LEU C 195 15.36 36.21 24.13
CA LEU C 195 14.64 36.96 25.13
C LEU C 195 14.27 38.33 24.60
N GLN C 196 13.00 38.69 24.73
CA GLN C 196 12.49 39.96 24.25
C GLN C 196 11.97 40.76 25.44
N PHE C 197 12.40 42.03 25.52
CA PHE C 197 11.91 42.95 26.53
C PHE C 197 11.33 44.18 25.85
N ASP C 198 10.29 44.74 26.46
CA ASP C 198 9.68 45.94 25.91
C ASP C 198 10.67 47.10 25.97
N PRO C 199 10.61 48.01 25.00
CA PRO C 199 11.52 49.17 25.03
C PRO C 199 11.28 50.01 26.28
N GLY C 200 12.37 50.54 26.84
CA GLY C 200 12.25 51.40 28.00
C GLY C 200 11.72 50.72 29.24
N THR C 201 12.19 49.51 29.53
CA THR C 201 11.83 48.82 30.77
C THR C 201 12.87 49.12 31.84
N LYS C 202 12.42 49.62 32.99
CA LYS C 202 13.34 49.94 34.06
C LYS C 202 13.91 48.69 34.71
N ASN C 203 13.08 47.66 34.89
CA ASN C 203 13.50 46.43 35.56
C ASN C 203 13.48 45.30 34.53
N VAL C 204 14.66 44.75 34.25
CA VAL C 204 14.83 43.65 33.29
C VAL C 204 15.52 42.46 33.94
N THR C 205 15.58 42.44 35.27
CA THR C 205 16.31 41.39 35.97
C THR C 205 15.69 40.01 35.76
N ALA C 206 14.40 39.95 35.45
CA ALA C 206 13.75 38.66 35.26
C ALA C 206 14.32 37.93 34.04
N LEU C 207 14.42 38.62 32.91
CA LEU C 207 14.94 37.99 31.70
C LEU C 207 16.40 37.62 31.85
N LEU C 208 17.20 38.47 32.49
CA LEU C 208 18.60 38.14 32.70
C LEU C 208 18.75 36.95 33.63
N MET C 209 17.93 36.86 34.67
CA MET C 209 17.96 35.69 35.55
C MET C 209 17.58 34.44 34.78
N GLU C 210 16.61 34.55 33.88
CA GLU C 210 16.24 33.42 33.03
C GLU C 210 17.41 33.02 32.13
N ALA C 211 18.14 34.01 31.60
CA ALA C 211 19.27 33.73 30.72
C ALA C 211 20.42 33.08 31.46
N ARG C 212 20.64 33.44 32.73
CA ARG C 212 21.79 32.92 33.47
C ARG C 212 21.71 31.42 33.66
N GLU C 213 20.49 30.88 33.88
CA GLU C 213 20.35 29.45 34.11
C GLU C 213 20.60 28.61 32.86
N LEU C 214 20.71 29.23 31.69
CA LEU C 214 20.96 28.49 30.46
C LEU C 214 22.43 28.08 30.40
N GLU C 215 22.82 27.43 29.29
CA GLU C 215 24.19 26.98 29.08
C GLU C 215 25.01 27.96 28.26
N ALA C 216 24.41 28.58 27.24
CA ALA C 216 25.14 29.45 26.34
C ALA C 216 25.69 30.66 27.09
N ARG C 217 26.95 30.98 26.81
CA ARG C 217 27.61 32.14 27.40
C ARG C 217 27.85 33.26 26.40
N VAL C 218 27.46 33.08 25.15
CA VAL C 218 27.55 34.14 24.14
C VAL C 218 26.26 34.92 24.20
N ILE C 219 26.31 36.12 24.76
CA ILE C 219 25.14 36.97 24.91
C ILE C 219 25.19 38.05 23.85
N ILE C 220 24.14 38.13 23.03
CA ILE C 220 24.05 39.08 21.93
C ILE C 220 22.92 40.04 22.24
N LEU C 221 23.23 41.34 22.27
CA LEU C 221 22.27 42.36 22.64
C LEU C 221 21.95 43.24 21.44
N SER C 222 20.65 43.54 21.27
CA SER C 222 20.18 44.46 20.23
C SER C 222 19.12 45.35 20.88
N ALA C 223 19.56 46.51 21.38
CA ALA C 223 18.66 47.42 22.07
C ALA C 223 19.20 48.83 21.97
N SER C 224 18.32 49.79 22.23
CA SER C 224 18.70 51.21 22.17
C SER C 224 19.71 51.53 23.26
N GLU C 225 20.19 52.78 23.27
CA GLU C 225 21.22 53.17 24.22
C GLU C 225 20.71 53.07 25.66
N ASP C 226 19.51 53.57 25.92
CA ASP C 226 18.96 53.51 27.27
C ASP C 226 18.67 52.08 27.69
N ASP C 227 18.07 51.29 26.80
CA ASP C 227 17.81 49.89 27.12
C ASP C 227 19.10 49.10 27.29
N ALA C 228 20.11 49.41 26.48
CA ALA C 228 21.40 48.76 26.64
C ALA C 228 22.03 49.11 27.98
N ALA C 229 21.92 50.37 28.40
CA ALA C 229 22.43 50.75 29.70
C ALA C 229 21.70 50.02 30.82
N THR C 230 20.37 49.90 30.69
CA THR C 230 19.60 49.18 31.69
C THR C 230 20.01 47.71 31.77
N VAL C 231 20.19 47.07 30.62
CA VAL C 231 20.58 45.67 30.59
C VAL C 231 21.98 45.50 31.18
N TYR C 232 22.91 46.38 30.84
CA TYR C 232 24.25 46.32 31.41
C TYR C 232 24.22 46.46 32.92
N ARG C 233 23.45 47.43 33.41
CA ARG C 233 23.37 47.66 34.86
C ARG C 233 22.75 46.47 35.56
N ALA C 234 21.68 45.90 34.98
CA ALA C 234 21.02 44.76 35.61
C ALA C 234 21.84 43.48 35.53
N ALA C 235 22.71 43.36 34.52
CA ALA C 235 23.57 42.19 34.43
C ALA C 235 24.80 42.31 35.30
N ALA C 236 25.23 43.55 35.60
CA ALA C 236 26.37 43.73 36.49
C ALA C 236 26.06 43.20 37.90
N MET C 237 24.84 43.47 38.39
CA MET C 237 24.49 43.01 39.74
C MET C 237 24.36 41.50 39.80
N LEU C 238 24.01 40.85 38.70
CA LEU C 238 23.87 39.41 38.66
C LEU C 238 25.18 38.70 38.38
N ASN C 239 26.29 39.44 38.26
CA ASN C 239 27.61 38.87 38.01
C ASN C 239 27.61 38.03 36.73
N MET C 240 26.91 38.52 35.70
CA MET C 240 26.88 37.87 34.40
C MET C 240 27.90 38.46 33.43
N THR C 241 28.68 39.45 33.87
CA THR C 241 29.68 40.09 33.03
C THR C 241 31.09 39.60 33.36
N GLY C 242 31.24 38.58 34.18
CA GLY C 242 32.53 38.10 34.60
C GLY C 242 33.17 37.18 33.58
N SER C 243 34.21 36.48 34.03
CA SER C 243 34.96 35.59 33.15
C SER C 243 34.08 34.47 32.64
N GLY C 244 34.32 34.06 31.39
CA GLY C 244 33.55 33.02 30.76
C GLY C 244 32.39 33.51 29.93
N TYR C 245 31.94 34.74 30.14
CA TYR C 245 30.87 35.35 29.35
C TYR C 245 31.48 36.23 28.28
N VAL C 246 30.86 36.22 27.09
CA VAL C 246 31.27 37.07 25.98
C VAL C 246 30.04 37.81 25.47
N TRP C 247 30.16 39.12 25.33
CA TRP C 247 29.07 39.97 24.90
C TRP C 247 29.34 40.50 23.50
N LEU C 248 28.39 40.29 22.59
CA LEU C 248 28.43 40.87 21.27
C LEU C 248 27.28 41.86 21.15
N VAL C 249 27.58 43.09 20.74
CA VAL C 249 26.60 44.17 20.68
C VAL C 249 26.79 44.93 19.39
N GLY C 250 25.86 45.85 19.13
CA GLY C 250 25.91 46.69 17.95
C GLY C 250 26.57 48.03 18.21
N GLU C 251 26.22 49.01 17.39
CA GLU C 251 26.79 50.34 17.54
C GLU C 251 26.05 51.19 18.57
N ARG C 252 24.74 50.99 18.72
CA ARG C 252 23.98 51.77 19.69
C ARG C 252 24.35 51.41 21.11
N GLU C 253 24.76 50.17 21.36
CA GLU C 253 25.01 49.68 22.71
C GLU C 253 26.40 50.04 23.23
N ILE C 254 27.24 50.68 22.42
CA ILE C 254 28.57 51.09 22.86
C ILE C 254 28.75 52.57 22.61
N SER C 255 27.64 53.28 22.38
CA SER C 255 27.67 54.71 22.09
C SER C 255 26.77 55.44 23.08
N GLY C 256 27.30 56.50 23.68
CA GLY C 256 26.54 57.31 24.60
C GLY C 256 26.40 56.71 25.98
N ASN C 257 25.20 56.80 26.54
CA ASN C 257 24.97 56.33 27.90
C ASN C 257 25.30 54.85 28.04
N ALA C 258 25.02 54.05 27.01
CA ALA C 258 25.31 52.63 27.06
C ALA C 258 26.79 52.36 27.24
N LEU C 259 27.64 53.28 26.78
CA LEU C 259 29.08 53.11 26.99
C LEU C 259 29.48 53.41 28.42
N ARG C 260 28.73 54.26 29.12
CA ARG C 260 29.08 54.60 30.49
C ARG C 260 28.99 53.37 31.39
N TYR C 261 27.96 52.56 31.21
CA TYR C 261 27.74 51.38 32.02
C TYR C 261 28.13 50.09 31.31
N ALA C 262 28.88 50.18 30.21
CA ALA C 262 29.21 48.99 29.44
C ALA C 262 30.18 48.09 30.22
N PRO C 263 29.91 46.80 30.30
CA PRO C 263 30.88 45.89 30.94
C PRO C 263 32.17 45.81 30.14
N ASP C 264 33.28 45.69 30.85
CA ASP C 264 34.57 45.61 30.19
C ASP C 264 34.68 44.32 29.38
N GLY C 265 35.44 44.39 28.28
CA GLY C 265 35.58 43.26 27.39
C GLY C 265 34.44 43.08 26.41
N ILE C 266 33.48 44.00 26.37
CA ILE C 266 32.38 43.89 25.41
C ILE C 266 32.89 44.16 24.01
N ILE C 267 32.34 43.43 23.04
CA ILE C 267 32.73 43.55 21.65
C ILE C 267 31.58 44.20 20.89
N GLY C 268 31.85 45.36 20.29
CA GLY C 268 30.83 46.09 19.57
C GLY C 268 31.32 46.46 18.18
N LEU C 269 30.39 46.93 17.37
CA LEU C 269 30.67 47.32 16.00
C LEU C 269 30.55 48.83 15.84
N GLN C 270 31.25 49.36 14.84
CA GLN C 270 31.21 50.78 14.53
C GLN C 270 31.30 50.91 13.01
N LEU C 271 30.29 51.49 12.39
CA LEU C 271 30.37 51.76 10.96
C LEU C 271 31.45 52.80 10.70
N ILE C 272 32.22 52.58 9.63
CA ILE C 272 33.40 53.40 9.37
C ILE C 272 33.00 54.86 9.17
N ASN C 273 32.03 55.10 8.29
CA ASN C 273 31.60 56.46 7.98
C ASN C 273 30.10 56.63 8.17
N GLY C 274 29.55 55.95 9.19
CA GLY C 274 28.12 56.03 9.42
C GLY C 274 27.66 57.42 9.83
N LYS C 275 28.50 58.16 10.54
CA LYS C 275 28.17 59.49 11.02
C LYS C 275 28.81 60.59 10.19
N ASN C 276 29.37 60.25 9.03
CA ASN C 276 30.03 61.22 8.16
C ASN C 276 29.00 61.74 7.16
N GLU C 277 28.65 63.03 7.28
CA GLU C 277 27.68 63.62 6.36
C GLU C 277 28.29 63.87 4.99
N SER C 278 29.52 64.39 4.94
CA SER C 278 30.08 64.86 3.68
C SER C 278 30.37 63.72 2.72
N ALA C 279 30.97 62.64 3.21
CA ALA C 279 31.29 61.51 2.34
C ALA C 279 30.03 60.89 1.76
N HIS C 280 29.01 60.71 2.60
CA HIS C 280 27.76 60.14 2.12
C HIS C 280 27.06 61.08 1.14
N ILE C 281 27.10 62.39 1.39
CA ILE C 281 26.54 63.34 0.45
C ILE C 281 27.23 63.21 -0.90
N SER C 282 28.57 63.16 -0.89
CA SER C 282 29.31 63.10 -2.14
C SER C 282 29.02 61.82 -2.91
N ASP C 283 29.07 60.67 -2.23
CA ASP C 283 28.87 59.42 -2.97
C ASP C 283 27.42 59.25 -3.40
N ALA C 284 26.46 59.71 -2.59
CA ALA C 284 25.06 59.65 -3.00
C ALA C 284 24.81 60.55 -4.21
N VAL C 285 25.39 61.76 -4.22
CA VAL C 285 25.24 62.63 -5.37
C VAL C 285 25.86 61.99 -6.60
N GLY C 286 27.03 61.37 -6.44
CA GLY C 286 27.66 60.71 -7.58
C GLY C 286 26.81 59.58 -8.14
N VAL C 287 26.29 58.72 -7.27
CA VAL C 287 25.52 57.57 -7.75
C VAL C 287 24.19 58.02 -8.34
N VAL C 288 23.56 59.05 -7.76
CA VAL C 288 22.30 59.53 -8.32
C VAL C 288 22.53 60.23 -9.66
N ALA C 289 23.66 60.93 -9.81
CA ALA C 289 23.98 61.54 -11.09
C ALA C 289 24.21 60.47 -12.16
N GLN C 290 24.96 59.42 -11.81
CA GLN C 290 25.18 58.34 -12.76
C GLN C 290 23.86 57.66 -13.14
N ALA C 291 22.98 57.45 -12.15
CA ALA C 291 21.70 56.83 -12.42
C ALA C 291 20.83 57.72 -13.31
N VAL C 292 20.85 59.03 -13.09
CA VAL C 292 20.09 59.95 -13.93
C VAL C 292 20.60 59.88 -15.36
N HIS C 293 21.92 59.92 -15.53
CA HIS C 293 22.49 59.85 -16.87
C HIS C 293 22.14 58.55 -17.57
N GLU C 294 22.18 57.44 -16.84
CA GLU C 294 21.80 56.15 -17.43
C GLU C 294 20.32 56.11 -17.78
N LEU C 295 19.47 56.68 -16.92
CA LEU C 295 18.03 56.66 -17.17
C LEU C 295 17.67 57.49 -18.40
N LEU C 296 18.28 58.66 -18.55
CA LEU C 296 17.89 59.52 -19.66
C LEU C 296 18.37 59.00 -21.01
N GLU C 297 18.97 57.81 -21.08
CA GLU C 297 19.28 57.15 -22.33
C GLU C 297 18.18 56.19 -22.76
N LYS C 298 17.09 56.11 -22.00
CA LYS C 298 15.97 55.24 -22.32
C LYS C 298 14.83 56.04 -22.95
N GLU C 299 13.87 55.31 -23.51
CA GLU C 299 12.78 55.92 -24.25
C GLU C 299 11.58 56.22 -23.35
N ASN C 300 10.64 57.00 -23.88
CA ASN C 300 9.37 57.36 -23.25
C ASN C 300 9.53 57.77 -21.79
N ILE C 301 10.62 58.47 -21.49
CA ILE C 301 10.86 58.96 -20.13
C ILE C 301 9.89 60.09 -19.82
N THR C 302 9.33 60.06 -18.61
CA THR C 302 8.32 61.01 -18.18
C THR C 302 8.89 61.95 -17.13
N ASP C 303 8.56 63.23 -17.23
CA ASP C 303 9.03 64.22 -16.28
C ASP C 303 8.35 64.02 -14.91
N PRO C 304 9.04 64.37 -13.83
CA PRO C 304 8.46 64.20 -12.49
C PRO C 304 7.29 65.15 -12.28
N PRO C 305 6.39 64.82 -11.34
CA PRO C 305 5.28 65.73 -11.04
C PRO C 305 5.77 67.04 -10.46
N ARG C 306 5.04 68.11 -10.78
CA ARG C 306 5.38 69.47 -10.33
C ARG C 306 4.32 69.91 -9.33
N GLY C 307 4.73 70.06 -8.07
CA GLY C 307 3.81 70.49 -7.03
C GLY C 307 2.93 69.37 -6.53
N CYS C 308 2.79 69.24 -5.21
CA CYS C 308 1.93 68.20 -4.66
C CYS C 308 0.47 68.46 -4.98
N VAL C 309 -0.01 69.67 -4.71
CA VAL C 309 -1.41 69.99 -4.89
C VAL C 309 -1.75 70.01 -6.37
N GLY C 310 -2.88 69.39 -6.73
CA GLY C 310 -3.32 69.34 -8.10
C GLY C 310 -2.70 68.27 -8.96
N ASN C 311 -1.85 67.41 -8.39
CA ASN C 311 -1.22 66.33 -9.14
C ASN C 311 -1.26 65.09 -8.25
N THR C 312 -2.26 64.24 -8.48
CA THR C 312 -2.49 63.07 -7.63
C THR C 312 -2.01 61.77 -8.26
N ASN C 313 -1.32 61.83 -9.39
CA ASN C 313 -0.86 60.65 -10.08
C ASN C 313 0.63 60.42 -9.83
N ILE C 314 1.02 59.16 -9.76
CA ILE C 314 2.40 58.82 -9.46
C ILE C 314 3.30 59.13 -10.66
N TRP C 315 4.59 59.21 -10.40
CA TRP C 315 5.57 59.36 -11.47
C TRP C 315 5.65 58.07 -12.27
N LYS C 316 5.47 58.18 -13.58
CA LYS C 316 5.38 56.98 -14.41
C LYS C 316 6.68 56.20 -14.43
N THR C 317 7.81 56.90 -14.52
CA THR C 317 9.12 56.26 -14.57
C THR C 317 9.80 56.22 -13.20
N GLY C 318 9.08 56.54 -12.14
CA GLY C 318 9.62 56.48 -10.80
C GLY C 318 10.11 55.10 -10.41
N PRO C 319 9.25 54.07 -10.57
CA PRO C 319 9.74 52.71 -10.34
C PRO C 319 10.91 52.32 -11.23
N LEU C 320 10.92 52.76 -12.48
CA LEU C 320 12.05 52.48 -13.36
C LEU C 320 13.31 53.17 -12.86
N PHE C 321 13.19 54.42 -12.40
CA PHE C 321 14.34 55.13 -11.86
C PHE C 321 14.87 54.43 -10.61
N LYS C 322 13.98 53.96 -9.74
CA LYS C 322 14.43 53.24 -8.55
C LYS C 322 15.11 51.93 -8.93
N ARG C 323 14.58 51.22 -9.92
CA ARG C 323 15.23 49.98 -10.36
C ARG C 323 16.59 50.25 -10.96
N VAL C 324 16.74 51.38 -11.66
CA VAL C 324 18.06 51.77 -12.17
C VAL C 324 19.00 52.06 -11.02
N LEU C 325 18.53 52.80 -10.01
CA LEU C 325 19.37 53.17 -8.88
C LEU C 325 19.84 51.94 -8.11
N MET C 326 18.94 50.98 -7.87
CA MET C 326 19.31 49.79 -7.14
C MET C 326 20.29 48.91 -7.89
N SER C 327 20.35 49.02 -9.21
CA SER C 327 21.23 48.20 -10.04
C SER C 327 22.49 48.93 -10.46
N SER C 328 22.78 50.09 -9.86
CA SER C 328 23.94 50.88 -10.22
C SER C 328 25.03 50.68 -9.18
N LYS C 329 26.26 50.45 -9.65
CA LYS C 329 27.41 50.22 -8.78
C LYS C 329 28.37 51.39 -8.96
N TYR C 330 28.41 52.27 -7.96
CA TYR C 330 29.35 53.38 -7.99
C TYR C 330 30.77 52.85 -7.90
N ALA C 331 31.63 53.29 -8.81
CA ALA C 331 32.97 52.72 -8.92
C ALA C 331 33.85 53.18 -7.77
N ASP C 332 34.10 54.48 -7.68
CA ASP C 332 35.00 55.06 -6.68
C ASP C 332 34.20 55.98 -5.77
N GLY C 333 33.84 55.47 -4.59
CA GLY C 333 33.12 56.27 -3.62
C GLY C 333 34.00 56.63 -2.45
N VAL C 334 33.67 57.73 -1.76
CA VAL C 334 34.45 58.14 -0.60
C VAL C 334 34.31 57.11 0.51
N THR C 335 33.12 56.51 0.65
CA THR C 335 32.87 55.48 1.64
C THR C 335 33.14 54.07 1.12
N GLY C 336 33.48 53.92 -0.15
CA GLY C 336 33.77 52.62 -0.72
C GLY C 336 32.92 52.37 -1.94
N ARG C 337 32.75 51.09 -2.27
CA ARG C 337 31.96 50.68 -3.42
C ARG C 337 30.49 50.72 -3.03
N VAL C 338 29.74 51.68 -3.59
CA VAL C 338 28.32 51.82 -3.27
C VAL C 338 27.53 50.79 -4.05
N GLU C 339 26.79 49.95 -3.33
CA GLU C 339 25.99 48.90 -3.95
C GLU C 339 24.74 48.69 -3.13
N PHE C 340 23.59 48.65 -3.78
CA PHE C 340 22.30 48.47 -3.12
C PHE C 340 21.77 47.07 -3.39
N ASN C 341 21.35 46.39 -2.33
CA ASN C 341 20.80 45.05 -2.46
C ASN C 341 19.31 45.13 -2.80
N GLU C 342 18.61 44.00 -2.72
CA GLU C 342 17.21 43.96 -3.12
C GLU C 342 16.32 44.83 -2.24
N ASP C 343 16.72 45.04 -0.99
CA ASP C 343 15.94 45.86 -0.07
C ASP C 343 16.24 47.34 -0.20
N GLY C 344 17.16 47.73 -1.08
CA GLY C 344 17.53 49.13 -1.21
C GLY C 344 18.51 49.62 -0.18
N ASP C 345 19.09 48.73 0.62
CA ASP C 345 20.06 49.11 1.64
C ASP C 345 21.48 48.99 1.09
N ARG C 346 22.40 49.69 1.74
CA ARG C 346 23.79 49.64 1.35
C ARG C 346 24.34 48.23 1.57
N LYS C 347 25.13 47.76 0.61
CA LYS C 347 25.71 46.43 0.65
C LYS C 347 27.22 46.53 0.77
N PHE C 348 27.82 45.57 1.47
CA PHE C 348 29.27 45.48 1.66
C PHE C 348 29.82 46.75 2.32
N ALA C 349 29.40 46.96 3.56
CA ALA C 349 29.92 48.06 4.36
C ALA C 349 30.99 47.56 5.32
N ASN C 350 31.84 48.48 5.78
CA ASN C 350 32.96 48.17 6.64
C ASN C 350 32.57 48.46 8.09
N TYR C 351 32.63 47.44 8.93
CA TYR C 351 32.34 47.56 10.35
C TYR C 351 33.64 47.42 11.12
N SER C 352 33.97 48.42 11.93
CA SER C 352 35.18 48.39 12.74
C SER C 352 34.84 47.78 14.10
N ILE C 353 35.19 46.50 14.27
CA ILE C 353 34.93 45.82 15.54
C ILE C 353 35.71 46.50 16.65
N MET C 354 35.03 46.85 17.72
CA MET C 354 35.63 47.55 18.84
C MET C 354 35.44 46.76 20.12
N ASN C 355 36.49 46.70 20.94
CA ASN C 355 36.46 46.03 22.23
C ASN C 355 36.74 47.06 23.32
N LEU C 356 35.98 46.98 24.40
CA LEU C 356 36.10 47.94 25.50
C LEU C 356 37.17 47.44 26.46
N GLN C 357 38.38 47.97 26.32
CA GLN C 357 39.51 47.62 27.17
C GLN C 357 39.85 48.81 28.06
N ASN C 358 39.79 48.61 29.38
CA ASN C 358 40.10 49.64 30.36
C ASN C 358 39.25 50.88 30.12
N ARG C 359 37.94 50.67 30.00
CA ARG C 359 36.98 51.74 29.79
C ARG C 359 37.32 52.58 28.56
N LYS C 360 37.81 51.91 27.52
CA LYS C 360 38.23 52.60 26.30
C LYS C 360 38.09 51.64 25.13
N LEU C 361 37.42 52.10 24.07
CA LEU C 361 37.19 51.27 22.90
C LEU C 361 38.43 51.25 22.01
N VAL C 362 38.92 50.05 21.70
CA VAL C 362 40.05 49.87 20.80
C VAL C 362 39.64 48.90 19.70
N GLN C 363 40.12 49.14 18.49
CA GLN C 363 39.74 48.34 17.34
C GLN C 363 40.55 47.04 17.34
N VAL C 364 39.88 45.92 17.59
CA VAL C 364 40.54 44.63 17.66
C VAL C 364 40.33 43.83 16.38
N GLY C 365 40.03 44.50 15.27
CA GLY C 365 39.78 43.85 14.01
C GLY C 365 38.71 44.64 13.27
N ILE C 366 38.61 44.41 11.97
CA ILE C 366 37.64 45.10 11.14
C ILE C 366 36.91 44.08 10.28
N TYR C 367 35.59 44.24 10.16
CA TYR C 367 34.78 43.38 9.31
C TYR C 367 34.61 44.07 7.98
N ASN C 368 35.29 43.57 6.95
CA ASN C 368 35.13 44.13 5.62
C ASN C 368 33.85 43.56 5.01
N GLY C 369 33.68 43.71 3.70
CA GLY C 369 32.41 43.39 3.09
C GLY C 369 31.90 41.98 3.38
N THR C 370 32.80 41.02 3.55
CA THR C 370 32.35 39.65 3.70
C THR C 370 32.97 38.95 4.91
N HIS C 371 34.19 39.31 5.29
CA HIS C 371 34.93 38.56 6.29
C HIS C 371 35.47 39.48 7.37
N VAL C 372 35.69 38.90 8.56
CA VAL C 372 36.33 39.59 9.66
C VAL C 372 37.82 39.36 9.57
N ILE C 373 38.61 40.44 9.60
CA ILE C 373 40.05 40.34 9.59
C ILE C 373 40.58 41.01 10.87
N PRO C 374 41.30 40.30 11.72
CA PRO C 374 41.81 40.89 12.95
C PRO C 374 43.11 41.65 12.71
N ASN C 375 43.55 42.34 13.75
CA ASN C 375 44.79 43.11 13.67
C ASN C 375 45.72 42.76 14.84
N ASP C 376 46.78 43.54 15.01
CA ASP C 376 47.79 43.23 16.02
C ASP C 376 47.26 43.35 17.44
N ARG C 377 46.10 44.00 17.63
CA ARG C 377 45.57 44.17 18.97
C ARG C 377 45.11 42.84 19.55
N LYS C 378 45.25 42.71 20.86
CA LYS C 378 44.83 41.51 21.58
C LYS C 378 43.45 41.76 22.18
N ILE C 379 42.56 40.79 22.01
CA ILE C 379 41.20 40.90 22.52
C ILE C 379 41.20 40.54 24.00
N ILE C 380 40.68 41.43 24.83
CA ILE C 380 40.55 41.20 26.26
C ILE C 380 39.08 40.88 26.51
N TRP C 381 38.77 39.60 26.70
CA TRP C 381 37.41 39.16 26.91
C TRP C 381 36.95 39.55 28.31
N PRO C 382 35.64 39.57 28.55
CA PRO C 382 35.13 39.98 29.87
C PRO C 382 35.73 39.13 30.98
N GLY C 383 36.04 39.79 32.09
CA GLY C 383 36.78 39.17 33.17
C GLY C 383 38.27 39.42 33.13
N GLY C 384 38.79 39.97 32.04
CA GLY C 384 40.20 40.30 31.93
C GLY C 384 41.08 39.23 31.32
N GLU C 385 40.55 38.03 31.10
CA GLU C 385 41.37 36.97 30.51
C GLU C 385 41.57 37.20 29.03
N THR C 386 42.72 36.73 28.53
CA THR C 386 43.06 36.89 27.12
C THR C 386 42.72 35.67 26.26
N GLU C 387 42.63 34.49 26.85
CA GLU C 387 42.24 33.31 26.09
C GLU C 387 40.78 33.40 25.68
N LYS C 388 40.47 32.88 24.50
CA LYS C 388 39.12 32.96 23.98
C LYS C 388 38.19 32.09 24.82
N PRO C 389 37.14 32.65 25.42
CA PRO C 389 36.24 31.83 26.23
C PRO C 389 35.44 30.88 25.36
N ARG C 390 35.07 29.75 25.96
CA ARG C 390 34.25 28.78 25.25
C ARG C 390 32.83 29.33 25.06
N GLY C 391 32.13 28.79 24.07
CA GLY C 391 30.80 29.27 23.77
C GLY C 391 29.83 29.06 24.91
N TYR C 392 29.95 27.94 25.61
CA TYR C 392 29.02 27.61 26.68
C TYR C 392 29.77 26.88 27.79
N GLN C 393 29.04 26.54 28.85
CA GLN C 393 29.56 25.74 29.95
C GLN C 393 28.55 24.64 30.24
N MET C 394 28.95 23.39 30.00
CA MET C 394 28.03 22.27 30.18
C MET C 394 27.58 22.17 31.64
N SER C 395 26.29 21.94 31.83
CA SER C 395 25.71 21.85 33.15
C SER C 395 25.66 20.39 33.60
N THR C 396 26.20 20.11 34.77
CA THR C 396 26.21 18.77 35.35
C THR C 396 25.11 18.58 36.38
N ARG C 397 24.15 19.49 36.46
CA ARG C 397 23.00 19.36 37.36
C ARG C 397 21.76 19.24 36.47
N LEU C 398 21.45 18.02 36.07
CA LEU C 398 20.33 17.77 35.19
C LEU C 398 19.01 17.86 35.95
N LYS C 399 18.04 18.55 35.37
CA LYS C 399 16.69 18.62 35.92
C LYS C 399 15.93 17.41 35.43
N ILE C 400 15.73 16.44 36.30
CA ILE C 400 15.12 15.16 35.96
C ILE C 400 13.62 15.24 36.16
N VAL C 401 12.86 14.63 35.25
CA VAL C 401 11.40 14.56 35.36
C VAL C 401 10.98 13.10 35.37
N THR C 402 10.05 12.77 36.25
CA THR C 402 9.56 11.40 36.38
C THR C 402 8.05 11.43 36.58
N ILE C 403 7.41 10.31 36.28
CA ILE C 403 5.97 10.15 36.45
C ILE C 403 5.73 8.94 37.33
N HIS C 404 4.68 9.02 38.14
CA HIS C 404 4.36 7.96 39.11
C HIS C 404 3.86 6.73 38.38
N GLN C 405 4.73 5.75 38.18
CA GLN C 405 4.37 4.43 37.69
C GLN C 405 4.78 3.41 38.74
N GLU C 406 3.83 2.57 39.15
CA GLU C 406 4.03 1.76 40.36
C GLU C 406 5.23 0.83 40.27
N PRO C 407 5.39 -0.01 39.24
CA PRO C 407 6.56 -0.91 39.23
C PRO C 407 7.87 -0.19 39.04
N PHE C 408 7.86 0.98 38.40
CA PHE C 408 9.09 1.68 38.05
C PHE C 408 9.43 2.82 39.00
N VAL C 409 8.48 3.71 39.26
CA VAL C 409 8.71 4.87 40.12
C VAL C 409 7.63 4.87 41.19
N TYR C 410 7.91 4.24 42.32
CA TYR C 410 7.10 4.44 43.51
C TYR C 410 7.34 5.84 44.05
N VAL C 411 6.27 6.50 44.48
CA VAL C 411 6.36 7.82 45.10
C VAL C 411 5.59 7.77 46.41
N LYS C 412 6.24 8.21 47.49
CA LYS C 412 5.65 8.15 48.81
C LYS C 412 5.83 9.48 49.54
N PRO C 413 4.88 9.84 50.42
CA PRO C 413 5.07 11.05 51.23
C PRO C 413 6.25 10.90 52.16
N THR C 414 6.96 12.01 52.38
CA THR C 414 8.08 12.05 53.28
C THR C 414 7.61 12.12 54.73
N MET C 415 8.50 11.76 55.65
CA MET C 415 8.22 11.96 57.06
C MET C 415 8.50 13.40 57.45
N SER C 416 8.25 13.73 58.73
CA SER C 416 8.25 15.12 59.16
C SER C 416 9.63 15.75 59.20
N ASP C 417 10.70 14.96 59.11
CA ASP C 417 12.06 15.49 59.19
C ASP C 417 12.67 15.77 57.82
N GLY C 418 11.92 15.58 56.74
CA GLY C 418 12.37 15.89 55.41
C GLY C 418 12.76 14.70 54.56
N THR C 419 12.98 13.54 55.17
CA THR C 419 13.30 12.31 54.47
C THR C 419 12.13 11.34 54.61
N CYS C 420 12.28 10.15 54.03
CA CYS C 420 11.30 9.09 54.22
C CYS C 420 12.01 7.84 54.73
N LYS C 421 11.24 6.99 55.40
CA LYS C 421 11.81 5.87 56.13
C LYS C 421 12.59 4.96 55.20
N GLU C 422 13.81 4.61 55.62
CA GLU C 422 14.62 3.67 54.86
C GLU C 422 14.04 2.27 54.96
N GLU C 423 14.00 1.56 53.85
CA GLU C 423 13.49 0.20 53.79
C GLU C 423 14.60 -0.73 53.30
N PHE C 424 14.31 -2.02 53.27
CA PHE C 424 15.23 -3.02 52.77
C PHE C 424 14.45 -4.03 51.93
N THR C 425 15.11 -4.58 50.92
CA THR C 425 14.51 -5.60 50.07
C THR C 425 14.51 -6.93 50.81
N VAL C 426 14.09 -8.00 50.12
CA VAL C 426 14.10 -9.31 50.74
C VAL C 426 15.53 -9.77 51.04
N ASN C 427 16.49 -9.30 50.24
CA ASN C 427 17.90 -9.64 50.47
C ASN C 427 18.53 -8.80 51.58
N GLY C 428 17.82 -7.80 52.10
CA GLY C 428 18.35 -6.94 53.14
C GLY C 428 19.07 -5.71 52.63
N ASP C 429 19.27 -5.58 51.33
CA ASP C 429 19.91 -4.39 50.80
C ASP C 429 18.99 -3.18 50.92
N PRO C 430 19.52 -2.02 51.29
CA PRO C 430 18.67 -0.84 51.40
C PRO C 430 18.17 -0.38 50.04
N VAL C 431 16.96 0.20 50.05
CA VAL C 431 16.40 0.78 48.85
C VAL C 431 16.95 2.18 48.66
N LYS C 432 17.35 2.51 47.44
CA LYS C 432 17.89 3.82 47.13
C LYS C 432 16.74 4.75 46.77
N LYS C 433 16.58 5.82 47.55
CA LYS C 433 15.49 6.76 47.38
C LYS C 433 16.03 8.16 47.18
N VAL C 434 15.29 8.96 46.41
CA VAL C 434 15.66 10.34 46.11
C VAL C 434 14.50 11.24 46.49
N ILE C 435 14.79 12.53 46.63
CA ILE C 435 13.79 13.50 47.03
C ILE C 435 13.25 14.15 45.77
N CYS C 436 12.03 13.78 45.40
CA CYS C 436 11.36 14.31 44.22
C CYS C 436 10.29 15.30 44.65
N THR C 437 10.33 16.50 44.08
CA THR C 437 9.38 17.56 44.40
C THR C 437 8.25 17.50 43.38
N GLY C 438 7.08 17.03 43.82
CA GLY C 438 5.98 16.82 42.91
C GLY C 438 4.68 17.45 43.36
N PRO C 439 3.70 17.51 42.47
CA PRO C 439 2.39 18.05 42.84
C PRO C 439 1.77 17.21 43.95
N ASN C 440 1.04 17.88 44.84
CA ASN C 440 0.49 17.21 46.01
C ASN C 440 -0.85 16.56 45.70
N ASP C 441 -1.80 17.34 45.19
CA ASP C 441 -3.14 16.86 44.91
C ASP C 441 -3.26 16.57 43.43
N THR C 442 -3.62 15.33 43.09
CA THR C 442 -3.76 14.91 41.70
C THR C 442 -5.17 15.13 41.16
N SER C 443 -6.12 15.51 42.01
CA SER C 443 -7.48 15.73 41.55
C SER C 443 -7.56 16.99 40.70
N PRO C 444 -8.24 16.96 39.57
CA PRO C 444 -8.41 18.17 38.76
C PRO C 444 -9.22 19.23 39.51
N GLY C 445 -8.93 20.49 39.20
CA GLY C 445 -9.60 21.59 39.87
C GLY C 445 -9.24 21.70 41.34
N SER C 446 -7.99 21.44 41.68
CA SER C 446 -7.50 21.51 43.05
C SER C 446 -6.20 22.29 43.08
N PRO C 447 -5.93 23.00 44.19
CA PRO C 447 -4.65 23.73 44.29
C PRO C 447 -3.46 22.79 44.29
N ARG C 448 -2.65 22.84 43.23
CA ARG C 448 -1.49 21.99 43.08
C ARG C 448 -0.25 22.76 43.51
N HIS C 449 0.31 22.41 44.66
CA HIS C 449 1.53 23.01 45.16
C HIS C 449 2.60 21.94 45.26
N THR C 450 3.82 22.29 44.87
CA THR C 450 4.91 21.33 44.80
C THR C 450 5.39 20.98 46.21
N VAL C 451 5.14 19.75 46.63
CA VAL C 451 5.59 19.26 47.93
C VAL C 451 6.74 18.28 47.67
N PRO C 452 7.80 18.30 48.47
CA PRO C 452 8.89 17.32 48.30
C PRO C 452 8.55 15.99 48.97
N GLN C 453 8.26 14.99 48.15
CA GLN C 453 8.06 13.61 48.58
C GLN C 453 9.27 12.80 48.13
N CYS C 454 9.24 11.49 48.33
CA CYS C 454 10.41 10.68 48.00
C CYS C 454 10.05 9.60 46.98
N CYS C 455 10.90 9.46 45.97
CA CYS C 455 10.72 8.56 44.86
C CYS C 455 11.76 7.45 44.91
N TYR C 456 11.37 6.26 44.48
CA TYR C 456 12.27 5.12 44.48
C TYR C 456 11.67 4.01 43.62
N GLY C 457 12.53 3.28 42.93
CA GLY C 457 12.06 2.15 42.14
C GLY C 457 13.04 1.82 41.03
N PHE C 458 12.51 1.15 40.01
CA PHE C 458 13.34 0.72 38.88
C PHE C 458 14.00 1.92 38.20
N CYS C 459 13.21 2.92 37.84
CA CYS C 459 13.75 4.06 37.10
C CYS C 459 14.68 4.89 37.96
N ILE C 460 14.37 5.02 39.25
CA ILE C 460 15.26 5.77 40.14
C ILE C 460 16.58 5.04 40.32
N ASP C 461 16.53 3.71 40.43
CA ASP C 461 17.77 2.93 40.50
C ASP C 461 18.59 3.09 39.23
N LEU C 462 17.93 3.05 38.08
CA LEU C 462 18.64 3.25 36.82
C LEU C 462 19.24 4.66 36.75
N LEU C 463 18.50 5.66 37.23
CA LEU C 463 19.00 7.03 37.23
C LEU C 463 20.22 7.17 38.13
N ILE C 464 20.20 6.53 39.30
CA ILE C 464 21.36 6.57 40.19
C ILE C 464 22.55 5.87 39.55
N LYS C 465 22.30 4.75 38.86
CA LYS C 465 23.38 4.09 38.14
C LYS C 465 23.98 5.00 37.07
N LEU C 466 23.12 5.71 36.34
CA LEU C 466 23.60 6.64 35.31
C LEU C 466 24.42 7.76 35.93
N ALA C 467 23.93 8.34 37.02
CA ALA C 467 24.66 9.40 37.70
C ALA C 467 25.97 8.91 38.29
N ARG C 468 26.07 7.61 38.57
CA ARG C 468 27.33 7.06 39.05
C ARG C 468 28.33 6.85 37.92
N THR C 469 27.91 6.12 36.87
CA THR C 469 28.81 5.86 35.76
C THR C 469 29.15 7.15 35.01
N MET C 470 28.13 7.91 34.63
CA MET C 470 28.33 9.22 34.04
C MET C 470 28.32 10.26 35.16
N ASN C 471 29.45 10.93 35.35
CA ASN C 471 29.63 11.81 36.50
C ASN C 471 28.78 13.05 36.32
N PHE C 472 27.57 13.03 36.88
CA PHE C 472 26.71 14.21 36.88
C PHE C 472 25.76 14.11 38.06
N THR C 473 25.21 15.26 38.44
CA THR C 473 24.26 15.36 39.54
C THR C 473 22.86 15.59 39.00
N TYR C 474 21.87 15.11 39.74
CA TYR C 474 20.48 15.14 39.29
C TYR C 474 19.61 15.79 40.34
N GLU C 475 18.40 16.17 39.92
CA GLU C 475 17.40 16.75 40.82
C GLU C 475 16.03 16.32 40.32
N VAL C 476 15.51 15.24 40.89
CA VAL C 476 14.28 14.63 40.40
C VAL C 476 13.09 15.49 40.78
N HIS C 477 12.12 15.61 39.87
CA HIS C 477 10.86 16.27 40.16
C HIS C 477 9.78 15.64 39.31
N LEU C 478 8.59 15.50 39.87
CA LEU C 478 7.48 14.90 39.14
C LEU C 478 6.98 15.85 38.06
N VAL C 479 6.00 15.39 37.32
CA VAL C 479 5.41 16.16 36.23
C VAL C 479 4.34 17.08 36.80
N ALA C 480 4.14 18.23 36.15
CA ALA C 480 3.09 19.15 36.59
C ALA C 480 1.72 18.51 36.55
N ASP C 481 1.51 17.51 35.71
CA ASP C 481 0.28 16.74 35.67
C ASP C 481 0.64 15.27 35.58
N GLY C 482 -0.35 14.42 35.31
CA GLY C 482 -0.11 12.99 35.28
C GLY C 482 -0.15 12.40 33.88
N LYS C 483 0.42 13.11 32.91
CA LYS C 483 0.38 12.70 31.52
C LYS C 483 1.79 12.36 31.04
N PHE C 484 1.89 11.30 30.23
CA PHE C 484 3.18 10.92 29.68
C PHE C 484 3.63 11.87 28.57
N GLY C 485 2.71 12.28 27.71
CA GLY C 485 3.04 13.21 26.64
C GLY C 485 2.37 12.86 25.34
N THR C 486 1.66 13.84 24.76
CA THR C 486 0.95 13.65 23.50
C THR C 486 0.76 15.01 22.85
N GLN C 487 1.01 15.08 21.55
CA GLN C 487 0.86 16.32 20.81
C GLN C 487 -0.62 16.66 20.70
N GLU C 488 -1.04 17.74 21.34
CA GLU C 488 -2.42 18.18 21.33
C GLU C 488 -2.50 19.60 20.79
N ARG C 489 -3.66 19.92 20.23
CA ARG C 489 -3.92 21.27 19.74
C ARG C 489 -4.36 22.16 20.89
N VAL C 490 -3.62 23.25 21.11
CA VAL C 490 -4.05 24.25 22.06
C VAL C 490 -5.17 25.07 21.42
N ASN C 491 -6.15 25.47 22.23
CA ASN C 491 -7.39 26.01 21.68
C ASN C 491 -7.20 27.33 20.94
N ASN C 492 -6.10 28.03 21.17
CA ASN C 492 -5.83 29.30 20.48
C ASN C 492 -4.82 29.10 19.36
N SER C 493 -5.12 29.66 18.20
CA SER C 493 -4.25 29.67 17.02
C SER C 493 -4.00 28.27 16.47
N ASN C 494 -4.64 27.26 17.06
CA ASN C 494 -4.49 25.86 16.64
C ASN C 494 -3.00 25.52 16.53
N LYS C 495 -2.34 25.54 17.68
CA LYS C 495 -0.90 25.30 17.78
C LYS C 495 -0.67 23.93 18.38
N LYS C 496 0.18 23.14 17.74
CA LYS C 496 0.60 21.87 18.30
C LYS C 496 1.43 22.11 19.55
N GLU C 497 1.18 21.33 20.60
CA GLU C 497 1.93 21.49 21.84
C GLU C 497 2.03 20.14 22.54
N TRP C 498 3.17 19.88 23.15
CA TRP C 498 3.37 18.66 23.91
C TRP C 498 3.02 18.90 25.38
N ASN C 499 2.33 17.93 25.97
CA ASN C 499 1.96 17.99 27.38
C ASN C 499 2.76 16.96 28.17
N GLY C 500 2.60 17.01 29.49
CA GLY C 500 3.24 16.04 30.34
C GLY C 500 4.76 16.10 30.26
N MET C 501 5.39 14.92 30.35
CA MET C 501 6.84 14.86 30.34
C MET C 501 7.42 15.38 29.04
N MET C 502 6.75 15.11 27.93
CA MET C 502 7.23 15.59 26.63
C MET C 502 7.31 17.11 26.61
N GLY C 503 6.25 17.78 27.06
CA GLY C 503 6.27 19.22 27.13
C GLY C 503 7.26 19.76 28.14
N GLU C 504 7.39 19.07 29.27
CA GLU C 504 8.36 19.50 30.27
C GLU C 504 9.77 19.45 29.73
N LEU C 505 10.10 18.40 28.98
CA LEU C 505 11.45 18.27 28.44
C LEU C 505 11.69 19.24 27.29
N LEU C 506 10.69 19.41 26.40
CA LEU C 506 10.90 20.27 25.24
C LEU C 506 10.92 21.74 25.61
N SER C 507 10.27 22.11 26.71
CA SER C 507 10.23 23.51 27.15
C SER C 507 11.42 23.90 28.00
N GLY C 508 12.36 22.97 28.24
CA GLY C 508 13.54 23.27 29.01
C GLY C 508 13.40 23.09 30.51
N GLN C 509 12.19 22.79 31.00
CA GLN C 509 12.00 22.58 32.43
C GLN C 509 12.70 21.32 32.92
N ALA C 510 12.96 20.36 32.03
CA ALA C 510 13.65 19.13 32.39
C ALA C 510 14.69 18.82 31.33
N ASP C 511 15.77 18.17 31.76
CA ASP C 511 16.86 17.80 30.86
C ASP C 511 16.90 16.32 30.53
N MET C 512 16.04 15.51 31.13
CA MET C 512 16.07 14.07 30.96
C MET C 512 14.79 13.48 31.53
N ILE C 513 14.32 12.40 30.91
CA ILE C 513 13.09 11.73 31.32
C ILE C 513 13.45 10.29 31.63
N VAL C 514 13.64 9.97 32.91
CA VAL C 514 13.85 8.58 33.34
C VAL C 514 12.49 8.11 33.84
N ALA C 515 11.74 7.48 32.94
CA ALA C 515 10.39 7.03 33.24
C ALA C 515 9.99 6.02 32.19
N PRO C 516 8.89 5.29 32.40
CA PRO C 516 8.43 4.36 31.35
C PRO C 516 7.92 5.12 30.14
N LEU C 517 8.83 5.74 29.40
CA LEU C 517 8.50 6.54 28.23
C LEU C 517 8.68 5.68 26.99
N THR C 518 7.56 5.27 26.39
CA THR C 518 7.60 4.40 25.23
C THR C 518 8.22 5.11 24.04
N ILE C 519 9.02 4.38 23.27
CA ILE C 519 9.67 4.92 22.08
C ILE C 519 8.74 4.71 20.90
N ASN C 520 8.36 5.81 20.24
CA ASN C 520 7.52 5.72 19.06
C ASN C 520 7.91 6.83 18.09
N ASN C 521 7.34 6.76 16.89
CA ASN C 521 7.72 7.68 15.83
C ASN C 521 7.31 9.11 16.16
N GLU C 522 6.13 9.29 16.77
CA GLU C 522 5.63 10.64 17.03
C GLU C 522 6.53 11.39 18.00
N ARG C 523 6.98 10.74 19.05
CA ARG C 523 7.85 11.40 20.03
C ARG C 523 9.28 11.53 19.52
N ALA C 524 9.75 10.58 18.71
CA ALA C 524 11.15 10.57 18.29
C ALA C 524 11.47 11.69 17.32
N GLN C 525 10.47 12.32 16.70
CA GLN C 525 10.75 13.39 15.76
C GLN C 525 11.23 14.65 16.46
N TYR C 526 10.83 14.86 17.71
CA TYR C 526 11.16 16.06 18.46
C TYR C 526 12.23 15.86 19.51
N ILE C 527 12.16 14.77 20.26
CA ILE C 527 13.22 14.39 21.20
C ILE C 527 13.82 13.08 20.71
N GLU C 528 14.96 12.73 21.29
CA GLU C 528 15.70 11.53 20.91
C GLU C 528 15.84 10.63 22.12
N PHE C 529 15.45 9.37 21.95
CA PHE C 529 15.51 8.37 23.00
C PHE C 529 16.84 7.63 22.97
N SER C 530 17.22 7.11 24.12
CA SER C 530 18.36 6.21 24.21
C SER C 530 17.95 4.82 23.74
N LYS C 531 18.88 3.88 23.77
CA LYS C 531 18.52 2.50 23.52
C LYS C 531 17.57 2.03 24.62
N PRO C 532 16.59 1.19 24.29
CA PRO C 532 15.60 0.80 25.30
C PRO C 532 16.24 0.12 26.49
N PHE C 533 15.84 0.54 27.68
CA PHE C 533 16.29 -0.12 28.91
C PHE C 533 15.30 -1.17 29.39
N LYS C 534 14.21 -1.38 28.67
CA LYS C 534 13.22 -2.40 29.01
C LYS C 534 12.37 -2.65 27.79
N TYR C 535 12.31 -3.91 27.34
CA TYR C 535 11.55 -4.27 26.16
C TYR C 535 10.21 -4.87 26.59
N GLN C 536 9.12 -4.29 26.08
CA GLN C 536 7.79 -4.73 26.46
C GLN C 536 6.81 -4.26 25.40
N GLY C 537 5.63 -4.88 25.39
CA GLY C 537 4.56 -4.50 24.49
C GLY C 537 3.34 -3.98 25.23
N LEU C 538 2.24 -3.90 24.50
CA LEU C 538 0.95 -3.54 25.07
C LEU C 538 0.15 -4.80 25.35
N THR C 539 -0.71 -4.72 26.37
CA THR C 539 -1.48 -5.88 26.78
C THR C 539 -2.72 -5.39 27.52
N ILE C 540 -3.62 -6.33 27.80
CA ILE C 540 -4.93 -6.05 28.35
C ILE C 540 -5.05 -6.68 29.72
N LEU C 541 -5.44 -5.88 30.71
CA LEU C 541 -5.67 -6.33 32.07
C LEU C 541 -7.17 -6.36 32.33
N VAL C 542 -7.65 -7.47 32.88
CA VAL C 542 -9.06 -7.66 33.19
C VAL C 542 -9.16 -8.24 34.60
N LYS C 543 -10.40 -8.37 35.07
CA LYS C 543 -10.66 -8.95 36.37
C LYS C 543 -10.51 -10.47 36.32
N LYS C 544 -9.99 -11.04 37.40
CA LYS C 544 -9.78 -12.49 37.43
C LYS C 544 -11.11 -13.24 37.33
N GLU C 545 -12.14 -12.75 38.01
CA GLU C 545 -13.48 -13.35 37.98
C GLU C 545 -13.42 -14.80 38.46
N ILE C 546 -13.09 -14.94 39.74
CA ILE C 546 -13.01 -16.27 40.35
C ILE C 546 -14.35 -16.97 40.22
N PRO C 547 -14.39 -18.29 40.02
CA PRO C 547 -15.68 -18.95 39.74
C PRO C 547 -16.63 -18.87 40.92
N ARG C 548 -17.92 -18.82 40.61
CA ARG C 548 -18.94 -18.80 41.65
C ARG C 548 -19.28 -20.23 42.07
N SER C 549 -19.29 -20.46 43.38
CA SER C 549 -19.59 -21.78 43.94
C SER C 549 -20.89 -21.69 44.71
N THR C 550 -21.84 -22.57 44.37
CA THR C 550 -23.14 -22.59 45.00
C THR C 550 -23.40 -23.94 45.64
N LEU C 551 -24.33 -23.96 46.60
CA LEU C 551 -24.63 -25.19 47.33
C LEU C 551 -25.42 -26.18 46.48
N ASP C 552 -26.13 -25.71 45.45
CA ASP C 552 -26.84 -26.58 44.52
C ASP C 552 -26.02 -26.88 43.28
N SER C 553 -24.70 -26.88 43.39
CA SER C 553 -23.84 -27.11 42.24
C SER C 553 -24.05 -28.51 41.66
N PHE C 554 -24.15 -29.52 42.53
CA PHE C 554 -24.28 -30.89 42.03
C PHE C 554 -25.65 -31.17 41.45
N MET C 555 -26.67 -30.38 41.80
CA MET C 555 -27.99 -30.57 41.22
C MET C 555 -28.14 -29.88 39.87
N GLN C 556 -27.13 -29.11 39.45
CA GLN C 556 -27.22 -28.38 38.19
C GLN C 556 -27.37 -29.26 36.95
N PRO C 557 -26.64 -30.38 36.78
CA PRO C 557 -26.71 -31.10 35.50
C PRO C 557 -28.11 -31.50 35.09
N PHE C 558 -28.97 -31.88 36.04
CA PHE C 558 -30.35 -32.23 35.75
C PHE C 558 -31.26 -31.08 36.14
N GLN C 559 -32.18 -30.72 35.25
CA GLN C 559 -33.17 -29.72 35.57
C GLN C 559 -34.13 -30.25 36.64
N SER C 560 -34.72 -29.33 37.41
CA SER C 560 -35.58 -29.73 38.52
C SER C 560 -36.71 -30.63 38.05
N THR C 561 -37.25 -30.38 36.87
CA THR C 561 -38.28 -31.25 36.33
C THR C 561 -37.74 -32.65 36.08
N LEU C 562 -36.50 -32.74 35.56
CA LEU C 562 -35.90 -34.06 35.36
C LEU C 562 -35.66 -34.77 36.68
N TRP C 563 -35.21 -34.04 37.70
CA TRP C 563 -35.04 -34.63 39.02
C TRP C 563 -36.35 -35.20 39.53
N LEU C 564 -37.43 -34.41 39.44
CA LEU C 564 -38.73 -34.87 39.91
C LEU C 564 -39.19 -36.08 39.12
N LEU C 565 -38.98 -36.08 37.80
CA LEU C 565 -39.43 -37.19 36.98
C LEU C 565 -38.69 -38.48 37.32
N VAL C 566 -37.37 -38.40 37.51
CA VAL C 566 -36.62 -39.61 37.84
C VAL C 566 -36.98 -40.09 39.25
N GLY C 567 -37.21 -39.15 40.17
CA GLY C 567 -37.66 -39.55 41.51
C GLY C 567 -38.99 -40.26 41.48
N LEU C 568 -39.93 -39.78 40.67
CA LEU C 568 -41.19 -40.47 40.49
C LEU C 568 -41.00 -41.83 39.84
N SER C 569 -40.09 -41.90 38.86
CA SER C 569 -39.88 -43.14 38.11
C SER C 569 -39.32 -44.23 39.01
N VAL C 570 -38.44 -43.89 39.94
CA VAL C 570 -37.88 -44.89 40.84
C VAL C 570 -39.00 -45.61 41.59
N HIS C 571 -39.88 -44.82 42.22
CA HIS C 571 -40.97 -45.41 42.99
C HIS C 571 -41.97 -46.12 42.09
N VAL C 572 -42.26 -45.57 40.91
CA VAL C 572 -43.23 -46.22 40.02
C VAL C 572 -42.73 -47.59 39.61
N VAL C 573 -41.46 -47.68 39.21
CA VAL C 573 -40.87 -48.97 38.82
C VAL C 573 -40.87 -49.92 40.00
N ALA C 574 -40.54 -49.42 41.19
CA ALA C 574 -40.49 -50.31 42.37
C ALA C 574 -41.87 -50.88 42.68
N VAL C 575 -42.91 -50.03 42.67
CA VAL C 575 -44.24 -50.55 42.99
C VAL C 575 -44.77 -51.45 41.89
N MET C 576 -44.41 -51.23 40.63
CA MET C 576 -44.91 -52.14 39.61
C MET C 576 -44.16 -53.48 39.68
N LEU C 577 -42.88 -53.46 40.06
CA LEU C 577 -42.20 -54.72 40.36
C LEU C 577 -42.88 -55.45 41.49
N TYR C 578 -43.25 -54.72 42.55
CA TYR C 578 -43.97 -55.33 43.67
C TYR C 578 -45.27 -55.96 43.18
N LEU C 579 -46.04 -55.23 42.37
CA LEU C 579 -47.32 -55.74 41.89
C LEU C 579 -47.13 -56.97 41.01
N LEU C 580 -46.11 -56.96 40.15
CA LEU C 580 -45.86 -58.10 39.29
C LEU C 580 -45.47 -59.34 40.08
N ASP C 581 -44.65 -59.17 41.12
CA ASP C 581 -44.22 -60.33 41.89
C ASP C 581 -45.31 -60.84 42.83
N ARG C 582 -46.10 -59.94 43.41
CA ARG C 582 -47.17 -60.36 44.31
C ARG C 582 -48.23 -61.17 43.59
N PHE C 583 -48.61 -60.75 42.38
CA PHE C 583 -49.64 -61.42 41.60
C PHE C 583 -49.05 -62.39 40.59
N SER C 584 -47.88 -62.95 40.88
CA SER C 584 -47.27 -63.92 39.99
C SER C 584 -48.04 -65.25 40.04
N PRO C 585 -48.08 -65.98 38.93
CA PRO C 585 -48.77 -67.29 38.94
C PRO C 585 -48.18 -68.27 39.93
N PHE C 586 -46.86 -68.24 40.13
CA PHE C 586 -46.21 -69.15 41.05
C PHE C 586 -45.76 -68.45 42.32
N LEU C 601 -40.87 -60.82 47.24
CA LEU C 601 -40.36 -59.46 47.13
C LEU C 601 -41.40 -58.47 47.66
N THR C 602 -41.25 -58.09 48.93
CA THR C 602 -42.21 -57.19 49.57
C THR C 602 -42.02 -55.77 49.08
N LEU C 603 -42.83 -54.86 49.63
CA LEU C 603 -42.76 -53.45 49.21
C LEU C 603 -41.43 -52.83 49.61
N SER C 604 -41.01 -53.02 50.86
CA SER C 604 -39.76 -52.43 51.33
C SER C 604 -38.57 -52.98 50.56
N SER C 605 -38.56 -54.29 50.31
CA SER C 605 -37.46 -54.90 49.56
C SER C 605 -37.42 -54.40 48.13
N ALA C 606 -38.58 -54.22 47.50
CA ALA C 606 -38.60 -53.67 46.15
C ALA C 606 -38.13 -52.22 46.14
N MET C 607 -38.55 -51.43 47.14
CA MET C 607 -38.06 -50.07 47.26
C MET C 607 -36.54 -50.03 47.34
N TRP C 608 -35.98 -50.88 48.20
CA TRP C 608 -34.53 -50.92 48.36
C TRP C 608 -33.85 -51.41 47.10
N PHE C 609 -34.44 -52.39 46.41
CA PHE C 609 -33.87 -52.84 45.16
C PHE C 609 -33.77 -51.69 44.16
N SER C 610 -34.88 -50.96 43.97
CA SER C 610 -34.87 -49.86 43.02
C SER C 610 -33.88 -48.77 43.42
N TRP C 611 -33.85 -48.41 44.70
CA TRP C 611 -32.97 -47.34 45.15
C TRP C 611 -31.49 -47.74 45.01
N GLY C 612 -31.15 -48.97 45.40
CA GLY C 612 -29.78 -49.41 45.30
C GLY C 612 -29.34 -49.68 43.88
N VAL C 613 -30.29 -49.97 42.99
CA VAL C 613 -29.95 -50.10 41.58
C VAL C 613 -29.72 -48.72 40.96
N LEU C 614 -30.56 -47.75 41.30
CA LEU C 614 -30.38 -46.40 40.76
C LEU C 614 -29.01 -45.85 41.14
N LEU C 615 -28.68 -45.89 42.42
CA LEU C 615 -27.37 -45.49 42.93
C LEU C 615 -26.74 -46.72 43.56
N ASN C 616 -25.64 -47.18 42.97
CA ASN C 616 -25.11 -48.51 43.27
C ASN C 616 -24.57 -48.54 44.68
N SER C 617 -25.36 -49.06 45.61
CA SER C 617 -24.95 -49.22 47.00
C SER C 617 -25.15 -50.62 47.55
N GLY C 618 -25.91 -51.47 46.87
CA GLY C 618 -26.08 -52.85 47.30
C GLY C 618 -27.06 -53.06 48.42
N ILE C 619 -27.77 -52.02 48.86
CA ILE C 619 -28.76 -52.20 49.93
C ILE C 619 -29.86 -53.13 49.47
N GLY C 620 -30.32 -53.00 48.23
CA GLY C 620 -31.32 -53.89 47.69
C GLY C 620 -30.78 -55.30 47.61
N GLU C 621 -31.27 -56.19 48.47
CA GLU C 621 -30.86 -57.58 48.51
C GLU C 621 -32.05 -58.45 48.14
N GLY C 622 -31.86 -59.32 47.15
CA GLY C 622 -32.93 -60.18 46.70
C GLY C 622 -33.49 -59.76 45.35
N ALA C 623 -33.09 -60.48 44.31
CA ALA C 623 -33.59 -60.19 42.97
C ALA C 623 -35.07 -60.54 42.88
N PRO C 624 -35.80 -59.90 41.96
CA PRO C 624 -37.21 -60.25 41.77
C PRO C 624 -37.37 -61.71 41.40
N ARG C 625 -38.45 -62.32 41.90
CA ARG C 625 -38.64 -63.75 41.73
C ARG C 625 -39.27 -64.08 40.37
N SER C 626 -40.40 -63.45 40.06
CA SER C 626 -41.13 -63.78 38.84
C SER C 626 -40.44 -63.21 37.60
N PHE C 627 -40.65 -63.88 36.47
CA PHE C 627 -40.06 -63.43 35.22
C PHE C 627 -40.59 -62.06 34.83
N SER C 628 -41.86 -61.78 35.11
CA SER C 628 -42.44 -60.50 34.73
C SER C 628 -41.68 -59.33 35.34
N ALA C 629 -41.11 -59.51 36.53
CA ALA C 629 -40.32 -58.48 37.16
C ALA C 629 -38.83 -58.60 36.84
N ARG C 630 -38.36 -59.78 36.43
CA ARG C 630 -36.95 -59.98 36.14
C ARG C 630 -36.52 -59.33 34.82
N ILE C 631 -37.46 -58.83 34.02
CA ILE C 631 -37.13 -58.06 32.83
C ILE C 631 -37.25 -56.56 33.10
N LEU C 632 -38.33 -56.16 33.76
CA LEU C 632 -38.50 -54.74 34.10
C LEU C 632 -37.40 -54.26 35.02
N GLY C 633 -37.04 -55.07 36.02
CA GLY C 633 -36.01 -54.65 36.95
C GLY C 633 -34.67 -54.44 36.28
N MET C 634 -34.33 -55.30 35.32
CA MET C 634 -33.02 -55.17 34.68
C MET C 634 -33.02 -54.05 33.65
N VAL C 635 -34.16 -53.83 32.97
CA VAL C 635 -34.24 -52.63 32.14
C VAL C 635 -34.11 -51.39 33.01
N TRP C 636 -34.73 -51.40 34.19
CA TRP C 636 -34.61 -50.28 35.11
C TRP C 636 -33.16 -50.10 35.55
N ALA C 637 -32.42 -51.21 35.68
CA ALA C 637 -31.00 -51.11 35.96
C ALA C 637 -30.26 -50.42 34.83
N GLY C 638 -30.58 -50.76 33.58
CA GLY C 638 -29.99 -50.05 32.45
C GLY C 638 -30.34 -48.58 32.43
N PHE C 639 -31.60 -48.26 32.74
CA PHE C 639 -32.03 -46.86 32.84
C PHE C 639 -31.24 -46.13 33.91
N ALA C 640 -31.04 -46.77 35.06
CA ALA C 640 -30.28 -46.16 36.14
C ALA C 640 -28.83 -45.93 35.73
N MET C 641 -28.23 -46.90 35.04
CA MET C 641 -26.88 -46.71 34.55
C MET C 641 -26.79 -45.53 33.59
N ILE C 642 -27.74 -45.43 32.66
CA ILE C 642 -27.70 -44.33 31.69
C ILE C 642 -27.88 -42.99 32.39
N ILE C 643 -28.80 -42.93 33.36
CA ILE C 643 -29.04 -41.69 34.08
C ILE C 643 -27.79 -41.28 34.86
N VAL C 644 -27.18 -42.24 35.55
CA VAL C 644 -26.00 -41.95 36.36
C VAL C 644 -24.84 -41.52 35.46
N ALA C 645 -24.66 -42.19 34.32
CA ALA C 645 -23.58 -41.82 33.41
C ALA C 645 -23.80 -40.43 32.82
N SER C 646 -25.04 -40.10 32.47
CA SER C 646 -25.33 -38.78 31.92
C SER C 646 -25.14 -37.69 32.97
N TYR C 647 -25.52 -37.96 34.22
CA TYR C 647 -25.30 -37.00 35.30
C TYR C 647 -23.81 -36.83 35.57
N THR C 648 -23.05 -37.93 35.51
CA THR C 648 -21.62 -37.90 35.78
C THR C 648 -20.84 -37.19 34.69
N ALA C 649 -21.27 -37.35 33.43
CA ALA C 649 -20.46 -36.93 32.29
C ALA C 649 -20.07 -35.47 32.37
N ASN C 650 -20.96 -34.62 32.88
CA ASN C 650 -20.70 -33.18 32.95
C ASN C 650 -20.89 -32.65 34.36
N LEU C 651 -20.57 -33.45 35.38
CA LEU C 651 -20.75 -32.99 36.76
C LEU C 651 -19.68 -31.97 37.14
N ALA C 652 -18.43 -32.19 36.72
CA ALA C 652 -17.37 -31.26 37.09
C ALA C 652 -17.55 -29.90 36.46
N ALA C 653 -18.11 -29.85 35.25
CA ALA C 653 -18.36 -28.56 34.59
C ALA C 653 -19.36 -27.75 35.38
N PHE C 654 -20.42 -28.38 35.90
CA PHE C 654 -21.41 -27.67 36.69
C PHE C 654 -20.98 -27.47 38.14
N LEU C 655 -19.97 -28.21 38.60
CA LEU C 655 -19.50 -28.03 39.97
C LEU C 655 -18.70 -26.74 40.11
N VAL C 656 -17.86 -26.43 39.13
CA VAL C 656 -17.09 -25.20 39.08
C VAL C 656 -17.39 -24.50 37.77
N LEU C 657 -17.94 -23.30 37.84
CA LEU C 657 -18.36 -22.59 36.64
C LEU C 657 -17.16 -22.19 35.79
N ASP C 658 -17.37 -22.20 34.47
CA ASP C 658 -16.31 -21.87 33.52
C ASP C 658 -16.18 -20.35 33.40
N ARG C 659 -15.26 -19.93 32.53
CA ARG C 659 -14.99 -18.50 32.29
C ARG C 659 -15.03 -18.22 30.79
N PRO C 660 -16.22 -18.23 30.19
CA PRO C 660 -16.30 -18.01 28.73
C PRO C 660 -15.97 -16.58 28.34
N GLU C 661 -16.56 -15.61 29.03
CA GLU C 661 -16.37 -14.21 28.67
C GLU C 661 -15.01 -13.67 29.10
N GLU C 662 -14.49 -14.15 30.23
CA GLU C 662 -13.23 -13.63 30.76
C GLU C 662 -12.04 -13.93 29.84
N ARG C 663 -12.14 -14.97 29.02
CA ARG C 663 -11.01 -15.39 28.17
C ARG C 663 -10.88 -14.42 26.99
N ILE C 664 -10.34 -13.24 27.30
CA ILE C 664 -10.01 -12.28 26.25
C ILE C 664 -8.88 -12.84 25.40
N THR C 665 -8.89 -12.49 24.11
CA THR C 665 -7.86 -12.95 23.16
C THR C 665 -7.34 -11.73 22.39
N GLY C 666 -6.38 -11.04 22.99
CA GLY C 666 -5.71 -9.92 22.35
C GLY C 666 -6.66 -8.84 21.90
N ILE C 667 -6.25 -8.12 20.86
CA ILE C 667 -7.13 -7.13 20.23
C ILE C 667 -8.05 -7.74 19.18
N ASN C 668 -7.85 -9.00 18.82
CA ASN C 668 -8.77 -9.69 17.91
C ASN C 668 -10.05 -10.12 18.60
N ASP C 669 -10.23 -9.73 19.85
CA ASP C 669 -11.44 -10.04 20.58
C ASP C 669 -12.64 -9.37 19.94
N PRO C 670 -13.73 -10.10 19.69
CA PRO C 670 -14.98 -9.44 19.30
C PRO C 670 -15.45 -8.39 20.28
N ARG C 671 -15.33 -8.63 21.59
CA ARG C 671 -15.69 -7.57 22.54
C ARG C 671 -14.66 -6.44 22.57
N LEU C 672 -13.53 -6.61 21.87
CA LEU C 672 -12.59 -5.51 21.56
C LEU C 672 -12.80 -4.93 20.17
N ARG C 673 -12.97 -5.76 19.15
CA ARG C 673 -13.06 -5.24 17.79
C ARG C 673 -14.33 -4.41 17.57
N ASN C 674 -15.47 -4.91 18.04
CA ASN C 674 -16.76 -4.24 17.88
C ASN C 674 -17.27 -3.85 19.25
N PRO C 675 -17.04 -2.59 19.67
CA PRO C 675 -17.38 -2.19 21.03
C PRO C 675 -18.88 -1.97 21.20
N SER C 676 -19.45 -2.60 22.21
CA SER C 676 -20.83 -2.37 22.61
C SER C 676 -20.85 -1.40 23.79
N ASP C 677 -22.03 -1.17 24.35
CA ASP C 677 -22.16 -0.34 25.54
C ASP C 677 -22.02 -1.13 26.83
N LYS C 678 -21.97 -2.46 26.76
CA LYS C 678 -21.80 -3.28 27.95
C LYS C 678 -20.34 -3.51 28.30
N PHE C 679 -19.51 -3.84 27.30
CA PHE C 679 -18.09 -4.03 27.51
C PHE C 679 -17.40 -2.69 27.30
N ILE C 680 -16.99 -2.06 28.40
CA ILE C 680 -16.35 -0.75 28.39
C ILE C 680 -14.87 -0.95 28.66
N TYR C 681 -14.03 -0.34 27.81
CA TYR C 681 -12.59 -0.46 27.96
C TYR C 681 -11.93 0.86 27.55
N ALA C 682 -10.80 1.16 28.17
CA ALA C 682 -10.12 2.42 27.97
C ALA C 682 -8.65 2.27 28.33
N THR C 683 -7.94 3.39 28.39
CA THR C 683 -6.53 3.43 28.73
C THR C 683 -6.21 4.80 29.31
N VAL C 684 -4.92 5.06 29.52
CA VAL C 684 -4.49 6.33 30.11
C VAL C 684 -4.59 7.43 29.07
N LYS C 685 -5.23 8.54 29.44
CA LYS C 685 -5.37 9.67 28.53
C LYS C 685 -4.01 10.32 28.28
N GLN C 686 -3.77 10.67 27.01
CA GLN C 686 -2.54 11.33 26.59
C GLN C 686 -1.30 10.50 26.95
N SER C 687 -1.24 9.32 26.33
CA SER C 687 -0.13 8.40 26.55
C SER C 687 0.24 7.75 25.22
N SER C 688 1.24 6.87 25.28
CA SER C 688 1.75 6.25 24.05
C SER C 688 0.69 5.36 23.39
N VAL C 689 -0.06 4.59 24.19
CA VAL C 689 -1.08 3.72 23.62
C VAL C 689 -2.19 4.52 22.99
N ASP C 690 -2.52 5.69 23.55
CA ASP C 690 -3.50 6.57 22.92
C ASP C 690 -3.03 7.01 21.54
N ILE C 691 -1.75 7.38 21.43
CA ILE C 691 -1.19 7.76 20.13
C ILE C 691 -1.23 6.57 19.17
N TYR C 692 -0.89 5.39 19.67
CA TYR C 692 -0.89 4.19 18.82
C TYR C 692 -2.27 3.91 18.27
N PHE C 693 -3.30 4.03 19.11
CA PHE C 693 -4.66 3.78 18.65
C PHE C 693 -5.15 4.90 17.74
N ARG C 694 -4.70 6.14 17.95
CA ARG C 694 -5.06 7.23 17.06
C ARG C 694 -4.45 7.02 15.67
N ARG C 695 -3.22 6.52 15.62
CA ARG C 695 -2.52 6.37 14.34
C ARG C 695 -3.06 5.19 13.53
N GLN C 696 -3.50 4.12 14.21
CA GLN C 696 -3.94 2.93 13.50
C GLN C 696 -5.16 3.22 12.63
N VAL C 697 -5.24 2.52 11.50
CA VAL C 697 -6.30 2.77 10.53
C VAL C 697 -7.48 1.82 10.73
N GLU C 698 -7.22 0.58 11.15
CA GLU C 698 -8.30 -0.39 11.31
C GLU C 698 -9.06 -0.20 12.61
N LEU C 699 -8.36 0.14 13.70
CA LEU C 699 -8.94 0.17 15.03
C LEU C 699 -9.66 1.48 15.34
N SER C 700 -9.77 2.38 14.35
CA SER C 700 -10.30 3.72 14.59
C SER C 700 -11.63 3.67 15.33
N THR C 701 -12.52 2.77 14.91
CA THR C 701 -13.83 2.67 15.56
C THR C 701 -13.69 2.49 17.07
N MET C 702 -12.89 1.50 17.50
CA MET C 702 -12.79 1.28 18.92
C MET C 702 -12.00 2.39 19.60
N TYR C 703 -11.18 3.13 18.86
CA TYR C 703 -10.58 4.33 19.43
C TYR C 703 -11.66 5.30 19.85
N ARG C 704 -12.68 5.49 19.01
CA ARG C 704 -13.79 6.34 19.38
C ARG C 704 -14.55 5.80 20.57
N HIS C 705 -14.42 4.50 20.85
CA HIS C 705 -15.01 3.93 22.06
C HIS C 705 -14.20 4.28 23.30
N MET C 706 -12.88 4.43 23.16
CA MET C 706 -12.03 4.68 24.32
C MET C 706 -11.86 6.15 24.65
N GLU C 707 -12.06 7.04 23.68
CA GLU C 707 -11.85 8.46 23.92
C GLU C 707 -12.82 9.03 24.95
N LYS C 708 -13.95 8.37 25.17
CA LYS C 708 -14.94 8.84 26.14
C LYS C 708 -14.75 8.23 27.53
N HIS C 709 -13.84 7.26 27.68
CA HIS C 709 -13.63 6.60 28.96
C HIS C 709 -12.18 6.63 29.42
N ASN C 710 -11.30 7.32 28.69
CA ASN C 710 -9.89 7.32 29.04
C ASN C 710 -9.67 7.90 30.44
N TYR C 711 -8.81 7.25 31.21
CA TYR C 711 -8.54 7.64 32.58
C TYR C 711 -7.34 8.56 32.67
N GLU C 712 -7.25 9.27 33.79
CA GLU C 712 -6.20 10.27 33.97
C GLU C 712 -4.85 9.62 34.25
N SER C 713 -4.84 8.49 34.97
CA SER C 713 -3.61 7.83 35.34
C SER C 713 -3.81 6.32 35.32
N ALA C 714 -2.69 5.60 35.23
CA ALA C 714 -2.74 4.14 35.18
C ALA C 714 -3.26 3.56 36.49
N ALA C 715 -2.90 4.16 37.62
CA ALA C 715 -3.35 3.64 38.91
C ALA C 715 -4.87 3.72 39.03
N GLU C 716 -5.47 4.82 38.58
CA GLU C 716 -6.92 4.95 38.64
C GLU C 716 -7.60 3.93 37.75
N ALA C 717 -7.06 3.70 36.55
CA ALA C 717 -7.65 2.70 35.66
C ALA C 717 -7.53 1.30 36.25
N ILE C 718 -6.39 0.98 36.87
CA ILE C 718 -6.23 -0.32 37.51
C ILE C 718 -7.22 -0.49 38.64
N GLN C 719 -7.40 0.56 39.45
CA GLN C 719 -8.39 0.50 40.52
C GLN C 719 -9.79 0.31 39.98
N ALA C 720 -10.14 1.00 38.90
CA ALA C 720 -11.45 0.86 38.29
C ALA C 720 -11.66 -0.55 37.77
N VAL C 721 -10.62 -1.15 37.17
CA VAL C 721 -10.72 -2.54 36.74
C VAL C 721 -10.91 -3.45 37.95
N ARG C 722 -10.26 -3.11 39.07
CA ARG C 722 -10.31 -3.96 40.24
C ARG C 722 -11.72 -4.06 40.82
N ASP C 723 -12.44 -2.93 40.90
CA ASP C 723 -13.78 -2.92 41.45
C ASP C 723 -14.86 -3.05 40.37
N ASN C 724 -14.54 -3.69 39.25
CA ASN C 724 -15.50 -3.99 38.19
C ASN C 724 -16.19 -2.73 37.67
N LYS C 725 -15.44 -1.64 37.58
CA LYS C 725 -15.91 -0.44 36.91
C LYS C 725 -15.39 -0.33 35.49
N LEU C 726 -14.21 -0.88 35.23
CA LEU C 726 -13.63 -0.96 33.89
C LEU C 726 -13.49 -2.44 33.55
N HIS C 727 -14.00 -2.83 32.38
CA HIS C 727 -13.93 -4.23 31.99
C HIS C 727 -12.52 -4.60 31.52
N ALA C 728 -11.83 -3.73 30.81
CA ALA C 728 -10.50 -4.03 30.29
C ALA C 728 -9.66 -2.76 30.26
N PHE C 729 -8.37 -2.93 30.51
CA PHE C 729 -7.43 -1.81 30.54
C PHE C 729 -6.24 -2.15 29.64
N ILE C 730 -5.98 -1.32 28.65
CA ILE C 730 -4.91 -1.53 27.69
C ILE C 730 -3.72 -0.69 28.11
N TRP C 731 -2.60 -1.33 28.41
CA TRP C 731 -1.45 -0.61 28.96
C TRP C 731 -0.18 -1.43 28.73
N ASP C 732 0.94 -0.89 29.20
CA ASP C 732 2.23 -1.50 28.97
C ASP C 732 2.30 -2.90 29.58
N SER C 733 3.05 -3.78 28.92
CA SER C 733 3.15 -5.16 29.39
C SER C 733 3.81 -5.24 30.76
N ALA C 734 4.85 -4.44 30.99
CA ALA C 734 5.57 -4.51 32.26
C ALA C 734 4.68 -4.14 33.43
N VAL C 735 4.03 -2.97 33.36
CA VAL C 735 3.22 -2.49 34.46
C VAL C 735 2.04 -3.42 34.70
N LEU C 736 1.35 -3.81 33.63
CA LEU C 736 0.18 -4.66 33.77
C LEU C 736 0.55 -6.04 34.30
N GLU C 737 1.66 -6.60 33.84
CA GLU C 737 2.10 -7.90 34.35
C GLU C 737 2.48 -7.81 35.82
N PHE C 738 3.15 -6.72 36.22
CA PHE C 738 3.47 -6.55 37.63
C PHE C 738 2.20 -6.45 38.46
N GLU C 739 1.21 -5.70 37.99
CA GLU C 739 -0.05 -5.58 38.73
C GLU C 739 -0.76 -6.93 38.81
N ALA C 740 -0.76 -7.70 37.72
CA ALA C 740 -1.41 -9.01 37.74
C ALA C 740 -0.71 -9.95 38.71
N SER C 741 0.62 -9.91 38.75
CA SER C 741 1.36 -10.74 39.70
C SER C 741 1.07 -10.32 41.14
N GLN C 742 0.99 -9.02 41.39
CA GLN C 742 0.76 -8.54 42.76
C GLN C 742 -0.68 -8.80 43.19
N LYS C 743 -1.65 -8.52 42.33
CA LYS C 743 -3.06 -8.56 42.69
C LYS C 743 -3.70 -9.86 42.23
N CYS C 744 -4.36 -10.55 43.16
CA CYS C 744 -4.99 -11.83 42.82
C CYS C 744 -6.16 -11.64 41.86
N ASP C 745 -6.96 -10.59 42.07
CA ASP C 745 -8.20 -10.40 41.32
C ASP C 745 -7.98 -9.83 39.92
N LEU C 746 -6.75 -9.47 39.56
CA LEU C 746 -6.44 -8.96 38.24
C LEU C 746 -5.64 -9.98 37.47
N VAL C 747 -5.82 -10.00 36.15
CA VAL C 747 -5.11 -10.95 35.30
C VAL C 747 -4.91 -10.33 33.92
N THR C 748 -3.73 -10.54 33.35
CA THR C 748 -3.44 -10.08 32.00
C THR C 748 -4.06 -11.04 30.98
N THR C 749 -4.18 -10.55 29.75
CA THR C 749 -4.82 -11.33 28.69
C THR C 749 -3.80 -12.09 27.85
N GLY C 750 -2.86 -11.38 27.24
CA GLY C 750 -1.86 -11.97 26.37
C GLY C 750 -1.87 -11.32 25.00
N GLU C 751 -1.13 -11.95 24.08
CA GLU C 751 -1.01 -11.48 22.70
C GLU C 751 -0.47 -10.03 22.68
N LEU C 752 0.79 -9.92 23.10
CA LEU C 752 1.46 -8.63 23.12
C LEU C 752 1.46 -8.01 21.73
N PHE C 753 1.09 -6.73 21.67
CA PHE C 753 1.06 -5.98 20.42
C PHE C 753 1.75 -4.64 20.63
N PHE C 754 2.17 -4.04 19.52
CA PHE C 754 2.96 -2.81 19.56
C PHE C 754 4.19 -2.99 20.45
N ARG C 755 4.97 -4.03 20.13
CA ARG C 755 6.19 -4.28 20.87
C ARG C 755 7.15 -3.09 20.72
N SER C 756 7.58 -2.55 21.85
CA SER C 756 8.40 -1.35 21.88
C SER C 756 9.32 -1.45 23.08
N GLY C 757 9.90 -0.32 23.48
CA GLY C 757 10.79 -0.31 24.63
C GLY C 757 10.75 1.03 25.32
N PHE C 758 11.00 1.01 26.62
CA PHE C 758 11.10 2.24 27.39
C PHE C 758 12.43 2.91 27.13
N GLY C 759 12.40 4.20 26.85
CA GLY C 759 13.62 4.93 26.57
C GLY C 759 13.80 6.13 27.48
N ILE C 760 15.04 6.56 27.64
CA ILE C 760 15.36 7.73 28.47
C ILE C 760 15.39 8.93 27.53
N GLY C 761 14.33 9.74 27.58
CA GLY C 761 14.21 10.84 26.65
C GLY C 761 15.14 11.98 26.99
N MET C 762 15.76 12.55 25.95
CA MET C 762 16.60 13.72 26.08
C MET C 762 16.34 14.63 24.89
N ARG C 763 16.76 15.89 25.02
CA ARG C 763 16.55 16.85 23.95
C ARG C 763 17.33 16.45 22.70
N LYS C 764 16.86 16.91 21.55
CA LYS C 764 17.43 16.47 20.28
C LYS C 764 18.89 16.85 20.15
N ASP C 765 19.32 17.91 20.82
CA ASP C 765 20.71 18.36 20.79
C ASP C 765 21.23 18.35 22.22
N SER C 766 21.75 17.21 22.65
CA SER C 766 22.23 17.03 24.02
C SER C 766 23.61 16.41 24.00
N PRO C 767 24.42 16.67 25.03
CA PRO C 767 25.73 16.01 25.12
C PRO C 767 25.68 14.62 25.75
N TRP C 768 24.59 14.25 26.41
CA TRP C 768 24.49 12.98 27.11
C TRP C 768 23.90 11.86 26.27
N LYS C 769 23.62 12.11 24.99
CA LYS C 769 22.97 11.10 24.16
C LYS C 769 23.77 9.82 24.11
N GLN C 770 24.98 9.89 23.54
CA GLN C 770 25.78 8.70 23.30
C GLN C 770 26.16 8.01 24.61
N ASN C 771 26.52 8.80 25.63
CA ASN C 771 26.96 8.19 26.88
C ASN C 771 25.81 7.49 27.60
N VAL C 772 24.63 8.08 27.59
CA VAL C 772 23.46 7.42 28.18
C VAL C 772 23.15 6.14 27.43
N SER C 773 23.17 6.19 26.10
CA SER C 773 22.88 5.00 25.32
C SER C 773 23.90 3.90 25.58
N LEU C 774 25.18 4.27 25.64
CA LEU C 774 26.23 3.28 25.91
C LEU C 774 26.10 2.69 27.30
N SER C 775 25.76 3.52 28.29
CA SER C 775 25.59 3.00 29.65
C SER C 775 24.39 2.05 29.73
N ILE C 776 23.31 2.37 29.03
CA ILE C 776 22.16 1.47 28.99
C ILE C 776 22.56 0.14 28.35
N LEU C 777 23.29 0.20 27.24
CA LEU C 777 23.72 -1.02 26.59
C LEU C 777 24.64 -1.84 27.49
N LYS C 778 25.58 -1.19 28.17
CA LYS C 778 26.50 -1.89 29.06
C LYS C 778 25.75 -2.53 30.22
N SER C 779 24.78 -1.82 30.80
CA SER C 779 23.98 -2.39 31.87
C SER C 779 23.13 -3.56 31.37
N HIS C 780 22.75 -3.54 30.09
CA HIS C 780 22.09 -4.71 29.52
C HIS C 780 23.05 -5.88 29.38
N GLU C 781 24.29 -5.62 28.97
CA GLU C 781 25.24 -6.69 28.71
C GLU C 781 25.53 -7.50 29.96
N ASN C 782 25.88 -6.83 31.05
CA ASN C 782 26.06 -7.53 32.32
C ASN C 782 24.68 -7.73 32.95
N GLY C 783 24.65 -8.14 34.20
CA GLY C 783 23.39 -8.48 34.83
C GLY C 783 22.69 -7.36 35.56
N PHE C 784 23.08 -6.10 35.35
CA PHE C 784 22.51 -5.01 36.15
C PHE C 784 21.02 -4.85 35.87
N MET C 785 20.63 -4.85 34.60
CA MET C 785 19.20 -4.75 34.30
C MET C 785 18.45 -5.99 34.74
N GLU C 786 19.09 -7.16 34.67
CA GLU C 786 18.49 -8.36 35.24
C GLU C 786 18.32 -8.23 36.74
N ASP C 787 19.30 -7.64 37.43
CA ASP C 787 19.17 -7.42 38.86
C ASP C 787 18.02 -6.46 39.17
N LEU C 788 17.88 -5.40 38.38
CA LEU C 788 16.77 -4.49 38.58
C LEU C 788 15.43 -5.18 38.37
N ASP C 789 15.34 -6.02 37.34
CA ASP C 789 14.11 -6.78 37.11
C ASP C 789 13.82 -7.70 38.28
N LYS C 790 14.85 -8.37 38.80
CA LYS C 790 14.65 -9.28 39.93
C LYS C 790 14.17 -8.52 41.16
N THR C 791 14.79 -7.38 41.46
CA THR C 791 14.47 -6.68 42.69
C THR C 791 13.16 -5.91 42.62
N TRP C 792 12.75 -5.48 41.43
CA TRP C 792 11.63 -4.56 41.31
C TRP C 792 10.41 -5.12 40.58
N VAL C 793 10.61 -5.95 39.55
CA VAL C 793 9.49 -6.41 38.74
C VAL C 793 9.27 -7.91 38.97
N ARG C 794 10.36 -8.66 39.11
CA ARG C 794 10.28 -10.12 39.16
C ARG C 794 10.24 -10.60 40.61
N TYR C 795 9.14 -10.26 41.28
CA TYR C 795 8.79 -10.89 42.55
C TYR C 795 7.29 -11.10 42.55
N GLN C 796 6.85 -12.21 43.12
CA GLN C 796 5.55 -12.79 42.86
C GLN C 796 4.81 -13.08 44.16
N GLU C 797 3.57 -12.60 44.25
CA GLU C 797 2.76 -12.79 45.46
C GLU C 797 1.67 -13.86 45.28
N CYS C 798 0.75 -13.65 44.34
CA CYS C 798 -0.34 -14.59 44.10
C CYS C 798 -0.60 -14.69 42.61
N ASP C 799 -0.34 -15.87 42.03
CA ASP C 799 -0.40 -16.06 40.59
C ASP C 799 -1.48 -17.03 40.18
N SER C 800 -1.42 -18.29 40.64
CA SER C 800 -2.41 -19.31 40.31
C SER C 800 -2.64 -19.41 38.80
N ARG C 801 -1.56 -19.27 38.03
CA ARG C 801 -1.64 -19.30 36.57
C ARG C 801 -1.05 -20.61 36.08
N SER C 802 -1.90 -21.47 35.53
CA SER C 802 -1.46 -22.73 34.94
C SER C 802 -2.54 -23.20 33.97
N ASN C 803 -2.13 -24.06 33.05
CA ASN C 803 -3.04 -24.65 32.08
C ASN C 803 -3.72 -25.92 32.60
N ALA C 804 -3.30 -26.42 33.76
CA ALA C 804 -3.88 -27.63 34.30
C ALA C 804 -5.31 -27.36 34.79
N PRO C 805 -6.18 -28.38 34.76
CA PRO C 805 -7.53 -28.20 35.29
C PRO C 805 -7.50 -27.90 36.78
N ALA C 806 -8.50 -27.13 37.23
CA ALA C 806 -8.52 -26.64 38.60
C ALA C 806 -8.72 -27.78 39.59
N THR C 807 -8.16 -27.60 40.78
CA THR C 807 -8.31 -28.56 41.87
C THR C 807 -9.54 -28.20 42.69
N LEU C 808 -10.35 -29.21 43.01
CA LEU C 808 -11.55 -28.98 43.79
C LEU C 808 -11.19 -28.57 45.22
N THR C 809 -11.99 -27.67 45.78
CA THR C 809 -11.73 -27.09 47.10
C THR C 809 -13.01 -27.18 47.92
N PHE C 810 -12.94 -26.72 49.17
CA PHE C 810 -14.10 -26.74 50.07
C PHE C 810 -15.30 -26.06 49.43
N GLU C 811 -15.15 -24.80 49.04
CA GLU C 811 -16.27 -24.06 48.46
C GLU C 811 -16.75 -24.70 47.17
N ASN C 812 -15.87 -25.39 46.44
CA ASN C 812 -16.25 -25.98 45.17
C ASN C 812 -17.32 -27.05 45.36
N MET C 813 -17.20 -27.86 46.40
CA MET C 813 -18.13 -28.96 46.65
C MET C 813 -18.65 -28.93 48.08
N ALA C 814 -18.81 -27.73 48.64
CA ALA C 814 -19.47 -27.61 49.94
C ALA C 814 -20.92 -28.05 49.88
N GLY C 815 -21.53 -28.00 48.69
CA GLY C 815 -22.91 -28.43 48.56
C GLY C 815 -23.11 -29.89 48.92
N VAL C 816 -22.19 -30.76 48.48
CA VAL C 816 -22.34 -32.18 48.78
C VAL C 816 -22.07 -32.45 50.26
N PHE C 817 -21.17 -31.68 50.88
CA PHE C 817 -20.95 -31.83 52.31
C PHE C 817 -22.20 -31.42 53.10
N MET C 818 -22.83 -30.32 52.72
CA MET C 818 -24.09 -29.96 53.36
C MET C 818 -25.18 -30.97 53.05
N LEU C 819 -25.10 -31.62 51.88
CA LEU C 819 -26.08 -32.66 51.54
C LEU C 819 -25.95 -33.86 52.46
N VAL C 820 -24.71 -34.31 52.71
CA VAL C 820 -24.54 -35.46 53.60
C VAL C 820 -24.85 -35.06 55.05
N ALA C 821 -24.59 -33.80 55.42
CA ALA C 821 -25.03 -33.33 56.73
C ALA C 821 -26.55 -33.35 56.85
N GLY C 822 -27.24 -32.94 55.78
CA GLY C 822 -28.69 -33.05 55.76
C GLY C 822 -29.16 -34.49 55.82
N GLY C 823 -28.40 -35.41 55.22
CA GLY C 823 -28.69 -36.82 55.39
C GLY C 823 -28.58 -37.25 56.84
N ILE C 824 -27.54 -36.77 57.53
CA ILE C 824 -27.40 -37.03 58.96
C ILE C 824 -28.63 -36.55 59.72
N VAL C 825 -29.02 -35.30 59.48
CA VAL C 825 -30.09 -34.70 60.26
C VAL C 825 -31.46 -35.28 59.87
N ALA C 826 -31.61 -35.78 58.64
CA ALA C 826 -32.85 -36.43 58.26
C ALA C 826 -32.93 -37.84 58.83
N GLY C 827 -31.80 -38.53 58.90
CA GLY C 827 -31.78 -39.84 59.55
C GLY C 827 -32.08 -39.76 61.02
N ILE C 828 -31.56 -38.73 61.70
CA ILE C 828 -31.81 -38.58 63.13
C ILE C 828 -33.27 -38.31 63.46
N PHE C 829 -34.08 -37.94 62.46
CA PHE C 829 -35.53 -37.83 62.62
C PHE C 829 -36.26 -39.07 62.13
N LEU C 830 -35.84 -39.64 61.00
CA LEU C 830 -36.47 -40.84 60.49
C LEU C 830 -36.29 -42.03 61.42
N ILE C 831 -35.24 -42.03 62.24
CA ILE C 831 -35.07 -43.11 63.21
C ILE C 831 -36.20 -43.08 64.23
N PHE C 832 -36.53 -41.90 64.74
CA PHE C 832 -37.63 -41.79 65.68
C PHE C 832 -38.97 -42.00 65.00
N ILE C 833 -39.10 -41.59 63.74
CA ILE C 833 -40.32 -41.87 63.00
C ILE C 833 -40.54 -43.37 62.85
N GLU C 834 -39.47 -44.11 62.54
CA GLU C 834 -39.58 -45.56 62.43
C GLU C 834 -39.81 -46.22 63.78
N ILE C 835 -39.26 -45.67 64.85
CA ILE C 835 -39.55 -46.20 66.19
C ILE C 835 -41.03 -46.03 66.50
N ALA C 836 -41.59 -44.86 66.20
CA ALA C 836 -43.02 -44.63 66.41
C ALA C 836 -43.86 -45.56 65.54
N TYR C 837 -43.42 -45.79 64.30
CA TYR C 837 -44.12 -46.73 63.42
C TYR C 837 -44.11 -48.14 63.99
N LYS C 838 -42.96 -48.56 64.55
CA LYS C 838 -42.89 -49.86 65.19
C LYS C 838 -43.76 -49.93 66.44
N ARG C 839 -43.97 -48.78 67.10
CA ARG C 839 -44.88 -48.76 68.24
C ARG C 839 -46.30 -49.14 67.83
N HIS C 840 -46.76 -48.63 66.69
CA HIS C 840 -48.08 -48.96 66.18
C HIS C 840 -48.14 -50.44 65.77
N PRO D 32 -21.03 65.79 27.12
CA PRO D 32 -19.89 65.95 26.21
C PRO D 32 -20.27 65.74 24.76
N ALA D 33 -19.53 66.39 23.85
CA ALA D 33 -19.77 66.28 22.41
C ALA D 33 -18.55 65.65 21.76
N LEU D 34 -18.79 64.67 20.90
CA LEU D 34 -17.74 63.97 20.16
C LEU D 34 -17.86 64.34 18.69
N ASN D 35 -16.88 65.06 18.17
CA ASN D 35 -16.86 65.47 16.78
C ASN D 35 -16.10 64.44 15.96
N ILE D 36 -16.79 63.79 15.02
CA ILE D 36 -16.19 62.81 14.13
C ILE D 36 -16.30 63.34 12.71
N ALA D 37 -15.17 63.38 12.01
CA ALA D 37 -15.13 63.86 10.64
C ALA D 37 -15.09 62.68 9.68
N VAL D 38 -15.84 62.80 8.58
CA VAL D 38 -15.91 61.76 7.56
C VAL D 38 -15.44 62.38 6.25
N LEU D 39 -14.26 61.98 5.79
CA LEU D 39 -13.69 62.45 4.54
C LEU D 39 -13.90 61.40 3.46
N LEU D 40 -14.50 61.80 2.34
CA LEU D 40 -14.77 60.90 1.24
C LEU D 40 -14.33 61.56 -0.07
N GLY D 41 -14.58 60.87 -1.18
CA GLY D 41 -14.19 61.38 -2.47
C GLY D 41 -15.37 61.59 -3.41
N HIS D 42 -15.17 62.37 -4.46
CA HIS D 42 -16.24 62.64 -5.43
C HIS D 42 -16.59 61.43 -6.27
N SER D 43 -15.75 60.40 -6.29
CA SER D 43 -16.04 59.21 -7.10
C SER D 43 -17.34 58.55 -6.65
N HIS D 44 -17.54 58.44 -5.34
CA HIS D 44 -18.81 57.95 -4.83
C HIS D 44 -19.88 59.02 -4.97
N ASP D 45 -21.13 58.56 -5.04
CA ASP D 45 -22.27 59.45 -5.23
C ASP D 45 -22.83 59.97 -3.92
N VAL D 46 -22.25 59.58 -2.79
CA VAL D 46 -22.79 59.97 -1.49
C VAL D 46 -22.55 61.46 -1.27
N THR D 47 -23.54 62.12 -0.65
CA THR D 47 -23.46 63.55 -0.35
C THR D 47 -23.24 63.76 1.14
N GLU D 48 -22.83 64.99 1.47
CA GLU D 48 -22.53 65.33 2.86
C GLU D 48 -23.77 65.20 3.74
N ARG D 49 -24.94 65.61 3.22
CA ARG D 49 -26.17 65.47 3.97
C ARG D 49 -26.46 64.02 4.29
N GLU D 50 -26.21 63.12 3.35
CA GLU D 50 -26.39 61.70 3.60
C GLU D 50 -25.42 61.20 4.68
N LEU D 51 -24.18 61.69 4.65
CA LEU D 51 -23.21 61.29 5.67
C LEU D 51 -23.66 61.74 7.06
N ARG D 52 -24.18 62.97 7.17
CA ARG D 52 -24.70 63.43 8.46
C ARG D 52 -25.93 62.61 8.88
N ASN D 53 -26.82 62.33 7.93
CA ASN D 53 -28.01 61.55 8.23
C ASN D 53 -27.70 60.12 8.62
N LEU D 54 -26.54 59.59 8.19
CA LEU D 54 -26.15 58.25 8.58
C LEU D 54 -26.10 58.10 10.09
N TRP D 55 -25.65 59.13 10.79
CA TRP D 55 -25.71 59.13 12.25
C TRP D 55 -26.98 59.80 12.77
N GLY D 56 -28.13 59.33 12.30
CA GLY D 56 -29.40 59.72 12.87
C GLY D 56 -30.31 58.56 13.22
N PRO D 57 -29.77 57.45 13.74
CA PRO D 57 -30.65 56.31 14.01
C PRO D 57 -31.56 56.53 15.20
N GLU D 58 -31.08 57.25 16.21
CA GLU D 58 -31.89 57.70 17.35
C GLU D 58 -32.47 56.52 18.14
N GLN D 59 -31.57 55.65 18.61
CA GLN D 59 -31.91 54.62 19.58
C GLN D 59 -30.88 54.61 20.71
N ALA D 60 -30.44 55.80 21.11
CA ALA D 60 -29.38 55.99 22.11
C ALA D 60 -28.10 55.30 21.65
N THR D 61 -27.59 55.76 20.50
CA THR D 61 -26.33 55.24 19.98
C THR D 61 -25.18 55.52 20.94
N GLY D 62 -25.10 56.73 21.48
CA GLY D 62 -24.15 57.05 22.51
C GLY D 62 -24.84 57.34 23.83
N LEU D 63 -24.73 56.41 24.78
CA LEU D 63 -25.42 56.58 26.06
C LEU D 63 -24.97 57.81 26.83
N PRO D 64 -23.67 58.05 27.06
CA PRO D 64 -23.25 59.27 27.77
C PRO D 64 -22.82 60.42 26.88
N LEU D 65 -22.88 60.28 25.56
CA LEU D 65 -22.34 61.30 24.66
C LEU D 65 -23.11 61.28 23.35
N ASP D 66 -23.06 62.41 22.65
CA ASP D 66 -23.62 62.54 21.31
C ASP D 66 -22.49 62.79 20.33
N VAL D 67 -22.73 62.42 19.08
CA VAL D 67 -21.70 62.50 18.04
C VAL D 67 -22.13 63.54 17.02
N ASN D 68 -21.27 64.52 16.77
CA ASN D 68 -21.53 65.57 15.79
C ASN D 68 -20.70 65.28 14.55
N VAL D 69 -21.28 64.46 13.67
CA VAL D 69 -20.59 64.08 12.44
C VAL D 69 -20.47 65.29 11.53
N VAL D 70 -19.25 65.56 11.06
CA VAL D 70 -19.00 66.59 10.06
C VAL D 70 -18.44 65.91 8.82
N ALA D 71 -19.11 66.10 7.69
CA ALA D 71 -18.75 65.44 6.45
C ALA D 71 -17.92 66.37 5.56
N LEU D 72 -17.15 65.76 4.67
CA LEU D 72 -16.37 66.53 3.71
C LEU D 72 -15.99 65.63 2.55
N LEU D 73 -16.01 66.20 1.35
CA LEU D 73 -15.59 65.52 0.13
C LEU D 73 -14.38 66.23 -0.44
N MET D 74 -13.39 65.45 -0.87
CA MET D 74 -12.17 65.99 -1.44
C MET D 74 -12.05 65.53 -2.89
N ASN D 75 -11.61 66.45 -3.75
CA ASN D 75 -11.43 66.12 -5.17
C ASN D 75 -10.46 64.97 -5.34
N ARG D 76 -9.28 65.07 -4.74
CA ARG D 76 -8.23 64.08 -4.92
C ARG D 76 -7.37 64.05 -3.66
N THR D 77 -6.67 62.93 -3.48
CA THR D 77 -5.82 62.70 -2.32
C THR D 77 -4.36 62.85 -2.75
N ASP D 78 -3.63 63.70 -2.02
CA ASP D 78 -2.21 63.93 -2.24
C ASP D 78 -1.63 64.53 -0.97
N PRO D 79 -0.32 64.39 -0.73
CA PRO D 79 0.21 64.74 0.60
C PRO D 79 -0.17 66.12 1.12
N LYS D 80 0.11 67.18 0.35
CA LYS D 80 -0.10 68.52 0.86
C LYS D 80 -1.57 68.79 1.14
N SER D 81 -2.45 68.53 0.17
CA SER D 81 -3.86 68.84 0.36
C SER D 81 -4.49 67.93 1.40
N LEU D 82 -4.09 66.66 1.45
CA LEU D 82 -4.61 65.77 2.48
C LEU D 82 -4.22 66.27 3.87
N ILE D 83 -2.97 66.67 4.06
CA ILE D 83 -2.53 67.17 5.36
C ILE D 83 -3.26 68.45 5.72
N THR D 84 -3.42 69.36 4.74
CA THR D 84 -4.13 70.60 5.02
C THR D 84 -5.59 70.34 5.38
N HIS D 85 -6.23 69.40 4.68
CA HIS D 85 -7.62 69.06 5.01
C HIS D 85 -7.74 68.53 6.43
N VAL D 86 -6.88 67.58 6.80
CA VAL D 86 -6.97 66.99 8.13
C VAL D 86 -6.66 68.04 9.20
N CYS D 87 -5.66 68.89 8.95
CA CYS D 87 -5.30 69.89 9.94
C CYS D 87 -6.39 70.95 10.09
N ASP D 88 -7.01 71.35 8.98
CA ASP D 88 -8.13 72.29 9.06
C ASP D 88 -9.30 71.67 9.81
N LEU D 89 -9.56 70.38 9.58
CA LEU D 89 -10.62 69.70 10.32
C LEU D 89 -10.32 69.67 11.82
N MET D 90 -9.07 69.39 12.17
CA MET D 90 -8.71 69.33 13.59
C MET D 90 -8.74 70.71 14.24
N SER D 91 -8.35 71.76 13.51
CA SER D 91 -8.33 73.10 14.10
C SER D 91 -9.72 73.69 14.21
N GLY D 92 -10.49 73.65 13.13
CA GLY D 92 -11.82 74.23 13.14
C GLY D 92 -12.85 73.38 13.85
N ALA D 93 -13.03 72.14 13.39
CA ALA D 93 -14.07 71.28 13.94
C ALA D 93 -13.68 70.66 15.29
N ARG D 94 -12.41 70.71 15.67
CA ARG D 94 -11.92 70.12 16.91
C ARG D 94 -12.33 68.64 17.01
N ILE D 95 -12.09 67.91 15.92
CA ILE D 95 -12.54 66.53 15.84
C ILE D 95 -11.72 65.64 16.76
N HIS D 96 -12.39 64.73 17.44
CA HIS D 96 -11.74 63.72 18.27
C HIS D 96 -11.51 62.42 17.51
N GLY D 97 -11.84 62.37 16.23
CA GLY D 97 -11.64 61.18 15.44
C GLY D 97 -11.75 61.51 13.97
N LEU D 98 -11.60 60.49 13.14
CA LEU D 98 -11.71 60.66 11.71
C LEU D 98 -12.08 59.33 11.08
N VAL D 99 -12.86 59.40 10.00
CA VAL D 99 -13.19 58.24 9.18
C VAL D 99 -12.88 58.61 7.74
N PHE D 100 -11.81 58.03 7.20
CA PHE D 100 -11.30 58.39 5.89
C PHE D 100 -11.66 57.30 4.88
N GLY D 101 -12.36 57.69 3.83
CA GLY D 101 -12.65 56.78 2.74
C GLY D 101 -12.11 57.29 1.42
N ASP D 102 -11.11 56.60 0.88
CA ASP D 102 -10.45 57.01 -0.33
C ASP D 102 -11.06 56.29 -1.53
N ASP D 103 -11.04 56.95 -2.69
CA ASP D 103 -11.58 56.39 -3.91
C ASP D 103 -10.52 55.73 -4.79
N THR D 104 -9.33 56.33 -4.89
CA THR D 104 -8.29 55.80 -5.75
C THR D 104 -7.61 54.59 -5.10
N ASP D 105 -6.81 53.90 -5.90
CA ASP D 105 -6.08 52.71 -5.46
C ASP D 105 -4.63 53.02 -5.08
N GLN D 106 -4.38 54.22 -4.54
CA GLN D 106 -3.04 54.62 -4.17
C GLN D 106 -2.70 54.02 -2.81
N GLU D 107 -1.81 53.02 -2.79
CA GLU D 107 -1.42 52.40 -1.54
C GLU D 107 -0.58 53.31 -0.66
N ALA D 108 -0.05 54.40 -1.22
CA ALA D 108 0.74 55.33 -0.42
C ALA D 108 -0.12 56.05 0.59
N VAL D 109 -1.38 56.34 0.24
CA VAL D 109 -2.23 57.20 1.08
C VAL D 109 -2.31 56.65 2.49
N ALA D 110 -2.52 55.33 2.62
CA ALA D 110 -2.62 54.73 3.94
C ALA D 110 -1.42 55.12 4.80
N GLN D 111 -0.22 54.93 4.26
CA GLN D 111 0.98 55.30 5.02
C GLN D 111 0.89 56.73 5.49
N MET D 112 0.57 57.65 4.56
CA MET D 112 0.49 59.05 4.93
C MET D 112 -0.49 59.26 6.08
N LEU D 113 -1.66 58.62 5.99
CA LEU D 113 -2.65 58.76 7.06
C LEU D 113 -2.04 58.35 8.39
N ASP D 114 -1.35 57.21 8.41
CA ASP D 114 -0.71 56.76 9.64
C ASP D 114 0.21 57.84 10.17
N PHE D 115 1.05 58.39 9.29
CA PHE D 115 1.95 59.47 9.69
C PHE D 115 1.17 60.60 10.33
N ILE D 116 0.09 61.04 9.66
CA ILE D 116 -0.70 62.15 10.18
C ILE D 116 -1.22 61.81 11.57
N SER D 117 -1.71 60.58 11.76
CA SER D 117 -2.20 60.20 13.07
C SER D 117 -1.11 60.31 14.11
N SER D 118 0.10 59.84 13.79
CA SER D 118 1.19 59.91 14.76
C SER D 118 1.57 61.34 15.09
N GLN D 119 1.23 62.29 14.23
CA GLN D 119 1.52 63.69 14.49
C GLN D 119 0.34 64.44 15.10
N THR D 120 -0.83 63.81 15.20
CA THR D 120 -2.00 64.49 15.74
C THR D 120 -2.80 63.69 16.74
N PHE D 121 -2.49 62.40 16.94
CA PHE D 121 -3.19 61.54 17.89
C PHE D 121 -4.67 61.43 17.59
N ILE D 122 -5.07 61.77 16.37
CA ILE D 122 -6.46 61.63 15.93
C ILE D 122 -6.68 60.18 15.52
N PRO D 123 -7.62 59.47 16.15
CA PRO D 123 -7.92 58.11 15.70
C PRO D 123 -8.50 58.12 14.30
N ILE D 124 -7.75 57.60 13.33
CA ILE D 124 -8.15 57.58 11.94
C ILE D 124 -8.57 56.17 11.55
N LEU D 125 -9.61 56.06 10.74
CA LEU D 125 -10.10 54.78 10.25
C LEU D 125 -10.02 54.78 8.74
N GLY D 126 -9.30 53.80 8.19
CA GLY D 126 -9.24 53.59 6.76
C GLY D 126 -10.41 52.75 6.30
N ILE D 127 -11.25 53.31 5.44
CA ILE D 127 -12.51 52.68 5.07
C ILE D 127 -12.42 52.03 3.70
N HIS D 128 -12.12 52.82 2.67
CA HIS D 128 -12.21 52.36 1.31
C HIS D 128 -11.02 52.86 0.51
N GLY D 129 -10.68 52.11 -0.54
CA GLY D 129 -9.63 52.56 -1.44
C GLY D 129 -8.25 52.43 -0.83
N GLY D 130 -7.39 53.41 -1.13
CA GLY D 130 -6.02 53.33 -0.68
C GLY D 130 -5.88 53.26 0.82
N ALA D 131 -6.74 53.96 1.55
CA ALA D 131 -6.68 53.94 3.01
C ALA D 131 -7.03 52.57 3.57
N SER D 132 -7.66 51.70 2.79
CA SER D 132 -8.07 50.40 3.28
C SER D 132 -7.05 49.31 3.03
N MET D 133 -5.98 49.59 2.28
CA MET D 133 -4.93 48.61 2.05
C MET D 133 -4.09 48.46 3.31
N ILE D 134 -4.03 47.25 3.85
CA ILE D 134 -3.39 47.02 5.13
C ILE D 134 -1.90 47.31 5.02
N MET D 135 -1.41 48.23 5.84
CA MET D 135 0.02 48.51 5.94
C MET D 135 0.64 47.61 7.00
N ALA D 136 1.88 47.19 6.76
CA ALA D 136 2.46 46.10 7.54
C ALA D 136 2.72 46.51 8.98
N ASP D 137 3.60 47.47 9.19
CA ASP D 137 4.05 47.85 10.53
C ASP D 137 3.72 49.32 10.76
N LYS D 138 2.68 49.57 11.54
CA LYS D 138 2.31 50.94 11.87
C LYS D 138 3.20 51.49 12.96
N ASP D 139 3.23 52.81 13.07
CA ASP D 139 3.98 53.45 14.14
C ASP D 139 3.36 53.09 15.48
N PRO D 140 4.18 52.79 16.49
CA PRO D 140 3.62 52.43 17.80
C PRO D 140 2.79 53.54 18.43
N THR D 141 3.13 54.80 18.17
CA THR D 141 2.45 55.94 18.77
C THR D 141 1.29 56.44 17.93
N SER D 142 0.98 55.80 16.81
CA SER D 142 -0.05 56.26 15.90
C SER D 142 -1.33 55.45 16.10
N THR D 143 -2.46 56.15 16.21
CA THR D 143 -3.77 55.52 16.32
C THR D 143 -4.44 55.59 14.96
N PHE D 144 -4.13 54.60 14.13
CA PHE D 144 -4.68 54.51 12.77
C PHE D 144 -5.05 53.06 12.52
N PHE D 145 -6.35 52.80 12.38
CA PHE D 145 -6.85 51.44 12.17
C PHE D 145 -7.48 51.34 10.79
N GLN D 146 -7.39 50.17 10.18
CA GLN D 146 -7.82 49.99 8.81
C GLN D 146 -8.89 48.92 8.70
N PHE D 147 -9.81 49.12 7.75
CA PHE D 147 -10.83 48.12 7.42
C PHE D 147 -10.28 47.24 6.31
N GLY D 148 -9.46 46.28 6.72
CA GLY D 148 -8.84 45.40 5.74
C GLY D 148 -8.32 44.14 6.39
N ALA D 149 -7.82 43.25 5.55
CA ALA D 149 -7.27 41.97 5.99
C ALA D 149 -5.80 41.91 5.63
N SER D 150 -4.96 41.59 6.61
CA SER D 150 -3.53 41.49 6.37
C SER D 150 -3.21 40.26 5.54
N ILE D 151 -1.95 40.14 5.14
CA ILE D 151 -1.54 38.99 4.35
C ILE D 151 -1.66 37.71 5.16
N GLN D 152 -1.51 37.79 6.49
CA GLN D 152 -1.66 36.61 7.32
C GLN D 152 -3.09 36.07 7.27
N GLN D 153 -4.09 36.96 7.34
CA GLN D 153 -5.47 36.51 7.28
C GLN D 153 -5.82 35.94 5.91
N GLN D 154 -5.32 36.56 4.84
CA GLN D 154 -5.53 36.03 3.51
C GLN D 154 -4.89 34.65 3.35
N ALA D 155 -3.69 34.48 3.89
CA ALA D 155 -3.05 33.17 3.85
C ALA D 155 -3.85 32.14 4.64
N THR D 156 -4.40 32.55 5.78
CA THR D 156 -5.23 31.64 6.57
C THR D 156 -6.47 31.21 5.79
N VAL D 157 -7.12 32.15 5.10
CA VAL D 157 -8.29 31.81 4.30
C VAL D 157 -7.90 30.89 3.16
N MET D 158 -6.76 31.13 2.52
CA MET D 158 -6.31 30.26 1.43
C MET D 158 -6.06 28.85 1.93
N LEU D 159 -5.40 28.71 3.07
CA LEU D 159 -5.18 27.38 3.63
C LEU D 159 -6.49 26.73 4.05
N LYS D 160 -7.47 27.52 4.49
CA LYS D 160 -8.78 26.96 4.80
C LYS D 160 -9.46 26.43 3.55
N ILE D 161 -9.36 27.15 2.43
CA ILE D 161 -9.89 26.64 1.17
C ILE D 161 -9.23 25.32 0.82
N MET D 162 -7.90 25.29 0.92
CA MET D 162 -7.15 24.09 0.55
C MET D 162 -7.54 22.91 1.42
N GLN D 163 -7.71 23.14 2.72
CA GLN D 163 -8.12 22.07 3.62
C GLN D 163 -9.54 21.62 3.34
N ASP D 164 -10.45 22.56 3.03
CA ASP D 164 -11.83 22.19 2.76
C ASP D 164 -11.96 21.38 1.48
N TYR D 165 -11.12 21.65 0.49
CA TYR D 165 -11.18 20.92 -0.78
C TYR D 165 -10.15 19.80 -0.85
N ASP D 166 -9.49 19.48 0.26
CA ASP D 166 -8.55 18.36 0.34
C ASP D 166 -7.40 18.50 -0.64
N TRP D 167 -6.92 19.72 -0.83
CA TRP D 167 -5.73 19.98 -1.64
C TRP D 167 -4.49 20.08 -0.74
N HIS D 168 -4.21 19.00 -0.02
CA HIS D 168 -3.16 19.02 0.98
C HIS D 168 -1.79 19.24 0.36
N VAL D 169 -1.52 18.60 -0.77
CA VAL D 169 -0.24 18.77 -1.45
C VAL D 169 -0.27 20.07 -2.24
N PHE D 170 0.74 20.91 -2.05
CA PHE D 170 0.76 22.21 -2.71
C PHE D 170 2.19 22.70 -2.83
N SER D 171 2.37 23.68 -3.72
CA SER D 171 3.63 24.37 -3.92
C SER D 171 3.47 25.82 -3.47
N LEU D 172 4.55 26.60 -3.62
CA LEU D 172 4.53 27.98 -3.15
C LEU D 172 5.47 28.79 -4.03
N VAL D 173 4.91 29.57 -4.95
CA VAL D 173 5.68 30.40 -5.86
C VAL D 173 5.54 31.85 -5.41
N THR D 174 6.65 32.44 -4.99
CA THR D 174 6.68 33.83 -4.56
C THR D 174 7.78 34.56 -5.32
N THR D 175 7.81 35.87 -5.18
CA THR D 175 8.84 36.69 -5.82
C THR D 175 9.49 37.57 -4.76
N ILE D 176 10.28 38.56 -5.19
CA ILE D 176 10.96 39.44 -4.24
C ILE D 176 10.08 40.66 -3.98
N PHE D 177 8.80 40.55 -4.30
CA PHE D 177 7.85 41.61 -3.97
C PHE D 177 7.84 41.83 -2.47
N PRO D 178 7.68 43.07 -2.00
CA PRO D 178 7.72 43.32 -0.55
C PRO D 178 6.67 42.51 0.20
N GLY D 179 7.04 42.03 1.37
CA GLY D 179 6.16 41.22 2.18
C GLY D 179 6.13 39.74 1.85
N TYR D 180 6.90 39.31 0.85
CA TYR D 180 6.92 37.89 0.51
C TYR D 180 7.53 37.05 1.61
N ARG D 181 8.52 37.59 2.32
CA ARG D 181 9.15 36.84 3.40
C ARG D 181 8.14 36.53 4.50
N ASP D 182 7.31 37.51 4.86
CA ASP D 182 6.29 37.29 5.89
C ASP D 182 5.26 36.28 5.42
N PHE D 183 4.87 36.34 4.15
CA PHE D 183 3.91 35.37 3.61
C PHE D 183 4.47 33.96 3.68
N ILE D 184 5.72 33.77 3.25
CA ILE D 184 6.33 32.44 3.29
C ILE D 184 6.48 31.96 4.73
N SER D 185 6.91 32.84 5.62
CA SER D 185 7.09 32.45 7.02
C SER D 185 5.78 32.04 7.65
N PHE D 186 4.71 32.78 7.38
CA PHE D 186 3.42 32.43 7.95
C PHE D 186 2.91 31.12 7.37
N ILE D 187 3.10 30.90 6.06
CA ILE D 187 2.66 29.63 5.48
C ILE D 187 3.41 28.47 6.10
N LYS D 188 4.72 28.61 6.26
CA LYS D 188 5.51 27.55 6.88
C LYS D 188 5.09 27.30 8.32
N THR D 189 4.85 28.37 9.08
CA THR D 189 4.43 28.22 10.47
C THR D 189 3.08 27.53 10.57
N THR D 190 2.13 27.91 9.72
CA THR D 190 0.81 27.29 9.77
C THR D 190 0.88 25.83 9.34
N VAL D 191 1.74 25.50 8.36
CA VAL D 191 1.90 24.12 7.95
C VAL D 191 2.51 23.29 9.08
N ASP D 192 3.53 23.82 9.75
CA ASP D 192 4.21 23.07 10.80
C ASP D 192 3.35 22.85 12.03
N ASN D 193 2.35 23.70 12.26
CA ASN D 193 1.53 23.65 13.47
C ASN D 193 0.10 23.23 13.16
N SER D 194 -0.07 22.31 12.23
CA SER D 194 -1.40 21.82 11.87
C SER D 194 -1.38 20.30 11.82
N PHE D 195 -2.52 19.69 12.20
CA PHE D 195 -2.67 18.25 12.13
C PHE D 195 -2.98 17.75 10.74
N VAL D 196 -3.28 18.63 9.79
CA VAL D 196 -3.52 18.23 8.41
C VAL D 196 -2.19 17.85 7.77
N GLY D 197 -2.28 17.09 6.66
CA GLY D 197 -1.06 16.64 6.00
C GLY D 197 -0.15 17.77 5.58
N TRP D 198 -0.67 18.67 4.74
CA TRP D 198 0.07 19.84 4.26
C TRP D 198 1.44 19.45 3.71
N ASP D 199 1.39 18.69 2.62
CA ASP D 199 2.60 18.25 1.92
C ASP D 199 3.08 19.38 1.01
N MET D 200 3.70 20.39 1.63
CA MET D 200 4.25 21.51 0.87
C MET D 200 5.46 21.00 0.10
N GLN D 201 5.29 20.81 -1.21
CA GLN D 201 6.33 20.16 -2.00
C GLN D 201 7.58 21.03 -2.09
N ASN D 202 7.43 22.28 -2.46
CA ASN D 202 8.60 23.14 -2.64
C ASN D 202 8.21 24.60 -2.55
N VAL D 203 9.19 25.45 -2.30
CA VAL D 203 9.04 26.89 -2.25
C VAL D 203 9.93 27.48 -3.33
N ILE D 204 9.33 28.25 -4.24
CA ILE D 204 10.03 28.83 -5.37
C ILE D 204 9.98 30.34 -5.24
N THR D 205 11.13 30.98 -5.38
CA THR D 205 11.24 32.45 -5.32
C THR D 205 11.88 32.93 -6.61
N LEU D 206 11.05 33.39 -7.54
CA LEU D 206 11.54 33.94 -8.81
C LEU D 206 12.13 35.32 -8.56
N ASP D 207 13.46 35.38 -8.43
CA ASP D 207 14.11 36.66 -8.17
C ASP D 207 13.89 37.65 -9.30
N THR D 208 14.20 37.25 -10.53
CA THR D 208 14.05 38.10 -11.70
C THR D 208 14.25 37.25 -12.94
N SER D 209 14.03 37.86 -14.10
CA SER D 209 14.23 37.22 -15.40
C SER D 209 13.38 35.94 -15.50
N PHE D 210 12.06 36.14 -15.45
CA PHE D 210 11.14 35.00 -15.41
C PHE D 210 11.24 34.16 -16.67
N GLU D 211 11.42 34.80 -17.82
CA GLU D 211 11.51 34.08 -19.09
C GLU D 211 12.95 33.84 -19.55
N ASP D 212 13.92 34.51 -18.94
CA ASP D 212 15.29 34.41 -19.44
C ASP D 212 15.93 33.09 -19.05
N ALA D 213 16.10 32.85 -17.75
CA ALA D 213 16.78 31.66 -17.26
C ALA D 213 16.66 31.60 -15.74
N LYS D 214 16.99 30.43 -15.20
CA LYS D 214 17.11 30.17 -13.77
C LYS D 214 15.74 30.13 -13.11
N THR D 215 14.69 30.49 -13.87
CA THR D 215 13.32 30.37 -13.38
C THR D 215 12.55 29.24 -14.02
N GLN D 216 12.83 28.92 -15.28
CA GLN D 216 12.20 27.76 -15.90
C GLN D 216 12.56 26.48 -15.19
N VAL D 217 13.82 26.37 -14.74
CA VAL D 217 14.25 25.16 -14.05
C VAL D 217 13.46 24.97 -12.76
N GLN D 218 13.25 26.05 -12.01
CA GLN D 218 12.48 25.95 -10.77
C GLN D 218 11.01 25.67 -11.07
N LEU D 219 10.43 26.36 -12.05
CA LEU D 219 9.01 26.21 -12.33
C LEU D 219 8.69 24.86 -12.96
N LYS D 220 9.66 24.18 -13.55
CA LYS D 220 9.40 22.91 -14.21
C LYS D 220 9.31 21.73 -13.26
N LYS D 221 9.69 21.90 -12.00
CA LYS D 221 9.60 20.82 -11.02
C LYS D 221 8.30 20.83 -10.24
N ILE D 222 7.37 21.72 -10.58
CA ILE D 222 6.06 21.75 -9.96
C ILE D 222 5.15 20.76 -10.66
N HIS D 223 4.63 19.79 -9.91
CA HIS D 223 3.74 18.78 -10.45
C HIS D 223 2.29 19.18 -10.18
N SER D 224 1.36 18.29 -10.52
CA SER D 224 -0.06 18.57 -10.35
C SER D 224 -0.41 18.80 -8.89
N SER D 225 -0.73 20.03 -8.53
CA SER D 225 -0.96 20.42 -7.14
C SER D 225 -1.52 21.83 -7.12
N VAL D 226 -1.70 22.37 -5.92
CA VAL D 226 -2.13 23.74 -5.73
C VAL D 226 -0.91 24.63 -5.63
N ILE D 227 -0.92 25.75 -6.34
CA ILE D 227 0.23 26.63 -6.43
C ILE D 227 -0.18 27.98 -5.82
N LEU D 228 0.25 28.21 -4.58
CA LEU D 228 0.02 29.50 -3.94
C LEU D 228 1.01 30.51 -4.50
N LEU D 229 0.49 31.55 -5.16
CA LEU D 229 1.30 32.52 -5.85
C LEU D 229 1.22 33.86 -5.14
N TYR D 230 2.37 34.45 -4.83
CA TYR D 230 2.43 35.76 -4.19
C TYR D 230 3.33 36.67 -5.02
N CYS D 231 2.73 37.68 -5.64
CA CYS D 231 3.44 38.65 -6.47
C CYS D 231 2.46 39.81 -6.73
N SER D 232 2.83 40.71 -7.63
CA SER D 232 1.93 41.78 -8.02
C SER D 232 1.15 41.38 -9.27
N LYS D 233 0.09 42.15 -9.55
CA LYS D 233 -0.77 41.82 -10.68
C LYS D 233 -0.01 41.88 -12.00
N ASP D 234 0.72 42.98 -12.22
CA ASP D 234 1.49 43.12 -13.44
C ASP D 234 2.59 42.07 -13.56
N GLU D 235 2.95 41.44 -12.43
CA GLU D 235 3.93 40.38 -12.41
C GLU D 235 3.29 38.99 -12.36
N ALA D 236 2.12 38.88 -11.75
CA ALA D 236 1.35 37.64 -11.84
C ALA D 236 0.96 37.35 -13.28
N VAL D 237 0.74 38.40 -14.08
CA VAL D 237 0.46 38.18 -15.49
C VAL D 237 1.59 37.41 -16.16
N LEU D 238 2.83 37.89 -15.96
CA LEU D 238 3.99 37.22 -16.56
C LEU D 238 4.17 35.82 -15.99
N ILE D 239 4.01 35.66 -14.68
CA ILE D 239 4.21 34.35 -14.07
C ILE D 239 3.19 33.35 -14.61
N LEU D 240 1.93 33.76 -14.73
CA LEU D 240 0.90 32.85 -15.23
C LEU D 240 1.07 32.57 -16.71
N SER D 241 1.54 33.55 -17.49
CA SER D 241 1.84 33.29 -18.89
C SER D 241 2.95 32.25 -19.03
N GLU D 242 4.01 32.39 -18.22
CA GLU D 242 5.08 31.39 -18.26
C GLU D 242 4.59 30.03 -17.79
N ALA D 243 3.72 30.00 -16.77
CA ALA D 243 3.19 28.75 -16.28
C ALA D 243 2.36 28.04 -17.35
N ARG D 244 1.54 28.80 -18.09
CA ARG D 244 0.81 28.21 -19.20
C ARG D 244 1.76 27.70 -20.26
N SER D 245 2.82 28.46 -20.55
CA SER D 245 3.82 28.00 -21.51
C SER D 245 4.51 26.72 -21.05
N LEU D 246 4.55 26.49 -19.74
CA LEU D 246 5.14 25.28 -19.18
C LEU D 246 4.10 24.20 -18.87
N GLY D 247 2.87 24.39 -19.30
CA GLY D 247 1.83 23.41 -19.05
C GLY D 247 1.49 23.23 -17.58
N LEU D 248 1.41 24.33 -16.83
CA LEU D 248 1.08 24.29 -15.41
C LEU D 248 -0.32 24.80 -15.12
N THR D 249 -1.18 24.89 -16.14
CA THR D 249 -2.53 25.44 -15.99
C THR D 249 -3.56 24.48 -16.56
N GLY D 250 -3.48 23.22 -16.17
CA GLY D 250 -4.43 22.23 -16.61
C GLY D 250 -5.68 22.22 -15.77
N TYR D 251 -6.46 21.16 -15.92
CA TYR D 251 -7.65 20.97 -15.10
C TYR D 251 -7.29 20.68 -13.65
N ASP D 252 -6.13 20.06 -13.41
CA ASP D 252 -5.75 19.61 -12.09
C ASP D 252 -4.75 20.55 -11.42
N PHE D 253 -4.52 21.73 -11.98
CA PHE D 253 -3.68 22.75 -11.36
C PHE D 253 -4.57 23.88 -10.87
N PHE D 254 -4.51 24.16 -9.57
CA PHE D 254 -5.35 25.17 -8.95
C PHE D 254 -4.45 26.28 -8.43
N TRP D 255 -4.56 27.47 -9.03
CA TRP D 255 -3.76 28.61 -8.65
C TRP D 255 -4.55 29.45 -7.65
N ILE D 256 -4.09 29.47 -6.40
CA ILE D 256 -4.73 30.24 -5.33
C ILE D 256 -3.85 31.44 -5.03
N VAL D 257 -4.45 32.62 -4.99
CA VAL D 257 -3.68 33.87 -4.89
C VAL D 257 -4.38 34.80 -3.92
N PRO D 258 -3.61 35.70 -3.30
CA PRO D 258 -4.21 36.70 -2.41
C PRO D 258 -4.86 37.82 -3.20
N SER D 259 -5.37 38.81 -2.47
CA SER D 259 -5.98 39.98 -3.11
C SER D 259 -4.97 40.84 -3.83
N LEU D 260 -3.67 40.61 -3.63
CA LEU D 260 -2.65 41.45 -4.23
C LEU D 260 -2.69 41.35 -5.75
N VAL D 261 -2.89 40.15 -6.30
CA VAL D 261 -2.85 39.99 -7.74
C VAL D 261 -4.24 40.15 -8.37
N SER D 262 -5.29 39.76 -7.65
CA SER D 262 -6.65 39.99 -8.17
C SER D 262 -6.91 41.48 -8.32
N GLY D 263 -6.56 42.25 -7.29
CA GLY D 263 -6.57 43.70 -7.40
C GLY D 263 -7.93 44.24 -7.80
N ASN D 264 -7.92 45.07 -8.85
CA ASN D 264 -9.16 45.61 -9.38
C ASN D 264 -9.93 44.52 -10.12
N THR D 265 -11.10 44.17 -9.61
CA THR D 265 -11.92 43.14 -10.24
C THR D 265 -12.40 43.57 -11.63
N GLU D 266 -12.59 44.87 -11.85
CA GLU D 266 -13.15 45.33 -13.11
C GLU D 266 -12.26 44.97 -14.30
N LEU D 267 -10.95 45.10 -14.15
CA LEU D 267 -10.01 44.78 -15.22
C LEU D 267 -9.39 43.42 -14.95
N ILE D 268 -9.46 42.53 -15.95
CA ILE D 268 -9.00 41.16 -15.83
C ILE D 268 -8.08 40.86 -16.99
N PRO D 269 -6.81 40.54 -16.76
CA PRO D 269 -5.91 40.23 -17.86
C PRO D 269 -6.30 38.94 -18.57
N LYS D 270 -5.90 38.83 -19.83
CA LYS D 270 -6.16 37.61 -20.59
C LYS D 270 -5.27 36.46 -20.16
N GLU D 271 -4.23 36.72 -19.37
CA GLU D 271 -3.32 35.68 -18.91
C GLU D 271 -3.82 34.95 -17.67
N PHE D 272 -4.86 35.46 -17.02
CA PHE D 272 -5.40 34.80 -15.84
C PHE D 272 -6.20 33.58 -16.24
N PRO D 273 -5.82 32.38 -15.81
CA PRO D 273 -6.62 31.20 -16.15
C PRO D 273 -7.97 31.23 -15.43
N SER D 274 -8.97 30.64 -16.08
CA SER D 274 -10.24 30.46 -15.42
C SER D 274 -10.09 29.50 -14.25
N GLY D 275 -10.85 29.73 -13.19
CA GLY D 275 -10.66 28.98 -11.97
C GLY D 275 -9.56 29.48 -11.08
N LEU D 276 -9.04 30.67 -11.34
CA LEU D 276 -8.01 31.28 -10.50
C LEU D 276 -8.64 31.71 -9.19
N ILE D 277 -8.44 30.92 -8.15
CA ILE D 277 -9.04 31.20 -6.85
C ILE D 277 -8.29 32.34 -6.19
N SER D 278 -9.03 33.30 -5.63
CA SER D 278 -8.43 34.43 -4.95
C SER D 278 -9.29 34.79 -3.74
N VAL D 279 -8.69 35.48 -2.79
CA VAL D 279 -9.37 35.96 -1.60
C VAL D 279 -9.19 37.47 -1.53
N SER D 280 -10.24 38.18 -1.12
CA SER D 280 -10.16 39.63 -1.11
C SER D 280 -11.23 40.19 -0.18
N TYR D 281 -11.04 41.46 0.20
CA TYR D 281 -12.08 42.16 0.95
C TYR D 281 -13.26 42.43 0.03
N ASP D 282 -14.46 42.06 0.47
CA ASP D 282 -15.62 42.09 -0.41
C ASP D 282 -16.07 43.54 -0.64
N ASP D 283 -16.09 43.94 -1.90
CA ASP D 283 -16.63 45.23 -2.29
C ASP D 283 -18.02 45.13 -2.90
N TRP D 284 -18.60 43.92 -2.94
CA TRP D 284 -19.94 43.73 -3.48
C TRP D 284 -21.01 44.00 -2.43
N ASP D 285 -20.97 43.26 -1.33
CA ASP D 285 -22.01 43.35 -0.30
C ASP D 285 -21.72 44.45 0.71
N TYR D 286 -20.46 44.62 1.11
CA TYR D 286 -20.09 45.61 2.12
C TYR D 286 -20.08 46.99 1.45
N SER D 287 -21.24 47.64 1.46
CA SER D 287 -21.39 48.91 0.78
C SER D 287 -20.63 50.01 1.53
N LEU D 288 -20.38 51.11 0.82
CA LEU D 288 -19.64 52.23 1.41
C LEU D 288 -20.43 52.85 2.57
N GLU D 289 -21.75 52.96 2.43
CA GLU D 289 -22.55 53.49 3.52
C GLU D 289 -22.45 52.62 4.76
N ALA D 290 -22.48 51.29 4.57
CA ALA D 290 -22.29 50.39 5.70
C ALA D 290 -20.91 50.56 6.31
N ARG D 291 -19.90 50.77 5.48
CA ARG D 291 -18.55 50.99 5.98
C ARG D 291 -18.48 52.24 6.85
N VAL D 292 -19.07 53.34 6.37
CA VAL D 292 -19.05 54.59 7.14
C VAL D 292 -19.83 54.43 8.44
N ARG D 293 -20.98 53.77 8.38
CA ARG D 293 -21.76 53.53 9.59
C ARG D 293 -20.98 52.70 10.59
N ASP D 294 -20.28 51.67 10.13
CA ASP D 294 -19.50 50.83 11.03
C ASP D 294 -18.33 51.60 11.62
N GLY D 295 -17.68 52.44 10.83
CA GLY D 295 -16.58 53.24 11.37
C GLY D 295 -17.04 54.22 12.42
N LEU D 296 -18.16 54.92 12.15
CA LEU D 296 -18.71 55.82 13.15
C LEU D 296 -19.12 55.06 14.40
N GLY D 297 -19.71 53.88 14.24
CA GLY D 297 -20.07 53.08 15.39
C GLY D 297 -18.86 52.65 16.21
N ILE D 298 -17.77 52.28 15.53
CA ILE D 298 -16.55 51.89 16.23
C ILE D 298 -16.02 53.06 17.05
N LEU D 299 -15.92 54.23 16.42
CA LEU D 299 -15.39 55.40 17.13
C LEU D 299 -16.29 55.78 18.30
N THR D 300 -17.61 55.75 18.09
CA THR D 300 -18.54 56.12 19.16
C THR D 300 -18.47 55.12 20.31
N THR D 301 -18.40 53.82 20.01
CA THR D 301 -18.31 52.82 21.08
C THR D 301 -17.00 52.96 21.84
N ALA D 302 -15.90 53.23 21.14
CA ALA D 302 -14.63 53.44 21.83
C ALA D 302 -14.70 54.66 22.74
N ALA D 303 -15.30 55.75 22.25
CA ALA D 303 -15.44 56.94 23.09
C ALA D 303 -16.32 56.66 24.30
N SER D 304 -17.40 55.91 24.12
CA SER D 304 -18.28 55.57 25.23
C SER D 304 -17.55 54.71 26.26
N SER D 305 -16.78 53.73 25.80
CA SER D 305 -16.02 52.90 26.72
C SER D 305 -14.99 53.74 27.49
N MET D 306 -14.36 54.69 26.80
CA MET D 306 -13.43 55.59 27.48
C MET D 306 -14.15 56.44 28.53
N LEU D 307 -15.36 56.92 28.20
CA LEU D 307 -16.13 57.70 29.16
C LEU D 307 -16.49 56.88 30.39
N GLU D 308 -16.89 55.62 30.19
CA GLU D 308 -17.19 54.75 31.32
C GLU D 308 -15.94 54.48 32.15
N LYS D 309 -14.81 54.24 31.50
CA LYS D 309 -13.58 53.88 32.20
C LYS D 309 -12.83 55.12 32.70
N PHE D 310 -12.50 56.05 31.81
CA PHE D 310 -11.78 57.25 32.17
C PHE D 310 -12.77 58.36 32.52
N SER D 311 -12.28 59.60 32.61
CA SER D 311 -13.09 60.72 33.07
C SER D 311 -13.91 61.34 31.94
N TYR D 312 -13.25 61.82 30.89
CA TYR D 312 -13.94 62.60 29.86
C TYR D 312 -13.21 62.45 28.54
N ILE D 313 -13.81 63.01 27.49
CA ILE D 313 -13.24 63.00 26.15
C ILE D 313 -12.06 63.97 26.09
N PRO D 314 -10.88 63.52 25.67
CA PRO D 314 -9.74 64.44 25.58
C PRO D 314 -9.91 65.39 24.40
N GLU D 315 -9.73 66.67 24.66
CA GLU D 315 -9.86 67.67 23.60
C GLU D 315 -8.76 67.47 22.57
N ALA D 316 -9.09 67.75 21.31
CA ALA D 316 -8.16 67.52 20.22
C ALA D 316 -6.94 68.44 20.36
N LYS D 317 -5.88 68.09 19.65
CA LYS D 317 -4.66 68.88 19.67
C LYS D 317 -4.92 70.27 19.11
N ALA D 318 -4.15 71.24 19.59
CA ALA D 318 -4.38 72.64 19.20
C ALA D 318 -4.23 72.82 17.69
N SER D 319 -3.12 72.38 17.13
CA SER D 319 -2.89 72.50 15.70
C SER D 319 -1.74 71.58 15.30
N CYS D 320 -1.68 71.28 14.00
CA CYS D 320 -0.54 70.52 13.48
C CYS D 320 0.74 71.34 13.58
N TYR D 321 0.67 72.63 13.27
CA TYR D 321 1.84 73.46 13.13
C TYR D 321 2.16 74.15 14.45
N GLY D 322 3.20 74.98 14.45
CA GLY D 322 3.58 75.78 15.59
C GLY D 322 4.69 75.20 16.44
N GLN D 323 4.95 73.90 16.33
CA GLN D 323 5.99 73.22 17.11
C GLN D 323 5.77 73.45 18.61
N ALA D 324 4.67 72.90 19.08
CA ALA D 324 4.32 73.00 20.50
C ALA D 324 5.35 72.28 21.35
N GLU D 325 5.78 72.94 22.43
CA GLU D 325 6.80 72.40 23.32
C GLU D 325 6.12 71.59 24.41
N LYS D 326 6.02 70.28 24.17
CA LYS D 326 5.33 69.36 25.06
C LYS D 326 5.61 67.93 24.60
N PRO D 327 5.59 66.94 25.48
CA PRO D 327 5.63 65.55 25.01
C PRO D 327 4.45 65.18 24.12
N GLU D 328 3.33 65.87 24.25
CA GLU D 328 2.13 65.77 23.42
C GLU D 328 1.39 64.45 23.60
N THR D 329 1.91 63.52 24.37
CA THR D 329 1.25 62.24 24.56
C THR D 329 0.03 62.42 25.45
N PRO D 330 -1.17 62.09 24.97
CA PRO D 330 -2.37 62.28 25.80
C PRO D 330 -2.36 61.36 27.01
N LEU D 331 -2.97 61.84 28.10
CA LEU D 331 -3.07 61.02 29.30
C LEU D 331 -3.94 59.80 29.05
N HIS D 332 -5.03 59.96 28.32
CA HIS D 332 -5.91 58.86 27.94
C HIS D 332 -6.13 58.90 26.43
N THR D 333 -6.09 57.72 25.81
CA THR D 333 -6.30 57.60 24.38
C THR D 333 -7.23 56.44 24.09
N LEU D 334 -7.66 56.34 22.84
CA LEU D 334 -8.58 55.31 22.40
C LEU D 334 -7.88 54.05 21.93
N HIS D 335 -6.55 53.98 22.06
CA HIS D 335 -5.81 52.85 21.50
C HIS D 335 -6.19 51.53 22.15
N GLN D 336 -6.36 51.52 23.47
CA GLN D 336 -6.70 50.30 24.19
C GLN D 336 -8.20 50.03 24.22
N PHE D 337 -9.01 50.93 23.64
CA PHE D 337 -10.46 50.75 23.62
C PHE D 337 -11.01 50.37 22.27
N MET D 338 -10.18 50.33 21.22
CA MET D 338 -10.61 49.80 19.94
C MET D 338 -10.37 48.30 19.81
N VAL D 339 -9.70 47.69 20.79
CA VAL D 339 -9.51 46.24 20.79
C VAL D 339 -10.75 45.52 21.31
N ASN D 340 -11.57 46.20 22.11
CA ASN D 340 -12.81 45.64 22.65
C ASN D 340 -13.96 46.51 22.19
N VAL D 341 -14.45 46.23 20.98
CA VAL D 341 -15.53 47.01 20.37
C VAL D 341 -16.59 46.04 19.88
N THR D 342 -17.86 46.32 20.22
CA THR D 342 -18.98 45.51 19.75
C THR D 342 -20.09 46.48 19.33
N TRP D 343 -20.29 46.59 18.02
CA TRP D 343 -21.35 47.44 17.48
C TRP D 343 -22.67 46.69 17.59
N ASP D 344 -23.70 47.15 16.87
CA ASP D 344 -25.05 46.61 16.99
C ASP D 344 -25.07 45.10 16.96
N GLY D 345 -24.62 44.51 15.85
CA GLY D 345 -24.64 43.06 15.73
C GLY D 345 -23.28 42.43 15.50
N LYS D 346 -22.36 43.20 14.92
CA LYS D 346 -21.06 42.69 14.51
C LYS D 346 -20.01 42.97 15.56
N ASP D 347 -18.98 42.12 15.57
CA ASP D 347 -17.82 42.29 16.44
C ASP D 347 -16.70 42.88 15.59
N LEU D 348 -16.53 44.20 15.68
CA LEU D 348 -15.56 44.93 14.87
C LEU D 348 -14.27 45.21 15.64
N SER D 349 -13.88 44.31 16.52
CA SER D 349 -12.67 44.50 17.30
C SER D 349 -11.43 44.50 16.41
N PHE D 350 -10.41 45.21 16.85
CA PHE D 350 -9.13 45.27 16.17
C PHE D 350 -8.06 44.55 16.99
N THR D 351 -6.96 44.21 16.32
CA THR D 351 -5.82 43.59 16.97
C THR D 351 -4.81 44.66 17.38
N GLU D 352 -3.71 44.22 17.97
CA GLU D 352 -2.65 45.16 18.37
C GLU D 352 -2.04 45.83 17.17
N GLU D 353 -1.80 45.07 16.09
CA GLU D 353 -1.18 45.63 14.89
C GLU D 353 -2.11 46.51 14.08
N GLY D 354 -3.40 46.53 14.40
CA GLY D 354 -4.36 47.33 13.66
C GLY D 354 -5.19 46.59 12.64
N TYR D 355 -5.13 45.25 12.62
CA TYR D 355 -5.96 44.47 11.72
C TYR D 355 -7.29 44.15 12.37
N GLN D 356 -8.33 44.05 11.54
CA GLN D 356 -9.63 43.61 12.03
C GLN D 356 -9.54 42.17 12.50
N VAL D 357 -10.11 41.90 13.68
CA VAL D 357 -10.14 40.53 14.18
C VAL D 357 -11.05 39.66 13.32
N HIS D 358 -12.15 40.25 12.82
CA HIS D 358 -13.12 39.53 12.00
C HIS D 358 -13.30 40.28 10.69
N PRO D 359 -12.36 40.17 9.77
CA PRO D 359 -12.49 40.87 8.49
C PRO D 359 -13.54 40.22 7.62
N ARG D 360 -14.10 41.02 6.71
CA ARG D 360 -15.12 40.56 5.77
C ARG D 360 -14.42 40.07 4.50
N LEU D 361 -13.85 38.88 4.59
CA LEU D 361 -13.12 38.30 3.47
C LEU D 361 -14.03 37.42 2.63
N VAL D 362 -13.83 37.47 1.32
CA VAL D 362 -14.63 36.73 0.37
C VAL D 362 -13.70 36.00 -0.58
N VAL D 363 -14.07 34.77 -0.94
CA VAL D 363 -13.29 33.93 -1.84
C VAL D 363 -13.99 33.94 -3.19
N ILE D 364 -13.30 34.49 -4.19
CA ILE D 364 -13.84 34.67 -5.53
C ILE D 364 -13.01 33.85 -6.51
N VAL D 365 -13.64 33.44 -7.61
CA VAL D 365 -12.96 32.70 -8.67
C VAL D 365 -13.28 33.35 -10.01
N LEU D 366 -12.45 33.04 -10.99
CA LEU D 366 -12.62 33.55 -12.35
C LEU D 366 -13.32 32.47 -13.15
N ASN D 367 -14.64 32.62 -13.33
CA ASN D 367 -15.45 31.58 -13.92
C ASN D 367 -15.24 31.54 -15.43
N LYS D 368 -16.04 30.72 -16.12
CA LYS D 368 -15.90 30.55 -17.57
C LYS D 368 -16.24 31.82 -18.35
N ASP D 369 -16.93 32.77 -17.73
CA ASP D 369 -17.29 34.03 -18.37
C ASP D 369 -16.21 35.09 -18.23
N ARG D 370 -15.07 34.73 -17.64
CA ARG D 370 -13.97 35.67 -17.41
C ARG D 370 -14.41 36.86 -16.57
N GLU D 371 -15.18 36.58 -15.52
CA GLU D 371 -15.56 37.59 -14.53
C GLU D 371 -15.38 36.99 -13.15
N TRP D 372 -14.91 37.81 -12.21
CA TRP D 372 -14.67 37.34 -10.85
C TRP D 372 -16.00 37.07 -10.16
N GLU D 373 -16.30 35.80 -9.92
CA GLU D 373 -17.54 35.39 -9.31
C GLU D 373 -17.30 34.99 -7.87
N LYS D 374 -18.03 35.61 -6.95
CA LYS D 374 -17.88 35.30 -5.54
C LYS D 374 -18.35 33.87 -5.25
N VAL D 375 -17.55 33.13 -4.51
CA VAL D 375 -17.83 31.72 -4.23
C VAL D 375 -18.09 31.50 -2.74
N GLY D 376 -17.11 31.84 -1.89
CA GLY D 376 -17.21 31.60 -0.47
C GLY D 376 -17.06 32.87 0.34
N LYS D 377 -17.32 32.77 1.64
CA LYS D 377 -17.13 33.89 2.54
C LYS D 377 -16.47 33.42 3.82
N TRP D 378 -15.88 34.36 4.55
CA TRP D 378 -15.11 34.09 5.76
C TRP D 378 -15.76 34.86 6.90
N GLU D 379 -16.62 34.19 7.68
CA GLU D 379 -17.37 34.83 8.75
C GLU D 379 -17.02 34.17 10.08
N ASN D 380 -16.73 34.99 11.08
CA ASN D 380 -16.38 34.57 12.44
C ASN D 380 -15.54 33.30 12.44
N GLN D 381 -14.40 33.37 11.75
CA GLN D 381 -13.36 32.34 11.75
C GLN D 381 -13.86 31.02 11.16
N THR D 382 -14.88 31.07 10.31
CA THR D 382 -15.37 29.92 9.58
C THR D 382 -15.48 30.28 8.11
N LEU D 383 -15.02 29.38 7.25
CA LEU D 383 -15.08 29.57 5.81
C LEU D 383 -16.27 28.79 5.27
N SER D 384 -17.29 29.50 4.80
CA SER D 384 -18.46 28.87 4.21
C SER D 384 -18.36 28.97 2.69
N LEU D 385 -18.30 27.82 2.02
CA LEU D 385 -18.12 27.76 0.59
C LEU D 385 -19.42 27.35 -0.09
N ARG D 386 -19.74 28.02 -1.19
CA ARG D 386 -20.95 27.69 -1.94
C ARG D 386 -20.85 26.31 -2.57
N HIS D 387 -19.75 26.03 -3.25
CA HIS D 387 -19.54 24.76 -3.93
C HIS D 387 -18.93 23.76 -2.94
N ALA D 388 -19.74 22.81 -2.48
CA ALA D 388 -19.22 21.77 -1.61
C ALA D 388 -18.18 20.93 -2.32
N VAL D 389 -18.42 20.60 -3.59
CA VAL D 389 -17.44 19.94 -4.45
C VAL D 389 -16.94 20.97 -5.44
N TRP D 390 -15.64 20.95 -5.70
CA TRP D 390 -15.04 21.98 -6.54
C TRP D 390 -15.41 21.74 -7.99
N PRO D 391 -16.07 22.67 -8.66
CA PRO D 391 -16.39 22.49 -10.08
C PRO D 391 -15.15 22.63 -10.94
N ARG D 392 -15.01 21.74 -11.91
CA ARG D 392 -13.88 21.81 -12.82
C ARG D 392 -14.02 23.00 -13.76
N TYR D 393 -12.98 23.82 -13.85
CA TYR D 393 -12.99 25.02 -14.68
C TYR D 393 -12.02 24.85 -15.83
N LYS D 394 -12.49 25.08 -17.05
CA LYS D 394 -11.62 25.05 -18.22
C LYS D 394 -10.74 26.27 -18.20
N SER D 395 -9.44 26.07 -17.96
CA SER D 395 -8.53 27.20 -17.79
C SER D 395 -8.46 28.06 -19.04
N PHE D 396 -8.37 27.43 -20.20
CA PHE D 396 -8.28 28.16 -21.46
C PHE D 396 -9.04 27.40 -22.53
N SER D 397 -9.19 28.04 -23.70
CA SER D 397 -9.96 27.43 -24.78
C SER D 397 -9.28 26.20 -25.34
N ASP D 398 -7.95 26.14 -25.29
CA ASP D 398 -7.20 25.02 -25.84
C ASP D 398 -6.82 23.98 -24.79
N CYS D 399 -7.40 24.07 -23.59
CA CYS D 399 -7.09 23.10 -22.54
C CYS D 399 -7.58 21.71 -22.94
N GLU D 400 -6.82 20.70 -22.53
CA GLU D 400 -7.20 19.33 -22.82
C GLU D 400 -8.51 18.99 -22.11
N PRO D 401 -9.40 18.25 -22.75
CA PRO D 401 -10.69 17.95 -22.13
C PRO D 401 -10.53 17.05 -20.92
N ASP D 402 -11.46 17.20 -19.97
CA ASP D 402 -11.44 16.42 -18.73
C ASP D 402 -12.03 15.04 -19.00
N ASP D 403 -11.18 14.02 -19.00
CA ASP D 403 -11.62 12.65 -19.22
C ASP D 403 -11.25 11.70 -18.10
N ASN D 404 -10.20 11.99 -17.34
CA ASN D 404 -9.77 11.14 -16.24
C ASN D 404 -10.47 11.48 -14.92
N HIS D 405 -11.38 12.44 -14.93
CA HIS D 405 -12.16 12.79 -13.75
C HIS D 405 -13.59 12.28 -13.93
N LEU D 406 -14.05 11.47 -12.99
CA LEU D 406 -15.33 10.80 -13.09
C LEU D 406 -16.22 11.16 -11.90
N SER D 407 -17.52 11.17 -12.15
CA SER D 407 -18.52 11.35 -11.10
C SER D 407 -19.09 9.98 -10.75
N ILE D 408 -19.00 9.60 -9.49
CA ILE D 408 -19.32 8.25 -9.03
C ILE D 408 -20.41 8.33 -7.97
N VAL D 409 -21.50 7.58 -8.18
CA VAL D 409 -22.55 7.46 -7.19
C VAL D 409 -22.20 6.33 -6.22
N THR D 410 -22.88 6.33 -5.08
CA THR D 410 -22.63 5.34 -4.04
C THR D 410 -23.76 5.42 -3.03
N LEU D 411 -24.16 4.26 -2.50
CA LEU D 411 -25.19 4.17 -1.50
C LEU D 411 -24.64 3.49 -0.26
N GLU D 412 -25.04 3.98 0.91
CA GLU D 412 -24.48 3.49 2.16
C GLU D 412 -25.04 2.11 2.50
N GLU D 413 -24.14 1.12 2.58
CA GLU D 413 -24.48 -0.21 3.06
C GLU D 413 -23.53 -0.56 4.20
N ALA D 414 -24.05 -1.24 5.21
CA ALA D 414 -23.32 -1.40 6.48
C ALA D 414 -21.91 -1.97 6.32
N PRO D 415 -21.68 -3.07 5.58
CA PRO D 415 -20.31 -3.58 5.49
C PRO D 415 -19.51 -3.00 4.35
N PHE D 416 -20.18 -2.48 3.33
CA PHE D 416 -19.53 -2.10 2.08
C PHE D 416 -19.24 -0.62 1.96
N VAL D 417 -20.18 0.25 2.35
CA VAL D 417 -20.00 1.69 2.28
C VAL D 417 -20.47 2.27 3.61
N ILE D 418 -19.52 2.64 4.46
CA ILE D 418 -19.81 3.27 5.74
C ILE D 418 -19.58 4.76 5.60
N VAL D 419 -20.60 5.55 5.93
CA VAL D 419 -20.54 7.01 5.83
C VAL D 419 -20.50 7.57 7.24
N GLU D 420 -19.49 8.39 7.52
CA GLU D 420 -19.30 8.99 8.83
C GLU D 420 -19.02 10.47 8.68
N ASP D 421 -18.97 11.16 9.81
CA ASP D 421 -18.72 12.60 9.81
C ASP D 421 -17.22 12.87 9.74
N ILE D 422 -16.89 14.15 9.58
CA ILE D 422 -15.49 14.56 9.48
C ILE D 422 -14.80 14.40 10.83
N ASP D 423 -13.51 14.15 10.79
CA ASP D 423 -12.72 13.96 12.00
C ASP D 423 -12.73 15.23 12.84
N PRO D 424 -13.18 15.17 14.10
CA PRO D 424 -13.13 16.38 14.94
C PRO D 424 -11.73 16.91 15.16
N LEU D 425 -10.72 16.05 15.16
CA LEU D 425 -9.36 16.49 15.46
C LEU D 425 -8.75 17.25 14.30
N THR D 426 -8.62 16.59 13.14
CA THR D 426 -7.96 17.18 11.99
C THR D 426 -8.89 17.96 11.07
N GLU D 427 -10.21 17.90 11.30
CA GLU D 427 -11.19 18.63 10.49
C GLU D 427 -11.10 18.24 9.02
N THR D 428 -10.67 17.01 8.74
CA THR D 428 -10.60 16.52 7.38
C THR D 428 -10.81 15.01 7.39
N CYS D 429 -11.11 14.45 6.22
CA CYS D 429 -11.40 13.02 6.14
C CYS D 429 -10.18 12.20 6.55
N VAL D 430 -10.42 11.21 7.41
CA VAL D 430 -9.37 10.41 8.02
C VAL D 430 -8.73 9.49 7.00
N ARG D 431 -7.63 8.84 7.41
CA ARG D 431 -6.98 7.78 6.65
C ARG D 431 -7.97 6.70 6.20
N ASN D 432 -7.61 6.00 5.12
CA ASN D 432 -8.40 4.90 4.54
C ASN D 432 -9.85 5.29 4.26
N THR D 433 -10.10 6.59 4.12
CA THR D 433 -11.44 7.11 3.91
C THR D 433 -11.38 8.21 2.88
N VAL D 434 -12.47 8.38 2.12
CA VAL D 434 -12.47 9.33 1.01
C VAL D 434 -13.62 10.32 1.16
N PRO D 435 -13.47 11.56 0.71
CA PRO D 435 -14.57 12.52 0.78
C PRO D 435 -15.74 12.09 -0.09
N CYS D 436 -16.95 12.37 0.38
CA CYS D 436 -18.17 12.08 -0.35
C CYS D 436 -19.25 13.06 0.09
N ARG D 437 -19.91 13.70 -0.86
CA ARG D 437 -20.87 14.74 -0.54
C ARG D 437 -22.27 14.16 -0.53
N LYS D 438 -22.94 14.28 0.61
CA LYS D 438 -24.32 13.84 0.77
C LYS D 438 -25.25 15.04 0.69
N PHE D 439 -26.25 14.96 -0.20
CA PHE D 439 -27.21 16.05 -0.38
C PHE D 439 -28.26 15.95 0.72
N VAL D 440 -27.98 16.57 1.86
CA VAL D 440 -28.89 16.52 2.99
C VAL D 440 -29.77 17.76 2.98
N LYS D 441 -31.08 17.55 3.10
CA LYS D 441 -32.01 18.67 3.08
C LYS D 441 -31.92 19.47 4.37
N ILE D 442 -32.23 20.77 4.26
CA ILE D 442 -32.32 21.60 5.46
C ILE D 442 -33.37 21.04 6.41
N ASN D 443 -34.54 20.72 5.88
CA ASN D 443 -35.57 19.97 6.59
C ASN D 443 -36.60 19.53 5.56
N ASN D 444 -37.64 18.82 6.04
CA ASN D 444 -38.72 18.41 5.15
C ASN D 444 -39.55 19.58 4.65
N SER D 445 -39.51 20.71 5.35
CA SER D 445 -40.30 21.87 4.92
C SER D 445 -39.84 22.39 3.57
N THR D 446 -38.53 22.47 3.36
CA THR D 446 -37.98 22.96 2.10
C THR D 446 -37.77 21.80 1.13
N ASN D 447 -37.80 22.13 -0.16
CA ASN D 447 -37.62 21.14 -1.23
C ASN D 447 -36.20 21.14 -1.79
N GLU D 448 -35.24 21.64 -1.02
CA GLU D 448 -33.85 21.69 -1.45
C GLU D 448 -32.96 21.44 -0.26
N GLY D 449 -31.68 21.19 -0.53
CA GLY D 449 -30.73 20.87 0.52
C GLY D 449 -29.34 21.37 0.20
N MET D 450 -28.41 21.04 1.09
CA MET D 450 -27.01 21.38 0.94
C MET D 450 -26.17 20.11 0.93
N ASN D 451 -25.03 20.18 0.26
CA ASN D 451 -24.13 19.03 0.14
C ASN D 451 -23.12 19.06 1.28
N VAL D 452 -23.29 18.17 2.25
CA VAL D 452 -22.37 18.06 3.36
C VAL D 452 -21.29 17.05 3.00
N LYS D 453 -20.03 17.44 3.18
CA LYS D 453 -18.89 16.59 2.83
C LYS D 453 -18.62 15.65 4.00
N LYS D 454 -19.10 14.41 3.89
CA LYS D 454 -18.82 13.37 4.86
C LYS D 454 -17.69 12.50 4.34
N CYS D 455 -17.32 11.49 5.12
CA CYS D 455 -16.23 10.59 4.78
C CYS D 455 -16.75 9.17 4.62
N CYS D 456 -16.47 8.58 3.45
CA CYS D 456 -16.96 7.26 3.09
C CYS D 456 -15.81 6.26 3.07
N LYS D 457 -16.06 5.07 3.62
CA LYS D 457 -15.08 4.00 3.64
C LYS D 457 -15.82 2.69 3.40
N GLY D 458 -15.10 1.58 3.56
CA GLY D 458 -15.70 0.26 3.47
C GLY D 458 -15.07 -0.57 2.36
N PHE D 459 -15.68 -1.73 2.13
CA PHE D 459 -15.17 -2.67 1.12
C PHE D 459 -15.21 -2.04 -0.27
N CYS D 460 -16.37 -1.52 -0.67
CA CYS D 460 -16.50 -0.95 -2.00
C CYS D 460 -15.65 0.30 -2.16
N ILE D 461 -15.48 1.08 -1.09
CA ILE D 461 -14.62 2.25 -1.17
C ILE D 461 -13.16 1.84 -1.34
N ASP D 462 -12.74 0.78 -0.65
CA ASP D 462 -11.38 0.28 -0.85
C ASP D 462 -11.19 -0.22 -2.28
N ILE D 463 -12.20 -0.91 -2.83
CA ILE D 463 -12.14 -1.33 -4.22
C ILE D 463 -12.01 -0.11 -5.13
N LEU D 464 -12.77 0.94 -4.84
CA LEU D 464 -12.70 2.15 -5.66
C LEU D 464 -11.34 2.82 -5.58
N LYS D 465 -10.74 2.84 -4.38
CA LYS D 465 -9.40 3.42 -4.24
C LYS D 465 -8.38 2.62 -5.04
N LYS D 466 -8.46 1.29 -4.98
CA LYS D 466 -7.56 0.46 -5.76
C LYS D 466 -7.77 0.67 -7.26
N LEU D 467 -9.03 0.82 -7.68
CA LEU D 467 -9.32 1.09 -9.09
C LEU D 467 -8.76 2.43 -9.53
N SER D 468 -8.87 3.45 -8.67
CA SER D 468 -8.30 4.75 -8.99
C SER D 468 -6.79 4.66 -9.11
N ARG D 469 -6.15 3.90 -8.22
CA ARG D 469 -4.71 3.73 -8.28
C ARG D 469 -4.27 3.01 -9.55
N THR D 470 -5.02 1.98 -9.96
CA THR D 470 -4.59 1.14 -11.07
C THR D 470 -4.96 1.73 -12.42
N VAL D 471 -6.24 2.09 -12.61
CA VAL D 471 -6.71 2.63 -13.87
C VAL D 471 -6.28 4.07 -14.08
N LYS D 472 -5.75 4.73 -13.04
CA LYS D 472 -5.26 6.11 -13.12
C LYS D 472 -6.39 7.07 -13.53
N PHE D 473 -7.38 7.15 -12.64
CA PHE D 473 -8.46 8.13 -12.79
C PHE D 473 -8.79 8.72 -11.44
N THR D 474 -9.30 9.94 -11.46
CA THR D 474 -9.77 10.63 -10.27
C THR D 474 -11.29 10.64 -10.25
N TYR D 475 -11.86 10.70 -9.04
CA TYR D 475 -13.30 10.52 -8.88
C TYR D 475 -13.86 11.58 -7.93
N ASP D 476 -15.15 11.87 -8.10
CA ASP D 476 -15.91 12.75 -7.21
C ASP D 476 -17.03 11.91 -6.62
N LEU D 477 -16.72 11.21 -5.53
CA LEU D 477 -17.70 10.35 -4.89
C LEU D 477 -18.83 11.18 -4.30
N TYR D 478 -20.06 10.69 -4.45
CA TYR D 478 -21.20 11.39 -3.87
C TYR D 478 -22.35 10.41 -3.67
N LEU D 479 -23.01 10.52 -2.53
CA LEU D 479 -24.09 9.62 -2.19
C LEU D 479 -25.34 9.95 -3.00
N VAL D 480 -26.10 8.91 -3.33
CA VAL D 480 -27.32 9.05 -4.09
C VAL D 480 -28.47 9.37 -3.13
N THR D 481 -29.33 10.31 -3.53
CA THR D 481 -30.44 10.73 -2.70
C THR D 481 -31.79 10.57 -3.39
N ASN D 482 -31.83 10.13 -4.65
CA ASN D 482 -33.10 9.98 -5.35
C ASN D 482 -33.82 8.72 -4.93
N GLY D 483 -33.16 7.57 -5.05
CA GLY D 483 -33.77 6.28 -4.79
C GLY D 483 -32.96 5.45 -3.83
N LYS D 484 -33.00 4.14 -4.05
CA LYS D 484 -32.36 3.18 -3.15
C LYS D 484 -31.99 1.96 -3.98
N HIS D 485 -30.72 1.88 -4.36
CA HIS D 485 -30.10 0.76 -5.09
C HIS D 485 -30.61 0.58 -6.50
N GLY D 486 -31.61 1.36 -6.94
CA GLY D 486 -32.11 1.22 -8.29
C GLY D 486 -33.41 0.47 -8.39
N LYS D 487 -34.37 1.04 -9.11
CA LYS D 487 -35.68 0.43 -9.32
C LYS D 487 -36.38 1.19 -10.45
N LYS D 488 -37.15 0.47 -11.26
CA LYS D 488 -37.85 1.04 -12.40
C LYS D 488 -39.30 1.30 -12.00
N VAL D 489 -39.61 2.55 -11.70
CA VAL D 489 -40.98 2.98 -11.43
C VAL D 489 -41.42 3.89 -12.56
N ASN D 490 -42.56 3.54 -13.17
CA ASN D 490 -43.11 4.29 -14.31
C ASN D 490 -42.07 4.42 -15.43
N ASN D 491 -41.37 3.32 -15.70
CA ASN D 491 -40.33 3.26 -16.73
C ASN D 491 -39.22 4.26 -16.48
N VAL D 492 -39.02 4.64 -15.22
CA VAL D 492 -37.98 5.58 -14.82
C VAL D 492 -37.16 4.92 -13.72
N TRP D 493 -35.84 4.87 -13.91
CA TRP D 493 -34.95 4.26 -12.94
C TRP D 493 -34.56 5.27 -11.88
N ASN D 494 -34.62 4.85 -10.62
CA ASN D 494 -34.15 5.67 -9.51
C ASN D 494 -32.87 5.08 -8.94
N GLY D 495 -32.38 5.66 -7.86
CA GLY D 495 -31.21 5.11 -7.19
C GLY D 495 -29.94 5.23 -8.03
N MET D 496 -28.98 4.38 -7.68
CA MET D 496 -27.69 4.40 -8.37
C MET D 496 -27.85 4.03 -9.84
N ILE D 497 -28.72 3.05 -10.13
CA ILE D 497 -28.96 2.68 -11.52
C ILE D 497 -29.56 3.86 -12.28
N GLY D 498 -30.48 4.57 -11.65
CA GLY D 498 -31.06 5.75 -12.29
C GLY D 498 -30.02 6.82 -12.54
N GLU D 499 -29.11 7.04 -11.58
CA GLU D 499 -28.06 8.02 -11.78
C GLU D 499 -27.15 7.63 -12.94
N VAL D 500 -26.83 6.34 -13.05
CA VAL D 500 -25.91 5.89 -14.09
C VAL D 500 -26.57 5.98 -15.46
N VAL D 501 -27.82 5.51 -15.57
CA VAL D 501 -28.46 5.46 -16.88
C VAL D 501 -28.73 6.86 -17.42
N TYR D 502 -29.08 7.80 -16.53
CA TYR D 502 -29.36 9.17 -16.93
C TYR D 502 -28.11 10.04 -16.99
N GLN D 503 -26.94 9.43 -17.08
CA GLN D 503 -25.67 10.11 -17.30
C GLN D 503 -25.32 11.11 -16.21
N ARG D 504 -25.91 10.97 -15.03
CA ARG D 504 -25.52 11.80 -13.90
C ARG D 504 -24.28 11.27 -13.20
N ALA D 505 -23.79 10.10 -13.59
CA ALA D 505 -22.59 9.53 -13.00
C ALA D 505 -21.93 8.62 -14.04
N VAL D 506 -20.65 8.35 -13.81
CA VAL D 506 -19.92 7.46 -14.72
C VAL D 506 -20.01 6.01 -14.27
N MET D 507 -19.98 5.76 -12.96
CA MET D 507 -20.11 4.41 -12.45
C MET D 507 -20.81 4.44 -11.10
N ALA D 508 -21.30 3.27 -10.68
CA ALA D 508 -22.04 3.11 -9.44
C ALA D 508 -21.31 2.10 -8.56
N VAL D 509 -20.36 2.59 -7.77
CA VAL D 509 -19.62 1.73 -6.85
C VAL D 509 -20.42 1.58 -5.57
N GLY D 510 -20.73 0.33 -5.22
CA GLY D 510 -21.50 0.08 -4.02
C GLY D 510 -21.98 -1.35 -3.99
N SER D 511 -22.97 -1.61 -3.13
CA SER D 511 -23.58 -2.93 -3.01
C SER D 511 -24.68 -3.08 -4.07
N LEU D 512 -24.24 -3.08 -5.32
CA LEU D 512 -25.14 -3.14 -6.47
C LEU D 512 -25.14 -4.57 -7.02
N THR D 513 -26.30 -5.22 -6.97
CA THR D 513 -26.43 -6.60 -7.41
C THR D 513 -26.67 -6.66 -8.91
N ILE D 514 -25.96 -7.58 -9.57
CA ILE D 514 -26.15 -7.77 -11.00
C ILE D 514 -27.48 -8.45 -11.26
N ASN D 515 -28.30 -7.85 -12.11
CA ASN D 515 -29.65 -8.34 -12.38
C ASN D 515 -29.83 -8.41 -13.88
N GLU D 516 -30.91 -9.11 -14.29
CA GLU D 516 -31.22 -9.19 -15.72
C GLU D 516 -31.60 -7.82 -16.27
N GLU D 517 -32.56 -7.15 -15.61
CA GLU D 517 -33.02 -5.86 -16.11
C GLU D 517 -31.94 -4.79 -15.98
N ARG D 518 -31.21 -4.78 -14.86
CA ARG D 518 -30.15 -3.80 -14.69
C ARG D 518 -29.06 -4.00 -15.74
N SER D 519 -28.69 -5.25 -16.01
CA SER D 519 -27.71 -5.51 -17.06
C SER D 519 -28.25 -5.12 -18.43
N GLU D 520 -29.57 -5.23 -18.63
CA GLU D 520 -30.16 -4.72 -19.86
C GLU D 520 -30.01 -3.21 -19.96
N VAL D 521 -30.12 -2.51 -18.84
CA VAL D 521 -30.11 -1.05 -18.85
C VAL D 521 -28.69 -0.49 -18.79
N VAL D 522 -27.88 -0.97 -17.86
CA VAL D 522 -26.51 -0.50 -17.68
C VAL D 522 -25.55 -1.66 -17.90
N ASP D 523 -24.27 -1.33 -18.05
CA ASP D 523 -23.23 -2.33 -18.26
C ASP D 523 -22.49 -2.56 -16.94
N PHE D 524 -22.45 -3.81 -16.50
CA PHE D 524 -21.84 -4.17 -15.24
C PHE D 524 -20.43 -4.71 -15.46
N SER D 525 -19.57 -4.51 -14.46
CA SER D 525 -18.25 -5.10 -14.44
C SER D 525 -18.37 -6.54 -13.97
N VAL D 526 -17.23 -7.22 -13.79
CA VAL D 526 -17.23 -8.58 -13.29
C VAL D 526 -17.65 -8.55 -11.83
N PRO D 527 -18.40 -9.55 -11.35
CA PRO D 527 -18.80 -9.57 -9.93
C PRO D 527 -17.59 -9.84 -9.05
N PHE D 528 -17.31 -8.90 -8.14
CA PHE D 528 -16.18 -9.04 -7.23
C PHE D 528 -16.56 -9.60 -5.88
N VAL D 529 -17.83 -9.94 -5.66
CA VAL D 529 -18.24 -10.67 -4.46
C VAL D 529 -19.59 -11.32 -4.74
N GLU D 530 -19.74 -12.58 -4.32
CA GLU D 530 -20.92 -13.36 -4.62
C GLU D 530 -22.02 -13.04 -3.61
N THR D 531 -23.15 -12.51 -4.09
CA THR D 531 -24.27 -12.11 -3.24
C THR D 531 -25.55 -12.59 -3.90
N GLY D 532 -26.04 -13.74 -3.48
CA GLY D 532 -27.36 -14.20 -3.86
C GLY D 532 -28.41 -13.66 -2.92
N ILE D 533 -29.57 -14.30 -2.92
CA ILE D 533 -30.62 -14.01 -1.95
C ILE D 533 -30.67 -15.18 -0.98
N SER D 534 -30.72 -14.85 0.31
CA SER D 534 -30.64 -15.85 1.36
C SER D 534 -31.56 -15.44 2.50
N VAL D 535 -31.93 -16.42 3.32
CA VAL D 535 -32.90 -16.25 4.39
C VAL D 535 -32.20 -16.37 5.73
N MET D 536 -32.39 -15.36 6.57
CA MET D 536 -31.85 -15.34 7.93
C MET D 536 -32.99 -15.57 8.92
N VAL D 537 -32.78 -16.49 9.85
CA VAL D 537 -33.77 -16.79 10.87
C VAL D 537 -33.10 -16.74 12.24
N SER D 538 -33.91 -16.46 13.26
CA SER D 538 -33.42 -16.55 14.63
C SER D 538 -33.11 -18.00 14.98
N ARG D 539 -31.95 -18.23 15.58
CA ARG D 539 -31.54 -19.60 15.88
C ARG D 539 -32.54 -20.26 16.81
N SER D 540 -32.96 -21.46 16.45
CA SER D 540 -33.97 -22.17 17.23
C SER D 540 -33.41 -22.60 18.57
N ASN D 541 -34.32 -22.98 19.48
CA ASN D 541 -33.89 -23.52 20.76
C ASN D 541 -33.14 -24.83 20.59
N GLY D 542 -33.37 -25.52 19.48
CA GLY D 542 -32.72 -26.78 19.18
C GLY D 542 -33.55 -27.97 19.60
N THR D 543 -33.05 -29.15 19.25
CA THR D 543 -33.72 -30.39 19.61
C THR D 543 -32.66 -31.49 19.72
N VAL D 544 -33.01 -32.52 20.50
CA VAL D 544 -32.16 -33.69 20.68
C VAL D 544 -32.95 -34.92 20.27
N SER D 545 -32.38 -35.73 19.39
CA SER D 545 -33.07 -36.91 18.92
C SER D 545 -33.27 -37.91 20.06
N PRO D 546 -34.39 -38.64 20.05
CA PRO D 546 -34.61 -39.65 21.10
C PRO D 546 -33.55 -40.74 21.12
N SER D 547 -32.86 -40.98 20.02
CA SER D 547 -31.81 -41.99 19.96
C SER D 547 -30.44 -41.44 20.36
N ALA D 548 -30.37 -40.21 20.87
CA ALA D 548 -29.09 -39.59 21.18
C ALA D 548 -28.28 -40.42 22.15
N PHE D 549 -28.93 -41.16 23.03
CA PHE D 549 -28.25 -42.00 24.01
C PHE D 549 -27.87 -43.36 23.44
N LEU D 550 -28.15 -43.61 22.16
CA LEU D 550 -27.99 -44.93 21.57
C LEU D 550 -26.93 -45.01 20.47
N GLU D 551 -26.53 -43.88 19.88
CA GLU D 551 -25.50 -43.88 18.83
C GLU D 551 -24.07 -44.22 19.27
N PRO D 552 -23.66 -44.03 20.56
CA PRO D 552 -22.25 -44.33 20.93
C PRO D 552 -21.72 -45.65 20.39
N PHE D 553 -22.60 -46.61 20.14
CA PHE D 553 -22.26 -47.82 19.43
C PHE D 553 -23.18 -47.98 18.23
N SER D 554 -22.65 -48.56 17.15
CA SER D 554 -23.48 -48.82 15.98
C SER D 554 -24.47 -49.93 16.28
N ALA D 555 -25.50 -50.02 15.43
CA ALA D 555 -26.57 -50.99 15.66
C ALA D 555 -26.02 -52.41 15.64
N SER D 556 -25.10 -52.71 14.71
CA SER D 556 -24.50 -54.03 14.65
C SER D 556 -23.76 -54.37 15.94
N VAL D 557 -23.01 -53.40 16.47
CA VAL D 557 -22.27 -53.64 17.72
C VAL D 557 -23.24 -53.93 18.86
N TRP D 558 -24.30 -53.12 18.98
CA TRP D 558 -25.29 -53.34 20.03
C TRP D 558 -25.89 -54.74 19.92
N VAL D 559 -26.35 -55.11 18.73
CA VAL D 559 -27.07 -56.37 18.59
C VAL D 559 -26.13 -57.55 18.78
N MET D 560 -24.87 -57.43 18.37
CA MET D 560 -23.96 -58.55 18.55
C MET D 560 -23.52 -58.69 19.99
N MET D 561 -23.37 -57.58 20.71
CA MET D 561 -23.01 -57.67 22.13
C MET D 561 -24.16 -58.21 22.97
N PHE D 562 -25.36 -57.66 22.78
CA PHE D 562 -26.46 -57.96 23.69
C PHE D 562 -27.36 -59.10 23.23
N VAL D 563 -27.07 -59.72 22.10
CA VAL D 563 -27.87 -60.87 21.66
C VAL D 563 -26.95 -62.07 21.42
N MET D 564 -25.96 -61.90 20.55
CA MET D 564 -25.09 -63.03 20.20
C MET D 564 -24.06 -63.30 21.29
N LEU D 565 -23.18 -62.33 21.55
CA LEU D 565 -22.08 -62.54 22.47
C LEU D 565 -22.58 -62.85 23.87
N LEU D 566 -23.59 -62.12 24.33
CA LEU D 566 -24.05 -62.27 25.71
C LEU D 566 -24.72 -63.62 25.92
N ILE D 567 -25.60 -64.04 25.00
CA ILE D 567 -26.26 -65.33 25.15
C ILE D 567 -25.26 -66.47 25.00
N VAL D 568 -24.30 -66.32 24.08
CA VAL D 568 -23.26 -67.33 23.95
C VAL D 568 -22.47 -67.46 25.24
N SER D 569 -22.11 -66.33 25.84
CA SER D 569 -21.34 -66.36 27.09
C SER D 569 -22.17 -66.94 28.23
N ALA D 570 -23.48 -66.67 28.24
CA ALA D 570 -24.35 -67.25 29.27
C ALA D 570 -24.42 -68.76 29.14
N ILE D 571 -24.57 -69.25 27.91
CA ILE D 571 -24.59 -70.70 27.70
C ILE D 571 -23.25 -71.31 28.10
N ALA D 572 -22.16 -70.62 27.80
CA ALA D 572 -20.85 -71.09 28.22
C ALA D 572 -20.73 -71.11 29.74
N VAL D 573 -21.27 -70.09 30.41
CA VAL D 573 -21.20 -70.04 31.87
C VAL D 573 -21.97 -71.22 32.48
N PHE D 574 -23.15 -71.52 31.93
CA PHE D 574 -23.87 -72.71 32.39
C PHE D 574 -23.11 -74.00 32.12
N VAL D 575 -22.54 -74.14 30.93
CA VAL D 575 -21.79 -75.36 30.63
C VAL D 575 -20.64 -75.52 31.62
N PHE D 576 -19.99 -74.40 31.97
CA PHE D 576 -18.88 -74.44 32.91
C PHE D 576 -19.37 -74.81 34.31
N GLU D 577 -20.47 -74.20 34.76
CA GLU D 577 -20.94 -74.42 36.12
C GLU D 577 -21.49 -75.83 36.29
N TYR D 578 -22.23 -76.32 35.30
CA TYR D 578 -22.81 -77.66 35.40
C TYR D 578 -21.73 -78.72 35.48
N PHE D 579 -20.67 -78.57 34.70
CA PHE D 579 -19.60 -79.57 34.65
C PHE D 579 -18.60 -79.36 35.78
N PHE D 599 -29.56 -72.59 40.30
CA PHE D 599 -28.91 -71.77 39.29
C PHE D 599 -29.45 -72.10 37.90
N THR D 600 -30.41 -71.31 37.43
CA THR D 600 -31.01 -71.54 36.12
C THR D 600 -30.40 -70.59 35.08
N ILE D 601 -30.65 -70.89 33.80
CA ILE D 601 -30.04 -70.13 32.72
C ILE D 601 -30.49 -68.68 32.77
N GLY D 602 -31.74 -68.44 33.20
CA GLY D 602 -32.17 -67.08 33.44
C GLY D 602 -31.29 -66.38 34.46
N LYS D 603 -30.85 -67.11 35.49
CA LYS D 603 -29.97 -66.50 36.49
C LYS D 603 -28.61 -66.16 35.90
N ALA D 604 -28.08 -67.02 35.01
CA ALA D 604 -26.80 -66.71 34.36
C ALA D 604 -26.92 -65.49 33.46
N ILE D 605 -28.00 -65.41 32.68
CA ILE D 605 -28.22 -64.23 31.84
C ILE D 605 -28.38 -62.99 32.70
N TRP D 606 -29.09 -63.11 33.82
CA TRP D 606 -29.27 -62.00 34.74
C TRP D 606 -27.94 -61.54 35.31
N LEU D 607 -27.08 -62.48 35.71
CA LEU D 607 -25.77 -62.13 36.24
C LEU D 607 -24.94 -61.40 35.20
N LEU D 608 -24.89 -61.93 33.98
CA LEU D 608 -24.09 -61.28 32.93
C LEU D 608 -24.63 -59.88 32.64
N TRP D 609 -25.95 -59.74 32.56
CA TRP D 609 -26.51 -58.44 32.21
C TRP D 609 -26.28 -57.44 33.32
N GLY D 610 -26.40 -57.87 34.58
CA GLY D 610 -26.11 -56.99 35.70
C GLY D 610 -24.65 -56.58 35.75
N LEU D 611 -23.75 -57.49 35.36
CA LEU D 611 -22.34 -57.15 35.30
C LEU D 611 -22.03 -56.21 34.15
N VAL D 612 -22.84 -56.24 33.08
CA VAL D 612 -22.60 -55.34 31.95
C VAL D 612 -22.57 -53.89 32.42
N PHE D 613 -23.52 -53.52 33.27
CA PHE D 613 -23.50 -52.23 33.97
C PHE D 613 -23.68 -52.51 35.46
N ASN D 614 -22.56 -52.65 36.16
CA ASN D 614 -22.61 -53.05 37.57
C ASN D 614 -23.23 -51.93 38.38
N ASN D 615 -24.50 -52.10 38.72
CA ASN D 615 -25.23 -51.16 39.58
C ASN D 615 -25.58 -51.81 40.91
N SER D 616 -24.78 -52.77 41.35
CA SER D 616 -25.03 -53.51 42.58
C SER D 616 -26.37 -54.23 42.55
N VAL D 617 -26.87 -54.53 41.35
CA VAL D 617 -28.11 -55.29 41.23
C VAL D 617 -27.88 -56.71 41.75
N PRO D 618 -28.77 -57.26 42.56
CA PRO D 618 -28.53 -58.60 43.11
C PRO D 618 -28.37 -59.65 42.02
N VAL D 619 -27.36 -60.51 42.21
CA VAL D 619 -27.08 -61.62 41.29
C VAL D 619 -26.74 -62.85 42.14
N GLN D 620 -26.71 -64.00 41.47
CA GLN D 620 -26.33 -65.26 42.10
C GLN D 620 -25.05 -65.74 41.43
N ASN D 621 -23.92 -65.64 42.13
CA ASN D 621 -22.64 -65.99 41.56
C ASN D 621 -22.55 -67.49 41.33
N PRO D 622 -21.86 -67.91 40.28
CA PRO D 622 -21.64 -69.35 40.06
C PRO D 622 -20.63 -69.92 41.05
N LYS D 623 -20.54 -71.24 41.08
CA LYS D 623 -19.67 -71.92 42.02
C LYS D 623 -18.41 -72.52 41.39
N GLY D 624 -18.46 -72.88 40.11
CA GLY D 624 -17.29 -73.48 39.48
C GLY D 624 -16.19 -72.46 39.26
N THR D 625 -14.94 -72.95 39.35
CA THR D 625 -13.79 -72.07 39.14
C THR D 625 -13.71 -71.58 37.69
N THR D 626 -13.96 -72.47 36.74
CA THR D 626 -13.99 -72.05 35.33
C THR D 626 -15.11 -71.05 35.08
N SER D 627 -16.27 -71.27 35.71
CA SER D 627 -17.37 -70.32 35.60
C SER D 627 -16.96 -68.96 36.17
N LYS D 628 -16.25 -68.96 37.31
CA LYS D 628 -15.79 -67.70 37.89
C LYS D 628 -14.79 -67.00 36.98
N ILE D 629 -13.91 -67.77 36.33
CA ILE D 629 -12.95 -67.17 35.40
C ILE D 629 -13.68 -66.54 34.22
N MET D 630 -14.69 -67.23 33.68
CA MET D 630 -15.43 -66.69 32.56
C MET D 630 -16.22 -65.44 32.98
N VAL D 631 -16.75 -65.46 34.20
CA VAL D 631 -17.43 -64.27 34.71
C VAL D 631 -16.44 -63.11 34.88
N SER D 632 -15.20 -63.41 35.26
CA SER D 632 -14.17 -62.38 35.37
C SER D 632 -13.87 -61.75 34.02
N VAL D 633 -13.69 -62.57 32.99
CA VAL D 633 -13.40 -62.00 31.68
C VAL D 633 -14.62 -61.26 31.14
N TRP D 634 -15.83 -61.70 31.48
CA TRP D 634 -17.02 -60.94 31.11
C TRP D 634 -17.05 -59.60 31.82
N ALA D 635 -16.62 -59.56 33.08
CA ALA D 635 -16.56 -58.30 33.82
C ALA D 635 -15.53 -57.36 33.18
N PHE D 636 -14.43 -57.91 32.69
CA PHE D 636 -13.47 -57.09 31.95
C PHE D 636 -14.11 -56.52 30.68
N PHE D 637 -14.83 -57.36 29.94
CA PHE D 637 -15.55 -56.85 28.77
C PHE D 637 -16.55 -55.77 29.17
N ALA D 638 -17.18 -55.93 30.33
CA ALA D 638 -18.17 -54.98 30.80
C ALA D 638 -17.52 -53.64 31.15
N VAL D 639 -16.35 -53.67 31.78
CA VAL D 639 -15.68 -52.41 32.09
C VAL D 639 -15.23 -51.73 30.80
N ILE D 640 -14.81 -52.52 29.80
CA ILE D 640 -14.49 -51.95 28.49
C ILE D 640 -15.73 -51.26 27.90
N PHE D 641 -16.87 -51.95 27.97
CA PHE D 641 -18.11 -51.42 27.42
C PHE D 641 -18.52 -50.13 28.12
N LEU D 642 -18.47 -50.13 29.45
CA LEU D 642 -18.86 -48.93 30.19
C LEU D 642 -17.93 -47.76 29.89
N ALA D 643 -16.62 -48.03 29.82
CA ALA D 643 -15.67 -46.97 29.51
C ALA D 643 -15.96 -46.37 28.14
N SER D 644 -16.12 -47.24 27.13
CA SER D 644 -16.35 -46.75 25.77
C SER D 644 -17.67 -46.01 25.66
N TYR D 645 -18.71 -46.50 26.34
CA TYR D 645 -20.02 -45.88 26.24
C TYR D 645 -20.06 -44.52 26.94
N THR D 646 -19.54 -44.45 28.16
CA THR D 646 -19.61 -43.21 28.94
C THR D 646 -18.56 -42.19 28.51
N ALA D 647 -17.53 -42.62 27.77
CA ALA D 647 -16.46 -41.69 27.42
C ALA D 647 -16.97 -40.54 26.55
N ASN D 648 -17.83 -40.84 25.57
CA ASN D 648 -18.30 -39.84 24.63
C ASN D 648 -19.81 -39.62 24.71
N LEU D 649 -20.43 -40.02 25.82
CA LEU D 649 -21.89 -39.86 25.94
C LEU D 649 -22.27 -38.39 26.05
N ALA D 650 -21.45 -37.57 26.73
CA ALA D 650 -21.79 -36.18 26.93
C ALA D 650 -21.89 -35.42 25.61
N ALA D 651 -20.94 -35.66 24.71
CA ALA D 651 -20.98 -34.98 23.42
C ALA D 651 -22.10 -35.51 22.54
N PHE D 652 -22.48 -36.77 22.70
CA PHE D 652 -23.54 -37.33 21.87
C PHE D 652 -24.90 -36.81 22.29
N ILE D 653 -25.13 -36.69 23.61
CA ILE D 653 -26.35 -36.06 24.11
C ILE D 653 -26.03 -34.57 24.22
N GLN D 654 -26.16 -33.87 23.09
CA GLN D 654 -25.88 -32.45 23.00
C GLN D 654 -26.99 -31.78 22.21
N GLU D 655 -27.21 -30.50 22.49
CA GLU D 655 -28.25 -29.75 21.81
C GLU D 655 -27.91 -29.59 20.34
N GLU D 656 -28.76 -30.12 19.48
CA GLU D 656 -28.59 -30.03 18.04
C GLU D 656 -29.55 -28.99 17.49
N PHE D 657 -29.03 -28.01 16.77
CA PHE D 657 -29.83 -26.91 16.23
C PHE D 657 -30.26 -27.27 14.82
N VAL D 658 -31.57 -27.39 14.60
CA VAL D 658 -32.13 -27.71 13.30
C VAL D 658 -32.78 -26.46 12.73
N ASP D 659 -32.56 -26.21 11.44
CA ASP D 659 -33.10 -25.03 10.79
C ASP D 659 -34.62 -25.12 10.69
N GLN D 660 -35.27 -23.96 10.85
CA GLN D 660 -36.72 -23.92 10.78
C GLN D 660 -37.22 -24.33 9.39
N VAL D 661 -36.53 -23.89 8.34
CA VAL D 661 -36.94 -24.15 6.97
C VAL D 661 -35.75 -24.67 6.18
N THR D 662 -36.04 -25.55 5.22
CA THR D 662 -34.97 -26.13 4.40
C THR D 662 -34.43 -25.11 3.40
N GLY D 663 -35.31 -24.32 2.80
CA GLY D 663 -34.88 -23.34 1.82
C GLY D 663 -36.02 -22.46 1.40
N LEU D 664 -35.77 -21.68 0.34
CA LEU D 664 -36.78 -20.76 -0.16
C LEU D 664 -37.95 -21.48 -0.81
N SER D 665 -37.78 -22.73 -1.22
CA SER D 665 -38.85 -23.50 -1.84
C SER D 665 -39.65 -24.32 -0.84
N ASP D 666 -39.40 -24.14 0.45
CA ASP D 666 -40.13 -24.89 1.46
C ASP D 666 -41.60 -24.52 1.46
N LYS D 667 -42.44 -25.47 1.90
CA LYS D 667 -43.87 -25.23 1.95
C LYS D 667 -44.24 -24.13 2.92
N LYS D 668 -43.39 -23.85 3.91
CA LYS D 668 -43.67 -22.76 4.84
C LYS D 668 -43.67 -21.42 4.13
N PHE D 669 -42.77 -21.23 3.16
CA PHE D 669 -42.76 -20.01 2.37
C PHE D 669 -43.81 -20.05 1.26
N GLN D 670 -43.83 -21.16 0.50
CA GLN D 670 -44.70 -21.24 -0.67
C GLN D 670 -46.17 -21.19 -0.28
N ARG D 671 -46.56 -21.92 0.75
CA ARG D 671 -47.95 -21.97 1.22
C ARG D 671 -47.95 -21.74 2.73
N PRO D 672 -47.79 -20.49 3.17
CA PRO D 672 -47.78 -20.23 4.61
C PRO D 672 -49.15 -20.33 5.26
N HIS D 673 -50.22 -20.37 4.48
CA HIS D 673 -51.56 -20.33 5.06
C HIS D 673 -51.95 -21.67 5.69
N ASP D 674 -51.45 -22.78 5.16
CA ASP D 674 -51.81 -24.08 5.71
C ASP D 674 -50.93 -24.42 6.92
N TYR D 675 -50.84 -23.49 7.87
CA TYR D 675 -50.09 -23.70 9.10
C TYR D 675 -50.86 -23.04 10.24
N SER D 676 -51.03 -23.76 11.34
CA SER D 676 -51.75 -23.21 12.49
C SER D 676 -51.10 -21.94 13.01
N PRO D 677 -49.78 -21.88 13.24
CA PRO D 677 -49.15 -20.59 13.45
C PRO D 677 -48.67 -20.01 12.12
N PRO D 678 -49.06 -18.78 11.80
CA PRO D 678 -48.61 -18.19 10.54
C PRO D 678 -47.11 -17.94 10.56
N PHE D 679 -46.50 -18.02 9.38
CA PHE D 679 -45.08 -17.76 9.23
C PHE D 679 -44.88 -16.30 8.83
N ARG D 680 -44.03 -15.60 9.57
CA ARG D 680 -43.79 -14.17 9.38
C ARG D 680 -42.41 -14.00 8.75
N PHE D 681 -42.39 -13.81 7.43
CA PHE D 681 -41.16 -13.54 6.70
C PHE D 681 -41.36 -12.34 5.79
N GLY D 682 -40.30 -11.55 5.63
CA GLY D 682 -40.40 -10.36 4.81
C GLY D 682 -39.04 -9.91 4.31
N THR D 683 -39.09 -8.99 3.35
CA THR D 683 -37.89 -8.40 2.77
C THR D 683 -38.12 -6.91 2.58
N VAL D 684 -37.02 -6.16 2.55
CA VAL D 684 -37.14 -4.73 2.26
C VAL D 684 -37.51 -4.55 0.79
N PRO D 685 -38.32 -3.57 0.44
CA PRO D 685 -38.76 -3.42 -0.95
C PRO D 685 -37.68 -2.71 -1.78
N ASN D 686 -38.00 -2.48 -3.05
CA ASN D 686 -37.19 -1.66 -3.94
C ASN D 686 -35.78 -2.21 -4.12
N GLY D 687 -35.64 -3.53 -4.10
CA GLY D 687 -34.34 -4.13 -4.28
C GLY D 687 -34.33 -5.22 -5.33
N SER D 688 -33.21 -5.90 -5.49
CA SER D 688 -33.15 -7.03 -6.40
C SER D 688 -33.88 -8.24 -5.85
N THR D 689 -33.83 -8.44 -4.53
CA THR D 689 -34.50 -9.58 -3.91
C THR D 689 -36.01 -9.51 -4.11
N GLU D 690 -36.59 -8.32 -3.93
CA GLU D 690 -38.03 -8.17 -4.12
C GLU D 690 -38.43 -8.45 -5.56
N ARG D 691 -37.66 -7.95 -6.52
CA ARG D 691 -37.96 -8.21 -7.92
C ARG D 691 -37.85 -9.69 -8.23
N ASN D 692 -36.82 -10.36 -7.70
CA ASN D 692 -36.64 -11.78 -7.96
C ASN D 692 -37.81 -12.58 -7.38
N ILE D 693 -38.23 -12.26 -6.17
CA ILE D 693 -39.33 -12.99 -5.54
C ILE D 693 -40.63 -12.72 -6.28
N ARG D 694 -40.85 -11.47 -6.72
CA ARG D 694 -42.04 -11.15 -7.49
C ARG D 694 -42.08 -11.91 -8.81
N ASN D 695 -40.93 -12.03 -9.48
CA ASN D 695 -40.89 -12.76 -10.74
C ASN D 695 -41.08 -14.26 -10.54
N ASN D 696 -40.49 -14.81 -9.48
CA ASN D 696 -40.53 -16.26 -9.30
C ASN D 696 -41.78 -16.73 -8.58
N TYR D 697 -42.12 -16.11 -7.46
CA TYR D 697 -43.22 -16.54 -6.60
C TYR D 697 -44.17 -15.38 -6.35
N PRO D 698 -45.07 -15.10 -7.30
CA PRO D 698 -46.01 -13.97 -7.09
C PRO D 698 -46.90 -14.15 -5.87
N TYR D 699 -47.36 -15.36 -5.59
CA TYR D 699 -48.18 -15.59 -4.40
C TYR D 699 -47.38 -15.35 -3.13
N MET D 700 -46.16 -15.88 -3.08
CA MET D 700 -45.30 -15.69 -1.92
C MET D 700 -44.98 -14.21 -1.72
N HIS D 701 -44.71 -13.49 -2.81
CA HIS D 701 -44.44 -12.06 -2.69
C HIS D 701 -45.67 -11.30 -2.22
N GLN D 702 -46.86 -11.68 -2.69
CA GLN D 702 -48.08 -11.02 -2.27
C GLN D 702 -48.33 -11.23 -0.78
N TYR D 703 -48.10 -12.45 -0.28
CA TYR D 703 -48.20 -12.67 1.15
C TYR D 703 -47.12 -11.94 1.91
N MET D 704 -45.94 -11.78 1.30
CA MET D 704 -44.80 -11.17 1.98
C MET D 704 -44.93 -9.66 2.10
N THR D 705 -45.66 -9.02 1.18
CA THR D 705 -45.79 -7.56 1.22
C THR D 705 -46.45 -7.09 2.53
N ARG D 706 -47.30 -7.92 3.12
CA ARG D 706 -47.93 -7.53 4.39
C ARG D 706 -46.89 -7.37 5.49
N PHE D 707 -45.99 -8.32 5.61
CA PHE D 707 -44.96 -8.30 6.65
C PHE D 707 -43.67 -7.70 6.13
N ASN D 708 -43.78 -6.51 5.55
CA ASN D 708 -42.66 -5.83 4.92
C ASN D 708 -41.69 -5.32 5.98
N GLN D 709 -40.58 -4.77 5.52
CA GLN D 709 -39.57 -4.19 6.40
C GLN D 709 -39.15 -2.83 5.85
N ARG D 710 -38.53 -2.02 6.72
CA ARG D 710 -38.06 -0.70 6.36
C ARG D 710 -36.57 -0.66 6.05
N GLY D 711 -35.75 -1.35 6.85
CA GLY D 711 -34.33 -1.39 6.64
C GLY D 711 -33.76 -2.70 7.17
N VAL D 712 -32.45 -2.88 6.97
CA VAL D 712 -31.80 -4.08 7.44
C VAL D 712 -31.83 -4.14 8.96
N GLU D 713 -31.56 -3.02 9.63
CA GLU D 713 -31.57 -3.00 11.09
C GLU D 713 -32.97 -3.18 11.64
N ASP D 714 -33.98 -2.61 10.97
CA ASP D 714 -35.36 -2.82 11.39
C ASP D 714 -35.73 -4.30 11.31
N ALA D 715 -35.36 -4.96 10.21
CA ALA D 715 -35.64 -6.39 10.09
C ALA D 715 -34.87 -7.19 11.14
N LEU D 716 -33.63 -6.80 11.42
CA LEU D 716 -32.85 -7.51 12.43
C LEU D 716 -33.49 -7.40 13.81
N VAL D 717 -33.94 -6.20 14.18
CA VAL D 717 -34.57 -6.06 15.49
C VAL D 717 -35.93 -6.75 15.52
N SER D 718 -36.64 -6.79 14.38
CA SER D 718 -37.87 -7.56 14.33
C SER D 718 -37.60 -9.05 14.57
N LEU D 719 -36.52 -9.57 13.97
CA LEU D 719 -36.13 -10.95 14.24
C LEU D 719 -35.76 -11.14 15.71
N LYS D 720 -35.01 -10.20 16.28
CA LYS D 720 -34.56 -10.33 17.67
C LYS D 720 -35.75 -10.37 18.62
N THR D 721 -36.70 -9.46 18.45
CA THR D 721 -37.84 -9.40 19.36
C THR D 721 -38.76 -10.59 19.16
N GLY D 722 -39.06 -10.92 17.90
CA GLY D 722 -39.93 -12.04 17.62
C GLY D 722 -41.10 -11.69 16.72
N LYS D 723 -41.19 -10.43 16.32
CA LYS D 723 -42.25 -9.99 15.43
C LYS D 723 -42.09 -10.58 14.02
N LEU D 724 -40.91 -11.06 13.68
CA LEU D 724 -40.64 -11.64 12.36
C LEU D 724 -39.85 -12.92 12.54
N ASP D 725 -40.15 -13.92 11.71
CA ASP D 725 -39.48 -15.21 11.80
C ASP D 725 -38.33 -15.36 10.82
N ALA D 726 -38.51 -14.94 9.56
CA ALA D 726 -37.48 -15.08 8.55
C ALA D 726 -37.31 -13.76 7.81
N PHE D 727 -36.08 -13.52 7.33
CA PHE D 727 -35.75 -12.29 6.61
C PHE D 727 -34.98 -12.67 5.35
N ILE D 728 -35.58 -12.42 4.19
CA ILE D 728 -34.97 -12.74 2.91
C ILE D 728 -34.28 -11.49 2.39
N TYR D 729 -32.98 -11.59 2.15
CA TYR D 729 -32.22 -10.41 1.78
C TYR D 729 -30.94 -10.83 1.07
N ASP D 730 -30.12 -9.84 0.72
CA ASP D 730 -28.85 -10.09 0.04
C ASP D 730 -27.98 -11.02 0.86
N ALA D 731 -27.34 -11.98 0.18
CA ALA D 731 -26.57 -13.01 0.88
C ALA D 731 -25.36 -12.42 1.59
N ALA D 732 -24.64 -11.49 0.95
CA ALA D 732 -23.44 -10.94 1.56
C ALA D 732 -23.77 -10.10 2.78
N VAL D 733 -24.79 -9.24 2.69
CA VAL D 733 -25.17 -8.41 3.82
C VAL D 733 -25.64 -9.29 4.97
N LEU D 734 -26.43 -10.32 4.68
CA LEU D 734 -26.91 -11.20 5.73
C LEU D 734 -25.75 -11.98 6.36
N ASN D 735 -24.79 -12.42 5.56
CA ASN D 735 -23.63 -13.09 6.12
C ASN D 735 -22.83 -12.17 7.03
N TYR D 736 -22.66 -10.92 6.61
CA TYR D 736 -21.96 -9.96 7.46
C TYR D 736 -22.72 -9.71 8.76
N LYS D 737 -24.04 -9.58 8.68
CA LYS D 737 -24.84 -9.36 9.88
C LYS D 737 -24.77 -10.55 10.82
N ALA D 738 -24.81 -11.76 10.27
CA ALA D 738 -24.69 -12.95 11.10
C ALA D 738 -23.31 -13.03 11.75
N GLY D 739 -22.26 -12.67 11.01
CA GLY D 739 -20.93 -12.67 11.58
C GLY D 739 -20.76 -11.66 12.69
N ARG D 740 -21.26 -10.44 12.48
CA ARG D 740 -21.09 -9.38 13.48
C ARG D 740 -22.10 -9.46 14.60
N ASP D 741 -23.08 -10.35 14.51
CA ASP D 741 -24.08 -10.47 15.58
C ASP D 741 -23.44 -11.03 16.84
N GLU D 742 -23.89 -10.53 17.99
CA GLU D 742 -23.41 -11.00 19.28
C GLU D 742 -24.28 -12.15 19.76
N GLY D 743 -23.64 -13.15 20.37
CA GLY D 743 -24.33 -14.34 20.81
C GLY D 743 -24.84 -15.26 19.72
N CYS D 744 -24.85 -14.80 18.47
CA CYS D 744 -25.21 -15.62 17.31
C CYS D 744 -26.63 -16.18 17.41
N LYS D 745 -27.58 -15.32 17.79
CA LYS D 745 -28.97 -15.75 17.76
C LYS D 745 -29.53 -15.78 16.35
N LEU D 746 -28.90 -15.09 15.40
CA LEU D 746 -29.36 -15.03 14.03
C LEU D 746 -28.41 -15.82 13.13
N VAL D 747 -28.97 -16.61 12.22
CA VAL D 747 -28.18 -17.45 11.35
C VAL D 747 -28.92 -17.64 10.03
N THR D 748 -28.17 -17.73 8.94
CA THR D 748 -28.74 -18.05 7.64
C THR D 748 -28.96 -19.55 7.52
N ILE D 749 -30.08 -19.93 6.92
CA ILE D 749 -30.41 -21.36 6.84
C ILE D 749 -29.47 -22.05 5.87
N GLY D 750 -29.44 -23.38 5.95
CA GLY D 750 -28.61 -24.18 5.08
C GLY D 750 -27.12 -24.02 5.28
N SER D 751 -26.71 -23.39 6.39
CA SER D 751 -25.30 -23.12 6.67
C SER D 751 -24.65 -22.38 5.49
N GLY D 752 -25.27 -21.28 5.10
CA GLY D 752 -24.78 -20.49 3.99
C GLY D 752 -25.43 -20.86 2.67
N TYR D 753 -26.76 -20.90 2.66
CA TYR D 753 -27.51 -21.23 1.45
C TYR D 753 -27.75 -19.97 0.63
N ILE D 754 -27.49 -20.05 -0.67
CA ILE D 754 -27.61 -18.93 -1.59
C ILE D 754 -28.43 -19.38 -2.79
N PHE D 755 -29.45 -18.59 -3.14
CA PHE D 755 -30.41 -19.01 -4.16
C PHE D 755 -30.12 -18.38 -5.54
N ALA D 756 -30.14 -17.06 -5.63
CA ALA D 756 -29.97 -16.41 -6.93
C ALA D 756 -28.52 -16.41 -7.38
N THR D 757 -27.58 -16.50 -6.44
CA THR D 757 -26.13 -16.54 -6.67
C THR D 757 -25.69 -15.66 -7.83
N THR D 758 -26.01 -14.37 -7.72
CA THR D 758 -25.43 -13.34 -8.56
C THR D 758 -24.25 -12.72 -7.83
N GLY D 759 -23.74 -11.59 -8.33
CA GLY D 759 -22.62 -10.92 -7.71
C GLY D 759 -22.80 -9.43 -7.70
N TYR D 760 -21.92 -8.76 -6.94
CA TYR D 760 -21.89 -7.31 -6.90
C TYR D 760 -21.04 -6.77 -8.05
N GLY D 761 -21.62 -5.89 -8.85
CA GLY D 761 -20.90 -5.31 -9.95
C GLY D 761 -20.83 -3.80 -9.89
N ILE D 762 -19.89 -3.21 -10.61
CA ILE D 762 -19.77 -1.76 -10.71
C ILE D 762 -20.48 -1.33 -11.97
N ALA D 763 -21.65 -0.73 -11.81
CA ALA D 763 -22.45 -0.34 -12.97
C ALA D 763 -21.73 0.71 -13.79
N LEU D 764 -21.99 0.69 -15.10
CA LEU D 764 -21.39 1.65 -16.02
C LEU D 764 -22.39 1.95 -17.12
N GLN D 765 -22.26 3.12 -17.72
CA GLN D 765 -23.12 3.46 -18.85
C GLN D 765 -22.81 2.53 -20.02
N LYS D 766 -23.82 2.28 -20.84
CA LYS D 766 -23.66 1.35 -21.96
C LYS D 766 -22.58 1.86 -22.90
N GLY D 767 -21.66 0.97 -23.26
CA GLY D 767 -20.56 1.35 -24.12
C GLY D 767 -19.52 2.23 -23.47
N SER D 768 -19.42 2.22 -22.14
CA SER D 768 -18.46 3.08 -21.47
C SER D 768 -17.04 2.61 -21.79
N PRO D 769 -16.11 3.55 -22.03
CA PRO D 769 -14.72 3.16 -22.29
C PRO D 769 -14.01 2.58 -21.08
N TRP D 770 -14.55 2.73 -19.88
CA TRP D 770 -13.92 2.24 -18.67
C TRP D 770 -14.25 0.78 -18.37
N LYS D 771 -15.12 0.16 -19.15
CA LYS D 771 -15.60 -1.18 -18.79
C LYS D 771 -14.48 -2.21 -18.86
N ARG D 772 -13.76 -2.24 -19.97
CA ARG D 772 -12.73 -3.27 -20.15
C ARG D 772 -11.60 -3.10 -19.13
N GLN D 773 -11.14 -1.86 -18.93
CA GLN D 773 -10.06 -1.61 -17.98
C GLN D 773 -10.48 -1.97 -16.57
N ILE D 774 -11.71 -1.64 -16.18
CA ILE D 774 -12.18 -1.96 -14.84
C ILE D 774 -12.31 -3.46 -14.67
N ASP D 775 -12.82 -4.16 -15.69
CA ASP D 775 -12.91 -5.61 -15.61
C ASP D 775 -11.54 -6.25 -15.42
N LEU D 776 -10.57 -5.81 -16.23
CA LEU D 776 -9.22 -6.37 -16.12
C LEU D 776 -8.61 -6.06 -14.76
N ALA D 777 -8.82 -4.84 -14.25
CA ALA D 777 -8.27 -4.48 -12.95
C ALA D 777 -8.90 -5.31 -11.84
N LEU D 778 -10.21 -5.51 -11.87
CA LEU D 778 -10.87 -6.32 -10.85
C LEU D 778 -10.39 -7.76 -10.90
N LEU D 779 -10.23 -8.30 -12.11
CA LEU D 779 -9.73 -9.67 -12.23
C LEU D 779 -8.30 -9.79 -11.73
N GLN D 780 -7.47 -8.77 -12.01
CA GLN D 780 -6.12 -8.77 -11.46
C GLN D 780 -6.15 -8.71 -9.94
N PHE D 781 -7.04 -7.91 -9.37
CA PHE D 781 -7.16 -7.83 -7.92
C PHE D 781 -7.53 -9.18 -7.33
N VAL D 782 -8.52 -9.85 -7.92
CA VAL D 782 -8.95 -11.13 -7.37
C VAL D 782 -7.88 -12.20 -7.57
N GLY D 783 -7.08 -12.09 -8.64
CA GLY D 783 -6.02 -13.05 -8.87
C GLY D 783 -4.76 -12.79 -8.06
N ASP D 784 -4.60 -11.59 -7.53
CA ASP D 784 -3.43 -11.26 -6.71
C ASP D 784 -3.67 -11.47 -5.22
N GLY D 785 -4.84 -11.95 -4.82
CA GLY D 785 -5.13 -12.19 -3.43
C GLY D 785 -5.53 -10.98 -2.63
N GLU D 786 -5.62 -9.80 -3.26
CA GLU D 786 -6.04 -8.60 -2.52
C GLU D 786 -7.50 -8.70 -2.10
N MET D 787 -8.33 -9.37 -2.90
CA MET D 787 -9.74 -9.53 -2.52
C MET D 787 -9.88 -10.33 -1.24
N GLU D 788 -9.04 -11.35 -1.06
CA GLU D 788 -9.06 -12.10 0.19
C GLU D 788 -8.69 -11.22 1.38
N GLU D 789 -7.70 -10.36 1.20
CA GLU D 789 -7.31 -9.44 2.26
C GLU D 789 -8.45 -8.50 2.61
N LEU D 790 -9.13 -7.96 1.59
CA LEU D 790 -10.25 -7.07 1.85
C LEU D 790 -11.40 -7.80 2.53
N GLU D 791 -11.67 -9.04 2.13
CA GLU D 791 -12.72 -9.82 2.76
C GLU D 791 -12.41 -10.08 4.23
N THR D 792 -11.15 -10.39 4.54
CA THR D 792 -10.75 -10.58 5.92
C THR D 792 -10.88 -9.28 6.70
N LEU D 793 -10.51 -8.14 6.09
CA LEU D 793 -10.55 -6.86 6.79
C LEU D 793 -11.97 -6.44 7.09
N TRP D 794 -12.90 -6.63 6.16
CA TRP D 794 -14.24 -6.07 6.27
C TRP D 794 -15.32 -7.12 6.53
N LEU D 795 -15.39 -8.16 5.68
CA LEU D 795 -16.54 -9.07 5.72
C LEU D 795 -16.50 -10.05 6.88
N THR D 796 -15.32 -10.33 7.44
CA THR D 796 -15.23 -11.31 8.51
C THR D 796 -15.94 -10.83 9.77
N GLY D 797 -16.47 -11.78 10.54
CA GLY D 797 -17.23 -11.46 11.72
C GLY D 797 -16.84 -12.23 12.96
N ILE D 798 -17.77 -12.35 13.90
CA ILE D 798 -17.51 -12.99 15.19
C ILE D 798 -17.85 -14.47 15.12
N CYS D 799 -19.13 -14.77 14.83
CA CYS D 799 -19.62 -16.14 14.86
C CYS D 799 -19.04 -17.01 13.75
N HIS D 800 -18.38 -16.43 12.76
CA HIS D 800 -17.85 -17.22 11.66
C HIS D 800 -16.76 -18.17 12.12
N ASN D 801 -15.88 -17.71 13.01
CA ASN D 801 -14.77 -18.54 13.47
C ASN D 801 -15.22 -19.71 14.33
N GLU D 802 -16.41 -19.62 14.93
CA GLU D 802 -16.91 -20.68 15.79
C GLU D 802 -17.15 -21.97 15.01
N SER D 808 -21.45 -27.47 27.87
CA SER D 808 -22.09 -27.93 29.10
C SER D 808 -23.39 -27.17 29.34
N SER D 809 -24.51 -27.90 29.23
CA SER D 809 -25.83 -27.31 29.44
C SER D 809 -26.69 -28.27 30.25
N GLN D 810 -27.69 -27.71 30.92
CA GLN D 810 -28.59 -28.52 31.73
C GLN D 810 -29.40 -29.47 30.85
N LEU D 811 -29.79 -30.59 31.43
CA LEU D 811 -30.54 -31.62 30.73
C LEU D 811 -32.00 -31.55 31.13
N ASP D 812 -32.89 -31.46 30.14
CA ASP D 812 -34.32 -31.38 30.35
C ASP D 812 -34.99 -32.68 29.93
N ILE D 813 -36.32 -32.72 30.10
CA ILE D 813 -37.08 -33.88 29.68
C ILE D 813 -36.95 -34.09 28.18
N ASP D 814 -37.07 -33.00 27.41
CA ASP D 814 -36.94 -33.09 25.96
C ASP D 814 -35.51 -33.45 25.56
N ASN D 815 -34.53 -33.11 26.40
CA ASN D 815 -33.13 -33.35 26.04
C ASN D 815 -32.83 -34.84 25.99
N MET D 816 -33.36 -35.61 26.93
CA MET D 816 -33.05 -37.04 27.04
C MET D 816 -34.34 -37.86 27.22
N ALA D 817 -35.37 -37.52 26.45
CA ALA D 817 -36.62 -38.25 26.52
C ALA D 817 -36.51 -39.67 25.99
N GLY D 818 -35.45 -39.98 25.24
CA GLY D 818 -35.31 -41.31 24.68
C GLY D 818 -35.14 -42.39 25.73
N VAL D 819 -34.42 -42.09 26.81
CA VAL D 819 -34.23 -43.06 27.88
C VAL D 819 -35.58 -43.38 28.53
N PHE D 820 -36.40 -42.36 28.75
CA PHE D 820 -37.74 -42.59 29.29
C PHE D 820 -38.62 -43.32 28.29
N TYR D 821 -38.40 -43.10 26.98
CA TYR D 821 -39.11 -43.89 25.98
C TYR D 821 -38.76 -45.36 26.10
N MET D 822 -37.48 -45.66 26.29
CA MET D 822 -37.05 -47.04 26.51
C MET D 822 -37.70 -47.62 27.75
N LEU D 823 -37.75 -46.84 28.83
CA LEU D 823 -38.40 -47.32 30.05
C LEU D 823 -39.88 -47.58 29.83
N ALA D 824 -40.55 -46.72 29.05
CA ALA D 824 -41.96 -46.93 28.75
C ALA D 824 -42.17 -48.19 27.92
N ALA D 825 -41.31 -48.41 26.93
CA ALA D 825 -41.38 -49.64 26.14
C ALA D 825 -41.22 -50.86 27.04
N ALA D 826 -40.31 -50.77 28.02
CA ALA D 826 -40.14 -51.86 28.97
C ALA D 826 -41.38 -52.05 29.83
N MET D 827 -42.03 -50.97 30.25
CA MET D 827 -43.25 -51.09 31.03
C MET D 827 -44.31 -51.84 30.23
N ALA D 828 -44.49 -51.46 28.97
CA ALA D 828 -45.46 -52.14 28.12
C ALA D 828 -45.09 -53.61 27.94
N LEU D 829 -43.81 -53.90 27.70
CA LEU D 829 -43.38 -55.27 27.50
C LEU D 829 -43.58 -56.10 28.76
N SER D 830 -43.33 -55.50 29.93
CA SER D 830 -43.53 -56.21 31.19
C SER D 830 -44.99 -56.55 31.40
N LEU D 831 -45.89 -55.60 31.13
CA LEU D 831 -47.32 -55.91 31.25
C LEU D 831 -47.73 -56.99 30.26
N ILE D 832 -47.21 -56.92 29.03
CA ILE D 832 -47.56 -57.90 28.01
C ILE D 832 -47.09 -59.29 28.42
N THR D 833 -45.86 -59.38 28.94
CA THR D 833 -45.35 -60.69 29.33
C THR D 833 -46.02 -61.20 30.61
N PHE D 834 -46.50 -60.29 31.47
CA PHE D 834 -47.30 -60.72 32.61
C PHE D 834 -48.60 -61.38 32.13
N ILE D 835 -49.28 -60.74 31.17
CA ILE D 835 -50.50 -61.33 30.64
C ILE D 835 -50.19 -62.65 29.94
N TRP D 836 -49.08 -62.70 29.21
CA TRP D 836 -48.68 -63.92 28.51
C TRP D 836 -48.41 -65.05 29.49
N GLU D 837 -47.71 -64.77 30.59
CA GLU D 837 -47.44 -65.80 31.58
C GLU D 837 -48.71 -66.26 32.28
N HIS D 838 -49.64 -65.33 32.54
CA HIS D 838 -50.93 -65.75 33.09
C HIS D 838 -51.67 -66.67 32.13
N LEU D 839 -51.67 -66.35 30.84
CA LEU D 839 -52.33 -67.20 29.86
C LEU D 839 -51.67 -68.57 29.79
N PHE D 840 -50.33 -68.61 29.78
CA PHE D 840 -49.63 -69.88 29.73
C PHE D 840 -49.90 -70.73 30.97
N TYR D 841 -49.92 -70.10 32.14
CA TYR D 841 -50.21 -70.85 33.36
C TYR D 841 -51.63 -71.39 33.37
N TRP D 842 -52.60 -70.58 32.92
CA TRP D 842 -53.98 -71.03 32.90
C TRP D 842 -54.18 -72.18 31.92
N LYS D 843 -53.55 -72.10 30.75
CA LYS D 843 -53.70 -73.13 29.73
C LYS D 843 -52.41 -73.92 29.54
#